data_2L4O
#
_entry.id   2L4O
#
_entity_poly.entity_id   1
_entity_poly.type   'polypeptide(L)'
_entity_poly.pdbx_seq_one_letter_code
;METASAATVFAAGTTTTSVTVHKLLATDGDMDKIANELETGNYAGNKVGVLPANAKEIAGVMFVWTNTNNEIIDENGQTL
GVNIDPQTFKLSGAMPATAMKKLTEAEGAKFNTANLPAAKYKIYEIHSLSTYVGEDGATLTGSKAVPIEIELPLNDVVDA
HVYPKNTEAKPKILEHHHHHH
;
_entity_poly.pdbx_strand_id   A
#
# COMPACT_ATOMS: atom_id res chain seq x y z
N MET A 1 10.56 21.41 12.39
CA MET A 1 11.70 21.39 11.44
C MET A 1 11.21 21.54 10.01
N GLU A 2 11.78 22.47 9.23
CA GLU A 2 11.45 22.67 7.81
C GLU A 2 12.45 21.94 6.89
N THR A 3 11.99 20.92 6.15
CA THR A 3 12.80 20.03 5.28
C THR A 3 12.59 20.30 3.78
N ALA A 4 12.13 21.50 3.44
CA ALA A 4 11.81 21.94 2.07
C ALA A 4 13.02 22.19 1.13
N SER A 5 14.26 22.07 1.64
CA SER A 5 15.53 22.49 1.02
C SER A 5 15.64 24.01 0.82
N ALA A 6 16.86 24.54 0.93
CA ALA A 6 17.17 25.97 0.76
C ALA A 6 17.18 26.43 -0.73
N ALA A 7 16.81 25.53 -1.64
CA ALA A 7 16.60 25.75 -3.07
C ALA A 7 15.59 24.72 -3.62
N THR A 8 15.25 24.84 -4.90
CA THR A 8 14.29 24.01 -5.63
C THR A 8 14.78 22.58 -5.89
N VAL A 9 13.96 21.58 -5.52
CA VAL A 9 14.18 20.15 -5.71
C VAL A 9 12.99 19.47 -6.41
N PHE A 10 13.25 18.35 -7.09
CA PHE A 10 12.27 17.41 -7.67
C PHE A 10 10.99 18.06 -8.26
N ALA A 11 9.85 17.39 -8.07
CA ALA A 11 8.49 17.88 -8.30
C ALA A 11 8.21 18.39 -9.74
N ALA A 12 7.18 19.23 -9.90
CA ALA A 12 6.65 19.73 -11.18
C ALA A 12 6.22 18.67 -12.20
N GLY A 13 5.90 17.46 -11.75
CA GLY A 13 5.49 16.30 -12.56
C GLY A 13 4.12 15.71 -12.22
N THR A 14 3.43 16.24 -11.21
CA THR A 14 2.14 15.74 -10.67
C THR A 14 1.15 16.85 -10.30
N THR A 15 -0.12 16.50 -10.06
CA THR A 15 -1.19 17.41 -9.59
C THR A 15 -1.29 17.47 -8.06
N THR A 16 -0.53 16.64 -7.35
CA THR A 16 -0.44 16.56 -5.87
C THR A 16 0.91 15.93 -5.49
N THR A 17 1.42 16.23 -4.28
CA THR A 17 2.80 15.87 -3.83
C THR A 17 2.87 14.79 -2.74
N SER A 18 1.73 14.19 -2.36
CA SER A 18 1.59 13.10 -1.38
C SER A 18 0.43 12.15 -1.72
N VAL A 19 0.48 10.96 -1.14
CA VAL A 19 -0.55 9.91 -1.23
C VAL A 19 -0.82 9.32 0.17
N THR A 20 -2.08 9.02 0.48
CA THR A 20 -2.46 8.35 1.73
C THR A 20 -2.95 6.93 1.45
N VAL A 21 -2.22 5.92 1.92
CA VAL A 21 -2.57 4.50 1.77
C VAL A 21 -3.36 4.05 3.01
N HIS A 22 -4.51 3.44 2.77
CA HIS A 22 -5.43 2.94 3.80
C HIS A 22 -5.38 1.39 3.85
N LYS A 23 -6.18 0.75 4.70
CA LYS A 23 -6.39 -0.71 4.66
C LYS A 23 -7.86 -1.06 4.90
N LEU A 24 -8.45 -1.77 3.94
CA LEU A 24 -9.83 -2.26 4.00
C LEU A 24 -9.85 -3.77 4.21
N LEU A 25 -10.94 -4.26 4.80
CA LEU A 25 -11.22 -5.68 5.04
C LEU A 25 -12.73 -5.94 4.88
N ALA A 26 -13.11 -7.21 4.81
CA ALA A 26 -14.51 -7.64 4.86
C ALA A 26 -14.91 -8.18 6.25
N THR A 27 -16.21 -8.18 6.55
CA THR A 27 -16.78 -8.76 7.77
C THR A 27 -16.95 -10.28 7.67
N ASP A 28 -17.40 -10.81 6.53
CA ASP A 28 -17.66 -12.23 6.32
C ASP A 28 -17.04 -12.78 5.01
N GLY A 29 -15.84 -12.32 4.66
CA GLY A 29 -15.08 -12.72 3.47
C GLY A 29 -15.51 -12.05 2.16
N ASP A 30 -16.32 -11.00 2.25
CA ASP A 30 -16.99 -10.29 1.14
C ASP A 30 -16.08 -9.44 0.23
N MET A 31 -14.76 -9.66 0.23
CA MET A 31 -13.83 -8.81 -0.55
C MET A 31 -14.11 -8.84 -2.06
N ASP A 32 -14.72 -9.93 -2.57
CA ASP A 32 -15.07 -10.11 -3.98
C ASP A 32 -16.16 -9.12 -4.46
N LYS A 33 -17.29 -8.99 -3.74
CA LYS A 33 -18.30 -7.97 -4.02
C LYS A 33 -17.81 -6.57 -3.71
N ILE A 34 -17.06 -6.35 -2.62
CA ILE A 34 -16.39 -5.09 -2.32
C ILE A 34 -15.50 -4.64 -3.49
N ALA A 35 -14.64 -5.50 -4.05
CA ALA A 35 -13.76 -5.12 -5.15
C ALA A 35 -14.53 -4.78 -6.45
N ASN A 36 -15.76 -5.28 -6.63
CA ASN A 36 -16.64 -4.85 -7.72
C ASN A 36 -17.41 -3.55 -7.38
N GLU A 37 -17.69 -3.31 -6.11
CA GLU A 37 -18.21 -2.04 -5.56
C GLU A 37 -17.15 -0.91 -5.56
N LEU A 38 -15.87 -1.22 -5.81
CA LEU A 38 -14.76 -0.26 -5.96
C LEU A 38 -14.27 -0.11 -7.41
N GLU A 39 -14.32 -1.15 -8.25
CA GLU A 39 -13.94 -1.00 -9.68
C GLU A 39 -14.89 -0.08 -10.46
N THR A 40 -16.12 0.10 -9.97
CA THR A 40 -17.09 1.08 -10.49
C THR A 40 -16.70 2.53 -10.15
N GLY A 41 -16.02 2.77 -9.03
CA GLY A 41 -15.54 4.10 -8.62
C GLY A 41 -14.17 4.45 -9.20
N ASN A 42 -13.81 5.74 -9.20
CA ASN A 42 -12.54 6.20 -9.78
C ASN A 42 -11.34 6.05 -8.80
N TYR A 43 -11.37 5.05 -7.92
CA TYR A 43 -10.44 4.91 -6.78
C TYR A 43 -8.99 4.53 -7.12
N ALA A 44 -8.59 4.74 -8.38
CA ALA A 44 -7.19 4.74 -8.81
C ALA A 44 -6.49 6.02 -8.30
N GLY A 45 -7.27 7.10 -8.11
CA GLY A 45 -6.80 8.39 -7.58
C GLY A 45 -7.51 8.81 -6.29
N ASN A 46 -8.83 9.04 -6.36
CA ASN A 46 -9.61 9.63 -5.27
C ASN A 46 -9.98 8.65 -4.12
N LYS A 47 -10.27 9.22 -2.96
CA LYS A 47 -10.66 8.51 -1.72
C LYS A 47 -12.06 7.89 -1.81
N VAL A 48 -12.19 6.64 -1.34
CA VAL A 48 -13.44 5.85 -1.45
C VAL A 48 -14.63 6.61 -0.86
N GLY A 49 -15.56 7.04 -1.73
CA GLY A 49 -16.74 7.82 -1.33
C GLY A 49 -17.87 6.99 -0.73
N VAL A 50 -17.96 5.70 -1.06
CA VAL A 50 -19.04 4.79 -0.65
C VAL A 50 -18.51 3.38 -0.33
N LEU A 51 -18.42 3.08 0.96
CA LEU A 51 -18.13 1.76 1.54
C LEU A 51 -19.43 0.96 1.79
N PRO A 52 -19.38 -0.37 1.65
CA PRO A 52 -20.47 -1.26 2.07
C PRO A 52 -20.47 -1.56 3.57
N ALA A 53 -21.60 -1.98 4.14
CA ALA A 53 -21.71 -2.36 5.55
C ALA A 53 -20.98 -3.70 5.84
N ASN A 54 -20.78 -4.53 4.82
CA ASN A 54 -19.91 -5.72 4.85
C ASN A 54 -18.40 -5.40 4.70
N ALA A 55 -18.01 -4.12 4.57
CA ALA A 55 -16.62 -3.66 4.66
C ALA A 55 -16.28 -3.02 6.02
N LYS A 56 -14.99 -3.00 6.37
CA LYS A 56 -14.43 -2.32 7.54
C LYS A 56 -12.99 -1.87 7.28
N GLU A 57 -12.42 -1.10 8.21
CA GLU A 57 -11.09 -0.47 8.09
C GLU A 57 -10.21 -0.81 9.31
N ILE A 58 -8.89 -0.95 9.14
CA ILE A 58 -7.95 -1.34 10.20
C ILE A 58 -6.65 -0.51 10.24
N ALA A 59 -6.30 0.00 11.42
CA ALA A 59 -4.99 0.61 11.69
C ALA A 59 -3.96 -0.44 12.20
N GLY A 60 -2.67 -0.16 12.04
CA GLY A 60 -1.58 -1.02 12.52
C GLY A 60 -1.08 -2.10 11.54
N VAL A 61 -1.39 -2.02 10.25
CA VAL A 61 -0.75 -2.85 9.20
C VAL A 61 0.49 -2.13 8.67
N MET A 62 1.54 -2.86 8.30
CA MET A 62 2.76 -2.33 7.67
C MET A 62 2.77 -2.60 6.16
N PHE A 63 3.19 -1.60 5.38
CA PHE A 63 3.47 -1.74 3.95
C PHE A 63 4.71 -0.96 3.51
N VAL A 64 5.33 -1.46 2.43
CA VAL A 64 6.53 -0.93 1.77
C VAL A 64 6.18 -0.52 0.33
N TRP A 65 6.81 0.52 -0.23
CA TRP A 65 6.73 0.86 -1.65
C TRP A 65 7.80 0.13 -2.47
N THR A 66 7.46 -0.20 -3.72
CA THR A 66 8.26 -0.95 -4.68
C THR A 66 8.12 -0.41 -6.10
N ASN A 67 8.92 -0.94 -7.03
CA ASN A 67 8.84 -0.70 -8.47
C ASN A 67 8.14 -1.83 -9.25
N THR A 68 7.99 -1.67 -10.56
CA THR A 68 7.19 -2.57 -11.41
C THR A 68 7.79 -3.97 -11.57
N ASN A 69 9.10 -4.10 -11.33
CA ASN A 69 9.82 -5.37 -11.20
C ASN A 69 10.02 -5.82 -9.73
N ASN A 70 9.12 -5.38 -8.85
CA ASN A 70 8.95 -5.82 -7.46
C ASN A 70 10.17 -5.53 -6.56
N GLU A 71 11.00 -4.55 -6.92
CA GLU A 71 12.15 -4.12 -6.12
C GLU A 71 11.73 -3.10 -5.06
N ILE A 72 12.30 -3.19 -3.86
CA ILE A 72 12.03 -2.25 -2.77
C ILE A 72 12.81 -0.95 -3.02
N ILE A 73 12.09 0.17 -3.02
CA ILE A 73 12.62 1.50 -3.32
C ILE A 73 12.53 2.51 -2.16
N ASP A 74 13.41 3.52 -2.20
CA ASP A 74 13.33 4.72 -1.37
C ASP A 74 12.41 5.78 -2.00
N GLU A 75 12.01 6.80 -1.23
CA GLU A 75 11.04 7.86 -1.54
C GLU A 75 11.45 8.82 -2.68
N ASN A 76 12.59 8.58 -3.31
CA ASN A 76 13.11 9.25 -4.52
C ASN A 76 13.30 8.32 -5.74
N GLY A 77 13.05 7.01 -5.58
CA GLY A 77 13.16 5.98 -6.64
C GLY A 77 14.48 5.20 -6.69
N GLN A 78 15.41 5.38 -5.74
CA GLN A 78 16.59 4.51 -5.63
C GLN A 78 16.19 3.13 -5.10
N THR A 79 16.75 2.07 -5.67
CA THR A 79 16.42 0.67 -5.35
C THR A 79 17.40 0.07 -4.33
N LEU A 80 16.89 -0.62 -3.31
CA LEU A 80 17.65 -1.04 -2.11
C LEU A 80 18.39 -2.39 -2.24
N GLY A 81 18.30 -3.08 -3.39
CA GLY A 81 18.91 -4.40 -3.58
C GLY A 81 18.05 -5.56 -3.07
N VAL A 82 16.77 -5.33 -2.79
CA VAL A 82 15.81 -6.33 -2.30
C VAL A 82 14.60 -6.38 -3.23
N ASN A 83 14.01 -7.56 -3.39
CA ASN A 83 12.88 -7.89 -4.22
C ASN A 83 11.86 -8.73 -3.44
N ILE A 84 10.60 -8.74 -3.91
CA ILE A 84 9.46 -9.39 -3.25
C ILE A 84 8.60 -10.15 -4.27
N ASP A 85 8.21 -11.39 -3.97
CA ASP A 85 7.27 -12.14 -4.81
C ASP A 85 5.84 -11.59 -4.67
N PRO A 86 5.07 -11.37 -5.74
CA PRO A 86 3.66 -11.00 -5.63
C PRO A 86 2.76 -12.09 -5.03
N GLN A 87 3.18 -13.36 -5.10
CA GLN A 87 2.44 -14.53 -4.65
C GLN A 87 2.86 -14.99 -3.24
N THR A 88 4.16 -15.04 -2.98
CA THR A 88 4.76 -15.52 -1.71
C THR A 88 4.96 -14.40 -0.68
N PHE A 89 5.07 -13.16 -1.14
CA PHE A 89 5.46 -11.98 -0.35
C PHE A 89 6.81 -12.16 0.41
N LYS A 90 7.66 -13.11 0.01
CA LYS A 90 8.98 -13.33 0.62
C LYS A 90 10.03 -12.36 0.08
N LEU A 91 10.97 -11.97 0.93
CA LEU A 91 12.06 -11.05 0.61
C LEU A 91 13.30 -11.80 0.10
N SER A 92 13.91 -11.30 -0.96
CA SER A 92 15.17 -11.83 -1.53
C SER A 92 16.40 -11.68 -0.63
N GLY A 93 16.23 -11.10 0.57
CA GLY A 93 17.27 -10.82 1.55
C GLY A 93 16.69 -10.29 2.87
N ALA A 94 17.49 -9.50 3.59
CA ALA A 94 17.13 -8.89 4.88
C ALA A 94 16.48 -7.50 4.74
N MET A 95 15.81 -7.04 5.81
CA MET A 95 15.11 -5.74 5.85
C MET A 95 16.01 -4.55 5.47
N PRO A 96 15.60 -3.68 4.52
CA PRO A 96 16.41 -2.57 4.01
C PRO A 96 16.56 -1.42 5.02
N ALA A 97 17.53 -0.53 4.79
CA ALA A 97 17.74 0.67 5.57
C ALA A 97 16.74 1.79 5.22
N THR A 98 16.99 2.53 4.14
CA THR A 98 16.28 3.79 3.82
C THR A 98 14.93 3.64 3.10
N ALA A 99 14.47 2.41 2.84
CA ALA A 99 13.26 2.09 2.07
C ALA A 99 11.99 2.86 2.50
N MET A 100 11.11 3.12 1.54
CA MET A 100 9.83 3.83 1.69
C MET A 100 8.76 2.93 2.32
N LYS A 101 8.53 3.05 3.63
CA LYS A 101 7.66 2.16 4.44
C LYS A 101 7.02 2.89 5.64
N LYS A 102 5.80 2.52 6.03
CA LYS A 102 5.07 3.06 7.20
C LYS A 102 3.86 2.19 7.56
N LEU A 103 3.40 2.26 8.82
CA LEU A 103 2.16 1.65 9.29
C LEU A 103 0.93 2.56 9.27
N THR A 104 -0.29 2.03 9.09
CA THR A 104 -1.55 2.80 9.26
C THR A 104 -1.74 3.27 10.71
N GLU A 105 -2.12 4.55 10.89
CA GLU A 105 -2.18 5.22 12.21
C GLU A 105 -3.55 5.16 12.92
N ALA A 106 -4.60 5.59 12.23
CA ALA A 106 -5.97 5.64 12.73
C ALA A 106 -7.00 5.59 11.60
N GLU A 107 -6.71 6.25 10.47
CA GLU A 107 -7.50 6.15 9.23
C GLU A 107 -6.73 5.62 8.02
N GLY A 108 -5.40 5.71 8.03
CA GLY A 108 -4.52 5.43 6.89
C GLY A 108 -3.06 5.74 7.23
N ALA A 109 -2.18 5.97 6.24
CA ALA A 109 -0.78 6.40 6.39
C ALA A 109 -0.33 7.30 5.21
N LYS A 110 0.34 8.43 5.48
CA LYS A 110 0.84 9.37 4.46
C LYS A 110 2.24 9.00 3.94
N PHE A 111 2.42 9.11 2.63
CA PHE A 111 3.66 8.94 1.87
C PHE A 111 3.85 10.16 0.97
N ASN A 112 4.98 10.86 1.07
CA ASN A 112 5.31 11.98 0.20
C ASN A 112 5.80 11.47 -1.17
N THR A 113 5.24 11.96 -2.28
CA THR A 113 5.62 11.55 -3.64
C THR A 113 6.44 12.55 -4.44
N ALA A 114 6.59 13.79 -3.97
CA ALA A 114 7.24 14.87 -4.74
C ALA A 114 8.61 14.49 -5.33
N ASN A 115 9.36 13.64 -4.63
CA ASN A 115 10.71 13.21 -4.96
C ASN A 115 10.75 12.04 -5.95
N LEU A 116 9.64 11.31 -6.16
CA LEU A 116 9.60 10.28 -7.20
C LEU A 116 9.56 10.89 -8.60
N PRO A 117 10.21 10.26 -9.60
CA PRO A 117 10.01 10.59 -11.00
C PRO A 117 8.66 10.05 -11.49
N ALA A 118 8.26 10.52 -12.67
CA ALA A 118 7.00 10.17 -13.31
C ALA A 118 7.08 8.74 -13.86
N ALA A 119 6.63 7.76 -13.07
CA ALA A 119 6.60 6.36 -13.45
C ALA A 119 5.47 5.57 -12.73
N LYS A 120 5.41 4.26 -12.99
CA LYS A 120 4.58 3.27 -12.26
C LYS A 120 5.36 2.63 -11.10
N TYR A 121 4.63 2.18 -10.08
CA TYR A 121 5.10 1.71 -8.77
C TYR A 121 4.15 0.66 -8.19
N LYS A 122 4.55 0.00 -7.10
CA LYS A 122 3.73 -0.99 -6.38
C LYS A 122 3.82 -0.86 -4.85
N ILE A 123 2.86 -1.42 -4.12
CA ILE A 123 2.84 -1.48 -2.64
C ILE A 123 2.65 -2.93 -2.17
N TYR A 124 3.45 -3.35 -1.19
CA TYR A 124 3.43 -4.70 -0.58
C TYR A 124 3.20 -4.63 0.93
N GLU A 125 2.34 -5.53 1.43
CA GLU A 125 1.80 -5.52 2.80
C GLU A 125 2.49 -6.61 3.65
N ILE A 126 3.45 -6.18 4.48
CA ILE A 126 4.41 -7.08 5.18
C ILE A 126 4.06 -7.16 6.67
N HIS A 127 3.65 -8.33 7.16
CA HIS A 127 3.26 -8.53 8.56
C HIS A 127 4.47 -8.90 9.48
N SER A 128 5.70 -8.54 9.08
CA SER A 128 6.95 -8.87 9.80
C SER A 128 7.36 -7.85 10.87
N LEU A 129 6.89 -6.61 10.77
CA LEU A 129 7.03 -5.58 11.81
C LEU A 129 5.80 -5.62 12.74
N SER A 130 5.93 -5.26 14.02
CA SER A 130 4.86 -5.45 15.01
C SER A 130 3.56 -4.72 14.64
N THR A 131 2.52 -5.51 14.42
CA THR A 131 1.19 -5.12 13.92
C THR A 131 0.14 -5.16 15.04
N TYR A 132 -1.07 -4.64 14.81
CA TYR A 132 -2.20 -4.81 15.73
C TYR A 132 -2.55 -6.30 15.92
N VAL A 133 -3.01 -6.68 17.11
CA VAL A 133 -3.29 -8.07 17.50
C VAL A 133 -4.59 -8.56 16.86
N GLY A 134 -4.47 -9.22 15.70
CA GLY A 134 -5.57 -9.89 15.01
C GLY A 134 -5.50 -11.42 15.09
N GLU A 135 -4.29 -12.00 15.03
CA GLU A 135 -4.04 -13.45 15.03
C GLU A 135 -4.26 -14.20 16.37
N ASP A 136 -4.84 -13.54 17.38
CA ASP A 136 -4.97 -14.03 18.75
C ASP A 136 -6.45 -14.20 19.18
N GLY A 137 -7.32 -14.52 18.22
CA GLY A 137 -8.74 -14.77 18.42
C GLY A 137 -9.66 -13.55 18.27
N ALA A 138 -9.14 -12.43 17.73
CA ALA A 138 -9.88 -11.19 17.54
C ALA A 138 -10.83 -11.20 16.32
N THR A 139 -11.58 -10.12 16.13
CA THR A 139 -12.44 -9.86 14.96
C THR A 139 -11.71 -9.76 13.61
N LEU A 140 -10.37 -9.86 13.56
CA LEU A 140 -9.62 -9.99 12.31
C LEU A 140 -9.64 -11.43 11.76
N THR A 141 -9.51 -11.56 10.44
CA THR A 141 -9.74 -12.81 9.70
C THR A 141 -8.50 -13.70 9.52
N GLY A 142 -7.30 -13.13 9.37
CA GLY A 142 -6.08 -13.85 8.98
C GLY A 142 -6.03 -14.24 7.49
N SER A 143 -6.82 -13.56 6.65
CA SER A 143 -6.83 -13.75 5.19
C SER A 143 -5.65 -13.08 4.49
N LYS A 144 -5.11 -13.72 3.46
CA LYS A 144 -4.05 -13.19 2.59
C LYS A 144 -4.49 -11.94 1.82
N ALA A 145 -3.69 -10.88 1.92
CA ALA A 145 -3.79 -9.69 1.09
C ALA A 145 -3.10 -9.90 -0.26
N VAL A 146 -3.60 -9.28 -1.33
CA VAL A 146 -2.93 -9.23 -2.64
C VAL A 146 -2.27 -7.84 -2.86
N PRO A 147 -1.14 -7.76 -3.58
CA PRO A 147 -0.35 -6.53 -3.72
C PRO A 147 -1.03 -5.47 -4.60
N ILE A 148 -0.63 -4.21 -4.45
CA ILE A 148 -1.22 -3.05 -5.16
C ILE A 148 -0.25 -2.48 -6.21
N GLU A 149 -0.80 -1.94 -7.30
CA GLU A 149 -0.08 -1.15 -8.31
C GLU A 149 -0.63 0.28 -8.39
N ILE A 150 0.24 1.25 -8.71
CA ILE A 150 -0.10 2.68 -8.71
C ILE A 150 0.75 3.47 -9.73
N GLU A 151 0.16 4.50 -10.32
CA GLU A 151 0.84 5.51 -11.15
C GLU A 151 0.60 6.91 -10.56
N LEU A 152 1.61 7.79 -10.62
CA LEU A 152 1.59 9.08 -9.92
C LEU A 152 0.50 10.05 -10.43
N PRO A 153 -0.04 10.94 -9.56
CA PRO A 153 -1.22 11.74 -9.88
C PRO A 153 -0.99 12.79 -10.97
N LEU A 154 -1.60 12.56 -12.11
CA LEU A 154 -1.80 13.50 -13.23
C LEU A 154 -3.31 13.48 -13.55
N ASN A 155 -4.09 13.87 -12.54
CA ASN A 155 -5.54 13.69 -12.41
C ASN A 155 -6.13 14.82 -11.54
N ASP A 156 -7.37 15.26 -11.79
CA ASP A 156 -8.05 16.41 -11.14
C ASP A 156 -8.49 16.15 -9.67
N VAL A 157 -7.86 15.19 -8.97
CA VAL A 157 -8.16 14.87 -7.57
C VAL A 157 -7.57 15.91 -6.60
N VAL A 158 -8.23 16.11 -5.46
CA VAL A 158 -7.79 17.06 -4.42
C VAL A 158 -6.66 16.46 -3.57
N ASP A 159 -6.72 15.15 -3.31
CA ASP A 159 -5.71 14.34 -2.64
C ASP A 159 -5.69 12.93 -3.25
N ALA A 160 -4.52 12.25 -3.27
CA ALA A 160 -4.40 10.88 -3.78
C ALA A 160 -4.49 9.84 -2.65
N HIS A 161 -5.15 8.70 -2.89
CA HIS A 161 -5.31 7.62 -1.91
C HIS A 161 -5.14 6.19 -2.49
N VAL A 162 -5.07 5.18 -1.62
CA VAL A 162 -4.86 3.75 -1.98
C VAL A 162 -5.67 2.78 -1.12
N TYR A 163 -6.22 1.71 -1.72
CA TYR A 163 -7.11 0.73 -1.05
C TYR A 163 -6.71 -0.75 -1.30
N PRO A 164 -5.76 -1.31 -0.52
CA PRO A 164 -5.39 -2.74 -0.56
C PRO A 164 -6.49 -3.66 -0.04
N LYS A 165 -6.71 -4.78 -0.73
CA LYS A 165 -7.77 -5.77 -0.48
C LYS A 165 -7.22 -7.19 -0.28
N ASN A 166 -8.06 -8.06 0.29
CA ASN A 166 -7.79 -9.49 0.46
C ASN A 166 -8.57 -10.32 -0.59
N THR A 167 -8.20 -11.59 -0.76
CA THR A 167 -8.85 -12.51 -1.72
C THR A 167 -9.02 -13.94 -1.22
N GLU A 168 -8.23 -14.33 -0.21
CA GLU A 168 -8.39 -15.55 0.58
C GLU A 168 -9.51 -15.37 1.65
N ALA A 169 -10.13 -16.46 2.10
CA ALA A 169 -11.16 -16.47 3.16
C ALA A 169 -10.73 -17.32 4.37
N LYS A 170 -11.48 -17.25 5.49
CA LYS A 170 -11.17 -18.01 6.72
C LYS A 170 -11.13 -19.54 6.48
N PRO A 171 -10.31 -20.30 7.22
CA PRO A 171 -10.14 -21.74 6.99
C PRO A 171 -11.37 -22.55 7.45
N LYS A 172 -11.75 -23.57 6.66
CA LYS A 172 -12.84 -24.49 7.01
C LYS A 172 -12.42 -25.70 7.86
N ILE A 173 -11.11 -25.87 8.07
CA ILE A 173 -10.53 -26.98 8.83
C ILE A 173 -10.75 -26.80 10.34
N LEU A 174 -10.53 -25.58 10.84
CA LEU A 174 -10.51 -25.25 12.27
C LEU A 174 -11.91 -24.92 12.82
N GLU A 175 -12.30 -25.57 13.91
CA GLU A 175 -13.63 -25.40 14.54
C GLU A 175 -13.70 -24.21 15.51
N MET A 1 26.19 10.35 -4.00
CA MET A 1 26.63 10.39 -2.59
C MET A 1 28.15 10.54 -2.51
N GLU A 2 28.68 10.72 -1.29
CA GLU A 2 30.07 11.07 -0.95
C GLU A 2 30.55 12.46 -1.43
N THR A 3 31.50 13.05 -0.69
CA THR A 3 32.14 14.37 -0.87
C THR A 3 31.22 15.63 -0.79
N ALA A 4 29.93 15.54 -1.12
CA ALA A 4 29.00 16.67 -1.14
C ALA A 4 27.82 16.52 -0.16
N SER A 5 27.31 17.63 0.38
CA SER A 5 26.28 17.63 1.43
C SER A 5 24.87 17.28 0.95
N ALA A 6 24.54 17.54 -0.32
CA ALA A 6 23.21 17.38 -0.90
C ALA A 6 23.22 16.97 -2.39
N ALA A 7 22.04 16.64 -2.92
CA ALA A 7 21.79 16.35 -4.33
C ALA A 7 21.06 17.50 -5.05
N THR A 8 21.08 17.49 -6.39
CA THR A 8 20.31 18.41 -7.24
C THR A 8 18.81 18.42 -6.89
N VAL A 9 18.16 19.59 -6.99
CA VAL A 9 16.80 19.83 -6.46
C VAL A 9 15.70 19.04 -7.17
N PHE A 10 14.63 18.72 -6.44
CA PHE A 10 13.49 17.94 -6.93
C PHE A 10 12.44 18.80 -7.64
N ALA A 11 11.63 18.16 -8.49
CA ALA A 11 10.47 18.75 -9.16
C ALA A 11 9.35 17.72 -9.36
N ALA A 12 8.11 18.12 -9.13
CA ALA A 12 6.94 17.24 -9.12
C ALA A 12 6.14 17.38 -10.43
N GLY A 13 6.18 16.34 -11.27
CA GLY A 13 5.44 16.22 -12.53
C GLY A 13 4.05 15.59 -12.33
N THR A 14 3.33 16.03 -11.31
CA THR A 14 2.11 15.39 -10.78
C THR A 14 1.05 16.39 -10.27
N THR A 15 -0.17 15.90 -10.03
CA THR A 15 -1.33 16.72 -9.60
C THR A 15 -1.50 16.80 -8.07
N THR A 16 -0.75 16.02 -7.31
CA THR A 16 -0.61 16.12 -5.84
C THR A 16 0.81 15.68 -5.44
N THR A 17 1.31 16.16 -4.30
CA THR A 17 2.68 15.93 -3.79
C THR A 17 2.78 14.81 -2.74
N SER A 18 1.67 14.19 -2.39
CA SER A 18 1.57 13.08 -1.43
C SER A 18 0.38 12.18 -1.77
N VAL A 19 0.44 10.95 -1.28
CA VAL A 19 -0.59 9.92 -1.42
C VAL A 19 -0.91 9.34 -0.04
N THR A 20 -2.18 9.03 0.21
CA THR A 20 -2.67 8.53 1.50
C THR A 20 -3.21 7.11 1.34
N VAL A 21 -2.65 6.14 2.07
CA VAL A 21 -3.01 4.71 1.98
C VAL A 21 -3.88 4.28 3.16
N HIS A 22 -4.98 3.59 2.86
CA HIS A 22 -6.04 3.22 3.81
C HIS A 22 -6.36 1.72 3.71
N LYS A 23 -5.84 0.89 4.62
CA LYS A 23 -6.00 -0.57 4.52
C LYS A 23 -7.42 -1.00 4.91
N LEU A 24 -8.12 -1.66 3.98
CA LEU A 24 -9.50 -2.12 4.12
C LEU A 24 -9.58 -3.65 4.31
N LEU A 25 -10.65 -4.10 4.98
CA LEU A 25 -10.99 -5.51 5.21
C LEU A 25 -12.51 -5.73 5.10
N ALA A 26 -12.92 -6.99 5.12
CA ALA A 26 -14.31 -7.43 5.22
C ALA A 26 -14.65 -7.95 6.64
N THR A 27 -15.94 -7.96 6.99
CA THR A 27 -16.44 -8.47 8.28
C THR A 27 -16.60 -9.99 8.34
N ASP A 28 -16.80 -10.68 7.21
CA ASP A 28 -16.90 -12.15 7.12
C ASP A 28 -16.39 -12.71 5.77
N GLY A 29 -15.31 -12.12 5.21
CA GLY A 29 -14.72 -12.54 3.93
C GLY A 29 -15.32 -11.91 2.66
N ASP A 30 -16.19 -10.89 2.80
CA ASP A 30 -16.95 -10.16 1.77
C ASP A 30 -16.12 -9.40 0.70
N MET A 31 -14.81 -9.67 0.56
CA MET A 31 -13.92 -8.86 -0.28
C MET A 31 -14.30 -8.89 -1.76
N ASP A 32 -14.96 -9.95 -2.25
CA ASP A 32 -15.39 -10.05 -3.66
C ASP A 32 -16.57 -9.11 -4.00
N LYS A 33 -17.61 -9.00 -3.14
CA LYS A 33 -18.67 -8.00 -3.35
C LYS A 33 -18.17 -6.58 -3.09
N ILE A 34 -17.36 -6.35 -2.05
CA ILE A 34 -16.63 -5.09 -1.83
C ILE A 34 -15.78 -4.69 -3.04
N ALA A 35 -15.03 -5.59 -3.69
CA ALA A 35 -14.26 -5.25 -4.89
C ALA A 35 -15.15 -4.74 -6.04
N ASN A 36 -16.39 -5.21 -6.13
CA ASN A 36 -17.40 -4.69 -7.06
C ASN A 36 -18.01 -3.35 -6.58
N GLU A 37 -18.19 -3.15 -5.26
CA GLU A 37 -18.56 -1.86 -4.66
C GLU A 37 -17.48 -0.76 -4.87
N LEU A 38 -16.22 -1.16 -5.11
CA LEU A 38 -15.12 -0.26 -5.45
C LEU A 38 -14.92 -0.06 -6.97
N GLU A 39 -15.02 -1.11 -7.79
CA GLU A 39 -14.74 -0.99 -9.24
C GLU A 39 -15.74 -0.08 -9.98
N THR A 40 -16.91 0.19 -9.39
CA THR A 40 -17.90 1.16 -9.88
C THR A 40 -17.51 2.63 -9.61
N GLY A 41 -16.66 2.90 -8.61
CA GLY A 41 -16.16 4.24 -8.31
C GLY A 41 -14.79 4.51 -8.93
N ASN A 42 -14.44 5.79 -9.11
CA ASN A 42 -13.17 6.24 -9.69
C ASN A 42 -11.98 6.14 -8.71
N TYR A 43 -11.89 5.05 -7.95
CA TYR A 43 -10.95 4.89 -6.83
C TYR A 43 -9.51 4.55 -7.27
N ALA A 44 -9.22 4.71 -8.56
CA ALA A 44 -7.87 4.76 -9.12
C ALA A 44 -7.19 6.12 -8.84
N GLY A 45 -7.95 7.16 -8.49
CA GLY A 45 -7.45 8.47 -8.07
C GLY A 45 -8.08 8.96 -6.76
N ASN A 46 -9.33 9.39 -6.83
CA ASN A 46 -10.06 10.03 -5.72
C ASN A 46 -10.50 9.05 -4.60
N LYS A 47 -10.81 9.58 -3.41
CA LYS A 47 -11.12 8.78 -2.19
C LYS A 47 -12.41 7.97 -2.31
N VAL A 48 -12.57 6.91 -1.50
CA VAL A 48 -13.76 6.05 -1.53
C VAL A 48 -15.01 6.85 -1.12
N GLY A 49 -16.00 6.95 -2.01
CA GLY A 49 -17.20 7.75 -1.81
C GLY A 49 -18.27 7.07 -0.95
N VAL A 50 -18.33 5.73 -0.96
CA VAL A 50 -19.22 4.91 -0.13
C VAL A 50 -18.56 3.58 0.26
N LEU A 51 -18.53 3.30 1.56
CA LEU A 51 -18.18 2.01 2.15
C LEU A 51 -19.44 1.19 2.48
N PRO A 52 -19.49 -0.10 2.13
CA PRO A 52 -20.61 -0.96 2.52
C PRO A 52 -20.56 -1.33 4.02
N ALA A 53 -21.68 -1.76 4.61
CA ALA A 53 -21.74 -2.10 6.04
C ALA A 53 -20.87 -3.32 6.42
N ASN A 54 -20.54 -4.19 5.44
CA ASN A 54 -19.63 -5.32 5.58
C ASN A 54 -18.15 -4.99 5.32
N ALA A 55 -17.82 -3.75 4.90
CA ALA A 55 -16.44 -3.26 4.87
C ALA A 55 -16.04 -2.67 6.22
N LYS A 56 -14.73 -2.67 6.50
CA LYS A 56 -14.13 -1.95 7.63
C LYS A 56 -12.68 -1.55 7.34
N GLU A 57 -12.12 -0.73 8.22
CA GLU A 57 -10.81 -0.09 8.08
C GLU A 57 -9.92 -0.52 9.26
N ILE A 58 -8.64 -0.84 9.05
CA ILE A 58 -7.73 -1.23 10.16
C ILE A 58 -6.43 -0.40 10.22
N ALA A 59 -6.12 0.08 11.43
CA ALA A 59 -4.84 0.70 11.76
C ALA A 59 -3.85 -0.32 12.35
N GLY A 60 -2.55 -0.01 12.33
CA GLY A 60 -1.50 -0.85 12.90
C GLY A 60 -1.00 -1.98 12.00
N VAL A 61 -1.29 -1.91 10.70
CA VAL A 61 -0.71 -2.77 9.64
C VAL A 61 0.37 -2.01 8.88
N MET A 62 1.44 -2.72 8.52
CA MET A 62 2.62 -2.18 7.80
C MET A 62 2.58 -2.48 6.30
N PHE A 63 3.02 -1.51 5.52
CA PHE A 63 3.22 -1.62 4.07
C PHE A 63 4.45 -0.83 3.60
N VAL A 64 5.07 -1.33 2.55
CA VAL A 64 6.30 -0.81 1.91
C VAL A 64 6.00 -0.44 0.44
N TRP A 65 6.64 0.60 -0.08
CA TRP A 65 6.64 0.91 -1.51
C TRP A 65 7.78 0.16 -2.23
N THR A 66 7.48 -0.25 -3.46
CA THR A 66 8.38 -0.93 -4.40
C THR A 66 8.21 -0.35 -5.81
N ASN A 67 9.08 -0.73 -6.73
CA ASN A 67 8.88 -0.47 -8.16
C ASN A 67 8.05 -1.57 -8.83
N THR A 68 7.65 -1.39 -10.09
CA THR A 68 6.91 -2.45 -10.80
C THR A 68 7.71 -3.76 -10.97
N ASN A 69 9.06 -3.67 -10.95
CA ASN A 69 10.02 -4.80 -10.88
C ASN A 69 10.04 -5.55 -9.52
N ASN A 70 9.07 -5.28 -8.63
CA ASN A 70 8.96 -5.74 -7.26
C ASN A 70 10.20 -5.39 -6.39
N GLU A 71 10.98 -4.38 -6.79
CA GLU A 71 12.17 -3.90 -6.11
C GLU A 71 11.82 -2.95 -4.99
N ILE A 72 12.44 -3.08 -3.82
CA ILE A 72 12.24 -2.16 -2.70
C ILE A 72 12.94 -0.83 -3.00
N ILE A 73 12.21 0.29 -2.91
CA ILE A 73 12.75 1.63 -3.14
C ILE A 73 12.63 2.59 -1.93
N ASP A 74 13.59 3.50 -1.86
CA ASP A 74 13.60 4.72 -1.02
C ASP A 74 12.71 5.80 -1.67
N GLU A 75 12.25 6.78 -0.89
CA GLU A 75 11.29 7.81 -1.34
C GLU A 75 11.80 8.72 -2.45
N ASN A 76 13.12 8.75 -2.71
CA ASN A 76 13.73 9.48 -3.81
C ASN A 76 13.90 8.59 -5.07
N GLY A 77 13.40 7.35 -5.06
CA GLY A 77 13.42 6.39 -6.18
C GLY A 77 14.69 5.53 -6.28
N GLN A 78 15.60 5.63 -5.31
CA GLN A 78 16.76 4.76 -5.18
C GLN A 78 16.30 3.34 -4.82
N THR A 79 16.97 2.33 -5.35
CA THR A 79 16.64 0.92 -5.16
C THR A 79 17.60 0.26 -4.16
N LEU A 80 17.05 -0.54 -3.24
CA LEU A 80 17.77 -1.07 -2.06
C LEU A 80 18.59 -2.34 -2.33
N GLY A 81 18.44 -2.95 -3.53
CA GLY A 81 19.06 -4.22 -3.89
C GLY A 81 18.25 -5.45 -3.46
N VAL A 82 16.95 -5.29 -3.20
CA VAL A 82 16.06 -6.35 -2.69
C VAL A 82 14.76 -6.39 -3.50
N ASN A 83 14.17 -7.57 -3.66
CA ASN A 83 12.93 -7.86 -4.33
C ASN A 83 11.98 -8.67 -3.42
N ILE A 84 10.68 -8.67 -3.75
CA ILE A 84 9.61 -9.28 -2.96
C ILE A 84 8.65 -10.10 -3.85
N ASP A 85 8.28 -11.33 -3.44
CA ASP A 85 7.28 -12.13 -4.17
C ASP A 85 5.87 -11.53 -4.03
N PRO A 86 5.01 -11.48 -5.07
CA PRO A 86 3.63 -11.01 -4.89
C PRO A 86 2.76 -12.01 -4.12
N GLN A 87 3.09 -13.30 -4.20
CA GLN A 87 2.34 -14.40 -3.63
C GLN A 87 2.74 -14.66 -2.17
N THR A 88 4.04 -14.75 -1.93
CA THR A 88 4.62 -15.12 -0.62
C THR A 88 4.91 -13.92 0.29
N PHE A 89 5.10 -12.74 -0.32
CA PHE A 89 5.62 -11.54 0.33
C PHE A 89 6.98 -11.80 1.04
N LYS A 90 7.79 -12.76 0.54
CA LYS A 90 9.16 -13.07 1.02
C LYS A 90 10.22 -12.35 0.18
N LEU A 91 11.36 -12.08 0.79
CA LEU A 91 12.43 -11.21 0.28
C LEU A 91 13.53 -11.98 -0.47
N SER A 92 14.19 -11.32 -1.43
CA SER A 92 15.41 -11.84 -2.07
C SER A 92 16.67 -11.78 -1.16
N GLY A 93 16.51 -11.22 0.04
CA GLY A 93 17.56 -10.85 0.99
C GLY A 93 17.02 -10.40 2.34
N ALA A 94 17.71 -9.48 3.01
CA ALA A 94 17.41 -8.96 4.34
C ALA A 94 16.49 -7.72 4.32
N MET A 95 16.10 -7.25 5.51
CA MET A 95 15.36 -6.00 5.72
C MET A 95 16.18 -4.76 5.31
N PRO A 96 15.57 -3.76 4.62
CA PRO A 96 16.26 -2.59 4.09
C PRO A 96 16.41 -1.45 5.10
N ALA A 97 17.47 -0.65 4.98
CA ALA A 97 17.76 0.47 5.87
C ALA A 97 16.85 1.70 5.68
N THR A 98 16.77 2.21 4.44
CA THR A 98 16.17 3.51 4.10
C THR A 98 14.82 3.43 3.37
N ALA A 99 14.33 2.22 3.07
CA ALA A 99 13.14 1.97 2.26
C ALA A 99 11.87 2.77 2.68
N MET A 100 11.01 3.08 1.71
CA MET A 100 9.76 3.83 1.85
C MET A 100 8.65 2.95 2.47
N LYS A 101 8.39 3.09 3.77
CA LYS A 101 7.46 2.23 4.56
C LYS A 101 6.89 2.96 5.78
N LYS A 102 5.64 2.64 6.15
CA LYS A 102 4.89 3.23 7.28
C LYS A 102 3.66 2.38 7.63
N LEU A 103 3.17 2.50 8.85
CA LEU A 103 1.94 1.84 9.32
C LEU A 103 0.71 2.77 9.28
N THR A 104 -0.49 2.24 9.08
CA THR A 104 -1.73 3.04 9.23
C THR A 104 -1.89 3.45 10.70
N GLU A 105 -2.11 4.75 10.96
CA GLU A 105 -2.15 5.30 12.33
C GLU A 105 -3.52 5.18 13.01
N ALA A 106 -4.56 5.70 12.37
CA ALA A 106 -5.94 5.67 12.84
C ALA A 106 -6.92 5.62 11.65
N GLU A 107 -6.66 6.42 10.60
CA GLU A 107 -7.46 6.45 9.38
C GLU A 107 -6.69 5.96 8.15
N GLY A 108 -5.37 6.07 8.17
CA GLY A 108 -4.51 5.86 7.01
C GLY A 108 -3.04 6.14 7.33
N ALA A 109 -2.19 6.25 6.31
CA ALA A 109 -0.80 6.71 6.38
C ALA A 109 -0.42 7.59 5.18
N LYS A 110 0.38 8.65 5.40
CA LYS A 110 0.89 9.57 4.35
C LYS A 110 2.27 9.15 3.81
N PHE A 111 2.43 9.26 2.50
CA PHE A 111 3.68 9.04 1.74
C PHE A 111 3.92 10.26 0.82
N ASN A 112 5.09 10.89 0.90
CA ASN A 112 5.41 12.10 0.11
C ASN A 112 6.02 11.71 -1.25
N THR A 113 5.27 11.90 -2.35
CA THR A 113 5.65 11.48 -3.71
C THR A 113 6.33 12.58 -4.53
N ALA A 114 6.53 13.77 -3.94
CA ALA A 114 7.16 14.93 -4.59
C ALA A 114 8.61 14.71 -5.06
N ASN A 115 9.24 13.59 -4.70
CA ASN A 115 10.61 13.23 -5.04
C ASN A 115 10.69 12.19 -6.19
N LEU A 116 9.63 11.42 -6.45
CA LEU A 116 9.64 10.37 -7.47
C LEU A 116 9.47 10.90 -8.90
N PRO A 117 10.09 10.24 -9.90
CA PRO A 117 9.80 10.48 -11.31
C PRO A 117 8.52 9.77 -11.76
N ALA A 118 8.03 10.15 -12.94
CA ALA A 118 6.76 9.77 -13.52
C ALA A 118 6.81 8.34 -14.10
N ALA A 119 6.55 7.36 -13.24
CA ALA A 119 6.59 5.94 -13.59
C ALA A 119 5.55 5.12 -12.80
N LYS A 120 5.54 3.79 -12.97
CA LYS A 120 4.75 2.84 -12.15
C LYS A 120 5.53 2.27 -10.97
N TYR A 121 4.79 2.10 -9.88
CA TYR A 121 5.25 1.63 -8.57
C TYR A 121 4.25 0.61 -8.01
N LYS A 122 4.63 -0.08 -6.93
CA LYS A 122 3.77 -1.07 -6.25
C LYS A 122 3.83 -0.97 -4.73
N ILE A 123 2.77 -1.38 -4.04
CA ILE A 123 2.72 -1.48 -2.57
C ILE A 123 2.63 -2.95 -2.15
N TYR A 124 3.37 -3.31 -1.10
CA TYR A 124 3.41 -4.65 -0.50
C TYR A 124 3.17 -4.56 1.02
N GLU A 125 2.27 -5.37 1.56
CA GLU A 125 1.82 -5.29 2.97
C GLU A 125 2.62 -6.24 3.88
N ILE A 126 3.84 -5.83 4.25
CA ILE A 126 4.77 -6.66 5.02
C ILE A 126 4.45 -6.60 6.52
N HIS A 127 3.78 -7.62 7.04
CA HIS A 127 3.32 -7.65 8.44
C HIS A 127 4.41 -8.04 9.46
N SER A 128 5.64 -8.34 9.03
CA SER A 128 6.70 -8.79 9.95
C SER A 128 7.34 -7.68 10.80
N LEU A 129 7.15 -6.40 10.47
CA LEU A 129 7.71 -5.28 11.24
C LEU A 129 6.96 -5.03 12.57
N SER A 130 5.63 -4.98 12.52
CA SER A 130 4.72 -4.68 13.63
C SER A 130 3.28 -5.02 13.20
N THR A 131 2.46 -5.59 14.09
CA THR A 131 1.10 -6.06 13.76
C THR A 131 0.03 -5.66 14.79
N TYR A 132 -1.18 -5.43 14.25
CA TYR A 132 -2.47 -5.23 14.90
C TYR A 132 -3.08 -6.57 15.40
N VAL A 133 -4.15 -6.54 16.21
CA VAL A 133 -4.89 -7.75 16.61
C VAL A 133 -5.63 -8.32 15.39
N GLY A 134 -5.35 -9.57 15.01
CA GLY A 134 -6.08 -10.22 13.92
C GLY A 134 -5.92 -11.73 13.80
N GLU A 135 -4.68 -12.25 13.79
CA GLU A 135 -4.45 -13.71 13.83
C GLU A 135 -4.83 -14.36 15.17
N ASP A 136 -5.18 -13.52 16.15
CA ASP A 136 -5.63 -13.80 17.51
C ASP A 136 -7.01 -14.49 17.63
N GLY A 137 -7.62 -14.86 16.51
CA GLY A 137 -8.91 -15.56 16.41
C GLY A 137 -10.08 -14.69 15.97
N ALA A 138 -9.84 -13.41 15.67
CA ALA A 138 -10.83 -12.41 15.28
C ALA A 138 -11.28 -12.54 13.81
N THR A 139 -12.27 -11.72 13.44
CA THR A 139 -12.72 -11.44 12.06
C THR A 139 -11.70 -10.63 11.23
N LEU A 140 -10.43 -11.01 11.38
CA LEU A 140 -9.19 -10.43 10.84
C LEU A 140 -8.10 -11.52 10.67
N THR A 141 -8.43 -12.80 10.90
CA THR A 141 -7.47 -13.92 11.01
C THR A 141 -7.05 -14.56 9.68
N GLY A 142 -5.76 -14.91 9.57
CA GLY A 142 -5.17 -15.74 8.51
C GLY A 142 -5.48 -15.31 7.07
N SER A 143 -5.77 -14.02 6.85
CA SER A 143 -6.30 -13.47 5.60
C SER A 143 -5.21 -12.73 4.82
N LYS A 144 -5.11 -13.02 3.52
CA LYS A 144 -4.02 -12.64 2.62
C LYS A 144 -4.27 -11.32 1.89
N ALA A 145 -3.45 -10.30 2.15
CA ALA A 145 -3.42 -9.09 1.35
C ALA A 145 -2.61 -9.33 0.07
N VAL A 146 -3.15 -8.94 -1.08
CA VAL A 146 -2.46 -9.02 -2.38
C VAL A 146 -1.91 -7.65 -2.79
N PRO A 147 -0.78 -7.60 -3.52
CA PRO A 147 -0.09 -6.36 -3.84
C PRO A 147 -0.84 -5.52 -4.88
N ILE A 148 -0.53 -4.23 -4.90
CA ILE A 148 -1.27 -3.17 -5.61
C ILE A 148 -0.30 -2.45 -6.55
N GLU A 149 -0.68 -2.18 -7.81
CA GLU A 149 0.10 -1.32 -8.72
C GLU A 149 -0.50 0.10 -8.78
N ILE A 150 0.38 1.10 -8.70
CA ILE A 150 0.05 2.53 -8.70
C ILE A 150 0.94 3.27 -9.71
N GLU A 151 0.36 4.22 -10.44
CA GLU A 151 1.08 5.17 -11.30
C GLU A 151 1.06 6.56 -10.64
N LEU A 152 2.07 7.41 -10.87
CA LEU A 152 2.07 8.72 -10.22
C LEU A 152 0.88 9.58 -10.68
N PRO A 153 0.29 10.39 -9.77
CA PRO A 153 -0.97 11.09 -10.02
C PRO A 153 -0.84 12.14 -11.13
N LEU A 154 -1.41 11.82 -12.29
CA LEU A 154 -1.52 12.68 -13.47
C LEU A 154 -3.02 12.92 -13.82
N ASN A 155 -3.88 12.80 -12.80
CA ASN A 155 -5.34 12.80 -12.83
C ASN A 155 -5.87 14.03 -12.07
N ASP A 156 -6.96 14.64 -12.52
CA ASP A 156 -7.50 15.92 -12.02
C ASP A 156 -8.18 15.84 -10.63
N VAL A 157 -7.57 15.13 -9.68
CA VAL A 157 -8.08 14.91 -8.32
C VAL A 157 -7.58 15.96 -7.32
N VAL A 158 -8.33 16.10 -6.23
CA VAL A 158 -8.00 16.93 -5.06
C VAL A 158 -6.87 16.31 -4.23
N ASP A 159 -6.86 14.98 -4.09
CA ASP A 159 -5.74 14.23 -3.53
C ASP A 159 -5.78 12.74 -3.95
N ALA A 160 -4.63 12.04 -3.90
CA ALA A 160 -4.53 10.63 -4.33
C ALA A 160 -4.64 9.66 -3.14
N HIS A 161 -5.34 8.53 -3.32
CA HIS A 161 -5.50 7.53 -2.25
C HIS A 161 -5.33 6.07 -2.71
N VAL A 162 -5.16 5.17 -1.73
CA VAL A 162 -4.99 3.72 -1.90
C VAL A 162 -5.91 2.94 -0.95
N TYR A 163 -6.45 1.80 -1.41
CA TYR A 163 -7.39 0.96 -0.66
C TYR A 163 -7.09 -0.55 -0.78
N PRO A 164 -5.99 -1.06 -0.17
CA PRO A 164 -5.60 -2.46 -0.26
C PRO A 164 -6.55 -3.42 0.46
N LYS A 165 -7.20 -4.28 -0.33
CA LYS A 165 -8.07 -5.40 0.04
C LYS A 165 -7.27 -6.71 0.21
N ASN A 166 -7.96 -7.76 0.65
CA ASN A 166 -7.49 -9.14 0.70
C ASN A 166 -8.19 -10.00 -0.36
N THR A 167 -7.66 -11.22 -0.60
CA THR A 167 -8.21 -12.18 -1.57
C THR A 167 -8.76 -13.45 -0.91
N GLU A 168 -7.95 -14.19 -0.13
CA GLU A 168 -8.41 -15.44 0.51
C GLU A 168 -7.84 -15.64 1.92
N ALA A 169 -8.38 -16.62 2.66
CA ALA A 169 -7.98 -16.88 4.05
C ALA A 169 -8.10 -18.37 4.43
N LYS A 170 -7.27 -18.81 5.39
CA LYS A 170 -7.20 -20.18 5.92
C LYS A 170 -6.54 -20.22 7.32
N PRO A 171 -6.65 -21.31 8.10
CA PRO A 171 -5.99 -21.44 9.41
C PRO A 171 -4.48 -21.69 9.30
N LYS A 172 -3.74 -21.34 10.38
CA LYS A 172 -2.28 -21.48 10.49
C LYS A 172 -1.77 -22.19 11.76
N ILE A 173 -2.60 -22.35 12.79
CA ILE A 173 -2.22 -22.91 14.11
C ILE A 173 -3.09 -24.09 14.59
N LEU A 174 -3.97 -24.63 13.75
CA LEU A 174 -4.83 -25.78 14.06
C LEU A 174 -4.14 -27.10 13.65
N GLU A 175 -3.79 -27.91 14.64
CA GLU A 175 -3.14 -29.22 14.52
C GLU A 175 -4.16 -30.36 14.29
N MET A 1 1.55 26.72 11.97
CA MET A 1 2.96 26.30 12.08
C MET A 1 3.30 25.15 11.13
N GLU A 2 2.58 24.03 11.19
CA GLU A 2 2.93 22.77 10.51
C GLU A 2 2.60 22.71 9.01
N THR A 3 3.19 21.77 8.28
CA THR A 3 2.96 21.46 6.87
C THR A 3 3.12 19.97 6.57
N ALA A 4 2.40 19.46 5.55
CA ALA A 4 2.43 18.04 5.18
C ALA A 4 3.55 17.61 4.21
N SER A 5 4.27 18.56 3.57
CA SER A 5 5.32 18.26 2.58
C SER A 5 6.47 19.27 2.61
N ALA A 6 7.66 18.84 2.19
CA ALA A 6 8.93 19.59 2.27
C ALA A 6 9.41 20.21 0.94
N ALA A 7 8.80 19.87 -0.20
CA ALA A 7 9.19 20.36 -1.53
C ALA A 7 8.05 20.40 -2.55
N THR A 8 8.36 20.90 -3.75
CA THR A 8 7.55 20.81 -4.96
C THR A 8 7.67 19.42 -5.60
N VAL A 9 6.66 18.97 -6.34
CA VAL A 9 6.59 17.63 -6.94
C VAL A 9 7.59 17.43 -8.10
N PHE A 10 8.02 16.19 -8.29
CA PHE A 10 8.80 15.71 -9.45
C PHE A 10 7.92 15.54 -10.71
N ALA A 11 8.54 15.11 -11.82
CA ALA A 11 7.91 14.86 -13.11
C ALA A 11 7.21 16.10 -13.72
N ALA A 12 6.50 15.90 -14.84
CA ALA A 12 5.72 16.90 -15.54
C ALA A 12 4.29 16.39 -15.76
N GLY A 13 3.30 17.23 -15.50
CA GLY A 13 1.88 16.85 -15.44
C GLY A 13 1.57 16.08 -14.15
N THR A 14 1.75 16.74 -13.01
CA THR A 14 1.56 16.16 -11.66
C THR A 14 0.89 17.16 -10.73
N THR A 15 0.03 16.71 -9.81
CA THR A 15 -0.87 17.60 -9.03
C THR A 15 -0.84 17.51 -7.51
N THR A 16 -0.17 16.53 -6.88
CA THR A 16 -0.05 16.48 -5.40
C THR A 16 1.26 15.88 -4.88
N THR A 17 1.63 16.23 -3.64
CA THR A 17 2.93 15.91 -3.00
C THR A 17 2.88 14.73 -2.01
N SER A 18 1.70 14.20 -1.71
CA SER A 18 1.47 13.06 -0.82
C SER A 18 0.27 12.18 -1.23
N VAL A 19 0.32 10.94 -0.77
CA VAL A 19 -0.70 9.87 -0.93
C VAL A 19 -0.95 9.22 0.44
N THR A 20 -2.21 8.89 0.77
CA THR A 20 -2.54 8.18 2.03
C THR A 20 -3.08 6.78 1.76
N VAL A 21 -2.51 5.77 2.40
CA VAL A 21 -2.95 4.37 2.31
C VAL A 21 -3.87 4.02 3.49
N HIS A 22 -4.95 3.31 3.19
CA HIS A 22 -6.03 2.93 4.12
C HIS A 22 -6.35 1.45 4.00
N LYS A 23 -5.97 0.62 4.97
CA LYS A 23 -6.04 -0.84 4.83
C LYS A 23 -7.44 -1.35 5.15
N LEU A 24 -8.11 -1.90 4.12
CA LEU A 24 -9.49 -2.37 4.18
C LEU A 24 -9.59 -3.88 4.37
N LEU A 25 -10.70 -4.33 4.95
CA LEU A 25 -11.13 -5.71 5.05
C LEU A 25 -12.65 -5.81 4.85
N ALA A 26 -13.13 -7.04 4.70
CA ALA A 26 -14.56 -7.36 4.73
C ALA A 26 -14.97 -7.97 6.07
N THR A 27 -16.21 -7.78 6.50
CA THR A 27 -16.72 -8.31 7.77
C THR A 27 -17.03 -9.80 7.72
N ASP A 28 -17.27 -10.37 6.53
CA ASP A 28 -17.49 -11.80 6.28
C ASP A 28 -16.74 -12.29 5.02
N GLY A 29 -15.54 -11.76 4.74
CA GLY A 29 -14.76 -12.16 3.55
C GLY A 29 -15.32 -11.67 2.20
N ASP A 30 -16.23 -10.70 2.21
CA ASP A 30 -16.91 -10.04 1.08
C ASP A 30 -15.98 -9.20 0.14
N MET A 31 -14.69 -9.53 0.06
CA MET A 31 -13.69 -8.73 -0.65
C MET A 31 -13.93 -8.68 -2.17
N ASP A 32 -14.58 -9.68 -2.76
CA ASP A 32 -14.84 -9.73 -4.21
C ASP A 32 -15.93 -8.75 -4.66
N LYS A 33 -17.07 -8.70 -3.95
CA LYS A 33 -18.10 -7.69 -4.22
C LYS A 33 -17.59 -6.28 -3.92
N ILE A 34 -16.89 -6.08 -2.80
CA ILE A 34 -16.15 -4.84 -2.51
C ILE A 34 -15.23 -4.47 -3.69
N ALA A 35 -14.41 -5.37 -4.22
CA ALA A 35 -13.54 -5.05 -5.37
C ALA A 35 -14.32 -4.60 -6.62
N ASN A 36 -15.53 -5.12 -6.86
CA ASN A 36 -16.42 -4.65 -7.92
C ASN A 36 -17.08 -3.29 -7.60
N GLU A 37 -17.36 -2.99 -6.33
CA GLU A 37 -17.82 -1.68 -5.85
C GLU A 37 -16.72 -0.61 -5.88
N LEU A 38 -15.43 -1.01 -5.84
CA LEU A 38 -14.29 -0.09 -5.92
C LEU A 38 -13.76 0.13 -7.34
N GLU A 39 -13.78 -0.88 -8.21
CA GLU A 39 -13.30 -0.74 -9.59
C GLU A 39 -14.18 0.19 -10.44
N THR A 40 -15.48 0.27 -10.12
CA THR A 40 -16.48 1.13 -10.77
C THR A 40 -16.32 2.61 -10.40
N GLY A 41 -15.53 2.92 -9.37
CA GLY A 41 -15.11 4.28 -9.00
C GLY A 41 -13.77 4.67 -9.64
N ASN A 42 -13.35 5.91 -9.42
CA ASN A 42 -12.01 6.42 -9.75
C ASN A 42 -11.05 6.31 -8.55
N TYR A 43 -11.18 5.27 -7.72
CA TYR A 43 -10.38 5.14 -6.49
C TYR A 43 -8.92 4.70 -6.74
N ALA A 44 -8.42 4.85 -7.96
CA ALA A 44 -7.01 4.77 -8.31
C ALA A 44 -6.30 6.09 -7.91
N GLY A 45 -7.06 7.18 -7.83
CA GLY A 45 -6.63 8.49 -7.32
C GLY A 45 -7.43 8.94 -6.09
N ASN A 46 -8.76 9.07 -6.21
CA ASN A 46 -9.59 9.70 -5.17
C ASN A 46 -10.05 8.76 -4.04
N LYS A 47 -10.37 9.32 -2.86
CA LYS A 47 -10.83 8.55 -1.69
C LYS A 47 -12.13 7.77 -1.94
N VAL A 48 -12.32 6.62 -1.28
CA VAL A 48 -13.56 5.84 -1.40
C VAL A 48 -14.75 6.66 -0.89
N GLY A 49 -15.77 6.85 -1.72
CA GLY A 49 -16.87 7.76 -1.42
C GLY A 49 -17.84 7.25 -0.34
N VAL A 50 -18.26 5.98 -0.45
CA VAL A 50 -19.12 5.28 0.50
C VAL A 50 -18.70 3.81 0.55
N LEU A 51 -18.22 3.33 1.69
CA LEU A 51 -17.95 1.91 1.95
C LEU A 51 -19.26 1.13 2.16
N PRO A 52 -19.33 -0.15 1.74
CA PRO A 52 -20.50 -0.98 2.00
C PRO A 52 -20.62 -1.34 3.50
N ALA A 53 -21.81 -1.76 3.92
CA ALA A 53 -22.06 -2.26 5.28
C ALA A 53 -21.13 -3.42 5.66
N ASN A 54 -20.78 -4.26 4.67
CA ASN A 54 -19.85 -5.39 4.77
C ASN A 54 -18.35 -5.04 4.64
N ALA A 55 -17.97 -3.77 4.48
CA ALA A 55 -16.58 -3.32 4.57
C ALA A 55 -16.22 -2.78 5.96
N LYS A 56 -14.93 -2.88 6.34
CA LYS A 56 -14.33 -2.22 7.52
C LYS A 56 -12.86 -1.89 7.29
N GLU A 57 -12.27 -1.08 8.17
CA GLU A 57 -10.88 -0.59 8.03
C GLU A 57 -10.08 -0.86 9.32
N ILE A 58 -8.80 -1.23 9.22
CA ILE A 58 -7.93 -1.59 10.37
C ILE A 58 -6.62 -0.79 10.38
N ALA A 59 -6.17 -0.39 11.58
CA ALA A 59 -4.88 0.28 11.78
C ALA A 59 -3.85 -0.63 12.50
N GLY A 60 -2.57 -0.26 12.45
CA GLY A 60 -1.46 -1.01 13.07
C GLY A 60 -0.79 -2.05 12.16
N VAL A 61 -1.05 -2.01 10.85
CA VAL A 61 -0.44 -2.84 9.80
C VAL A 61 0.69 -2.07 9.11
N MET A 62 1.76 -2.78 8.71
CA MET A 62 2.94 -2.24 8.02
C MET A 62 2.94 -2.60 6.53
N PHE A 63 3.37 -1.65 5.70
CA PHE A 63 3.56 -1.82 4.26
C PHE A 63 4.76 -1.01 3.75
N VAL A 64 5.29 -1.45 2.61
CA VAL A 64 6.48 -0.92 1.94
C VAL A 64 6.15 -0.56 0.49
N TRP A 65 6.75 0.50 -0.04
CA TRP A 65 6.71 0.85 -1.45
C TRP A 65 7.81 0.13 -2.25
N THR A 66 7.49 -0.18 -3.48
CA THR A 66 8.33 -0.90 -4.45
C THR A 66 8.18 -0.32 -5.87
N ASN A 67 9.02 -0.75 -6.81
CA ASN A 67 8.84 -0.50 -8.24
C ASN A 67 8.08 -1.63 -8.95
N THR A 68 7.73 -1.41 -10.21
CA THR A 68 7.13 -2.38 -11.15
C THR A 68 7.60 -3.81 -10.96
N ASN A 69 8.92 -4.01 -10.81
CA ASN A 69 9.57 -5.33 -10.74
C ASN A 69 9.70 -5.86 -9.30
N ASN A 70 8.75 -5.46 -8.43
CA ASN A 70 8.63 -5.81 -7.02
C ASN A 70 9.88 -5.47 -6.17
N GLU A 71 10.69 -4.50 -6.63
CA GLU A 71 11.94 -4.07 -5.98
C GLU A 71 11.67 -3.02 -4.91
N ILE A 72 12.30 -3.13 -3.74
CA ILE A 72 12.12 -2.16 -2.65
C ILE A 72 12.85 -0.85 -2.98
N ILE A 73 12.12 0.26 -2.93
CA ILE A 73 12.63 1.62 -3.21
C ILE A 73 12.48 2.61 -2.03
N ASP A 74 13.37 3.60 -1.98
CA ASP A 74 13.31 4.79 -1.11
C ASP A 74 12.43 5.90 -1.72
N GLU A 75 11.97 6.89 -0.94
CA GLU A 75 10.96 7.91 -1.32
C GLU A 75 11.42 8.97 -2.35
N ASN A 76 12.59 8.75 -2.94
CA ASN A 76 13.17 9.46 -4.09
C ASN A 76 13.33 8.55 -5.34
N GLY A 77 13.01 7.25 -5.23
CA GLY A 77 13.08 6.23 -6.28
C GLY A 77 14.42 5.50 -6.41
N GLN A 78 15.34 5.68 -5.46
CA GLN A 78 16.54 4.84 -5.34
C GLN A 78 16.12 3.42 -4.93
N THR A 79 16.82 2.41 -5.44
CA THR A 79 16.51 0.99 -5.16
C THR A 79 17.47 0.40 -4.12
N LEU A 80 16.98 -0.52 -3.28
CA LEU A 80 17.72 -1.05 -2.12
C LEU A 80 18.45 -2.37 -2.39
N GLY A 81 18.21 -3.05 -3.52
CA GLY A 81 18.81 -4.35 -3.84
C GLY A 81 18.04 -5.55 -3.24
N VAL A 82 16.74 -5.38 -3.00
CA VAL A 82 15.82 -6.38 -2.45
C VAL A 82 14.53 -6.39 -3.27
N ASN A 83 13.87 -7.56 -3.34
CA ASN A 83 12.69 -7.89 -4.10
C ASN A 83 11.71 -8.70 -3.23
N ILE A 84 10.43 -8.75 -3.64
CA ILE A 84 9.33 -9.36 -2.87
C ILE A 84 8.41 -10.16 -3.81
N ASP A 85 7.97 -11.37 -3.41
CA ASP A 85 7.03 -12.20 -4.19
C ASP A 85 5.62 -11.58 -4.20
N PRO A 86 4.82 -11.58 -5.29
CA PRO A 86 3.44 -11.09 -5.19
C PRO A 86 2.52 -12.06 -4.43
N GLN A 87 2.85 -13.36 -4.46
CA GLN A 87 2.07 -14.44 -3.86
C GLN A 87 2.41 -14.69 -2.40
N THR A 88 3.71 -14.75 -2.09
CA THR A 88 4.19 -15.06 -0.73
C THR A 88 4.36 -13.82 0.15
N PHE A 89 4.56 -12.65 -0.48
CA PHE A 89 4.98 -11.40 0.19
C PHE A 89 6.29 -11.53 0.99
N LYS A 90 7.15 -12.52 0.66
CA LYS A 90 8.45 -12.76 1.32
C LYS A 90 9.62 -12.08 0.58
N LEU A 91 10.64 -11.68 1.33
CA LEU A 91 11.80 -10.90 0.87
C LEU A 91 12.89 -11.77 0.21
N SER A 92 13.57 -11.23 -0.80
CA SER A 92 14.77 -11.83 -1.41
C SER A 92 16.06 -11.67 -0.59
N GLY A 93 15.97 -11.12 0.63
CA GLY A 93 17.12 -10.74 1.45
C GLY A 93 16.73 -10.08 2.78
N ALA A 94 17.66 -9.30 3.35
CA ALA A 94 17.51 -8.69 4.67
C ALA A 94 16.79 -7.32 4.65
N MET A 95 16.08 -7.01 5.76
CA MET A 95 15.30 -5.79 5.96
C MET A 95 16.11 -4.51 5.67
N PRO A 96 15.61 -3.62 4.78
CA PRO A 96 16.38 -2.48 4.29
C PRO A 96 16.52 -1.36 5.31
N ALA A 97 17.51 -0.49 5.06
CA ALA A 97 17.72 0.73 5.81
C ALA A 97 16.67 1.81 5.46
N THR A 98 16.96 2.60 4.42
CA THR A 98 16.26 3.84 4.06
C THR A 98 14.91 3.66 3.33
N ALA A 99 14.47 2.43 3.06
CA ALA A 99 13.29 2.12 2.23
C ALA A 99 12.00 2.85 2.65
N MET A 100 11.10 3.07 1.68
CA MET A 100 9.82 3.77 1.85
C MET A 100 8.77 2.85 2.49
N LYS A 101 8.63 2.92 3.81
CA LYS A 101 7.71 2.10 4.63
C LYS A 101 7.10 2.90 5.77
N LYS A 102 5.92 2.47 6.25
CA LYS A 102 5.16 3.10 7.35
C LYS A 102 4.00 2.21 7.81
N LEU A 103 3.45 2.51 8.98
CA LEU A 103 2.23 1.87 9.51
C LEU A 103 0.99 2.76 9.47
N THR A 104 -0.21 2.20 9.33
CA THR A 104 -1.47 2.98 9.49
C THR A 104 -1.78 3.22 10.97
N GLU A 105 -2.16 4.45 11.30
CA GLU A 105 -2.27 4.89 12.72
C GLU A 105 -3.67 4.80 13.33
N ALA A 106 -4.65 5.49 12.74
CA ALA A 106 -6.07 5.44 13.11
C ALA A 106 -6.98 5.79 11.92
N GLU A 107 -6.56 6.71 11.06
CA GLU A 107 -7.23 7.04 9.80
C GLU A 107 -6.53 6.38 8.59
N GLY A 108 -5.20 6.34 8.59
CA GLY A 108 -4.39 5.86 7.47
C GLY A 108 -2.88 6.05 7.71
N ALA A 109 -2.08 6.04 6.65
CA ALA A 109 -0.65 6.41 6.62
C ALA A 109 -0.30 7.31 5.42
N LYS A 110 0.27 8.49 5.66
CA LYS A 110 0.76 9.41 4.59
C LYS A 110 2.15 9.00 4.07
N PHE A 111 2.30 8.98 2.76
CA PHE A 111 3.52 8.75 1.98
C PHE A 111 3.79 9.97 1.08
N ASN A 112 5.06 10.35 0.94
CA ASN A 112 5.47 11.56 0.22
C ASN A 112 5.82 11.26 -1.25
N THR A 113 5.02 11.76 -2.19
CA THR A 113 5.26 11.62 -3.64
C THR A 113 6.01 12.79 -4.27
N ALA A 114 6.41 13.80 -3.51
CA ALA A 114 7.08 14.99 -4.05
C ALA A 114 8.39 14.69 -4.80
N ASN A 115 9.06 13.56 -4.50
CA ASN A 115 10.41 13.25 -4.99
C ASN A 115 10.49 12.08 -5.97
N LEU A 116 9.39 11.35 -6.21
CA LEU A 116 9.38 10.24 -7.16
C LEU A 116 9.33 10.71 -8.63
N PRO A 117 10.19 10.15 -9.51
CA PRO A 117 10.07 10.35 -10.95
C PRO A 117 8.88 9.56 -11.52
N ALA A 118 8.54 9.86 -12.77
CA ALA A 118 7.42 9.29 -13.52
C ALA A 118 7.69 7.83 -13.88
N ALA A 119 7.41 6.94 -12.93
CA ALA A 119 7.45 5.50 -13.09
C ALA A 119 6.20 4.86 -12.44
N LYS A 120 6.03 3.55 -12.62
CA LYS A 120 5.05 2.76 -11.87
C LYS A 120 5.68 2.12 -10.63
N TYR A 121 4.89 2.13 -9.57
CA TYR A 121 5.24 1.69 -8.23
C TYR A 121 4.20 0.66 -7.75
N LYS A 122 4.54 -0.05 -6.67
CA LYS A 122 3.63 -1.01 -6.04
C LYS A 122 3.76 -0.98 -4.51
N ILE A 123 2.69 -1.34 -3.79
CA ILE A 123 2.72 -1.48 -2.32
C ILE A 123 2.63 -2.97 -1.93
N TYR A 124 3.41 -3.35 -0.92
CA TYR A 124 3.50 -4.70 -0.34
C TYR A 124 3.30 -4.64 1.18
N GLU A 125 2.57 -5.60 1.77
CA GLU A 125 2.21 -5.63 3.20
C GLU A 125 3.09 -6.62 3.98
N ILE A 126 3.68 -6.21 5.11
CA ILE A 126 4.71 -6.98 5.81
C ILE A 126 4.35 -7.09 7.31
N HIS A 127 4.06 -8.30 7.80
CA HIS A 127 3.63 -8.55 9.19
C HIS A 127 4.79 -8.51 10.23
N SER A 128 6.04 -8.43 9.80
CA SER A 128 7.23 -8.46 10.69
C SER A 128 7.33 -7.29 11.69
N LEU A 129 6.78 -6.11 11.35
CA LEU A 129 6.93 -4.84 12.09
C LEU A 129 5.60 -4.31 12.72
N SER A 130 4.50 -5.07 12.66
CA SER A 130 3.15 -4.60 13.01
C SER A 130 2.86 -4.41 14.51
N THR A 131 1.75 -3.75 14.80
CA THR A 131 1.14 -3.64 16.14
C THR A 131 -0.23 -4.34 16.20
N TYR A 132 -0.96 -4.42 15.08
CA TYR A 132 -2.18 -5.23 14.97
C TYR A 132 -1.89 -6.72 14.79
N VAL A 133 -2.85 -7.57 15.15
CA VAL A 133 -2.83 -9.01 14.86
C VAL A 133 -4.21 -9.46 14.36
N GLY A 134 -4.26 -10.09 13.19
CA GLY A 134 -5.47 -10.60 12.54
C GLY A 134 -5.50 -12.12 12.30
N GLU A 135 -4.36 -12.79 12.43
CA GLU A 135 -4.19 -14.24 12.22
C GLU A 135 -4.48 -15.11 13.46
N ASP A 136 -4.48 -14.53 14.66
CA ASP A 136 -4.45 -15.23 15.95
C ASP A 136 -5.81 -15.47 16.65
N GLY A 137 -6.91 -15.57 15.92
CA GLY A 137 -8.26 -15.78 16.48
C GLY A 137 -9.04 -14.49 16.76
N ALA A 138 -8.53 -13.37 16.28
CA ALA A 138 -9.11 -12.02 16.35
C ALA A 138 -10.48 -11.94 15.64
N THR A 139 -11.17 -10.79 15.71
CA THR A 139 -12.38 -10.51 14.90
C THR A 139 -12.02 -10.13 13.45
N LEU A 140 -11.04 -10.84 12.89
CA LEU A 140 -10.36 -10.60 11.61
C LEU A 140 -10.20 -11.96 10.91
N THR A 141 -10.33 -12.02 9.59
CA THR A 141 -10.48 -13.27 8.83
C THR A 141 -9.23 -14.15 8.66
N GLY A 142 -8.05 -13.74 9.14
CA GLY A 142 -6.78 -14.48 8.95
C GLY A 142 -6.29 -14.57 7.49
N SER A 143 -6.93 -13.84 6.58
CA SER A 143 -6.64 -13.75 5.14
C SER A 143 -5.37 -12.92 4.85
N LYS A 144 -4.82 -13.05 3.63
CA LYS A 144 -3.56 -12.40 3.19
C LYS A 144 -3.78 -11.29 2.16
N ALA A 145 -2.95 -10.24 2.16
CA ALA A 145 -3.07 -9.13 1.22
C ALA A 145 -2.53 -9.49 -0.19
N VAL A 146 -3.03 -8.80 -1.23
CA VAL A 146 -2.51 -8.86 -2.60
C VAL A 146 -1.96 -7.51 -3.07
N PRO A 147 -0.88 -7.49 -3.90
CA PRO A 147 -0.13 -6.28 -4.21
C PRO A 147 -0.88 -5.33 -5.15
N ILE A 148 -0.64 -4.04 -4.93
CA ILE A 148 -1.37 -2.91 -5.49
C ILE A 148 -0.42 -2.09 -6.37
N GLU A 149 -0.80 -1.80 -7.61
CA GLU A 149 -0.03 -0.94 -8.52
C GLU A 149 -0.51 0.52 -8.49
N ILE A 150 0.40 1.47 -8.65
CA ILE A 150 0.17 2.92 -8.59
C ILE A 150 1.18 3.67 -9.47
N GLU A 151 0.86 4.90 -9.91
CA GLU A 151 1.71 5.77 -10.73
C GLU A 151 1.64 7.22 -10.18
N LEU A 152 2.34 8.17 -10.82
CA LEU A 152 2.35 9.57 -10.38
C LEU A 152 0.99 10.27 -10.58
N PRO A 153 0.71 11.35 -9.82
CA PRO A 153 -0.62 11.95 -9.70
C PRO A 153 -0.97 12.92 -10.83
N LEU A 154 -1.30 12.42 -12.02
CA LEU A 154 -1.93 13.22 -13.07
C LEU A 154 -3.45 13.01 -12.91
N ASN A 155 -4.01 13.75 -11.95
CA ASN A 155 -5.38 13.56 -11.44
C ASN A 155 -6.02 14.89 -11.01
N ASP A 156 -7.35 14.92 -10.92
CA ASP A 156 -8.15 16.06 -10.44
C ASP A 156 -8.08 16.28 -8.91
N VAL A 157 -7.66 15.24 -8.18
CA VAL A 157 -7.65 15.19 -6.70
C VAL A 157 -6.68 16.17 -6.06
N VAL A 158 -7.02 16.61 -4.85
CA VAL A 158 -6.15 17.45 -4.00
C VAL A 158 -5.15 16.57 -3.24
N ASP A 159 -5.61 15.43 -2.75
CA ASP A 159 -4.80 14.39 -2.13
C ASP A 159 -5.17 13.02 -2.72
N ALA A 160 -4.17 12.16 -2.93
CA ALA A 160 -4.37 10.81 -3.47
C ALA A 160 -4.56 9.77 -2.35
N HIS A 161 -5.21 8.65 -2.66
CA HIS A 161 -5.42 7.57 -1.69
C HIS A 161 -5.20 6.14 -2.25
N VAL A 162 -5.08 5.16 -1.34
CA VAL A 162 -4.92 3.72 -1.63
C VAL A 162 -5.81 2.88 -0.73
N TYR A 163 -6.39 1.79 -1.26
CA TYR A 163 -7.31 0.92 -0.52
C TYR A 163 -7.01 -0.59 -0.70
N PRO A 164 -5.91 -1.11 -0.14
CA PRO A 164 -5.47 -2.50 -0.29
C PRO A 164 -6.47 -3.52 0.26
N LYS A 165 -6.57 -4.66 -0.44
CA LYS A 165 -7.56 -5.75 -0.23
C LYS A 165 -6.88 -7.09 0.10
N ASN A 166 -7.63 -8.00 0.73
CA ASN A 166 -7.18 -9.36 1.04
C ASN A 166 -7.90 -10.45 0.22
N THR A 167 -7.25 -11.60 0.15
CA THR A 167 -7.71 -12.85 -0.48
C THR A 167 -7.16 -14.04 0.32
N GLU A 168 -7.29 -15.25 -0.20
CA GLU A 168 -6.84 -16.50 0.43
C GLU A 168 -5.87 -17.29 -0.46
N ALA A 169 -4.96 -18.03 0.18
CA ALA A 169 -3.99 -18.88 -0.50
C ALA A 169 -3.53 -20.05 0.40
N LYS A 170 -3.47 -21.26 -0.18
CA LYS A 170 -2.88 -22.46 0.40
C LYS A 170 -1.97 -23.19 -0.62
N PRO A 171 -0.99 -24.01 -0.20
CA PRO A 171 -0.13 -24.76 -1.10
C PRO A 171 -0.85 -25.96 -1.76
N LYS A 172 -0.27 -26.46 -2.84
CA LYS A 172 -0.72 -27.67 -3.57
C LYS A 172 0.36 -28.67 -3.94
N ILE A 173 1.65 -28.36 -3.77
CA ILE A 173 2.78 -29.32 -3.95
C ILE A 173 3.78 -29.39 -2.77
N LEU A 174 3.47 -28.75 -1.64
CA LEU A 174 4.27 -28.79 -0.41
C LEU A 174 3.97 -30.08 0.38
N GLU A 175 4.99 -30.91 0.57
CA GLU A 175 4.89 -32.23 1.16
C GLU A 175 4.90 -32.19 2.69
N MET A 1 29.88 13.78 -10.69
CA MET A 1 28.75 14.73 -10.66
C MET A 1 27.74 14.35 -9.59
N GLU A 2 26.93 15.30 -9.12
CA GLU A 2 25.76 14.98 -8.28
C GLU A 2 24.72 14.24 -9.11
N THR A 3 24.16 13.14 -8.61
CA THR A 3 23.12 12.39 -9.34
C THR A 3 22.26 11.51 -8.43
N ALA A 4 20.95 11.47 -8.73
CA ALA A 4 19.91 10.74 -8.03
C ALA A 4 18.81 10.16 -8.98
N SER A 5 18.91 10.39 -10.29
CA SER A 5 17.95 9.97 -11.32
C SER A 5 18.58 9.66 -12.70
N ALA A 6 17.78 9.13 -13.63
CA ALA A 6 18.22 8.60 -14.92
C ALA A 6 18.39 9.67 -16.03
N ALA A 7 17.54 10.69 -16.07
CA ALA A 7 17.54 11.70 -17.14
C ALA A 7 16.86 13.04 -16.80
N THR A 8 15.86 13.02 -15.93
CA THR A 8 14.92 14.12 -15.73
C THR A 8 14.75 14.49 -14.25
N VAL A 9 13.98 15.55 -14.01
CA VAL A 9 13.57 16.00 -12.67
C VAL A 9 12.65 15.00 -11.96
N PHE A 10 12.54 15.12 -10.64
CA PHE A 10 11.52 14.43 -9.86
C PHE A 10 10.12 14.94 -10.28
N ALA A 11 9.16 14.03 -10.40
CA ALA A 11 7.78 14.26 -10.85
C ALA A 11 7.62 14.79 -12.30
N ALA A 12 6.42 14.62 -12.90
CA ALA A 12 6.07 15.22 -14.19
C ALA A 12 4.56 15.54 -14.30
N GLY A 13 4.21 16.83 -14.31
CA GLY A 13 2.84 17.35 -14.51
C GLY A 13 1.79 17.00 -13.44
N THR A 14 2.24 16.48 -12.31
CA THR A 14 1.43 15.94 -11.21
C THR A 14 0.65 16.99 -10.42
N THR A 15 -0.45 16.59 -9.79
CA THR A 15 -1.24 17.46 -8.89
C THR A 15 -0.75 17.41 -7.44
N THR A 16 -0.87 16.24 -6.78
CA THR A 16 -0.65 16.08 -5.33
C THR A 16 0.79 15.68 -4.99
N THR A 17 1.31 16.17 -3.86
CA THR A 17 2.70 15.94 -3.37
C THR A 17 2.82 14.88 -2.26
N SER A 18 1.71 14.29 -1.81
CA SER A 18 1.67 13.13 -0.91
C SER A 18 0.40 12.31 -1.13
N VAL A 19 0.48 11.01 -0.88
CA VAL A 19 -0.60 10.01 -1.02
C VAL A 19 -0.92 9.39 0.34
N THR A 20 -2.17 8.99 0.57
CA THR A 20 -2.59 8.29 1.80
C THR A 20 -3.09 6.89 1.51
N VAL A 21 -2.51 5.88 2.15
CA VAL A 21 -2.88 4.45 1.99
C VAL A 21 -3.77 4.00 3.15
N HIS A 22 -4.88 3.34 2.81
CA HIS A 22 -5.94 2.93 3.74
C HIS A 22 -6.22 1.42 3.62
N LYS A 23 -5.63 0.60 4.49
CA LYS A 23 -5.76 -0.87 4.41
C LYS A 23 -7.17 -1.31 4.81
N LEU A 24 -7.87 -1.99 3.90
CA LEU A 24 -9.22 -2.52 4.12
C LEU A 24 -9.23 -4.05 4.25
N LEU A 25 -10.31 -4.58 4.84
CA LEU A 25 -10.69 -5.99 4.90
C LEU A 25 -12.21 -6.13 4.78
N ALA A 26 -12.68 -7.32 4.42
CA ALA A 26 -14.08 -7.70 4.49
C ALA A 26 -14.45 -8.28 5.86
N THR A 27 -15.76 -8.36 6.16
CA THR A 27 -16.24 -8.99 7.40
C THR A 27 -16.43 -10.50 7.26
N ASP A 28 -16.79 -11.02 6.08
CA ASP A 28 -16.94 -12.46 5.81
C ASP A 28 -16.57 -12.79 4.35
N GLY A 29 -15.34 -12.41 3.97
CA GLY A 29 -14.71 -12.72 2.68
C GLY A 29 -15.23 -11.91 1.49
N ASP A 30 -16.02 -10.86 1.74
CA ASP A 30 -16.75 -10.04 0.77
C ASP A 30 -15.89 -9.14 -0.15
N MET A 31 -14.58 -9.41 -0.26
CA MET A 31 -13.65 -8.58 -1.03
C MET A 31 -14.02 -8.53 -2.53
N ASP A 32 -14.63 -9.59 -3.07
CA ASP A 32 -15.10 -9.66 -4.46
C ASP A 32 -16.21 -8.61 -4.76
N LYS A 33 -17.25 -8.51 -3.93
CA LYS A 33 -18.31 -7.51 -4.09
C LYS A 33 -17.83 -6.11 -3.74
N ILE A 34 -17.08 -5.92 -2.65
CA ILE A 34 -16.36 -4.67 -2.36
C ILE A 34 -15.57 -4.17 -3.58
N ALA A 35 -14.78 -5.02 -4.25
CA ALA A 35 -14.01 -4.60 -5.41
C ALA A 35 -14.89 -4.11 -6.58
N ASN A 36 -16.11 -4.63 -6.72
CA ASN A 36 -17.11 -4.14 -7.69
C ASN A 36 -17.79 -2.83 -7.20
N GLU A 37 -17.96 -2.65 -5.90
CA GLU A 37 -18.40 -1.39 -5.28
C GLU A 37 -17.34 -0.27 -5.36
N LEU A 38 -16.06 -0.60 -5.56
CA LEU A 38 -14.97 0.36 -5.75
C LEU A 38 -14.62 0.62 -7.23
N GLU A 39 -14.67 -0.40 -8.10
CA GLU A 39 -14.36 -0.22 -9.53
C GLU A 39 -15.35 0.70 -10.25
N THR A 40 -16.56 0.87 -9.71
CA THR A 40 -17.57 1.80 -10.23
C THR A 40 -17.21 3.28 -10.05
N GLY A 41 -16.44 3.64 -9.01
CA GLY A 41 -16.01 5.02 -8.73
C GLY A 41 -14.61 5.35 -9.30
N ASN A 42 -14.24 6.64 -9.35
CA ASN A 42 -12.94 7.10 -9.88
C ASN A 42 -11.82 7.04 -8.81
N TYR A 43 -11.77 5.94 -8.05
CA TYR A 43 -10.92 5.78 -6.86
C TYR A 43 -9.46 5.41 -7.17
N ALA A 44 -9.08 5.29 -8.44
CA ALA A 44 -7.68 5.17 -8.87
C ALA A 44 -6.83 6.39 -8.46
N GLY A 45 -7.47 7.55 -8.29
CA GLY A 45 -6.87 8.75 -7.69
C GLY A 45 -7.56 9.15 -6.37
N ASN A 46 -8.90 9.27 -6.41
CA ASN A 46 -9.70 9.81 -5.30
C ASN A 46 -9.88 8.86 -4.12
N LYS A 47 -10.28 9.40 -2.96
CA LYS A 47 -10.76 8.60 -1.82
C LYS A 47 -12.04 7.83 -2.17
N VAL A 48 -12.31 6.74 -1.44
CA VAL A 48 -13.60 6.02 -1.53
C VAL A 48 -14.74 6.90 -1.00
N GLY A 49 -15.92 6.83 -1.61
CA GLY A 49 -17.12 7.59 -1.17
C GLY A 49 -17.69 7.12 0.17
N VAL A 50 -18.19 5.87 0.22
CA VAL A 50 -18.73 5.20 1.42
C VAL A 50 -18.37 3.71 1.42
N LEU A 51 -17.90 3.17 2.54
CA LEU A 51 -17.60 1.74 2.69
C LEU A 51 -18.86 0.93 3.05
N PRO A 52 -18.99 -0.33 2.58
CA PRO A 52 -20.08 -1.19 3.01
C PRO A 52 -19.93 -1.61 4.49
N ALA A 53 -21.02 -2.04 5.14
CA ALA A 53 -20.95 -2.67 6.46
C ALA A 53 -20.24 -4.04 6.38
N ASN A 54 -20.26 -4.69 5.21
CA ASN A 54 -19.44 -5.88 4.94
C ASN A 54 -17.94 -5.60 4.71
N ALA A 55 -17.50 -4.35 4.88
CA ALA A 55 -16.10 -3.91 4.93
C ALA A 55 -15.74 -3.28 6.29
N LYS A 56 -14.46 -3.31 6.66
CA LYS A 56 -13.92 -2.54 7.80
C LYS A 56 -12.49 -2.04 7.57
N GLU A 57 -12.08 -1.07 8.38
CA GLU A 57 -10.74 -0.47 8.41
C GLU A 57 -9.98 -0.94 9.68
N ILE A 58 -8.70 -1.26 9.55
CA ILE A 58 -7.79 -1.60 10.67
C ILE A 58 -6.48 -0.82 10.60
N ALA A 59 -5.92 -0.47 11.76
CA ALA A 59 -4.63 0.20 11.90
C ALA A 59 -3.60 -0.64 12.67
N GLY A 60 -2.32 -0.39 12.38
CA GLY A 60 -1.21 -1.21 12.86
C GLY A 60 -0.80 -2.34 11.91
N VAL A 61 -1.18 -2.26 10.63
CA VAL A 61 -0.69 -3.12 9.54
C VAL A 61 0.42 -2.39 8.79
N MET A 62 1.44 -3.14 8.36
CA MET A 62 2.64 -2.63 7.72
C MET A 62 2.67 -2.88 6.21
N PHE A 63 3.21 -1.90 5.48
CA PHE A 63 3.42 -1.94 4.04
C PHE A 63 4.65 -1.13 3.60
N VAL A 64 5.26 -1.55 2.48
CA VAL A 64 6.47 -0.98 1.86
C VAL A 64 6.14 -0.54 0.42
N TRP A 65 6.76 0.53 -0.09
CA TRP A 65 6.69 0.91 -1.50
C TRP A 65 7.80 0.25 -2.35
N THR A 66 7.46 -0.11 -3.58
CA THR A 66 8.33 -0.71 -4.59
C THR A 66 8.19 -0.08 -5.97
N ASN A 67 9.15 -0.32 -6.86
CA ASN A 67 9.05 -0.04 -8.30
C ASN A 67 8.44 -1.22 -9.05
N THR A 68 8.08 -1.07 -10.33
CA THR A 68 7.30 -2.10 -11.05
C THR A 68 8.04 -3.43 -11.24
N ASN A 69 9.36 -3.42 -11.18
CA ASN A 69 10.19 -4.64 -11.11
C ASN A 69 10.20 -5.27 -9.68
N ASN A 70 9.24 -4.93 -8.84
CA ASN A 70 9.07 -5.41 -7.46
C ASN A 70 10.33 -5.13 -6.58
N GLU A 71 11.08 -4.06 -6.87
CA GLU A 71 12.25 -3.62 -6.09
C GLU A 71 11.85 -2.63 -5.00
N ILE A 72 12.45 -2.73 -3.81
CA ILE A 72 12.15 -1.83 -2.70
C ILE A 72 12.91 -0.50 -2.87
N ILE A 73 12.18 0.62 -2.82
CA ILE A 73 12.70 1.99 -3.07
C ILE A 73 12.47 2.96 -1.90
N ASP A 74 13.35 3.95 -1.78
CA ASP A 74 13.26 5.13 -0.89
C ASP A 74 12.41 6.26 -1.52
N GLU A 75 11.97 7.26 -0.72
CA GLU A 75 11.13 8.38 -1.20
C GLU A 75 11.75 9.26 -2.31
N ASN A 76 13.07 9.22 -2.51
CA ASN A 76 13.76 9.89 -3.62
C ASN A 76 13.94 8.94 -4.84
N GLY A 77 13.36 7.72 -4.79
CA GLY A 77 13.42 6.67 -5.82
C GLY A 77 14.74 5.90 -5.90
N GLN A 78 15.64 6.07 -4.93
CA GLN A 78 16.82 5.23 -4.78
C GLN A 78 16.37 3.80 -4.45
N THR A 79 16.97 2.82 -5.10
CA THR A 79 16.66 1.41 -4.86
C THR A 79 17.54 0.81 -3.77
N LEU A 80 16.98 -0.03 -2.90
CA LEU A 80 17.66 -0.51 -1.69
C LEU A 80 18.42 -1.83 -1.87
N GLY A 81 18.33 -2.50 -3.03
CA GLY A 81 19.01 -3.78 -3.28
C GLY A 81 18.23 -5.00 -2.77
N VAL A 82 16.90 -4.88 -2.70
CA VAL A 82 15.97 -5.95 -2.28
C VAL A 82 14.77 -5.97 -3.23
N ASN A 83 14.20 -7.16 -3.43
CA ASN A 83 13.10 -7.49 -4.30
C ASN A 83 12.11 -8.44 -3.61
N ILE A 84 10.85 -8.43 -4.05
CA ILE A 84 9.73 -9.14 -3.44
C ILE A 84 8.92 -9.88 -4.51
N ASP A 85 8.52 -11.13 -4.28
CA ASP A 85 7.62 -11.86 -5.20
C ASP A 85 6.15 -11.41 -5.06
N PRO A 86 5.32 -11.29 -6.11
CA PRO A 86 3.92 -10.90 -5.96
C PRO A 86 3.02 -12.03 -5.44
N GLN A 87 3.50 -13.28 -5.51
CA GLN A 87 2.82 -14.49 -5.09
C GLN A 87 3.33 -14.97 -3.74
N THR A 88 4.66 -15.05 -3.57
CA THR A 88 5.28 -15.57 -2.33
C THR A 88 5.39 -14.50 -1.24
N PHE A 89 5.52 -13.22 -1.64
CA PHE A 89 5.76 -12.06 -0.74
C PHE A 89 7.03 -12.21 0.13
N LYS A 90 8.01 -13.03 -0.27
CA LYS A 90 9.31 -13.18 0.40
C LYS A 90 10.34 -12.16 -0.09
N LEU A 91 11.31 -11.80 0.73
CA LEU A 91 12.37 -10.84 0.41
C LEU A 91 13.62 -11.51 -0.17
N SER A 92 14.22 -10.90 -1.20
CA SER A 92 15.47 -11.34 -1.82
C SER A 92 16.73 -11.05 -0.96
N GLY A 93 16.55 -10.58 0.27
CA GLY A 93 17.60 -10.26 1.24
C GLY A 93 16.99 -9.83 2.57
N ALA A 94 17.75 -9.11 3.40
CA ALA A 94 17.26 -8.55 4.66
C ALA A 94 16.39 -7.30 4.46
N MET A 95 15.50 -7.00 5.41
CA MET A 95 14.66 -5.80 5.39
C MET A 95 15.53 -4.53 5.36
N PRO A 96 15.35 -3.62 4.40
CA PRO A 96 16.23 -2.46 4.17
C PRO A 96 16.13 -1.38 5.25
N ALA A 97 17.07 -0.44 5.24
CA ALA A 97 17.06 0.77 6.03
C ALA A 97 16.06 1.79 5.46
N THR A 98 16.54 2.75 4.66
CA THR A 98 15.83 3.96 4.22
C THR A 98 14.70 3.76 3.20
N ALA A 99 14.27 2.52 2.96
CA ALA A 99 13.07 2.21 2.18
C ALA A 99 11.83 2.96 2.67
N MET A 100 10.92 3.23 1.73
CA MET A 100 9.65 3.91 1.90
C MET A 100 8.59 2.97 2.49
N LYS A 101 8.51 2.89 3.83
CA LYS A 101 7.68 1.93 4.60
C LYS A 101 7.19 2.54 5.91
N LYS A 102 5.90 2.35 6.25
CA LYS A 102 5.22 2.95 7.42
C LYS A 102 3.85 2.29 7.63
N LEU A 103 3.38 2.14 8.87
CA LEU A 103 2.12 1.44 9.21
C LEU A 103 0.86 2.34 9.15
N THR A 104 -0.36 1.80 8.96
CA THR A 104 -1.59 2.63 9.13
C THR A 104 -1.76 3.03 10.60
N GLU A 105 -2.15 4.29 10.86
CA GLU A 105 -2.25 4.86 12.22
C GLU A 105 -3.69 4.87 12.76
N ALA A 106 -4.62 5.49 12.04
CA ALA A 106 -6.08 5.42 12.24
C ALA A 106 -6.82 6.02 11.03
N GLU A 107 -6.29 7.12 10.49
CA GLU A 107 -6.83 7.83 9.32
C GLU A 107 -6.12 7.43 8.01
N GLY A 108 -5.56 6.21 7.96
CA GLY A 108 -4.68 5.70 6.92
C GLY A 108 -3.20 5.85 7.32
N ALA A 109 -2.31 6.01 6.34
CA ALA A 109 -0.91 6.40 6.49
C ALA A 109 -0.50 7.38 5.36
N LYS A 110 0.08 8.53 5.70
CA LYS A 110 0.66 9.50 4.74
C LYS A 110 2.02 9.00 4.21
N PHE A 111 2.22 9.13 2.90
CA PHE A 111 3.49 8.91 2.20
C PHE A 111 3.79 10.15 1.33
N ASN A 112 4.89 10.86 1.60
CA ASN A 112 5.33 12.00 0.79
C ASN A 112 6.01 11.51 -0.49
N THR A 113 5.48 11.92 -1.65
CA THR A 113 5.85 11.43 -2.98
C THR A 113 6.57 12.46 -3.84
N ALA A 114 6.70 13.71 -3.39
CA ALA A 114 7.22 14.84 -4.16
C ALA A 114 8.64 14.65 -4.76
N ASN A 115 9.40 13.66 -4.29
CA ASN A 115 10.76 13.33 -4.77
C ASN A 115 10.83 12.06 -5.62
N LEU A 116 9.72 11.35 -5.89
CA LEU A 116 9.74 10.26 -6.86
C LEU A 116 9.84 10.74 -8.31
N PRO A 117 10.53 9.99 -9.19
CA PRO A 117 10.43 10.19 -10.63
C PRO A 117 9.10 9.64 -11.15
N ALA A 118 8.77 10.04 -12.36
CA ALA A 118 7.59 9.62 -13.11
C ALA A 118 7.79 8.17 -13.62
N ALA A 119 7.41 7.19 -12.80
CA ALA A 119 7.48 5.76 -13.09
C ALA A 119 6.24 5.01 -12.58
N LYS A 120 6.19 3.69 -12.78
CA LYS A 120 5.20 2.80 -12.15
C LYS A 120 5.73 2.20 -10.84
N TYR A 121 4.83 2.10 -9.86
CA TYR A 121 5.12 1.77 -8.46
C TYR A 121 4.16 0.69 -7.97
N LYS A 122 4.43 0.13 -6.78
CA LYS A 122 3.59 -0.89 -6.13
C LYS A 122 3.73 -0.85 -4.61
N ILE A 123 2.66 -1.16 -3.89
CA ILE A 123 2.68 -1.32 -2.43
C ILE A 123 2.62 -2.82 -2.08
N TYR A 124 3.45 -3.25 -1.13
CA TYR A 124 3.55 -4.62 -0.65
C TYR A 124 3.31 -4.67 0.86
N GLU A 125 2.32 -5.45 1.30
CA GLU A 125 1.87 -5.57 2.69
C GLU A 125 2.75 -6.55 3.48
N ILE A 126 3.97 -6.13 3.83
CA ILE A 126 4.90 -6.92 4.66
C ILE A 126 4.51 -6.75 6.12
N HIS A 127 4.05 -7.82 6.79
CA HIS A 127 3.59 -7.77 8.19
C HIS A 127 4.45 -8.63 9.14
N SER A 128 5.74 -8.79 8.81
CA SER A 128 6.76 -9.35 9.71
C SER A 128 7.05 -8.41 10.89
N LEU A 129 6.84 -7.09 10.71
CA LEU A 129 6.76 -6.07 11.76
C LEU A 129 5.38 -6.17 12.46
N SER A 130 4.98 -7.39 12.83
CA SER A 130 3.64 -7.77 13.27
C SER A 130 3.15 -6.89 14.43
N THR A 131 2.07 -6.13 14.25
CA THR A 131 1.67 -5.08 15.19
C THR A 131 0.18 -5.11 15.57
N TYR A 132 -0.76 -5.12 14.61
CA TYR A 132 -2.20 -5.21 14.92
C TYR A 132 -2.63 -6.61 15.39
N VAL A 133 -3.70 -6.71 16.19
CA VAL A 133 -4.22 -7.96 16.74
C VAL A 133 -5.25 -8.61 15.82
N GLY A 134 -5.07 -9.91 15.54
CA GLY A 134 -6.00 -10.71 14.74
C GLY A 134 -6.20 -12.18 15.16
N GLU A 135 -5.34 -12.77 15.99
CA GLU A 135 -5.43 -14.22 16.37
C GLU A 135 -6.00 -14.48 17.77
N ASP A 136 -5.97 -13.47 18.65
CA ASP A 136 -6.31 -13.59 20.08
C ASP A 136 -7.82 -13.50 20.37
N GLY A 137 -8.62 -14.13 19.50
CA GLY A 137 -10.09 -14.17 19.58
C GLY A 137 -10.81 -13.03 18.86
N ALA A 138 -10.08 -12.01 18.39
CA ALA A 138 -10.60 -10.83 17.70
C ALA A 138 -11.37 -11.14 16.40
N THR A 139 -12.22 -10.20 15.98
CA THR A 139 -13.12 -10.25 14.80
C THR A 139 -12.35 -10.07 13.47
N LEU A 140 -11.31 -10.87 13.27
CA LEU A 140 -10.34 -10.79 12.18
C LEU A 140 -10.25 -12.12 11.41
N THR A 141 -9.73 -12.05 10.17
CA THR A 141 -9.53 -13.19 9.27
C THR A 141 -8.05 -13.53 9.05
N GLY A 142 -7.73 -14.82 8.93
CA GLY A 142 -6.44 -15.31 8.48
C GLY A 142 -6.35 -15.30 6.95
N SER A 143 -6.39 -14.11 6.34
CA SER A 143 -6.49 -13.94 4.88
C SER A 143 -5.23 -13.33 4.26
N LYS A 144 -4.89 -13.73 3.04
CA LYS A 144 -3.75 -13.25 2.25
C LYS A 144 -4.07 -11.93 1.55
N ALA A 145 -3.25 -10.91 1.78
CA ALA A 145 -3.29 -9.66 1.03
C ALA A 145 -2.65 -9.81 -0.35
N VAL A 146 -3.04 -8.99 -1.32
CA VAL A 146 -2.43 -8.95 -2.66
C VAL A 146 -1.90 -7.55 -3.00
N PRO A 147 -0.76 -7.46 -3.70
CA PRO A 147 -0.01 -6.22 -3.89
C PRO A 147 -0.79 -5.21 -4.74
N ILE A 148 -0.64 -3.92 -4.43
CA ILE A 148 -1.43 -2.83 -5.02
C ILE A 148 -0.59 -2.09 -6.05
N GLU A 149 -1.05 -1.98 -7.30
CA GLU A 149 -0.32 -1.26 -8.36
C GLU A 149 -0.77 0.22 -8.49
N ILE A 150 0.18 1.14 -8.68
CA ILE A 150 -0.05 2.59 -8.67
C ILE A 150 0.91 3.33 -9.63
N GLU A 151 0.52 4.51 -10.09
CA GLU A 151 1.35 5.47 -10.83
C GLU A 151 1.12 6.89 -10.26
N LEU A 152 1.98 7.87 -10.60
CA LEU A 152 1.92 9.24 -10.07
C LEU A 152 0.58 9.94 -10.44
N PRO A 153 0.15 10.96 -9.65
CA PRO A 153 -1.19 11.54 -9.75
C PRO A 153 -1.33 12.45 -10.98
N LEU A 154 -1.85 11.86 -12.07
CA LEU A 154 -2.15 12.52 -13.35
C LEU A 154 -3.63 12.24 -13.72
N ASN A 155 -4.49 12.40 -12.70
CA ASN A 155 -5.90 11.99 -12.66
C ASN A 155 -6.86 13.13 -12.23
N ASP A 156 -6.40 14.38 -12.34
CA ASP A 156 -7.12 15.65 -12.02
C ASP A 156 -7.57 15.80 -10.54
N VAL A 157 -7.01 15.02 -9.61
CA VAL A 157 -7.46 14.95 -8.21
C VAL A 157 -6.84 16.00 -7.29
N VAL A 158 -7.58 16.36 -6.22
CA VAL A 158 -7.18 17.33 -5.18
C VAL A 158 -6.28 16.69 -4.12
N ASP A 159 -6.47 15.40 -3.84
CA ASP A 159 -5.67 14.61 -2.90
C ASP A 159 -5.71 13.12 -3.28
N ALA A 160 -4.59 12.39 -3.17
CA ALA A 160 -4.46 11.02 -3.70
C ALA A 160 -4.58 9.94 -2.62
N HIS A 161 -5.25 8.82 -2.93
CA HIS A 161 -5.44 7.72 -1.97
C HIS A 161 -5.22 6.30 -2.56
N VAL A 162 -5.09 5.30 -1.67
CA VAL A 162 -4.93 3.86 -1.96
C VAL A 162 -5.81 2.99 -1.06
N TYR A 163 -6.37 1.88 -1.57
CA TYR A 163 -7.21 0.96 -0.79
C TYR A 163 -6.85 -0.54 -0.99
N PRO A 164 -5.83 -1.07 -0.27
CA PRO A 164 -5.47 -2.49 -0.31
C PRO A 164 -6.59 -3.47 0.08
N LYS A 165 -6.63 -4.64 -0.59
CA LYS A 165 -7.58 -5.75 -0.46
C LYS A 165 -6.89 -7.13 -0.38
N ASN A 166 -7.65 -8.15 0.02
CA ASN A 166 -7.25 -9.55 0.17
C ASN A 166 -8.09 -10.48 -0.74
N THR A 167 -7.75 -11.78 -0.83
CA THR A 167 -8.36 -12.68 -1.84
C THR A 167 -8.48 -14.16 -1.46
N GLU A 168 -7.67 -14.68 -0.54
CA GLU A 168 -7.65 -16.11 -0.18
C GLU A 168 -7.23 -16.40 1.27
N ALA A 169 -7.40 -17.64 1.73
CA ALA A 169 -7.14 -18.06 3.11
C ALA A 169 -5.69 -18.54 3.34
N LYS A 170 -5.11 -18.25 4.51
CA LYS A 170 -3.77 -18.68 4.93
C LYS A 170 -3.72 -19.02 6.44
N PRO A 171 -2.72 -19.80 6.93
CA PRO A 171 -2.61 -20.11 8.36
C PRO A 171 -2.19 -18.87 9.16
N LYS A 172 -2.70 -18.74 10.39
CA LYS A 172 -2.38 -17.60 11.30
C LYS A 172 -1.39 -17.92 12.43
N ILE A 173 -0.97 -19.19 12.56
CA ILE A 173 0.01 -19.68 13.56
C ILE A 173 1.20 -20.46 12.96
N LEU A 174 1.18 -20.74 11.66
CA LEU A 174 2.28 -21.41 10.94
C LEU A 174 2.93 -20.43 9.97
N GLU A 175 4.22 -20.15 10.16
CA GLU A 175 5.00 -19.24 9.34
C GLU A 175 6.47 -19.69 9.19
N MET A 1 32.69 14.13 1.96
CA MET A 1 31.73 13.01 1.99
C MET A 1 30.31 13.54 1.83
N GLU A 2 29.55 12.95 0.90
CA GLU A 2 28.16 13.30 0.59
C GLU A 2 27.27 12.05 0.52
N THR A 3 25.98 12.17 0.82
CA THR A 3 24.98 11.08 0.71
C THR A 3 23.97 11.29 -0.42
N ALA A 4 24.11 12.35 -1.22
CA ALA A 4 23.27 12.64 -2.39
C ALA A 4 23.24 11.49 -3.43
N SER A 5 22.13 11.37 -4.16
CA SER A 5 21.90 10.31 -5.15
C SER A 5 20.85 10.60 -6.25
N ALA A 6 20.21 11.77 -6.29
CA ALA A 6 19.09 12.08 -7.20
C ALA A 6 19.38 13.12 -8.29
N ALA A 7 20.55 13.77 -8.26
CA ALA A 7 21.10 14.78 -9.19
C ALA A 7 20.33 16.09 -9.40
N THR A 8 19.03 16.01 -9.72
CA THR A 8 18.22 17.15 -10.22
C THR A 8 17.01 17.46 -9.35
N VAL A 9 16.34 18.56 -9.69
CA VAL A 9 15.06 18.97 -9.08
C VAL A 9 13.93 18.01 -9.43
N PHE A 10 12.95 17.92 -8.53
CA PHE A 10 11.87 16.94 -8.59
C PHE A 10 10.70 17.41 -9.45
N ALA A 11 10.26 16.54 -10.35
CA ALA A 11 9.29 16.83 -11.39
C ALA A 11 8.70 15.54 -11.97
N ALA A 12 7.38 15.53 -12.18
CA ALA A 12 6.64 14.44 -12.82
C ALA A 12 5.34 14.86 -13.56
N GLY A 13 5.18 16.16 -13.79
CA GLY A 13 4.02 16.78 -14.44
C GLY A 13 2.68 16.48 -13.75
N THR A 14 2.67 16.48 -12.41
CA THR A 14 1.59 15.99 -11.55
C THR A 14 0.58 17.05 -11.09
N THR A 15 -0.42 16.61 -10.31
CA THR A 15 -1.46 17.47 -9.71
C THR A 15 -1.53 17.39 -8.17
N THR A 16 -0.67 16.60 -7.54
CA THR A 16 -0.71 16.24 -6.10
C THR A 16 0.69 15.81 -5.61
N THR A 17 0.95 15.89 -4.29
CA THR A 17 2.27 15.64 -3.64
C THR A 17 2.31 14.46 -2.66
N SER A 18 1.14 13.91 -2.29
CA SER A 18 0.97 12.85 -1.31
C SER A 18 -0.14 11.86 -1.66
N VAL A 19 0.01 10.65 -1.14
CA VAL A 19 -0.94 9.54 -1.24
C VAL A 19 -1.14 8.95 0.15
N THR A 20 -2.39 8.67 0.54
CA THR A 20 -2.69 8.03 1.83
C THR A 20 -3.30 6.65 1.60
N VAL A 21 -2.72 5.63 2.22
CA VAL A 21 -3.19 4.23 2.13
C VAL A 21 -4.06 3.88 3.33
N HIS A 22 -5.21 3.28 3.05
CA HIS A 22 -6.26 2.94 4.02
C HIS A 22 -6.65 1.47 3.87
N LYS A 23 -6.12 0.57 4.71
CA LYS A 23 -6.25 -0.87 4.52
C LYS A 23 -7.67 -1.37 4.88
N LEU A 24 -8.32 -2.07 3.95
CA LEU A 24 -9.67 -2.59 4.10
C LEU A 24 -9.71 -4.10 4.38
N LEU A 25 -10.77 -4.53 5.08
CA LEU A 25 -11.15 -5.92 5.29
C LEU A 25 -12.67 -6.07 5.12
N ALA A 26 -13.14 -7.30 4.90
CA ALA A 26 -14.55 -7.64 4.88
C ALA A 26 -15.03 -8.21 6.22
N THR A 27 -16.32 -8.06 6.53
CA THR A 27 -16.90 -8.58 7.79
C THR A 27 -17.39 -10.03 7.70
N ASP A 28 -17.63 -10.56 6.49
CA ASP A 28 -17.91 -11.99 6.22
C ASP A 28 -17.47 -12.40 4.79
N GLY A 29 -16.22 -12.12 4.42
CA GLY A 29 -15.60 -12.58 3.17
C GLY A 29 -16.04 -11.85 1.89
N ASP A 30 -16.50 -10.61 2.06
CA ASP A 30 -17.09 -9.72 1.06
C ASP A 30 -16.07 -8.95 0.18
N MET A 31 -14.78 -9.28 0.20
CA MET A 31 -13.75 -8.46 -0.48
C MET A 31 -14.03 -8.30 -1.99
N ASP A 32 -14.65 -9.31 -2.62
CA ASP A 32 -14.97 -9.33 -4.05
C ASP A 32 -16.07 -8.33 -4.44
N LYS A 33 -17.22 -8.31 -3.73
CA LYS A 33 -18.30 -7.37 -4.04
C LYS A 33 -17.90 -5.94 -3.68
N ILE A 34 -17.10 -5.75 -2.63
CA ILE A 34 -16.44 -4.47 -2.30
C ILE A 34 -15.55 -4.02 -3.48
N ALA A 35 -14.64 -4.88 -3.97
CA ALA A 35 -13.80 -4.56 -5.12
C ALA A 35 -14.62 -4.21 -6.37
N ASN A 36 -15.78 -4.86 -6.57
CA ASN A 36 -16.69 -4.49 -7.66
C ASN A 36 -17.35 -3.11 -7.48
N GLU A 37 -17.61 -2.65 -6.26
CA GLU A 37 -18.07 -1.27 -5.99
C GLU A 37 -16.98 -0.21 -6.23
N LEU A 38 -15.70 -0.58 -6.06
CA LEU A 38 -14.57 0.33 -6.26
C LEU A 38 -14.07 0.40 -7.71
N GLU A 39 -14.00 -0.73 -8.41
CA GLU A 39 -13.49 -0.79 -9.81
C GLU A 39 -14.41 -0.08 -10.81
N THR A 40 -15.69 0.12 -10.48
CA THR A 40 -16.61 0.97 -11.26
C THR A 40 -16.36 2.49 -11.03
N GLY A 41 -15.81 2.87 -9.87
CA GLY A 41 -15.39 4.24 -9.52
C GLY A 41 -13.96 4.59 -9.96
N ASN A 42 -13.61 5.88 -10.05
CA ASN A 42 -12.27 6.36 -10.44
C ASN A 42 -11.25 6.41 -9.27
N TYR A 43 -11.35 5.49 -8.30
CA TYR A 43 -10.61 5.56 -7.04
C TYR A 43 -9.10 5.27 -7.14
N ALA A 44 -8.56 5.16 -8.35
CA ALA A 44 -7.11 5.20 -8.57
C ALA A 44 -6.57 6.59 -8.19
N GLY A 45 -7.37 7.66 -8.35
CA GLY A 45 -7.09 9.01 -7.87
C GLY A 45 -7.79 9.33 -6.54
N ASN A 46 -9.05 9.74 -6.64
CA ASN A 46 -9.84 10.23 -5.50
C ASN A 46 -10.14 9.17 -4.42
N LYS A 47 -10.31 9.63 -3.17
CA LYS A 47 -10.75 8.82 -2.03
C LYS A 47 -12.14 8.20 -2.28
N VAL A 48 -12.38 6.97 -1.82
CA VAL A 48 -13.66 6.27 -1.99
C VAL A 48 -14.83 7.12 -1.46
N GLY A 49 -15.93 7.18 -2.23
CA GLY A 49 -17.13 7.94 -1.87
C GLY A 49 -17.83 7.37 -0.63
N VAL A 50 -18.35 6.14 -0.73
CA VAL A 50 -19.10 5.45 0.34
C VAL A 50 -18.67 3.98 0.43
N LEU A 51 -18.25 3.54 1.62
CA LEU A 51 -17.97 2.13 1.90
C LEU A 51 -19.26 1.35 2.17
N PRO A 52 -19.37 0.07 1.74
CA PRO A 52 -20.55 -0.74 1.99
C PRO A 52 -20.65 -1.17 3.47
N ALA A 53 -21.84 -1.58 3.91
CA ALA A 53 -22.08 -2.02 5.29
C ALA A 53 -21.28 -3.27 5.70
N ASN A 54 -20.82 -4.07 4.72
CA ASN A 54 -19.96 -5.25 4.92
C ASN A 54 -18.44 -4.96 4.80
N ALA A 55 -18.04 -3.73 4.51
CA ALA A 55 -16.64 -3.27 4.58
C ALA A 55 -16.26 -2.72 5.97
N LYS A 56 -14.97 -2.82 6.32
CA LYS A 56 -14.34 -2.14 7.48
C LYS A 56 -12.88 -1.77 7.19
N GLU A 57 -12.31 -0.94 8.06
CA GLU A 57 -10.93 -0.42 7.97
C GLU A 57 -10.11 -0.89 9.21
N ILE A 58 -8.81 -1.21 9.06
CA ILE A 58 -7.92 -1.56 10.19
C ILE A 58 -6.62 -0.73 10.25
N ALA A 59 -6.20 -0.40 11.48
CA ALA A 59 -4.90 0.18 11.81
C ALA A 59 -3.93 -0.86 12.41
N GLY A 60 -2.62 -0.63 12.24
CA GLY A 60 -1.52 -1.47 12.75
C GLY A 60 -0.99 -2.52 11.75
N VAL A 61 -1.45 -2.50 10.50
CA VAL A 61 -0.89 -3.29 9.39
C VAL A 61 0.21 -2.49 8.68
N MET A 62 1.26 -3.20 8.24
CA MET A 62 2.49 -2.65 7.67
C MET A 62 2.62 -2.96 6.17
N PHE A 63 2.96 -1.95 5.38
CA PHE A 63 3.17 -2.04 3.93
C PHE A 63 4.38 -1.22 3.48
N VAL A 64 4.97 -1.65 2.37
CA VAL A 64 6.20 -1.12 1.76
C VAL A 64 5.94 -0.74 0.30
N TRP A 65 6.53 0.34 -0.19
CA TRP A 65 6.55 0.69 -1.62
C TRP A 65 7.69 -0.03 -2.35
N THR A 66 7.42 -0.36 -3.60
CA THR A 66 8.32 -1.04 -4.54
C THR A 66 8.19 -0.46 -5.95
N ASN A 67 9.10 -0.86 -6.84
CA ASN A 67 8.99 -0.60 -8.27
C ASN A 67 8.17 -1.66 -9.01
N THR A 68 7.89 -1.46 -10.30
CA THR A 68 7.30 -2.50 -11.17
C THR A 68 8.20 -3.72 -11.37
N ASN A 69 9.49 -3.56 -11.07
CA ASN A 69 10.48 -4.64 -10.97
C ASN A 69 10.43 -5.39 -9.61
N ASN A 70 9.42 -5.11 -8.77
CA ASN A 70 9.22 -5.65 -7.42
C ASN A 70 10.42 -5.42 -6.47
N GLU A 71 11.21 -4.38 -6.74
CA GLU A 71 12.35 -3.93 -5.93
C GLU A 71 11.90 -2.95 -4.86
N ILE A 72 12.48 -3.04 -3.66
CA ILE A 72 12.17 -2.11 -2.58
C ILE A 72 12.89 -0.77 -2.83
N ILE A 73 12.15 0.33 -2.82
CA ILE A 73 12.65 1.71 -3.03
C ILE A 73 12.39 2.69 -1.87
N ASP A 74 13.22 3.72 -1.76
CA ASP A 74 13.05 4.92 -0.90
C ASP A 74 12.10 5.95 -1.57
N GLU A 75 11.57 6.92 -0.81
CA GLU A 75 10.62 7.94 -1.30
C GLU A 75 11.19 8.95 -2.32
N ASN A 76 12.48 8.85 -2.66
CA ASN A 76 13.14 9.56 -3.76
C ASN A 76 13.42 8.67 -4.99
N GLY A 77 13.08 7.38 -4.94
CA GLY A 77 13.25 6.38 -6.02
C GLY A 77 14.53 5.54 -5.95
N GLN A 78 15.41 5.75 -4.96
CA GLN A 78 16.63 4.96 -4.79
C GLN A 78 16.30 3.53 -4.35
N THR A 79 17.00 2.55 -4.90
CA THR A 79 16.69 1.12 -4.71
C THR A 79 17.57 0.47 -3.64
N LEU A 80 17.00 -0.42 -2.83
CA LEU A 80 17.63 -0.94 -1.61
C LEU A 80 18.42 -2.24 -1.81
N GLY A 81 18.35 -2.88 -2.99
CA GLY A 81 19.03 -4.15 -3.27
C GLY A 81 18.26 -5.38 -2.77
N VAL A 82 16.93 -5.26 -2.60
CA VAL A 82 16.04 -6.34 -2.14
C VAL A 82 14.81 -6.39 -3.04
N ASN A 83 14.26 -7.59 -3.27
CA ASN A 83 13.15 -7.86 -4.14
C ASN A 83 12.10 -8.77 -3.47
N ILE A 84 10.86 -8.74 -3.95
CA ILE A 84 9.69 -9.40 -3.32
C ILE A 84 8.87 -10.19 -4.38
N ASP A 85 8.36 -11.37 -4.02
CA ASP A 85 7.47 -12.17 -4.89
C ASP A 85 6.00 -11.69 -4.83
N PRO A 86 5.19 -11.74 -5.91
CA PRO A 86 3.77 -11.38 -5.82
C PRO A 86 2.90 -12.50 -5.18
N GLN A 87 3.39 -13.74 -5.16
CA GLN A 87 2.70 -14.91 -4.62
C GLN A 87 3.13 -15.25 -3.19
N THR A 88 4.45 -15.28 -2.96
CA THR A 88 5.03 -15.60 -1.64
C THR A 88 5.00 -14.39 -0.70
N PHE A 89 5.08 -13.17 -1.27
CA PHE A 89 5.28 -11.91 -0.54
C PHE A 89 6.57 -11.87 0.31
N LYS A 90 7.52 -12.80 0.07
CA LYS A 90 8.76 -12.96 0.85
C LYS A 90 9.93 -12.17 0.25
N LEU A 91 10.83 -11.71 1.10
CA LEU A 91 11.98 -10.87 0.73
C LEU A 91 13.16 -11.70 0.22
N SER A 92 13.84 -11.23 -0.83
CA SER A 92 15.09 -11.82 -1.33
C SER A 92 16.36 -11.26 -0.64
N GLY A 93 16.20 -10.67 0.54
CA GLY A 93 17.24 -10.11 1.40
C GLY A 93 16.68 -9.58 2.71
N ALA A 94 17.55 -9.15 3.63
CA ALA A 94 17.16 -8.66 4.96
C ALA A 94 16.50 -7.26 4.93
N MET A 95 15.81 -6.89 6.01
CA MET A 95 15.04 -5.65 6.13
C MET A 95 15.85 -4.39 5.77
N PRO A 96 15.31 -3.48 4.94
CA PRO A 96 16.01 -2.30 4.44
C PRO A 96 16.08 -1.14 5.45
N ALA A 97 17.08 -0.28 5.29
CA ALA A 97 17.38 0.85 6.18
C ALA A 97 16.58 2.15 5.92
N THR A 98 16.31 2.43 4.65
CA THR A 98 15.78 3.72 4.14
C THR A 98 14.58 3.54 3.20
N ALA A 99 14.04 2.33 3.11
CA ALA A 99 12.85 2.02 2.31
C ALA A 99 11.59 2.85 2.66
N MET A 100 10.72 3.04 1.67
CA MET A 100 9.43 3.71 1.79
C MET A 100 8.34 2.79 2.38
N LYS A 101 8.26 2.70 3.71
CA LYS A 101 7.30 1.87 4.47
C LYS A 101 6.67 2.63 5.65
N LYS A 102 5.47 2.24 6.06
CA LYS A 102 4.70 2.81 7.19
C LYS A 102 3.56 1.87 7.61
N LEU A 103 3.08 2.02 8.85
CA LEU A 103 1.87 1.34 9.34
C LEU A 103 0.63 2.24 9.29
N THR A 104 -0.59 1.72 9.05
CA THR A 104 -1.82 2.53 9.23
C THR A 104 -1.99 2.91 10.71
N GLU A 105 -2.13 4.20 11.02
CA GLU A 105 -2.08 4.69 12.42
C GLU A 105 -3.39 4.56 13.21
N ALA A 106 -4.46 5.08 12.63
CA ALA A 106 -5.82 5.05 13.17
C ALA A 106 -6.82 5.09 12.01
N GLU A 107 -6.59 5.99 11.03
CA GLU A 107 -7.46 6.13 9.87
C GLU A 107 -6.77 5.79 8.53
N GLY A 108 -5.44 5.76 8.49
CA GLY A 108 -4.64 5.60 7.28
C GLY A 108 -3.13 5.77 7.53
N ALA A 109 -2.33 5.87 6.47
CA ALA A 109 -0.90 6.23 6.48
C ALA A 109 -0.51 7.12 5.29
N LYS A 110 0.13 8.28 5.54
CA LYS A 110 0.63 9.21 4.50
C LYS A 110 1.97 8.75 3.91
N PHE A 111 2.08 8.85 2.59
CA PHE A 111 3.28 8.67 1.76
C PHE A 111 3.45 9.90 0.86
N ASN A 112 4.67 10.34 0.64
CA ASN A 112 4.99 11.55 -0.10
C ASN A 112 5.53 11.21 -1.50
N THR A 113 4.76 11.52 -2.54
CA THR A 113 5.12 11.23 -3.93
C THR A 113 5.82 12.37 -4.67
N ALA A 114 5.89 13.56 -4.07
CA ALA A 114 6.47 14.79 -4.65
C ALA A 114 7.92 14.65 -5.17
N ASN A 115 8.62 13.58 -4.80
CA ASN A 115 10.02 13.32 -5.14
C ASN A 115 10.19 12.22 -6.21
N LEU A 116 9.20 11.33 -6.41
CA LEU A 116 9.28 10.27 -7.42
C LEU A 116 9.15 10.80 -8.85
N PRO A 117 9.86 10.22 -9.83
CA PRO A 117 9.68 10.54 -11.24
C PRO A 117 8.39 9.93 -11.81
N ALA A 118 8.03 10.37 -13.01
CA ALA A 118 6.82 10.01 -13.75
C ALA A 118 6.89 8.58 -14.29
N ALA A 119 6.70 7.62 -13.39
CA ALA A 119 6.75 6.19 -13.68
C ALA A 119 5.67 5.42 -12.87
N LYS A 120 5.69 4.08 -12.94
CA LYS A 120 4.83 3.17 -12.16
C LYS A 120 5.58 2.50 -11.01
N TYR A 121 4.81 2.13 -9.99
CA TYR A 121 5.24 1.57 -8.70
C TYR A 121 4.24 0.53 -8.20
N LYS A 122 4.61 -0.19 -7.14
CA LYS A 122 3.72 -1.18 -6.48
C LYS A 122 3.80 -1.15 -4.95
N ILE A 123 2.73 -1.57 -4.26
CA ILE A 123 2.69 -1.73 -2.79
C ILE A 123 2.58 -3.20 -2.39
N TYR A 124 3.35 -3.58 -1.38
CA TYR A 124 3.41 -4.93 -0.78
C TYR A 124 3.17 -4.86 0.73
N GLU A 125 2.59 -5.91 1.33
CA GLU A 125 2.19 -5.95 2.75
C GLU A 125 3.06 -6.93 3.54
N ILE A 126 3.77 -6.45 4.57
CA ILE A 126 4.81 -7.21 5.28
C ILE A 126 4.55 -7.14 6.80
N HIS A 127 4.22 -8.26 7.43
CA HIS A 127 3.82 -8.34 8.84
C HIS A 127 4.96 -8.76 9.79
N SER A 128 6.22 -8.71 9.34
CA SER A 128 7.38 -9.17 10.13
C SER A 128 7.83 -8.17 11.22
N LEU A 129 7.49 -6.89 11.08
CA LEU A 129 7.61 -5.87 12.13
C LEU A 129 6.66 -6.21 13.31
N SER A 130 6.68 -5.43 14.41
CA SER A 130 5.83 -5.65 15.60
C SER A 130 4.37 -6.00 15.24
N THR A 131 3.73 -5.15 14.42
CA THR A 131 2.44 -5.35 13.72
C THR A 131 1.21 -5.65 14.60
N TYR A 132 0.01 -5.40 14.10
CA TYR A 132 -1.26 -5.83 14.72
C TYR A 132 -1.38 -7.37 14.80
N VAL A 133 -2.41 -7.88 15.47
CA VAL A 133 -2.71 -9.32 15.62
C VAL A 133 -4.14 -9.64 15.21
N GLY A 134 -4.35 -10.85 14.68
CA GLY A 134 -5.67 -11.42 14.40
C GLY A 134 -5.87 -12.81 14.99
N GLU A 135 -4.77 -13.57 15.13
CA GLU A 135 -4.73 -14.99 15.50
C GLU A 135 -4.95 -15.30 17.00
N ASP A 136 -4.97 -14.27 17.86
CA ASP A 136 -5.13 -14.39 19.33
C ASP A 136 -6.61 -14.33 19.79
N GLY A 137 -7.56 -14.50 18.87
CA GLY A 137 -9.01 -14.51 19.13
C GLY A 137 -9.75 -13.21 18.77
N ALA A 138 -9.10 -12.33 17.99
CA ALA A 138 -9.69 -11.08 17.50
C ALA A 138 -10.77 -11.33 16.41
N THR A 139 -11.57 -10.31 16.12
CA THR A 139 -12.56 -10.29 15.03
C THR A 139 -11.88 -9.98 13.70
N LEU A 140 -10.88 -10.78 13.35
CA LEU A 140 -9.97 -10.62 12.22
C LEU A 140 -9.63 -12.00 11.61
N THR A 141 -9.10 -12.00 10.38
CA THR A 141 -8.93 -13.21 9.56
C THR A 141 -7.58 -13.92 9.68
N GLY A 142 -6.47 -13.20 9.89
CA GLY A 142 -5.13 -13.77 9.73
C GLY A 142 -4.78 -14.02 8.25
N SER A 143 -5.40 -13.29 7.31
CA SER A 143 -5.08 -13.32 5.87
C SER A 143 -3.99 -12.29 5.50
N LYS A 144 -3.77 -12.05 4.18
CA LYS A 144 -2.80 -11.08 3.64
C LYS A 144 -3.29 -10.40 2.37
N ALA A 145 -2.83 -9.18 2.11
CA ALA A 145 -3.18 -8.43 0.90
C ALA A 145 -2.53 -9.00 -0.37
N VAL A 146 -3.15 -8.74 -1.52
CA VAL A 146 -2.55 -8.97 -2.85
C VAL A 146 -1.95 -7.66 -3.40
N PRO A 147 -0.90 -7.71 -4.23
CA PRO A 147 -0.11 -6.54 -4.59
C PRO A 147 -0.84 -5.59 -5.53
N ILE A 148 -0.66 -4.28 -5.29
CA ILE A 148 -1.36 -3.16 -5.96
C ILE A 148 -0.38 -2.38 -6.84
N GLU A 149 -0.79 -1.96 -8.03
CA GLU A 149 0.02 -1.08 -8.91
C GLU A 149 -0.52 0.36 -9.00
N ILE A 150 0.39 1.34 -9.03
CA ILE A 150 0.10 2.77 -8.91
C ILE A 150 1.06 3.62 -9.78
N GLU A 151 0.63 4.82 -10.17
CA GLU A 151 1.35 5.79 -11.00
C GLU A 151 1.23 7.20 -10.40
N LEU A 152 2.12 8.13 -10.77
CA LEU A 152 2.10 9.52 -10.27
C LEU A 152 0.78 10.25 -10.59
N PRO A 153 0.29 11.12 -9.69
CA PRO A 153 -1.05 11.71 -9.79
C PRO A 153 -1.20 12.70 -10.94
N LEU A 154 -2.03 12.32 -11.90
CA LEU A 154 -2.58 13.17 -12.95
C LEU A 154 -4.11 13.00 -12.87
N ASN A 155 -4.69 13.68 -11.89
CA ASN A 155 -6.07 13.56 -11.43
C ASN A 155 -6.57 14.91 -10.89
N ASP A 156 -7.88 15.16 -10.88
CA ASP A 156 -8.46 16.45 -10.43
C ASP A 156 -8.56 16.61 -8.90
N VAL A 157 -7.62 16.03 -8.15
CA VAL A 157 -7.61 15.96 -6.69
C VAL A 157 -6.54 16.84 -6.06
N VAL A 158 -6.61 17.01 -4.73
CA VAL A 158 -5.57 17.66 -3.91
C VAL A 158 -4.73 16.62 -3.18
N ASP A 159 -5.34 15.47 -2.87
CA ASP A 159 -4.68 14.30 -2.30
C ASP A 159 -5.17 13.00 -2.97
N ALA A 160 -4.24 12.07 -3.19
CA ALA A 160 -4.53 10.72 -3.69
C ALA A 160 -4.76 9.74 -2.53
N HIS A 161 -5.54 8.68 -2.75
CA HIS A 161 -5.77 7.67 -1.73
C HIS A 161 -5.77 6.23 -2.29
N VAL A 162 -5.41 5.25 -1.44
CA VAL A 162 -5.40 3.81 -1.73
C VAL A 162 -6.31 3.05 -0.78
N TYR A 163 -7.03 2.04 -1.29
CA TYR A 163 -7.84 1.12 -0.47
C TYR A 163 -7.55 -0.37 -0.77
N PRO A 164 -6.41 -0.91 -0.30
CA PRO A 164 -5.98 -2.29 -0.59
C PRO A 164 -6.78 -3.36 0.17
N LYS A 165 -6.90 -4.53 -0.45
CA LYS A 165 -7.78 -5.66 -0.07
C LYS A 165 -7.05 -7.02 -0.06
N ASN A 166 -7.67 -8.02 0.55
CA ASN A 166 -7.13 -9.38 0.73
C ASN A 166 -7.83 -10.44 -0.14
N THR A 167 -7.13 -11.57 -0.31
CA THR A 167 -7.66 -12.83 -0.86
C THR A 167 -6.93 -13.99 -0.19
N GLU A 168 -7.40 -15.21 -0.42
CA GLU A 168 -6.74 -16.43 0.04
C GLU A 168 -5.71 -16.96 -0.98
N ALA A 169 -6.13 -17.83 -1.91
CA ALA A 169 -5.32 -18.52 -2.92
C ALA A 169 -4.10 -19.32 -2.37
N LYS A 170 -3.02 -18.60 -2.07
CA LYS A 170 -1.65 -18.96 -1.60
C LYS A 170 -0.89 -20.07 -2.36
N PRO A 171 0.46 -20.00 -2.43
CA PRO A 171 1.28 -20.91 -3.25
C PRO A 171 1.55 -22.30 -2.64
N LYS A 172 1.94 -23.25 -3.51
CA LYS A 172 2.13 -24.68 -3.19
C LYS A 172 3.51 -25.27 -3.56
N ILE A 173 4.36 -24.58 -4.32
CA ILE A 173 5.66 -25.12 -4.78
C ILE A 173 6.77 -24.71 -3.81
N LEU A 174 6.99 -23.39 -3.70
CA LEU A 174 7.92 -22.67 -2.83
C LEU A 174 9.39 -23.13 -2.90
N GLU A 175 10.24 -22.42 -2.14
CA GLU A 175 11.68 -22.62 -2.02
C GLU A 175 12.13 -22.43 -0.55
N MET A 1 18.82 13.66 -10.36
CA MET A 1 18.89 12.43 -9.53
C MET A 1 20.16 12.43 -8.69
N GLU A 2 20.06 12.08 -7.41
CA GLU A 2 21.13 12.03 -6.39
C GLU A 2 21.80 13.39 -6.11
N THR A 3 22.63 13.92 -7.02
CA THR A 3 23.35 15.19 -6.81
C THR A 3 22.45 16.40 -6.97
N ALA A 4 22.84 17.52 -6.32
CA ALA A 4 22.08 18.77 -6.23
C ALA A 4 20.69 18.65 -5.57
N SER A 5 20.44 17.62 -4.75
CA SER A 5 19.10 17.31 -4.23
C SER A 5 18.59 18.27 -3.14
N ALA A 6 19.48 18.94 -2.39
CA ALA A 6 19.10 19.95 -1.39
C ALA A 6 19.01 21.36 -1.99
N ALA A 7 19.73 21.63 -3.09
CA ALA A 7 19.70 22.88 -3.84
C ALA A 7 18.57 22.95 -4.87
N THR A 8 18.26 21.85 -5.54
CA THR A 8 17.36 21.83 -6.71
C THR A 8 16.19 20.86 -6.58
N VAL A 9 15.02 21.37 -6.96
CA VAL A 9 13.72 20.72 -6.77
C VAL A 9 13.58 19.37 -7.48
N PHE A 10 12.64 18.55 -6.99
CA PHE A 10 12.28 17.25 -7.54
C PHE A 10 11.20 17.36 -8.63
N ALA A 11 11.40 18.31 -9.55
CA ALA A 11 10.54 18.59 -10.70
C ALA A 11 9.05 18.86 -10.37
N ALA A 12 8.23 19.00 -11.40
CA ALA A 12 6.77 19.13 -11.33
C ALA A 12 6.09 18.25 -12.39
N GLY A 13 5.05 17.49 -12.01
CA GLY A 13 4.32 16.61 -12.92
C GLY A 13 3.14 15.86 -12.28
N THR A 14 2.51 16.41 -11.23
CA THR A 14 1.38 15.79 -10.51
C THR A 14 0.42 16.81 -9.87
N THR A 15 -0.72 16.36 -9.32
CA THR A 15 -1.77 17.22 -8.73
C THR A 15 -1.59 17.50 -7.23
N THR A 16 -0.84 16.68 -6.50
CA THR A 16 -0.61 16.77 -5.05
C THR A 16 0.72 16.12 -4.66
N THR A 17 1.32 16.52 -3.53
CA THR A 17 2.66 16.03 -3.10
C THR A 17 2.67 14.67 -2.42
N SER A 18 1.52 14.05 -2.17
CA SER A 18 1.42 12.83 -1.34
C SER A 18 0.28 11.88 -1.71
N VAL A 19 0.41 10.64 -1.23
CA VAL A 19 -0.58 9.55 -1.32
C VAL A 19 -0.81 8.95 0.07
N THR A 20 -2.06 8.55 0.36
CA THR A 20 -2.45 7.92 1.64
C THR A 20 -2.87 6.48 1.36
N VAL A 21 -2.16 5.52 1.95
CA VAL A 21 -2.52 4.10 1.87
C VAL A 21 -3.34 3.71 3.10
N HIS A 22 -4.45 3.05 2.84
CA HIS A 22 -5.41 2.53 3.82
C HIS A 22 -5.30 0.99 3.87
N LYS A 23 -6.10 0.30 4.70
CA LYS A 23 -6.20 -1.18 4.62
C LYS A 23 -7.59 -1.68 5.01
N LEU A 24 -8.26 -2.40 4.11
CA LEU A 24 -9.66 -2.80 4.24
C LEU A 24 -9.82 -4.32 4.43
N LEU A 25 -10.89 -4.70 5.12
CA LEU A 25 -11.32 -6.08 5.35
C LEU A 25 -12.83 -6.25 5.08
N ALA A 26 -13.26 -7.49 4.84
CA ALA A 26 -14.67 -7.85 4.69
C ALA A 26 -15.25 -8.51 5.96
N THR A 27 -16.58 -8.60 6.06
CA THR A 27 -17.27 -9.23 7.22
C THR A 27 -17.69 -10.69 7.01
N ASP A 28 -17.73 -11.19 5.77
CA ASP A 28 -17.89 -12.61 5.40
C ASP A 28 -17.23 -12.89 4.03
N GLY A 29 -15.98 -12.45 3.85
CA GLY A 29 -15.18 -12.71 2.64
C GLY A 29 -15.53 -11.88 1.40
N ASP A 30 -16.36 -10.85 1.56
CA ASP A 30 -16.93 -9.95 0.54
C ASP A 30 -15.93 -9.08 -0.25
N MET A 31 -14.63 -9.38 -0.23
CA MET A 31 -13.59 -8.59 -0.89
C MET A 31 -13.79 -8.48 -2.41
N ASP A 32 -14.55 -9.38 -3.02
CA ASP A 32 -14.87 -9.39 -4.46
C ASP A 32 -16.03 -8.45 -4.83
N LYS A 33 -17.16 -8.45 -4.10
CA LYS A 33 -18.20 -7.43 -4.29
C LYS A 33 -17.70 -6.06 -3.87
N ILE A 34 -16.94 -5.93 -2.77
CA ILE A 34 -16.20 -4.70 -2.42
C ILE A 34 -15.33 -4.25 -3.60
N ALA A 35 -14.48 -5.10 -4.18
CA ALA A 35 -13.64 -4.71 -5.33
C ALA A 35 -14.45 -4.16 -6.52
N ASN A 36 -15.69 -4.63 -6.72
CA ASN A 36 -16.61 -4.11 -7.72
C ASN A 36 -17.28 -2.79 -7.30
N GLU A 37 -17.63 -2.63 -6.02
CA GLU A 37 -18.06 -1.34 -5.44
C GLU A 37 -16.96 -0.27 -5.48
N LEU A 38 -15.69 -0.68 -5.57
CA LEU A 38 -14.56 0.21 -5.75
C LEU A 38 -14.24 0.48 -7.22
N GLU A 39 -14.20 -0.53 -8.10
CA GLU A 39 -13.81 -0.32 -9.52
C GLU A 39 -14.83 0.49 -10.34
N THR A 40 -16.06 0.64 -9.83
CA THR A 40 -17.08 1.56 -10.36
C THR A 40 -16.78 3.03 -10.01
N GLY A 41 -16.10 3.29 -8.89
CA GLY A 41 -15.68 4.63 -8.45
C GLY A 41 -14.34 5.06 -9.04
N ASN A 42 -13.98 6.34 -8.94
CA ASN A 42 -12.70 6.88 -9.42
C ASN A 42 -11.58 6.72 -8.36
N TYR A 43 -11.61 5.61 -7.61
CA TYR A 43 -10.73 5.39 -6.46
C TYR A 43 -9.28 5.05 -6.83
N ALA A 44 -8.97 5.06 -8.14
CA ALA A 44 -7.61 5.08 -8.66
C ALA A 44 -6.86 6.35 -8.18
N GLY A 45 -7.61 7.45 -7.98
CA GLY A 45 -7.13 8.69 -7.36
C GLY A 45 -7.79 8.97 -6.01
N ASN A 46 -9.04 9.43 -6.04
CA ASN A 46 -9.75 9.95 -4.85
C ASN A 46 -10.15 8.90 -3.80
N LYS A 47 -10.30 9.30 -2.53
CA LYS A 47 -10.63 8.40 -1.41
C LYS A 47 -11.98 7.68 -1.61
N VAL A 48 -12.14 6.48 -1.05
CA VAL A 48 -13.40 5.72 -1.16
C VAL A 48 -14.54 6.53 -0.55
N GLY A 49 -15.59 6.79 -1.33
CA GLY A 49 -16.67 7.72 -0.95
C GLY A 49 -17.46 7.29 0.28
N VAL A 50 -17.97 6.05 0.25
CA VAL A 50 -18.62 5.36 1.38
C VAL A 50 -18.39 3.86 1.22
N LEU A 51 -17.88 3.20 2.27
CA LEU A 51 -17.74 1.74 2.34
C LEU A 51 -19.08 1.02 2.60
N PRO A 52 -19.25 -0.25 2.16
CA PRO A 52 -20.46 -1.03 2.46
C PRO A 52 -20.53 -1.45 3.93
N ALA A 53 -21.70 -1.84 4.41
CA ALA A 53 -21.85 -2.48 5.73
C ALA A 53 -21.05 -3.79 5.83
N ASN A 54 -20.88 -4.51 4.72
CA ASN A 54 -20.02 -5.71 4.63
C ASN A 54 -18.51 -5.44 4.54
N ALA A 55 -18.07 -4.19 4.66
CA ALA A 55 -16.66 -3.78 4.81
C ALA A 55 -16.33 -3.18 6.20
N LYS A 56 -15.05 -3.23 6.57
CA LYS A 56 -14.47 -2.54 7.74
C LYS A 56 -13.01 -2.14 7.49
N GLU A 57 -12.45 -1.32 8.38
CA GLU A 57 -11.11 -0.73 8.25
C GLU A 57 -10.23 -1.14 9.44
N ILE A 58 -8.94 -1.45 9.22
CA ILE A 58 -8.00 -1.84 10.29
C ILE A 58 -6.70 -1.02 10.25
N ALA A 59 -6.16 -0.68 11.42
CA ALA A 59 -4.88 0.00 11.59
C ALA A 59 -3.86 -0.87 12.35
N GLY A 60 -2.58 -0.78 12.00
CA GLY A 60 -1.46 -1.52 12.60
C GLY A 60 -0.85 -2.62 11.72
N VAL A 61 -0.98 -2.49 10.39
CA VAL A 61 -0.42 -3.37 9.34
C VAL A 61 0.68 -2.64 8.59
N MET A 62 1.75 -3.37 8.20
CA MET A 62 2.92 -2.84 7.47
C MET A 62 2.85 -3.10 5.96
N PHE A 63 3.35 -2.14 5.18
CA PHE A 63 3.50 -2.22 3.72
C PHE A 63 4.73 -1.40 3.24
N VAL A 64 5.31 -1.82 2.12
CA VAL A 64 6.52 -1.23 1.50
C VAL A 64 6.23 -0.85 0.04
N TRP A 65 6.81 0.23 -0.48
CA TRP A 65 6.78 0.60 -1.90
C TRP A 65 7.91 -0.08 -2.69
N THR A 66 7.62 -0.34 -3.96
CA THR A 66 8.50 -0.98 -4.95
C THR A 66 8.29 -0.39 -6.36
N ASN A 67 9.17 -0.75 -7.29
CA ASN A 67 8.99 -0.48 -8.73
C ASN A 67 8.32 -1.64 -9.48
N THR A 68 8.07 -1.45 -10.78
CA THR A 68 7.46 -2.46 -11.65
C THR A 68 8.25 -3.76 -11.74
N ASN A 69 9.58 -3.68 -11.60
CA ASN A 69 10.49 -4.83 -11.50
C ASN A 69 10.50 -5.52 -10.11
N ASN A 70 9.52 -5.21 -9.25
CA ASN A 70 9.37 -5.71 -7.89
C ASN A 70 10.61 -5.40 -7.02
N GLU A 71 11.32 -4.32 -7.33
CA GLU A 71 12.50 -3.81 -6.61
C GLU A 71 12.07 -2.85 -5.50
N ILE A 72 12.69 -2.93 -4.33
CA ILE A 72 12.38 -2.04 -3.22
C ILE A 72 13.07 -0.68 -3.45
N ILE A 73 12.27 0.39 -3.38
CA ILE A 73 12.74 1.79 -3.53
C ILE A 73 12.46 2.67 -2.30
N ASP A 74 13.23 3.75 -2.18
CA ASP A 74 13.00 4.89 -1.27
C ASP A 74 12.07 5.94 -1.94
N GLU A 75 11.49 6.86 -1.16
CA GLU A 75 10.62 7.94 -1.66
C GLU A 75 11.28 8.92 -2.65
N ASN A 76 12.61 8.91 -2.79
CA ASN A 76 13.35 9.67 -3.80
C ASN A 76 13.63 8.84 -5.07
N GLY A 77 13.20 7.57 -5.12
CA GLY A 77 13.39 6.64 -6.23
C GLY A 77 14.74 5.90 -6.27
N GLN A 78 15.57 6.06 -5.23
CA GLN A 78 16.77 5.24 -5.03
C GLN A 78 16.33 3.79 -4.80
N THR A 79 16.92 2.82 -5.49
CA THR A 79 16.64 1.41 -5.28
C THR A 79 17.58 0.82 -4.23
N LEU A 80 17.09 -0.13 -3.43
CA LEU A 80 17.80 -0.62 -2.25
C LEU A 80 18.67 -1.86 -2.55
N GLY A 81 18.61 -2.42 -3.75
CA GLY A 81 19.30 -3.66 -4.10
C GLY A 81 18.60 -4.90 -3.51
N VAL A 82 17.27 -4.86 -3.38
CA VAL A 82 16.42 -5.96 -2.88
C VAL A 82 15.18 -6.09 -3.78
N ASN A 83 14.66 -7.31 -3.93
CA ASN A 83 13.56 -7.70 -4.78
C ASN A 83 12.58 -8.65 -4.05
N ILE A 84 11.32 -8.70 -4.47
CA ILE A 84 10.21 -9.39 -3.77
C ILE A 84 9.37 -10.26 -4.74
N ASP A 85 9.03 -11.50 -4.36
CA ASP A 85 8.07 -12.34 -5.10
C ASP A 85 6.64 -11.79 -4.98
N PRO A 86 5.80 -11.68 -6.03
CA PRO A 86 4.42 -11.23 -5.87
C PRO A 86 3.51 -12.27 -5.20
N GLN A 87 3.90 -13.55 -5.17
CA GLN A 87 3.15 -14.66 -4.61
C GLN A 87 3.58 -14.99 -3.16
N THR A 88 4.88 -15.01 -2.89
CA THR A 88 5.47 -15.41 -1.59
C THR A 88 5.74 -14.24 -0.64
N PHE A 89 5.87 -13.03 -1.20
CA PHE A 89 6.32 -11.81 -0.50
C PHE A 89 7.70 -11.97 0.22
N LYS A 90 8.52 -12.98 -0.16
CA LYS A 90 9.86 -13.18 0.39
C LYS A 90 10.90 -12.25 -0.26
N LEU A 91 11.86 -11.79 0.51
CA LEU A 91 12.89 -10.82 0.13
C LEU A 91 14.15 -11.50 -0.45
N SER A 92 14.84 -10.84 -1.39
CA SER A 92 16.16 -11.28 -1.88
C SER A 92 17.33 -11.03 -0.89
N GLY A 93 17.03 -10.65 0.37
CA GLY A 93 17.99 -10.34 1.42
C GLY A 93 17.33 -9.96 2.76
N ALA A 94 18.06 -9.30 3.65
CA ALA A 94 17.55 -8.73 4.90
C ALA A 94 16.92 -7.33 4.69
N MET A 95 16.08 -6.87 5.63
CA MET A 95 15.31 -5.62 5.52
C MET A 95 16.17 -4.39 5.16
N PRO A 96 15.77 -3.59 4.15
CA PRO A 96 16.50 -2.40 3.71
C PRO A 96 16.50 -1.24 4.71
N ALA A 97 17.55 -0.41 4.66
CA ALA A 97 17.69 0.79 5.48
C ALA A 97 16.67 1.89 5.16
N THR A 98 16.72 2.46 3.94
CA THR A 98 15.99 3.68 3.56
C THR A 98 14.72 3.45 2.75
N ALA A 99 14.29 2.19 2.58
CA ALA A 99 13.07 1.84 1.81
C ALA A 99 11.81 2.57 2.28
N MET A 100 10.91 2.86 1.34
CA MET A 100 9.64 3.56 1.54
C MET A 100 8.58 2.64 2.16
N LYS A 101 8.52 2.58 3.49
CA LYS A 101 7.66 1.68 4.28
C LYS A 101 7.12 2.35 5.55
N LYS A 102 5.89 2.02 5.95
CA LYS A 102 5.17 2.58 7.12
C LYS A 102 3.96 1.72 7.48
N LEU A 103 3.45 1.85 8.71
CA LEU A 103 2.24 1.18 9.20
C LEU A 103 1.02 2.12 9.24
N THR A 104 -0.21 1.59 9.00
CA THR A 104 -1.44 2.39 9.19
C THR A 104 -1.64 2.75 10.67
N GLU A 105 -1.81 4.03 10.96
CA GLU A 105 -1.86 4.53 12.36
C GLU A 105 -3.26 4.50 12.99
N ALA A 106 -4.22 5.19 12.37
CA ALA A 106 -5.56 5.39 12.91
C ALA A 106 -6.60 5.55 11.79
N GLU A 107 -6.25 6.28 10.74
CA GLU A 107 -7.08 6.47 9.54
C GLU A 107 -6.43 5.94 8.26
N GLY A 108 -5.10 5.82 8.25
CA GLY A 108 -4.28 5.43 7.10
C GLY A 108 -2.78 5.60 7.41
N ALA A 109 -1.94 5.68 6.37
CA ALA A 109 -0.52 6.07 6.43
C ALA A 109 -0.15 6.98 5.23
N LYS A 110 0.56 8.09 5.47
CA LYS A 110 1.05 9.04 4.44
C LYS A 110 2.41 8.67 3.84
N PHE A 111 2.51 8.86 2.53
CA PHE A 111 3.68 8.65 1.67
C PHE A 111 3.86 9.89 0.78
N ASN A 112 5.06 10.45 0.71
CA ASN A 112 5.35 11.68 -0.04
C ASN A 112 5.82 11.33 -1.46
N THR A 113 5.10 11.80 -2.48
CA THR A 113 5.37 11.54 -3.91
C THR A 113 6.02 12.72 -4.63
N ALA A 114 6.23 13.85 -3.92
CA ALA A 114 6.96 15.03 -4.43
C ALA A 114 8.36 14.69 -4.99
N ASN A 115 8.98 13.63 -4.46
CA ASN A 115 10.36 13.23 -4.71
C ASN A 115 10.53 12.13 -5.78
N LEU A 116 9.47 11.41 -6.16
CA LEU A 116 9.51 10.43 -7.25
C LEU A 116 9.48 11.07 -8.65
N PRO A 117 10.01 10.39 -9.68
CA PRO A 117 9.77 10.74 -11.07
C PRO A 117 8.44 10.14 -11.56
N ALA A 118 8.01 10.55 -12.75
CA ALA A 118 6.79 10.10 -13.38
C ALA A 118 6.99 8.67 -13.93
N ALA A 119 6.51 7.68 -13.17
CA ALA A 119 6.62 6.26 -13.53
C ALA A 119 5.49 5.42 -12.88
N LYS A 120 5.48 4.11 -13.15
CA LYS A 120 4.65 3.11 -12.46
C LYS A 120 5.40 2.50 -11.26
N TYR A 121 4.64 2.09 -10.24
CA TYR A 121 5.13 1.61 -8.94
C TYR A 121 4.21 0.51 -8.41
N LYS A 122 4.63 -0.16 -7.32
CA LYS A 122 3.83 -1.21 -6.64
C LYS A 122 3.95 -1.14 -5.11
N ILE A 123 2.96 -1.64 -4.39
CA ILE A 123 2.98 -1.80 -2.92
C ILE A 123 2.91 -3.29 -2.54
N TYR A 124 3.66 -3.65 -1.49
CA TYR A 124 3.81 -5.00 -0.94
C TYR A 124 3.51 -5.00 0.57
N GLU A 125 2.48 -5.73 1.02
CA GLU A 125 2.08 -5.81 2.43
C GLU A 125 2.93 -6.83 3.21
N ILE A 126 4.17 -6.46 3.52
CA ILE A 126 5.09 -7.28 4.30
C ILE A 126 4.62 -7.32 5.76
N HIS A 127 4.22 -8.50 6.23
CA HIS A 127 3.53 -8.63 7.52
C HIS A 127 4.47 -8.75 8.73
N SER A 128 5.79 -8.85 8.53
CA SER A 128 6.81 -9.03 9.58
C SER A 128 6.72 -8.02 10.73
N LEU A 129 6.36 -6.76 10.41
CA LEU A 129 6.26 -5.66 11.38
C LEU A 129 4.84 -5.43 11.93
N SER A 130 3.80 -6.09 11.38
CA SER A 130 2.39 -5.86 11.77
C SER A 130 2.17 -6.10 13.27
N THR A 131 1.44 -5.19 13.91
CA THR A 131 1.27 -5.10 15.38
C THR A 131 -0.20 -5.09 15.84
N TYR A 132 -1.17 -5.00 14.92
CA TYR A 132 -2.60 -5.17 15.21
C TYR A 132 -2.92 -6.61 15.68
N VAL A 133 -4.07 -6.81 16.34
CA VAL A 133 -4.45 -8.11 16.93
C VAL A 133 -5.81 -8.61 16.44
N GLY A 134 -5.91 -9.92 16.16
CA GLY A 134 -7.16 -10.61 15.78
C GLY A 134 -7.56 -11.74 16.74
N GLU A 135 -6.62 -12.21 17.56
CA GLU A 135 -6.73 -13.37 18.47
C GLU A 135 -7.16 -13.02 19.92
N ASP A 136 -7.22 -11.74 20.28
CA ASP A 136 -7.46 -11.28 21.66
C ASP A 136 -8.94 -10.92 21.94
N GLY A 137 -9.87 -11.59 21.26
CA GLY A 137 -11.33 -11.45 21.43
C GLY A 137 -12.06 -10.78 20.27
N ALA A 138 -11.35 -10.14 19.33
CA ALA A 138 -11.89 -9.52 18.13
C ALA A 138 -12.54 -10.55 17.16
N THR A 139 -13.27 -10.06 16.16
CA THR A 139 -13.82 -10.87 15.05
C THR A 139 -13.11 -10.53 13.74
N LEU A 140 -11.84 -10.93 13.66
CA LEU A 140 -10.88 -10.50 12.62
C LEU A 140 -10.10 -11.69 12.05
N THR A 141 -10.16 -11.89 10.73
CA THR A 141 -9.49 -13.01 10.03
C THR A 141 -8.03 -12.70 9.66
N GLY A 142 -7.14 -13.69 9.80
CA GLY A 142 -5.70 -13.61 9.55
C GLY A 142 -5.31 -13.76 8.07
N SER A 143 -5.99 -13.01 7.20
CA SER A 143 -5.97 -13.12 5.73
C SER A 143 -4.62 -12.85 5.02
N LYS A 144 -4.54 -13.23 3.74
CA LYS A 144 -3.43 -12.95 2.82
C LYS A 144 -3.76 -11.79 1.87
N ALA A 145 -3.01 -10.69 1.97
CA ALA A 145 -3.04 -9.61 0.99
C ALA A 145 -2.25 -9.97 -0.27
N VAL A 146 -2.70 -9.47 -1.42
CA VAL A 146 -2.00 -9.57 -2.71
C VAL A 146 -1.49 -8.19 -3.15
N PRO A 147 -0.39 -8.08 -3.93
CA PRO A 147 0.27 -6.80 -4.20
C PRO A 147 -0.57 -5.87 -5.12
N ILE A 148 -0.24 -4.57 -5.09
CA ILE A 148 -1.03 -3.49 -5.71
C ILE A 148 -0.16 -2.69 -6.69
N GLU A 149 -0.60 -2.49 -7.94
CA GLU A 149 0.06 -1.60 -8.92
C GLU A 149 -0.56 -0.19 -8.97
N ILE A 150 0.28 0.84 -9.05
CA ILE A 150 -0.10 2.27 -8.95
C ILE A 150 0.71 3.15 -9.91
N GLU A 151 0.13 4.26 -10.34
CA GLU A 151 0.76 5.31 -11.17
C GLU A 151 0.50 6.70 -10.52
N LEU A 152 1.42 7.65 -10.69
CA LEU A 152 1.40 8.93 -9.94
C LEU A 152 0.19 9.85 -10.25
N PRO A 153 -0.19 10.75 -9.30
CA PRO A 153 -1.46 11.48 -9.36
C PRO A 153 -1.51 12.55 -10.45
N LEU A 154 -2.19 12.20 -11.54
CA LEU A 154 -2.60 13.05 -12.67
C LEU A 154 -4.05 12.75 -13.09
N ASN A 155 -4.85 12.17 -12.18
CA ASN A 155 -6.27 11.84 -12.35
C ASN A 155 -7.22 13.03 -12.01
N ASP A 156 -6.67 14.24 -12.01
CA ASP A 156 -7.33 15.53 -11.71
C ASP A 156 -7.89 15.63 -10.27
N VAL A 157 -7.31 14.87 -9.33
CA VAL A 157 -7.77 14.75 -7.94
C VAL A 157 -6.97 15.62 -6.96
N VAL A 158 -7.65 16.16 -5.95
CA VAL A 158 -7.04 17.01 -4.90
C VAL A 158 -6.14 16.19 -3.98
N ASP A 159 -6.50 14.94 -3.69
CA ASP A 159 -5.76 14.01 -2.81
C ASP A 159 -5.76 12.57 -3.37
N ALA A 160 -4.65 11.84 -3.24
CA ALA A 160 -4.45 10.50 -3.81
C ALA A 160 -4.48 9.40 -2.76
N HIS A 161 -5.07 8.24 -3.07
CA HIS A 161 -5.24 7.14 -2.09
C HIS A 161 -5.02 5.72 -2.65
N VAL A 162 -4.89 4.76 -1.72
CA VAL A 162 -4.76 3.31 -1.98
C VAL A 162 -5.64 2.48 -1.03
N TYR A 163 -6.27 1.43 -1.55
CA TYR A 163 -7.19 0.56 -0.79
C TYR A 163 -6.91 -0.95 -1.00
N PRO A 164 -5.85 -1.49 -0.39
CA PRO A 164 -5.52 -2.92 -0.39
C PRO A 164 -6.51 -3.78 0.41
N LYS A 165 -6.62 -5.04 -0.01
CA LYS A 165 -7.64 -6.05 0.36
C LYS A 165 -6.98 -7.40 0.71
N ASN A 166 -7.72 -8.51 0.61
CA ASN A 166 -7.21 -9.88 0.67
C ASN A 166 -7.97 -10.83 -0.27
N THR A 167 -7.37 -12.00 -0.56
CA THR A 167 -7.93 -13.00 -1.51
C THR A 167 -8.05 -14.42 -0.93
N GLU A 168 -7.19 -14.81 0.01
CA GLU A 168 -7.22 -16.14 0.63
C GLU A 168 -6.79 -16.16 2.09
N ALA A 169 -7.02 -17.30 2.75
CA ALA A 169 -6.52 -17.59 4.09
C ALA A 169 -5.04 -18.01 4.08
N LYS A 170 -4.30 -17.64 5.14
CA LYS A 170 -2.94 -18.09 5.45
C LYS A 170 -2.75 -18.31 6.96
N PRO A 171 -1.85 -19.20 7.40
CA PRO A 171 -1.71 -19.52 8.82
C PRO A 171 -1.04 -18.38 9.60
N LYS A 172 -1.64 -17.95 10.72
CA LYS A 172 -0.97 -17.05 11.67
C LYS A 172 -0.09 -17.79 12.68
N ILE A 173 -0.56 -18.94 13.18
CA ILE A 173 0.12 -19.72 14.23
C ILE A 173 1.34 -20.44 13.66
N LEU A 174 1.14 -21.13 12.54
CA LEU A 174 2.11 -21.89 11.73
C LEU A 174 2.99 -22.85 12.56
N GLU A 175 2.63 -24.13 12.52
CA GLU A 175 3.31 -25.19 13.26
C GLU A 175 4.78 -25.37 12.83
N MET A 1 5.20 32.36 4.95
CA MET A 1 6.41 32.70 5.73
C MET A 1 7.32 33.56 4.88
N GLU A 2 8.15 34.41 5.50
CA GLU A 2 9.24 35.11 4.80
C GLU A 2 10.48 34.21 4.64
N THR A 3 10.66 33.23 5.53
CA THR A 3 11.68 32.16 5.43
C THR A 3 11.65 31.47 4.08
N ALA A 4 12.83 31.15 3.54
CA ALA A 4 12.99 30.40 2.30
C ALA A 4 12.26 29.04 2.29
N SER A 5 11.91 28.55 1.10
CA SER A 5 11.24 27.26 0.88
C SER A 5 11.92 26.46 -0.23
N ALA A 6 11.84 25.12 -0.15
CA ALA A 6 12.45 24.16 -1.08
C ALA A 6 13.96 24.35 -1.30
N ALA A 7 14.75 24.25 -0.22
CA ALA A 7 16.22 24.28 -0.29
C ALA A 7 16.85 23.13 -1.10
N THR A 8 16.12 22.03 -1.30
CA THR A 8 16.61 20.74 -1.82
C THR A 8 15.70 20.25 -2.98
N VAL A 9 15.78 20.93 -4.13
CA VAL A 9 14.84 20.80 -5.26
C VAL A 9 14.65 19.39 -5.85
N PHE A 10 13.39 19.14 -6.24
CA PHE A 10 12.89 18.03 -7.05
C PHE A 10 11.88 18.58 -8.08
N ALA A 11 11.34 17.72 -8.95
CA ALA A 11 10.25 18.04 -9.88
C ALA A 11 9.21 16.90 -9.95
N ALA A 12 7.93 17.24 -10.00
CA ALA A 12 6.81 16.28 -9.95
C ALA A 12 5.66 16.69 -10.88
N GLY A 13 5.50 16.00 -12.00
CA GLY A 13 4.43 16.22 -12.99
C GLY A 13 3.10 15.59 -12.58
N THR A 14 2.48 16.11 -11.52
CA THR A 14 1.33 15.52 -10.82
C THR A 14 0.23 16.52 -10.44
N THR A 15 -0.94 16.04 -9.99
CA THR A 15 -1.99 16.86 -9.37
C THR A 15 -1.88 16.94 -7.85
N THR A 16 -1.09 16.05 -7.24
CA THR A 16 -0.84 15.92 -5.80
C THR A 16 0.61 15.47 -5.56
N THR A 17 1.23 15.88 -4.45
CA THR A 17 2.59 15.48 -4.02
C THR A 17 2.62 14.59 -2.76
N SER A 18 1.49 14.00 -2.38
CA SER A 18 1.38 12.96 -1.34
C SER A 18 0.26 11.97 -1.65
N VAL A 19 0.34 10.78 -1.03
CA VAL A 19 -0.65 9.69 -1.12
C VAL A 19 -0.91 9.10 0.28
N THR A 20 -2.16 8.69 0.55
CA THR A 20 -2.55 8.06 1.83
C THR A 20 -3.11 6.66 1.62
N VAL A 21 -2.56 5.66 2.30
CA VAL A 21 -2.98 4.24 2.20
C VAL A 21 -3.88 3.85 3.38
N HIS A 22 -4.94 3.09 3.10
CA HIS A 22 -6.02 2.74 4.04
C HIS A 22 -6.44 1.26 3.97
N LYS A 23 -6.20 0.47 5.02
CA LYS A 23 -6.46 -0.99 5.00
C LYS A 23 -7.93 -1.35 5.26
N LEU A 24 -8.50 -2.15 4.36
CA LEU A 24 -9.86 -2.68 4.42
C LEU A 24 -9.90 -4.21 4.58
N LEU A 25 -11.01 -4.71 5.15
CA LEU A 25 -11.40 -6.13 5.21
C LEU A 25 -12.91 -6.27 5.00
N ALA A 26 -13.41 -7.50 4.89
CA ALA A 26 -14.84 -7.82 4.75
C ALA A 26 -15.45 -8.29 6.09
N THR A 27 -16.79 -8.47 6.14
CA THR A 27 -17.45 -9.11 7.30
C THR A 27 -17.71 -10.61 7.08
N ASP A 28 -17.96 -11.06 5.85
CA ASP A 28 -18.18 -12.47 5.47
C ASP A 28 -17.55 -12.79 4.10
N GLY A 29 -16.27 -12.46 3.92
CA GLY A 29 -15.47 -12.77 2.72
C GLY A 29 -15.81 -11.96 1.47
N ASP A 30 -16.54 -10.84 1.65
CA ASP A 30 -17.08 -9.96 0.61
C ASP A 30 -16.04 -9.16 -0.20
N MET A 31 -14.75 -9.47 -0.09
CA MET A 31 -13.68 -8.66 -0.70
C MET A 31 -13.80 -8.57 -2.22
N ASP A 32 -14.37 -9.61 -2.86
CA ASP A 32 -14.54 -9.69 -4.31
C ASP A 32 -15.69 -8.82 -4.85
N LYS A 33 -16.84 -8.76 -4.15
CA LYS A 33 -17.92 -7.81 -4.46
C LYS A 33 -17.54 -6.38 -4.07
N ILE A 34 -16.86 -6.16 -2.93
CA ILE A 34 -16.22 -4.89 -2.57
C ILE A 34 -15.30 -4.41 -3.70
N ALA A 35 -14.39 -5.25 -4.20
CA ALA A 35 -13.48 -4.88 -5.28
C ALA A 35 -14.24 -4.47 -6.57
N ASN A 36 -15.42 -5.05 -6.83
CA ASN A 36 -16.32 -4.61 -7.92
C ASN A 36 -17.13 -3.34 -7.59
N GLU A 37 -17.41 -3.04 -6.32
CA GLU A 37 -17.96 -1.74 -5.86
C GLU A 37 -16.92 -0.61 -5.95
N LEU A 38 -15.63 -0.92 -5.79
CA LEU A 38 -14.53 0.05 -5.85
C LEU A 38 -13.92 0.24 -7.25
N GLU A 39 -13.72 -0.82 -8.05
CA GLU A 39 -13.09 -0.70 -9.38
C GLU A 39 -13.95 0.09 -10.39
N THR A 40 -15.27 0.09 -10.16
CA THR A 40 -16.27 0.87 -10.89
C THR A 40 -16.35 2.34 -10.44
N GLY A 41 -15.57 2.71 -9.42
CA GLY A 41 -15.41 4.07 -8.90
C GLY A 41 -14.06 4.68 -9.30
N ASN A 42 -13.92 6.00 -9.24
CA ASN A 42 -12.68 6.72 -9.59
C ASN A 42 -11.63 6.68 -8.47
N TYR A 43 -11.56 5.57 -7.73
CA TYR A 43 -10.71 5.41 -6.55
C TYR A 43 -9.23 5.14 -6.88
N ALA A 44 -8.88 5.25 -8.16
CA ALA A 44 -7.51 5.35 -8.66
C ALA A 44 -6.80 6.58 -8.04
N GLY A 45 -7.55 7.65 -7.74
CA GLY A 45 -7.04 8.80 -6.99
C GLY A 45 -7.92 9.21 -5.81
N ASN A 46 -9.23 9.35 -6.03
CA ASN A 46 -10.17 9.87 -5.03
C ASN A 46 -10.33 8.89 -3.85
N LYS A 47 -10.53 9.39 -2.63
CA LYS A 47 -10.85 8.51 -1.48
C LYS A 47 -12.24 7.87 -1.62
N VAL A 48 -12.42 6.66 -1.09
CA VAL A 48 -13.68 5.88 -1.26
C VAL A 48 -14.88 6.64 -0.70
N GLY A 49 -15.93 6.82 -1.52
CA GLY A 49 -17.13 7.59 -1.20
C GLY A 49 -18.02 6.92 -0.13
N VAL A 50 -18.34 5.64 -0.34
CA VAL A 50 -19.17 4.81 0.56
C VAL A 50 -18.63 3.39 0.60
N LEU A 51 -18.24 2.91 1.78
CA LEU A 51 -17.95 1.50 2.02
C LEU A 51 -19.24 0.73 2.30
N PRO A 52 -19.39 -0.51 1.82
CA PRO A 52 -20.59 -1.31 2.07
C PRO A 52 -20.73 -1.67 3.56
N ALA A 53 -21.95 -2.05 4.00
CA ALA A 53 -22.19 -2.56 5.35
C ALA A 53 -21.38 -3.84 5.64
N ASN A 54 -21.05 -4.59 4.59
CA ASN A 54 -20.19 -5.79 4.62
C ASN A 54 -18.68 -5.51 4.46
N ALA A 55 -18.25 -4.24 4.41
CA ALA A 55 -16.85 -3.83 4.51
C ALA A 55 -16.52 -3.28 5.91
N LYS A 56 -15.26 -3.38 6.35
CA LYS A 56 -14.75 -2.79 7.59
C LYS A 56 -13.32 -2.27 7.43
N GLU A 57 -12.89 -1.45 8.39
CA GLU A 57 -11.65 -0.67 8.32
C GLU A 57 -10.77 -0.95 9.55
N ILE A 58 -9.46 -1.16 9.34
CA ILE A 58 -8.49 -1.52 10.39
C ILE A 58 -7.19 -0.74 10.26
N ALA A 59 -6.50 -0.51 11.38
CA ALA A 59 -5.18 0.11 11.45
C ALA A 59 -4.13 -0.83 12.09
N GLY A 60 -2.87 -0.39 12.10
CA GLY A 60 -1.74 -1.08 12.73
C GLY A 60 -1.01 -2.11 11.85
N VAL A 61 -1.27 -2.12 10.54
CA VAL A 61 -0.58 -2.98 9.55
C VAL A 61 0.56 -2.22 8.86
N MET A 62 1.65 -2.91 8.51
CA MET A 62 2.85 -2.40 7.85
C MET A 62 2.88 -2.75 6.35
N PHE A 63 3.31 -1.78 5.53
CA PHE A 63 3.47 -1.91 4.08
C PHE A 63 4.66 -1.09 3.55
N VAL A 64 5.24 -1.55 2.43
CA VAL A 64 6.46 -1.02 1.79
C VAL A 64 6.17 -0.67 0.31
N TRP A 65 6.80 0.38 -0.22
CA TRP A 65 6.75 0.74 -1.65
C TRP A 65 7.83 0.03 -2.49
N THR A 66 7.47 -0.28 -3.73
CA THR A 66 8.32 -0.93 -4.76
C THR A 66 8.07 -0.39 -6.17
N ASN A 67 8.95 -0.72 -7.12
CA ASN A 67 8.72 -0.50 -8.57
C ASN A 67 8.08 -1.74 -9.26
N THR A 68 7.73 -1.67 -10.54
CA THR A 68 7.01 -2.77 -11.24
C THR A 68 7.85 -4.03 -11.43
N ASN A 69 9.18 -3.90 -11.35
CA ASN A 69 10.12 -5.03 -11.23
C ASN A 69 10.22 -5.55 -9.77
N ASN A 70 9.29 -5.16 -8.90
CA ASN A 70 9.12 -5.58 -7.51
C ASN A 70 10.37 -5.35 -6.65
N GLU A 71 11.15 -4.30 -6.95
CA GLU A 71 12.33 -3.90 -6.17
C GLU A 71 11.93 -2.96 -5.04
N ILE A 72 12.51 -3.13 -3.85
CA ILE A 72 12.25 -2.24 -2.71
C ILE A 72 13.00 -0.92 -2.93
N ILE A 73 12.25 0.17 -2.91
CA ILE A 73 12.77 1.52 -3.14
C ILE A 73 12.58 2.45 -1.94
N ASP A 74 13.45 3.44 -1.89
CA ASP A 74 13.39 4.64 -1.05
C ASP A 74 12.55 5.69 -1.79
N GLU A 75 12.04 6.66 -1.04
CA GLU A 75 11.04 7.63 -1.52
C GLU A 75 11.51 8.52 -2.67
N ASN A 76 12.82 8.57 -2.96
CA ASN A 76 13.40 9.33 -4.07
C ASN A 76 13.56 8.45 -5.34
N GLY A 77 13.12 7.18 -5.30
CA GLY A 77 13.26 6.19 -6.39
C GLY A 77 14.56 5.41 -6.37
N GLN A 78 15.41 5.62 -5.36
CA GLN A 78 16.64 4.84 -5.14
C GLN A 78 16.27 3.42 -4.71
N THR A 79 17.03 2.43 -5.16
CA THR A 79 16.75 1.02 -4.92
C THR A 79 17.67 0.44 -3.84
N LEU A 80 17.14 -0.48 -3.03
CA LEU A 80 17.82 -0.97 -1.82
C LEU A 80 18.58 -2.30 -2.02
N GLY A 81 18.49 -2.92 -3.21
CA GLY A 81 19.16 -4.18 -3.52
C GLY A 81 18.39 -5.41 -3.06
N VAL A 82 17.06 -5.31 -2.93
CA VAL A 82 16.16 -6.39 -2.51
C VAL A 82 14.87 -6.33 -3.32
N ASN A 83 14.23 -7.48 -3.49
CA ASN A 83 13.10 -7.76 -4.36
C ASN A 83 12.08 -8.67 -3.64
N ILE A 84 10.82 -8.61 -4.06
CA ILE A 84 9.67 -9.28 -3.43
C ILE A 84 8.77 -9.95 -4.48
N ASP A 85 8.40 -11.21 -4.30
CA ASP A 85 7.50 -11.91 -5.23
C ASP A 85 6.05 -11.43 -5.06
N PRO A 86 5.24 -11.21 -6.12
CA PRO A 86 3.86 -10.77 -5.93
C PRO A 86 2.97 -11.87 -5.34
N GLN A 87 3.34 -13.14 -5.53
CA GLN A 87 2.62 -14.31 -5.06
C GLN A 87 3.09 -14.73 -3.66
N THR A 88 4.41 -14.82 -3.44
CA THR A 88 5.00 -15.32 -2.19
C THR A 88 5.10 -14.25 -1.10
N PHE A 89 5.21 -12.97 -1.49
CA PHE A 89 5.47 -11.83 -0.59
C PHE A 89 6.75 -12.01 0.27
N LYS A 90 7.72 -12.83 -0.20
CA LYS A 90 9.00 -13.09 0.46
C LYS A 90 10.16 -12.30 -0.17
N LEU A 91 11.19 -12.03 0.60
CA LEU A 91 12.33 -11.15 0.25
C LEU A 91 13.51 -11.92 -0.36
N SER A 92 14.15 -11.33 -1.37
CA SER A 92 15.40 -11.83 -2.00
C SER A 92 16.65 -11.69 -1.12
N GLY A 93 16.52 -11.08 0.07
CA GLY A 93 17.58 -10.87 1.06
C GLY A 93 17.00 -10.46 2.42
N ALA A 94 17.82 -9.88 3.29
CA ALA A 94 17.40 -9.31 4.58
C ALA A 94 16.73 -7.92 4.42
N MET A 95 16.08 -7.43 5.49
CA MET A 95 15.37 -6.14 5.54
C MET A 95 16.27 -4.93 5.17
N PRO A 96 15.72 -3.92 4.46
CA PRO A 96 16.44 -2.72 4.03
C PRO A 96 16.62 -1.65 5.13
N ALA A 97 17.50 -0.69 4.88
CA ALA A 97 17.86 0.40 5.80
C ALA A 97 16.92 1.62 5.77
N THR A 98 16.62 2.14 4.56
CA THR A 98 15.92 3.43 4.33
C THR A 98 14.74 3.33 3.36
N ALA A 99 14.31 2.11 3.06
CA ALA A 99 13.14 1.85 2.19
C ALA A 99 11.87 2.61 2.61
N MET A 100 11.03 2.98 1.64
CA MET A 100 9.77 3.68 1.80
C MET A 100 8.70 2.75 2.36
N LYS A 101 8.36 2.93 3.63
CA LYS A 101 7.47 2.04 4.41
C LYS A 101 6.86 2.76 5.62
N LYS A 102 5.67 2.35 6.06
CA LYS A 102 4.94 2.95 7.21
C LYS A 102 3.85 2.00 7.73
N LEU A 103 3.24 2.34 8.86
CA LEU A 103 2.05 1.66 9.40
C LEU A 103 0.81 2.57 9.38
N THR A 104 -0.39 2.04 9.13
CA THR A 104 -1.62 2.84 9.24
C THR A 104 -1.99 3.11 10.69
N GLU A 105 -2.34 4.35 11.03
CA GLU A 105 -2.54 4.76 12.44
C GLU A 105 -3.98 4.69 12.94
N ALA A 106 -4.89 5.33 12.20
CA ALA A 106 -6.32 5.51 12.48
C ALA A 106 -7.03 6.21 11.30
N GLU A 107 -6.31 7.10 10.60
CA GLU A 107 -6.74 7.86 9.44
C GLU A 107 -5.92 7.50 8.17
N GLY A 108 -5.35 6.29 8.12
CA GLY A 108 -4.42 5.82 7.09
C GLY A 108 -2.94 5.99 7.45
N ALA A 109 -2.07 6.00 6.43
CA ALA A 109 -0.64 6.36 6.50
C ALA A 109 -0.21 7.26 5.33
N LYS A 110 0.50 8.36 5.60
CA LYS A 110 0.97 9.33 4.59
C LYS A 110 2.37 9.02 4.02
N PHE A 111 2.47 9.11 2.70
CA PHE A 111 3.67 8.93 1.88
C PHE A 111 3.82 10.17 0.97
N ASN A 112 4.91 10.93 1.08
CA ASN A 112 5.15 12.10 0.23
C ASN A 112 5.77 11.66 -1.10
N THR A 113 5.15 12.03 -2.22
CA THR A 113 5.46 11.55 -3.59
C THR A 113 6.12 12.62 -4.47
N ALA A 114 6.44 13.80 -3.91
CA ALA A 114 7.18 14.85 -4.61
C ALA A 114 8.55 14.37 -5.13
N ASN A 115 9.13 13.36 -4.48
CA ASN A 115 10.47 12.85 -4.75
C ASN A 115 10.49 11.73 -5.81
N LEU A 116 9.34 11.14 -6.18
CA LEU A 116 9.26 10.14 -7.22
C LEU A 116 9.16 10.72 -8.65
N PRO A 117 9.77 10.05 -9.65
CA PRO A 117 9.49 10.34 -11.04
C PRO A 117 8.17 9.68 -11.50
N ALA A 118 7.70 10.09 -12.66
CA ALA A 118 6.42 9.72 -13.26
C ALA A 118 6.48 8.31 -13.87
N ALA A 119 6.29 7.29 -13.02
CA ALA A 119 6.31 5.88 -13.41
C ALA A 119 5.18 5.08 -12.71
N LYS A 120 5.13 3.76 -12.93
CA LYS A 120 4.28 2.85 -12.13
C LYS A 120 5.08 2.25 -10.96
N TYR A 121 4.36 1.93 -9.89
CA TYR A 121 4.86 1.46 -8.61
C TYR A 121 3.91 0.38 -8.05
N LYS A 122 4.34 -0.32 -6.98
CA LYS A 122 3.52 -1.30 -6.26
C LYS A 122 3.72 -1.20 -4.75
N ILE A 123 2.66 -1.45 -3.98
CA ILE A 123 2.71 -1.58 -2.52
C ILE A 123 2.65 -3.06 -2.14
N TYR A 124 3.46 -3.44 -1.17
CA TYR A 124 3.55 -4.77 -0.59
C TYR A 124 3.29 -4.71 0.93
N GLU A 125 2.44 -5.60 1.45
CA GLU A 125 2.01 -5.63 2.86
C GLU A 125 2.82 -6.67 3.64
N ILE A 126 3.48 -6.28 4.74
CA ILE A 126 4.46 -7.11 5.45
C ILE A 126 4.17 -7.08 6.96
N HIS A 127 3.71 -8.19 7.55
CA HIS A 127 3.48 -8.29 9.02
C HIS A 127 4.78 -8.37 9.87
N SER A 128 5.93 -8.58 9.22
CA SER A 128 7.21 -8.90 9.86
C SER A 128 7.92 -7.72 10.56
N LEU A 129 7.46 -6.48 10.36
CA LEU A 129 8.08 -5.23 10.84
C LEU A 129 7.02 -4.39 11.58
N SER A 130 6.59 -4.89 12.75
CA SER A 130 5.42 -4.48 13.54
C SER A 130 4.08 -4.82 12.89
N THR A 131 3.13 -5.31 13.69
CA THR A 131 1.74 -5.53 13.26
C THR A 131 0.78 -5.57 14.43
N TYR A 132 -0.46 -5.10 14.19
CA TYR A 132 -1.61 -5.36 15.05
C TYR A 132 -1.93 -6.87 14.97
N VAL A 133 -2.69 -7.42 15.93
CA VAL A 133 -3.12 -8.82 15.90
C VAL A 133 -4.64 -8.94 15.83
N GLY A 134 -5.11 -9.62 14.79
CA GLY A 134 -6.51 -9.94 14.57
C GLY A 134 -6.85 -11.36 15.03
N GLU A 135 -6.11 -12.36 14.53
CA GLU A 135 -6.40 -13.79 14.77
C GLU A 135 -6.33 -14.25 16.24
N ASP A 136 -5.79 -13.42 17.14
CA ASP A 136 -5.72 -13.70 18.58
C ASP A 136 -7.10 -13.72 19.29
N GLY A 137 -8.10 -13.05 18.73
CA GLY A 137 -9.44 -12.87 19.33
C GLY A 137 -10.15 -11.55 18.97
N ALA A 138 -9.52 -10.72 18.15
CA ALA A 138 -10.10 -9.54 17.51
C ALA A 138 -11.11 -9.93 16.41
N THR A 139 -11.87 -8.97 15.87
CA THR A 139 -12.90 -9.20 14.83
C THR A 139 -12.33 -9.23 13.40
N LEU A 140 -11.11 -9.75 13.24
CA LEU A 140 -10.34 -9.78 11.98
C LEU A 140 -9.26 -10.89 11.99
N THR A 141 -8.52 -11.06 10.88
CA THR A 141 -7.37 -11.98 10.74
C THR A 141 -6.33 -11.41 9.78
N GLY A 142 -5.05 -11.77 9.91
CA GLY A 142 -3.95 -11.33 9.05
C GLY A 142 -3.89 -12.02 7.68
N SER A 143 -4.99 -11.95 6.94
CA SER A 143 -5.25 -12.62 5.65
C SER A 143 -4.35 -12.16 4.47
N LYS A 144 -4.33 -12.96 3.40
CA LYS A 144 -3.44 -12.82 2.23
C LYS A 144 -3.82 -11.60 1.39
N ALA A 145 -3.10 -10.50 1.60
CA ALA A 145 -3.18 -9.28 0.79
C ALA A 145 -2.48 -9.49 -0.56
N VAL A 146 -3.09 -8.98 -1.63
CA VAL A 146 -2.51 -9.01 -2.98
C VAL A 146 -1.88 -7.65 -3.33
N PRO A 147 -0.78 -7.61 -4.09
CA PRO A 147 0.00 -6.39 -4.29
C PRO A 147 -0.73 -5.36 -5.15
N ILE A 148 -0.73 -4.12 -4.68
CA ILE A 148 -1.51 -3.02 -5.24
C ILE A 148 -0.61 -2.23 -6.18
N GLU A 149 -0.94 -2.20 -7.48
CA GLU A 149 -0.24 -1.35 -8.44
C GLU A 149 -0.83 0.06 -8.47
N ILE A 150 0.04 1.06 -8.63
CA ILE A 150 -0.30 2.49 -8.55
C ILE A 150 0.58 3.30 -9.53
N GLU A 151 0.04 4.41 -10.03
CA GLU A 151 0.75 5.40 -10.85
C GLU A 151 0.68 6.78 -10.18
N LEU A 152 1.60 7.69 -10.49
CA LEU A 152 1.59 9.05 -9.91
C LEU A 152 0.31 9.81 -10.27
N PRO A 153 -0.23 10.64 -9.34
CA PRO A 153 -1.55 11.24 -9.46
C PRO A 153 -1.63 12.22 -10.63
N LEU A 154 -2.40 11.83 -11.64
CA LEU A 154 -2.64 12.57 -12.87
C LEU A 154 -4.09 12.36 -13.32
N ASN A 155 -5.05 12.68 -12.43
CA ASN A 155 -6.47 12.36 -12.55
C ASN A 155 -7.38 13.47 -11.95
N ASP A 156 -6.85 14.69 -11.88
CA ASP A 156 -7.49 15.91 -11.34
C ASP A 156 -8.04 15.75 -9.90
N VAL A 157 -7.37 14.93 -9.09
CA VAL A 157 -7.66 14.75 -7.66
C VAL A 157 -6.82 15.72 -6.82
N VAL A 158 -7.36 16.18 -5.70
CA VAL A 158 -6.66 17.10 -4.79
C VAL A 158 -5.76 16.32 -3.84
N ASP A 159 -6.24 15.17 -3.36
CA ASP A 159 -5.50 14.21 -2.54
C ASP A 159 -5.59 12.80 -3.15
N ALA A 160 -4.48 12.06 -3.18
CA ALA A 160 -4.42 10.69 -3.69
C ALA A 160 -4.55 9.65 -2.55
N HIS A 161 -5.21 8.53 -2.81
CA HIS A 161 -5.38 7.45 -1.83
C HIS A 161 -5.20 6.01 -2.40
N VAL A 162 -5.17 5.04 -1.49
CA VAL A 162 -5.07 3.59 -1.73
C VAL A 162 -5.98 2.82 -0.77
N TYR A 163 -6.61 1.74 -1.25
CA TYR A 163 -7.46 0.86 -0.42
C TYR A 163 -7.14 -0.64 -0.57
N PRO A 164 -6.02 -1.11 0.04
CA PRO A 164 -5.64 -2.52 0.08
C PRO A 164 -6.63 -3.39 0.87
N LYS A 165 -6.74 -4.65 0.44
CA LYS A 165 -7.76 -5.63 0.84
C LYS A 165 -7.11 -7.00 1.10
N ASN A 166 -7.87 -8.09 0.98
CA ASN A 166 -7.37 -9.47 0.92
C ASN A 166 -8.10 -10.22 -0.20
N THR A 167 -7.59 -11.37 -0.64
CA THR A 167 -8.32 -12.28 -1.55
C THR A 167 -8.47 -13.70 -1.00
N GLU A 168 -7.54 -14.12 -0.14
CA GLU A 168 -7.41 -15.46 0.43
C GLU A 168 -7.16 -15.33 1.94
N ALA A 169 -7.73 -16.24 2.72
CA ALA A 169 -7.78 -16.13 4.19
C ALA A 169 -6.80 -17.07 4.93
N LYS A 170 -5.87 -17.73 4.22
CA LYS A 170 -4.91 -18.67 4.82
C LYS A 170 -4.07 -18.01 5.94
N PRO A 171 -3.77 -18.73 7.03
CA PRO A 171 -3.03 -18.20 8.17
C PRO A 171 -1.55 -17.99 7.84
N LYS A 172 -0.91 -17.05 8.55
CA LYS A 172 0.54 -16.78 8.44
C LYS A 172 1.39 -17.52 9.49
N ILE A 173 0.80 -17.91 10.62
CA ILE A 173 1.48 -18.69 11.69
C ILE A 173 1.07 -20.17 11.76
N LEU A 174 -0.13 -20.50 11.25
CA LEU A 174 -0.71 -21.86 11.15
C LEU A 174 -0.72 -22.66 12.47
N GLU A 175 -0.97 -21.94 13.55
CA GLU A 175 -1.08 -22.45 14.93
C GLU A 175 -1.94 -21.49 15.77
N MET A 1 29.82 3.49 -8.04
CA MET A 1 29.10 2.39 -7.37
C MET A 1 28.14 2.86 -6.28
N GLU A 2 28.52 3.82 -5.44
CA GLU A 2 27.78 4.28 -4.25
C GLU A 2 27.36 5.76 -4.36
N THR A 3 26.31 6.16 -3.64
CA THR A 3 25.73 7.52 -3.67
C THR A 3 26.60 8.55 -2.95
N ALA A 4 26.61 9.78 -3.46
CA ALA A 4 27.25 10.96 -2.87
C ALA A 4 26.51 12.29 -3.16
N SER A 5 25.45 12.31 -3.99
CA SER A 5 24.75 13.53 -4.44
C SER A 5 23.23 13.43 -4.30
N ALA A 6 22.51 14.43 -4.80
CA ALA A 6 21.04 14.44 -4.89
C ALA A 6 20.50 13.73 -6.16
N ALA A 7 21.38 13.29 -7.07
CA ALA A 7 21.04 12.59 -8.31
C ALA A 7 19.94 13.28 -9.14
N THR A 8 18.98 12.51 -9.67
CA THR A 8 17.93 12.98 -10.58
C THR A 8 16.88 13.87 -9.92
N VAL A 9 16.27 14.75 -10.73
CA VAL A 9 15.33 15.80 -10.32
C VAL A 9 14.06 15.25 -9.65
N PHE A 10 13.68 15.86 -8.53
CA PHE A 10 12.46 15.58 -7.79
C PHE A 10 11.20 16.16 -8.49
N ALA A 11 10.03 15.90 -7.92
CA ALA A 11 8.70 16.26 -8.42
C ALA A 11 8.30 15.59 -9.76
N ALA A 12 7.00 15.52 -9.99
CA ALA A 12 6.36 14.85 -11.13
C ALA A 12 5.17 15.65 -11.73
N GLY A 13 5.11 16.94 -11.44
CA GLY A 13 4.08 17.90 -11.89
C GLY A 13 2.65 17.65 -11.41
N THR A 14 2.50 16.84 -10.37
CA THR A 14 1.24 16.28 -9.86
C THR A 14 0.32 17.27 -9.13
N THR A 15 -0.91 16.84 -8.80
CA THR A 15 -1.91 17.72 -8.16
C THR A 15 -1.81 17.80 -6.63
N THR A 16 -1.21 16.77 -6.02
CA THR A 16 -0.84 16.65 -4.60
C THR A 16 0.61 16.14 -4.50
N THR A 17 1.28 16.37 -3.38
CA THR A 17 2.67 15.94 -3.11
C THR A 17 2.78 14.83 -2.06
N SER A 18 1.64 14.27 -1.62
CA SER A 18 1.58 13.05 -0.81
C SER A 18 0.45 12.12 -1.31
N VAL A 19 0.51 10.86 -0.87
CA VAL A 19 -0.51 9.82 -1.09
C VAL A 19 -0.85 9.15 0.25
N THR A 20 -2.13 8.84 0.48
CA THR A 20 -2.59 8.26 1.75
C THR A 20 -3.16 6.85 1.54
N VAL A 21 -2.59 5.85 2.21
CA VAL A 21 -2.99 4.43 2.11
C VAL A 21 -3.89 4.02 3.28
N HIS A 22 -4.94 3.25 2.97
CA HIS A 22 -6.00 2.84 3.91
C HIS A 22 -6.33 1.34 3.75
N LYS A 23 -6.02 0.49 4.76
CA LYS A 23 -6.13 -0.98 4.60
C LYS A 23 -7.52 -1.50 4.96
N LEU A 24 -8.12 -2.27 4.05
CA LEU A 24 -9.50 -2.72 4.10
C LEU A 24 -9.62 -4.26 4.20
N LEU A 25 -10.70 -4.74 4.83
CA LEU A 25 -11.15 -6.14 4.86
C LEU A 25 -12.70 -6.19 4.77
N ALA A 26 -13.28 -7.39 4.77
CA ALA A 26 -14.71 -7.65 4.76
C ALA A 26 -15.21 -8.32 6.06
N THR A 27 -16.51 -8.25 6.36
CA THR A 27 -17.10 -8.83 7.59
C THR A 27 -17.55 -10.29 7.46
N ASP A 28 -17.79 -10.79 6.25
CA ASP A 28 -18.00 -12.22 5.94
C ASP A 28 -17.10 -12.67 4.76
N GLY A 29 -15.94 -12.02 4.60
CA GLY A 29 -15.01 -12.31 3.50
C GLY A 29 -15.46 -11.79 2.12
N ASP A 30 -16.44 -10.87 2.08
CA ASP A 30 -17.09 -10.24 0.91
C ASP A 30 -16.18 -9.41 -0.04
N MET A 31 -14.90 -9.73 -0.15
CA MET A 31 -13.90 -8.93 -0.89
C MET A 31 -14.13 -8.92 -2.40
N ASP A 32 -14.90 -9.85 -2.96
CA ASP A 32 -15.18 -9.93 -4.41
C ASP A 32 -16.32 -8.98 -4.83
N LYS A 33 -17.45 -8.93 -4.09
CA LYS A 33 -18.48 -7.93 -4.35
C LYS A 33 -17.98 -6.51 -4.05
N ILE A 34 -17.27 -6.29 -2.93
CA ILE A 34 -16.54 -5.06 -2.63
C ILE A 34 -15.65 -4.64 -3.82
N ALA A 35 -14.83 -5.55 -4.39
CA ALA A 35 -13.99 -5.21 -5.55
C ALA A 35 -14.81 -4.80 -6.79
N ASN A 36 -16.03 -5.32 -6.98
CA ASN A 36 -16.93 -4.87 -8.04
C ASN A 36 -17.58 -3.50 -7.74
N GLU A 37 -17.83 -3.18 -6.47
CA GLU A 37 -18.23 -1.82 -6.05
C GLU A 37 -17.12 -0.78 -6.28
N LEU A 38 -15.86 -1.21 -6.46
CA LEU A 38 -14.74 -0.33 -6.76
C LEU A 38 -14.40 -0.21 -8.26
N GLU A 39 -14.53 -1.27 -9.05
CA GLU A 39 -14.19 -1.22 -10.50
C GLU A 39 -15.09 -0.28 -11.32
N THR A 40 -16.28 0.07 -10.81
CA THR A 40 -17.16 1.11 -11.37
C THR A 40 -16.65 2.56 -11.16
N GLY A 41 -15.75 2.80 -10.19
CA GLY A 41 -15.21 4.11 -9.81
C GLY A 41 -13.85 4.46 -10.44
N ASN A 42 -13.33 5.65 -10.14
CA ASN A 42 -11.98 6.10 -10.54
C ASN A 42 -10.99 6.02 -9.36
N TYR A 43 -11.11 5.00 -8.51
CA TYR A 43 -10.39 4.92 -7.22
C TYR A 43 -8.89 4.61 -7.32
N ALA A 44 -8.35 4.51 -8.54
CA ALA A 44 -6.90 4.46 -8.78
C ALA A 44 -6.21 5.82 -8.48
N GLY A 45 -6.97 6.93 -8.46
CA GLY A 45 -6.53 8.25 -7.99
C GLY A 45 -7.32 8.71 -6.77
N ASN A 46 -8.62 8.95 -6.95
CA ASN A 46 -9.48 9.56 -5.91
C ASN A 46 -9.91 8.59 -4.78
N LYS A 47 -10.23 9.11 -3.59
CA LYS A 47 -10.70 8.31 -2.44
C LYS A 47 -11.94 7.48 -2.78
N VAL A 48 -12.15 6.36 -2.07
CA VAL A 48 -13.40 5.59 -2.19
C VAL A 48 -14.58 6.42 -1.68
N GLY A 49 -15.66 6.52 -2.46
CA GLY A 49 -16.82 7.35 -2.11
C GLY A 49 -17.59 6.81 -0.90
N VAL A 50 -18.01 5.55 -0.95
CA VAL A 50 -18.75 4.89 0.14
C VAL A 50 -18.29 3.44 0.27
N LEU A 51 -17.80 3.07 1.45
CA LEU A 51 -17.56 1.68 1.81
C LEU A 51 -18.89 0.99 2.19
N PRO A 52 -19.14 -0.25 1.72
CA PRO A 52 -20.41 -0.94 1.95
C PRO A 52 -20.59 -1.37 3.41
N ALA A 53 -21.82 -1.75 3.77
CA ALA A 53 -22.12 -2.34 5.08
C ALA A 53 -21.20 -3.53 5.43
N ASN A 54 -20.93 -4.39 4.44
CA ASN A 54 -20.06 -5.58 4.52
C ASN A 54 -18.54 -5.30 4.50
N ALA A 55 -18.11 -4.05 4.35
CA ALA A 55 -16.70 -3.66 4.46
C ALA A 55 -16.30 -3.19 5.88
N LYS A 56 -15.01 -3.35 6.23
CA LYS A 56 -14.38 -2.82 7.45
C LYS A 56 -12.93 -2.38 7.19
N GLU A 57 -12.36 -1.66 8.14
CA GLU A 57 -11.01 -1.10 8.09
C GLU A 57 -10.17 -1.60 9.26
N ILE A 58 -8.85 -1.70 9.11
CA ILE A 58 -7.91 -2.00 10.20
C ILE A 58 -6.63 -1.16 10.11
N ALA A 59 -6.16 -0.65 11.25
CA ALA A 59 -4.90 0.06 11.41
C ALA A 59 -3.90 -0.72 12.27
N GLY A 60 -2.62 -0.37 12.16
CA GLY A 60 -1.48 -1.09 12.74
C GLY A 60 -1.01 -2.27 11.86
N VAL A 61 -1.20 -2.15 10.55
CA VAL A 61 -0.66 -3.03 9.50
C VAL A 61 0.45 -2.28 8.74
N MET A 62 1.52 -2.99 8.37
CA MET A 62 2.73 -2.45 7.75
C MET A 62 2.81 -2.75 6.25
N PHE A 63 3.22 -1.76 5.46
CA PHE A 63 3.40 -1.87 4.01
C PHE A 63 4.61 -1.06 3.52
N VAL A 64 5.20 -1.50 2.41
CA VAL A 64 6.42 -0.99 1.78
C VAL A 64 6.12 -0.58 0.33
N TRP A 65 6.76 0.48 -0.19
CA TRP A 65 6.73 0.84 -1.60
C TRP A 65 7.82 0.11 -2.42
N THR A 66 7.48 -0.17 -3.67
CA THR A 66 8.32 -0.85 -4.68
C THR A 66 8.13 -0.24 -6.07
N ASN A 67 8.96 -0.65 -7.04
CA ASN A 67 8.80 -0.32 -8.46
C ASN A 67 8.06 -1.40 -9.27
N THR A 68 7.91 -1.17 -10.58
CA THR A 68 7.23 -2.11 -11.50
C THR A 68 7.89 -3.49 -11.56
N ASN A 69 9.21 -3.57 -11.31
CA ASN A 69 9.97 -4.82 -11.20
C ASN A 69 9.92 -5.43 -9.78
N ASN A 70 8.97 -4.99 -8.94
CA ASN A 70 8.73 -5.42 -7.56
C ASN A 70 9.95 -5.20 -6.65
N GLU A 71 10.81 -4.25 -7.00
CA GLU A 71 12.03 -3.91 -6.27
C GLU A 71 11.73 -2.85 -5.21
N ILE A 72 12.28 -3.03 -4.02
CA ILE A 72 12.06 -2.12 -2.90
C ILE A 72 12.79 -0.80 -3.16
N ILE A 73 12.06 0.31 -3.13
CA ILE A 73 12.58 1.68 -3.26
C ILE A 73 12.44 2.56 -1.99
N ASP A 74 13.35 3.52 -1.86
CA ASP A 74 13.30 4.66 -0.92
C ASP A 74 12.42 5.77 -1.53
N GLU A 75 11.92 6.70 -0.72
CA GLU A 75 11.00 7.76 -1.15
C GLU A 75 11.58 8.72 -2.21
N ASN A 76 12.90 8.72 -2.41
CA ASN A 76 13.59 9.49 -3.45
C ASN A 76 13.72 8.69 -4.78
N GLY A 77 13.15 7.47 -4.86
CA GLY A 77 13.18 6.57 -6.02
C GLY A 77 14.42 5.68 -6.14
N GLN A 78 15.37 5.80 -5.20
CA GLN A 78 16.55 4.95 -5.10
C GLN A 78 16.15 3.52 -4.73
N THR A 79 16.73 2.51 -5.36
CA THR A 79 16.37 1.11 -5.18
C THR A 79 17.34 0.42 -4.20
N LEU A 80 16.83 -0.52 -3.41
CA LEU A 80 17.54 -1.10 -2.25
C LEU A 80 18.28 -2.41 -2.56
N GLY A 81 18.12 -2.99 -3.76
CA GLY A 81 18.74 -4.26 -4.14
C GLY A 81 18.01 -5.50 -3.57
N VAL A 82 16.69 -5.41 -3.37
CA VAL A 82 15.82 -6.51 -2.92
C VAL A 82 14.50 -6.45 -3.69
N ASN A 83 13.91 -7.60 -3.99
CA ASN A 83 12.67 -7.84 -4.72
C ASN A 83 11.70 -8.70 -3.89
N ILE A 84 10.42 -8.70 -4.27
CA ILE A 84 9.33 -9.37 -3.53
C ILE A 84 8.41 -10.15 -4.49
N ASP A 85 8.01 -11.39 -4.15
CA ASP A 85 7.02 -12.17 -4.92
C ASP A 85 5.61 -11.59 -4.76
N PRO A 86 4.71 -11.57 -5.76
CA PRO A 86 3.34 -11.10 -5.55
C PRO A 86 2.45 -12.13 -4.87
N GLN A 87 2.82 -13.42 -4.93
CA GLN A 87 2.06 -14.51 -4.32
C GLN A 87 2.49 -14.78 -2.87
N THR A 88 3.81 -14.85 -2.65
CA THR A 88 4.42 -15.25 -1.36
C THR A 88 4.74 -14.07 -0.45
N PHE A 89 5.00 -12.90 -1.03
CA PHE A 89 5.57 -11.72 -0.35
C PHE A 89 6.94 -12.00 0.32
N LYS A 90 7.67 -13.07 -0.05
CA LYS A 90 9.05 -13.31 0.43
C LYS A 90 10.01 -12.31 -0.19
N LEU A 91 11.04 -11.93 0.57
CA LEU A 91 12.11 -11.04 0.12
C LEU A 91 13.24 -11.82 -0.58
N SER A 92 13.77 -11.29 -1.67
CA SER A 92 14.91 -11.86 -2.42
C SER A 92 16.26 -11.75 -1.69
N GLY A 93 16.26 -11.17 -0.49
CA GLY A 93 17.42 -10.91 0.37
C GLY A 93 16.98 -10.39 1.75
N ALA A 94 17.87 -9.68 2.44
CA ALA A 94 17.63 -9.17 3.79
C ALA A 94 16.66 -7.97 3.84
N MET A 95 16.28 -7.57 5.06
CA MET A 95 15.45 -6.39 5.32
C MET A 95 16.24 -5.11 4.93
N PRO A 96 15.64 -4.11 4.25
CA PRO A 96 16.37 -2.94 3.77
C PRO A 96 16.65 -1.90 4.86
N ALA A 97 17.55 -0.97 4.55
CA ALA A 97 17.82 0.23 5.35
C ALA A 97 16.85 1.37 5.02
N THR A 98 17.04 2.07 3.90
CA THR A 98 16.36 3.35 3.58
C THR A 98 14.95 3.25 2.96
N ALA A 99 14.40 2.04 2.86
CA ALA A 99 13.13 1.75 2.15
C ALA A 99 11.90 2.56 2.64
N MET A 100 11.04 2.94 1.70
CA MET A 100 9.79 3.66 1.90
C MET A 100 8.71 2.74 2.48
N LYS A 101 8.44 2.83 3.78
CA LYS A 101 7.51 1.95 4.52
C LYS A 101 6.92 2.63 5.76
N LYS A 102 5.69 2.31 6.13
CA LYS A 102 4.99 2.87 7.32
C LYS A 102 3.80 1.97 7.71
N LEU A 103 3.37 2.04 8.95
CA LEU A 103 2.11 1.44 9.43
C LEU A 103 0.93 2.42 9.36
N THR A 104 -0.28 1.93 9.05
CA THR A 104 -1.51 2.75 9.19
C THR A 104 -1.74 3.06 10.67
N GLU A 105 -2.00 4.33 11.00
CA GLU A 105 -2.11 4.78 12.41
C GLU A 105 -3.50 4.59 13.01
N ALA A 106 -4.50 5.17 12.35
CA ALA A 106 -5.92 4.95 12.61
C ALA A 106 -6.75 5.37 11.39
N GLU A 107 -6.43 6.54 10.82
CA GLU A 107 -7.13 7.12 9.67
C GLU A 107 -6.54 6.68 8.32
N GLY A 108 -5.31 6.19 8.32
CA GLY A 108 -4.51 5.82 7.16
C GLY A 108 -3.00 5.93 7.48
N ALA A 109 -2.17 6.02 6.45
CA ALA A 109 -0.74 6.38 6.49
C ALA A 109 -0.37 7.26 5.28
N LYS A 110 0.34 8.38 5.48
CA LYS A 110 0.82 9.25 4.38
C LYS A 110 2.25 8.91 3.93
N PHE A 111 2.47 9.03 2.63
CA PHE A 111 3.72 8.81 1.92
C PHE A 111 3.99 10.05 1.05
N ASN A 112 5.14 10.72 1.24
CA ASN A 112 5.42 11.98 0.57
C ASN A 112 5.98 11.71 -0.85
N THR A 113 5.17 11.94 -1.88
CA THR A 113 5.52 11.67 -3.28
C THR A 113 6.32 12.79 -3.95
N ALA A 114 6.53 13.94 -3.27
CA ALA A 114 7.27 15.09 -3.80
C ALA A 114 8.69 14.79 -4.30
N ASN A 115 9.28 13.67 -3.86
CA ASN A 115 10.64 13.24 -4.22
C ASN A 115 10.68 12.23 -5.38
N LEU A 116 9.56 11.60 -5.76
CA LEU A 116 9.50 10.69 -6.91
C LEU A 116 9.38 11.42 -8.26
N PRO A 117 9.88 10.81 -9.35
CA PRO A 117 9.60 11.22 -10.72
C PRO A 117 8.30 10.60 -11.22
N ALA A 118 7.84 11.06 -12.39
CA ALA A 118 6.66 10.57 -13.06
C ALA A 118 6.95 9.17 -13.63
N ALA A 119 6.53 8.14 -12.90
CA ALA A 119 6.65 6.74 -13.29
C ALA A 119 5.56 5.86 -12.64
N LYS A 120 5.52 4.57 -12.96
CA LYS A 120 4.71 3.56 -12.25
C LYS A 120 5.46 2.90 -11.08
N TYR A 121 4.69 2.47 -10.08
CA TYR A 121 5.15 1.92 -8.80
C TYR A 121 4.20 0.80 -8.31
N LYS A 122 4.55 0.13 -7.20
CA LYS A 122 3.69 -0.86 -6.51
C LYS A 122 3.84 -0.80 -4.97
N ILE A 123 2.86 -1.33 -4.22
CA ILE A 123 2.91 -1.48 -2.75
C ILE A 123 2.74 -2.95 -2.34
N TYR A 124 3.41 -3.36 -1.26
CA TYR A 124 3.39 -4.70 -0.68
C TYR A 124 3.16 -4.64 0.84
N GLU A 125 2.36 -5.56 1.41
CA GLU A 125 2.03 -5.59 2.86
C GLU A 125 2.93 -6.59 3.60
N ILE A 126 3.87 -6.10 4.42
CA ILE A 126 4.89 -6.92 5.08
C ILE A 126 4.72 -6.83 6.61
N HIS A 127 4.35 -7.92 7.28
CA HIS A 127 4.05 -7.91 8.73
C HIS A 127 5.26 -8.21 9.63
N SER A 128 6.41 -8.57 9.04
CA SER A 128 7.63 -8.98 9.75
C SER A 128 8.39 -7.85 10.47
N LEU A 129 7.89 -6.61 10.41
CA LEU A 129 8.40 -5.45 11.16
C LEU A 129 7.62 -5.24 12.46
N SER A 130 6.29 -5.07 12.36
CA SER A 130 5.35 -4.89 13.49
C SER A 130 3.94 -5.30 13.06
N THR A 131 3.02 -5.56 14.00
CA THR A 131 1.60 -5.82 13.73
C THR A 131 0.72 -5.47 14.94
N TYR A 132 -0.48 -4.96 14.67
CA TYR A 132 -1.55 -4.78 15.68
C TYR A 132 -1.97 -6.13 16.30
N VAL A 133 -2.59 -6.08 17.48
CA VAL A 133 -3.12 -7.24 18.20
C VAL A 133 -4.44 -7.70 17.57
N GLY A 134 -4.38 -8.75 16.74
CA GLY A 134 -5.57 -9.41 16.18
C GLY A 134 -5.80 -10.80 16.75
N GLU A 135 -4.72 -11.49 17.15
CA GLU A 135 -4.71 -12.89 17.60
C GLU A 135 -5.24 -13.15 19.03
N ASP A 136 -5.70 -12.11 19.72
CA ASP A 136 -6.06 -12.08 21.15
C ASP A 136 -7.55 -11.79 21.39
N GLY A 137 -8.45 -12.25 20.51
CA GLY A 137 -9.92 -12.13 20.65
C GLY A 137 -10.58 -11.03 19.81
N ALA A 138 -9.81 -10.27 19.02
CA ALA A 138 -10.32 -9.34 18.01
C ALA A 138 -10.88 -10.10 16.78
N THR A 139 -11.78 -9.48 16.01
CA THR A 139 -12.46 -10.13 14.86
C THR A 139 -11.62 -10.01 13.57
N LEU A 140 -10.35 -10.46 13.60
CA LEU A 140 -9.45 -10.40 12.44
C LEU A 140 -9.32 -11.74 11.69
N THR A 141 -9.15 -11.63 10.37
CA THR A 141 -9.14 -12.75 9.41
C THR A 141 -7.72 -13.14 9.00
N GLY A 142 -7.43 -14.44 9.01
CA GLY A 142 -6.16 -15.05 8.57
C GLY A 142 -5.96 -15.10 7.06
N SER A 143 -6.44 -14.07 6.35
CA SER A 143 -6.42 -13.96 4.89
C SER A 143 -5.08 -13.39 4.37
N LYS A 144 -4.93 -13.39 3.05
CA LYS A 144 -3.71 -13.04 2.30
C LYS A 144 -3.93 -11.75 1.52
N ALA A 145 -3.15 -10.71 1.81
CA ALA A 145 -3.13 -9.48 1.02
C ALA A 145 -2.46 -9.70 -0.35
N VAL A 146 -2.91 -8.98 -1.36
CA VAL A 146 -2.32 -9.01 -2.71
C VAL A 146 -1.82 -7.61 -3.09
N PRO A 147 -0.71 -7.51 -3.85
CA PRO A 147 0.00 -6.25 -4.04
C PRO A 147 -0.73 -5.29 -4.97
N ILE A 148 -0.49 -4.00 -4.78
CA ILE A 148 -1.22 -2.90 -5.44
C ILE A 148 -0.31 -2.26 -6.48
N GLU A 149 -0.79 -2.03 -7.70
CA GLU A 149 -0.09 -1.22 -8.71
C GLU A 149 -0.63 0.23 -8.75
N ILE A 150 0.25 1.22 -8.91
CA ILE A 150 -0.08 2.65 -8.79
C ILE A 150 0.76 3.53 -9.72
N GLU A 151 0.19 4.65 -10.16
CA GLU A 151 0.86 5.74 -10.88
C GLU A 151 0.57 7.08 -10.16
N LEU A 152 1.40 8.10 -10.37
CA LEU A 152 1.33 9.37 -9.62
C LEU A 152 0.12 10.25 -10.02
N PRO A 153 -0.31 11.22 -9.18
CA PRO A 153 -1.57 11.95 -9.34
C PRO A 153 -1.48 13.07 -10.38
N LEU A 154 -1.58 12.67 -11.64
CA LEU A 154 -1.75 13.53 -12.82
C LEU A 154 -3.20 13.38 -13.34
N ASN A 155 -4.14 13.46 -12.38
CA ASN A 155 -5.59 13.22 -12.51
C ASN A 155 -6.37 14.47 -12.06
N ASP A 156 -7.70 14.50 -12.17
CA ASP A 156 -8.56 15.64 -11.75
C ASP A 156 -8.75 15.76 -10.22
N VAL A 157 -7.94 15.04 -9.43
CA VAL A 157 -8.11 14.83 -7.98
C VAL A 157 -7.40 15.89 -7.12
N VAL A 158 -7.92 16.13 -5.91
CA VAL A 158 -7.35 17.06 -4.93
C VAL A 158 -6.33 16.38 -4.00
N ASP A 159 -6.53 15.09 -3.74
CA ASP A 159 -5.55 14.26 -3.06
C ASP A 159 -5.61 12.80 -3.56
N ALA A 160 -4.51 12.06 -3.41
CA ALA A 160 -4.37 10.68 -3.89
C ALA A 160 -4.51 9.66 -2.76
N HIS A 161 -5.15 8.53 -3.03
CA HIS A 161 -5.36 7.48 -2.02
C HIS A 161 -5.11 6.05 -2.52
N VAL A 162 -5.03 5.10 -1.58
CA VAL A 162 -4.81 3.65 -1.84
C VAL A 162 -5.69 2.77 -0.97
N TYR A 163 -6.17 1.66 -1.54
CA TYR A 163 -7.02 0.67 -0.87
C TYR A 163 -6.49 -0.75 -1.09
N PRO A 164 -5.52 -1.21 -0.27
CA PRO A 164 -5.13 -2.60 -0.20
C PRO A 164 -6.21 -3.43 0.51
N LYS A 165 -6.55 -4.56 -0.10
CA LYS A 165 -7.47 -5.58 0.41
C LYS A 165 -6.90 -6.99 0.19
N ASN A 166 -7.53 -7.99 0.83
CA ASN A 166 -7.19 -9.41 0.70
C ASN A 166 -8.10 -10.09 -0.34
N THR A 167 -7.91 -11.39 -0.60
CA THR A 167 -8.79 -12.16 -1.52
C THR A 167 -8.88 -13.67 -1.24
N GLU A 168 -7.85 -14.23 -0.61
CA GLU A 168 -7.69 -15.67 -0.34
C GLU A 168 -7.20 -15.95 1.09
N ALA A 169 -7.19 -17.21 1.52
CA ALA A 169 -6.63 -17.63 2.81
C ALA A 169 -5.11 -17.85 2.74
N LYS A 170 -4.43 -17.71 3.90
CA LYS A 170 -3.01 -18.11 4.05
C LYS A 170 -2.83 -19.64 3.91
N PRO A 171 -1.66 -20.14 3.47
CA PRO A 171 -1.44 -21.57 3.27
C PRO A 171 -1.41 -22.38 4.58
N LYS A 172 -1.66 -23.69 4.46
CA LYS A 172 -1.82 -24.60 5.61
C LYS A 172 -0.55 -25.32 6.06
N ILE A 173 0.38 -25.57 5.13
CA ILE A 173 1.64 -26.31 5.36
C ILE A 173 2.89 -25.41 5.34
N LEU A 174 2.68 -24.09 5.22
CA LEU A 174 3.73 -23.06 5.18
C LEU A 174 3.45 -22.01 6.26
N GLU A 175 4.50 -21.29 6.66
CA GLU A 175 4.43 -20.12 7.56
C GLU A 175 5.42 -19.05 7.11
N MET A 1 24.41 14.71 1.64
CA MET A 1 23.09 15.34 1.44
C MET A 1 23.20 16.87 1.49
N GLU A 2 23.62 17.50 0.40
CA GLU A 2 23.66 18.96 0.22
C GLU A 2 23.41 19.38 -1.25
N THR A 3 22.99 20.63 -1.47
CA THR A 3 22.63 21.16 -2.81
C THR A 3 23.77 21.80 -3.58
N ALA A 4 24.97 21.92 -2.99
CA ALA A 4 26.10 22.68 -3.55
C ALA A 4 26.55 22.24 -4.96
N SER A 5 26.35 20.97 -5.34
CA SER A 5 26.64 20.41 -6.67
C SER A 5 25.39 19.72 -7.27
N ALA A 6 24.18 20.22 -6.98
CA ALA A 6 22.90 19.57 -7.29
C ALA A 6 22.69 19.21 -8.78
N ALA A 7 21.92 18.14 -8.99
CA ALA A 7 21.55 17.56 -10.28
C ALA A 7 20.14 16.94 -10.21
N THR A 8 19.55 16.63 -11.36
CA THR A 8 18.29 15.85 -11.51
C THR A 8 17.16 16.24 -10.53
N VAL A 9 16.97 17.54 -10.30
CA VAL A 9 16.11 18.05 -9.23
C VAL A 9 14.65 17.66 -9.39
N PHE A 10 13.91 17.64 -8.29
CA PHE A 10 12.49 17.28 -8.27
C PHE A 10 11.61 18.37 -8.95
N ALA A 11 10.42 17.96 -9.40
CA ALA A 11 9.56 18.77 -10.27
C ALA A 11 8.06 18.57 -9.99
N ALA A 12 7.23 19.52 -10.45
CA ALA A 12 5.78 19.56 -10.25
C ALA A 12 4.96 18.65 -11.20
N GLY A 13 5.52 17.52 -11.63
CA GLY A 13 5.02 16.65 -12.71
C GLY A 13 3.73 15.85 -12.43
N THR A 14 2.98 16.19 -11.38
CA THR A 14 1.75 15.53 -10.89
C THR A 14 0.68 16.56 -10.49
N THR A 15 -0.44 16.12 -9.89
CA THR A 15 -1.45 17.02 -9.27
C THR A 15 -1.33 17.09 -7.73
N THR A 16 -0.63 16.15 -7.09
CA THR A 16 -0.59 15.99 -5.62
C THR A 16 0.82 15.58 -5.13
N THR A 17 1.29 16.17 -4.02
CA THR A 17 2.63 15.91 -3.44
C THR A 17 2.73 14.69 -2.51
N SER A 18 1.63 14.16 -1.98
CA SER A 18 1.60 12.92 -1.18
C SER A 18 0.33 12.09 -1.37
N VAL A 19 0.46 10.79 -1.10
CA VAL A 19 -0.59 9.77 -1.12
C VAL A 19 -0.85 9.25 0.30
N THR A 20 -2.10 9.00 0.66
CA THR A 20 -2.47 8.36 1.94
C THR A 20 -2.94 6.93 1.68
N VAL A 21 -2.21 5.95 2.21
CA VAL A 21 -2.57 4.54 2.15
C VAL A 21 -3.36 4.17 3.39
N HIS A 22 -4.55 3.62 3.17
CA HIS A 22 -5.48 3.13 4.18
C HIS A 22 -5.41 1.58 4.24
N LYS A 23 -6.14 0.91 5.15
CA LYS A 23 -6.29 -0.56 5.07
C LYS A 23 -7.70 -1.03 5.48
N LEU A 24 -8.38 -1.70 4.55
CA LEU A 24 -9.78 -2.12 4.68
C LEU A 24 -9.91 -3.63 4.91
N LEU A 25 -11.05 -4.06 5.45
CA LEU A 25 -11.45 -5.46 5.56
C LEU A 25 -12.99 -5.57 5.41
N ALA A 26 -13.48 -6.79 5.24
CA ALA A 26 -14.92 -7.11 5.27
C ALA A 26 -15.40 -7.41 6.70
N THR A 27 -16.70 -7.26 6.99
CA THR A 27 -17.27 -7.61 8.32
C THR A 27 -17.58 -9.11 8.47
N ASP A 28 -17.95 -9.80 7.39
CA ASP A 28 -18.38 -11.20 7.38
C ASP A 28 -17.78 -11.98 6.17
N GLY A 29 -16.54 -11.63 5.77
CA GLY A 29 -15.81 -12.26 4.66
C GLY A 29 -16.13 -11.76 3.24
N ASP A 30 -16.87 -10.65 3.13
CA ASP A 30 -17.39 -9.98 1.91
C ASP A 30 -16.35 -9.30 1.00
N MET A 31 -15.12 -9.79 0.93
CA MET A 31 -14.05 -9.13 0.16
C MET A 31 -14.35 -9.04 -1.34
N ASP A 32 -15.06 -10.01 -1.93
CA ASP A 32 -15.40 -10.02 -3.36
C ASP A 32 -16.28 -8.82 -3.79
N LYS A 33 -17.40 -8.58 -3.10
CA LYS A 33 -18.28 -7.45 -3.43
C LYS A 33 -17.61 -6.12 -3.14
N ILE A 34 -16.86 -6.00 -2.04
CA ILE A 34 -16.02 -4.82 -1.77
C ILE A 34 -15.04 -4.58 -2.92
N ALA A 35 -14.29 -5.59 -3.37
CA ALA A 35 -13.33 -5.42 -4.47
C ALA A 35 -14.00 -5.00 -5.79
N ASN A 36 -15.21 -5.49 -6.07
CA ASN A 36 -16.01 -5.06 -7.22
C ASN A 36 -16.63 -3.66 -7.04
N GLU A 37 -16.88 -3.23 -5.80
CA GLU A 37 -17.26 -1.85 -5.47
C GLU A 37 -16.08 -0.86 -5.58
N LEU A 38 -14.83 -1.33 -5.49
CA LEU A 38 -13.65 -0.46 -5.67
C LEU A 38 -13.09 -0.44 -7.09
N GLU A 39 -13.05 -1.58 -7.78
CA GLU A 39 -12.52 -1.64 -9.16
C GLU A 39 -13.38 -0.85 -10.15
N THR A 40 -14.66 -0.61 -9.83
CA THR A 40 -15.58 0.21 -10.62
C THR A 40 -15.31 1.72 -10.49
N GLY A 41 -14.75 2.16 -9.36
CA GLY A 41 -14.44 3.56 -9.09
C GLY A 41 -13.13 4.03 -9.74
N ASN A 42 -12.94 5.34 -9.80
CA ASN A 42 -11.68 6.01 -10.18
C ASN A 42 -10.68 6.13 -9.00
N TYR A 43 -10.68 5.14 -8.12
CA TYR A 43 -9.97 5.20 -6.85
C TYR A 43 -8.45 5.01 -6.95
N ALA A 44 -7.90 4.84 -8.17
CA ALA A 44 -6.46 4.95 -8.40
C ALA A 44 -5.95 6.37 -8.11
N GLY A 45 -6.83 7.38 -8.17
CA GLY A 45 -6.56 8.74 -7.68
C GLY A 45 -7.32 9.06 -6.38
N ASN A 46 -8.59 9.45 -6.54
CA ASN A 46 -9.43 10.02 -5.47
C ASN A 46 -9.92 9.03 -4.40
N LYS A 47 -10.19 9.57 -3.20
CA LYS A 47 -10.75 8.85 -2.04
C LYS A 47 -12.13 8.24 -2.34
N VAL A 48 -12.41 7.08 -1.72
CA VAL A 48 -13.59 6.25 -1.99
C VAL A 48 -14.90 7.02 -1.74
N GLY A 49 -15.85 6.93 -2.69
CA GLY A 49 -17.10 7.69 -2.63
C GLY A 49 -17.99 7.35 -1.42
N VAL A 50 -18.27 6.06 -1.23
CA VAL A 50 -19.04 5.46 -0.12
C VAL A 50 -18.52 4.04 0.13
N LEU A 51 -18.29 3.68 1.40
CA LEU A 51 -18.00 2.32 1.87
C LEU A 51 -19.29 1.53 2.12
N PRO A 52 -19.33 0.21 1.83
CA PRO A 52 -20.50 -0.62 2.09
C PRO A 52 -20.67 -0.88 3.60
N ALA A 53 -21.89 -1.23 4.03
CA ALA A 53 -22.14 -1.66 5.41
C ALA A 53 -21.43 -2.98 5.76
N ASN A 54 -21.12 -3.80 4.75
CA ASN A 54 -20.30 -5.01 4.86
C ASN A 54 -18.77 -4.77 4.89
N ALA A 55 -18.30 -3.51 4.84
CA ALA A 55 -16.90 -3.12 5.06
C ALA A 55 -16.63 -2.58 6.48
N LYS A 56 -15.35 -2.62 6.86
CA LYS A 56 -14.78 -1.95 8.05
C LYS A 56 -13.31 -1.59 7.84
N GLU A 57 -12.77 -0.80 8.76
CA GLU A 57 -11.47 -0.14 8.63
C GLU A 57 -10.54 -0.50 9.81
N ILE A 58 -9.27 -0.81 9.52
CA ILE A 58 -8.28 -1.27 10.52
C ILE A 58 -6.91 -0.58 10.36
N ALA A 59 -6.15 -0.45 11.45
CA ALA A 59 -4.82 0.15 11.51
C ALA A 59 -3.76 -0.78 12.16
N GLY A 60 -2.51 -0.31 12.26
CA GLY A 60 -1.41 -1.06 12.91
C GLY A 60 -0.71 -2.09 12.03
N VAL A 61 -0.98 -2.09 10.72
CA VAL A 61 -0.37 -2.95 9.70
C VAL A 61 0.71 -2.18 8.93
N MET A 62 1.79 -2.86 8.55
CA MET A 62 2.95 -2.29 7.85
C MET A 62 2.92 -2.59 6.35
N PHE A 63 3.28 -1.59 5.54
CA PHE A 63 3.44 -1.72 4.08
C PHE A 63 4.64 -0.90 3.60
N VAL A 64 5.25 -1.40 2.51
CA VAL A 64 6.43 -0.84 1.83
C VAL A 64 6.08 -0.51 0.38
N TRP A 65 6.71 0.50 -0.22
CA TRP A 65 6.61 0.80 -1.65
C TRP A 65 7.73 0.16 -2.47
N THR A 66 7.40 -0.20 -3.70
CA THR A 66 8.28 -0.86 -4.66
C THR A 66 8.05 -0.39 -6.10
N ASN A 67 8.96 -0.71 -7.01
CA ASN A 67 8.72 -0.58 -8.45
C ASN A 67 8.01 -1.83 -9.01
N THR A 68 7.60 -1.77 -10.29
CA THR A 68 6.78 -2.80 -10.93
C THR A 68 7.41 -4.19 -10.92
N ASN A 69 8.73 -4.27 -10.94
CA ASN A 69 9.52 -5.50 -10.73
C ASN A 69 9.83 -5.81 -9.26
N ASN A 70 8.95 -5.37 -8.36
CA ASN A 70 8.91 -5.70 -6.93
C ASN A 70 10.23 -5.37 -6.19
N GLU A 71 10.96 -4.35 -6.65
CA GLU A 71 12.16 -3.83 -6.00
C GLU A 71 11.80 -2.81 -4.92
N ILE A 72 12.42 -2.90 -3.75
CA ILE A 72 12.15 -1.96 -2.66
C ILE A 72 12.87 -0.63 -2.94
N ILE A 73 12.13 0.47 -2.91
CA ILE A 73 12.65 1.82 -3.23
C ILE A 73 12.47 2.86 -2.11
N ASP A 74 13.28 3.92 -2.13
CA ASP A 74 13.14 5.16 -1.34
C ASP A 74 12.26 6.18 -2.08
N GLU A 75 11.77 7.22 -1.39
CA GLU A 75 10.74 8.16 -1.89
C GLU A 75 11.18 9.09 -3.05
N ASN A 76 12.44 9.00 -3.48
CA ASN A 76 12.98 9.64 -4.69
C ASN A 76 13.21 8.66 -5.87
N GLY A 77 12.96 7.36 -5.68
CA GLY A 77 13.09 6.30 -6.71
C GLY A 77 14.43 5.53 -6.71
N GLN A 78 15.29 5.74 -5.72
CA GLN A 78 16.51 4.94 -5.49
C GLN A 78 16.14 3.52 -5.03
N THR A 79 16.65 2.48 -5.68
CA THR A 79 16.34 1.07 -5.35
C THR A 79 17.39 0.46 -4.40
N LEU A 80 16.92 -0.14 -3.31
CA LEU A 80 17.76 -0.55 -2.18
C LEU A 80 18.58 -1.84 -2.44
N GLY A 81 18.38 -2.52 -3.57
CA GLY A 81 18.99 -3.79 -3.93
C GLY A 81 18.25 -5.03 -3.40
N VAL A 82 16.98 -4.87 -2.99
CA VAL A 82 16.14 -5.92 -2.40
C VAL A 82 14.87 -6.09 -3.24
N ASN A 83 14.36 -7.31 -3.32
CA ASN A 83 13.22 -7.72 -4.12
C ASN A 83 12.27 -8.64 -3.33
N ILE A 84 11.01 -8.74 -3.78
CA ILE A 84 9.91 -9.42 -3.07
C ILE A 84 9.07 -10.27 -4.07
N ASP A 85 8.57 -11.44 -3.67
CA ASP A 85 7.64 -12.26 -4.50
C ASP A 85 6.19 -11.71 -4.45
N PRO A 86 5.35 -11.79 -5.50
CA PRO A 86 3.95 -11.38 -5.39
C PRO A 86 3.06 -12.43 -4.68
N GLN A 87 3.47 -13.70 -4.62
CA GLN A 87 2.73 -14.83 -4.03
C GLN A 87 3.18 -15.17 -2.60
N THR A 88 4.49 -15.07 -2.33
CA THR A 88 5.08 -15.39 -1.02
C THR A 88 5.25 -14.16 -0.13
N PHE A 89 5.38 -12.96 -0.73
CA PHE A 89 5.76 -11.72 -0.07
C PHE A 89 7.09 -11.83 0.73
N LYS A 90 7.95 -12.82 0.43
CA LYS A 90 9.25 -13.04 1.08
C LYS A 90 10.36 -12.26 0.37
N LEU A 91 11.37 -11.83 1.13
CA LEU A 91 12.45 -10.95 0.69
C LEU A 91 13.61 -11.71 0.04
N SER A 92 14.28 -11.10 -0.94
CA SER A 92 15.52 -11.65 -1.52
C SER A 92 16.71 -11.68 -0.55
N GLY A 93 16.62 -10.93 0.56
CA GLY A 93 17.68 -10.71 1.54
C GLY A 93 17.15 -10.08 2.83
N ALA A 94 17.98 -9.29 3.52
CA ALA A 94 17.64 -8.64 4.79
C ALA A 94 16.76 -7.38 4.63
N MET A 95 16.22 -6.89 5.75
CA MET A 95 15.49 -5.62 5.84
C MET A 95 16.34 -4.42 5.36
N PRO A 96 15.76 -3.48 4.58
CA PRO A 96 16.47 -2.31 4.06
C PRO A 96 16.56 -1.16 5.09
N ALA A 97 17.45 -0.20 4.82
CA ALA A 97 17.52 1.05 5.57
C ALA A 97 16.47 2.06 5.09
N THR A 98 16.81 2.89 4.10
CA THR A 98 16.05 4.08 3.69
C THR A 98 14.81 3.83 2.82
N ALA A 99 14.32 2.59 2.75
CA ALA A 99 13.12 2.20 2.02
C ALA A 99 11.85 2.98 2.45
N MET A 100 10.97 3.23 1.47
CA MET A 100 9.67 3.89 1.60
C MET A 100 8.64 2.97 2.27
N LYS A 101 8.39 3.19 3.56
CA LYS A 101 7.54 2.33 4.43
C LYS A 101 6.95 3.10 5.62
N LYS A 102 5.77 2.69 6.08
CA LYS A 102 5.13 3.15 7.35
C LYS A 102 3.97 2.22 7.71
N LEU A 103 3.57 2.25 8.99
CA LEU A 103 2.35 1.59 9.48
C LEU A 103 1.14 2.54 9.45
N THR A 104 -0.09 2.04 9.21
CA THR A 104 -1.32 2.84 9.39
C THR A 104 -1.49 3.19 10.87
N GLU A 105 -1.81 4.45 11.20
CA GLU A 105 -1.96 4.89 12.61
C GLU A 105 -3.35 4.64 13.19
N ALA A 106 -4.34 5.40 12.72
CA ALA A 106 -5.75 5.21 13.05
C ALA A 106 -6.65 5.43 11.82
N GLU A 107 -6.33 6.43 10.99
CA GLU A 107 -7.05 6.71 9.74
C GLU A 107 -6.35 6.16 8.50
N GLY A 108 -5.01 6.07 8.52
CA GLY A 108 -4.19 5.77 7.35
C GLY A 108 -2.70 6.00 7.65
N ALA A 109 -1.87 6.08 6.60
CA ALA A 109 -0.48 6.51 6.63
C ALA A 109 -0.13 7.38 5.41
N LYS A 110 0.52 8.53 5.62
CA LYS A 110 1.02 9.42 4.56
C LYS A 110 2.36 8.94 3.98
N PHE A 111 2.46 8.98 2.65
CA PHE A 111 3.66 8.71 1.86
C PHE A 111 3.89 9.90 0.91
N ASN A 112 5.06 10.53 0.97
CA ASN A 112 5.43 11.63 0.08
C ASN A 112 5.68 11.13 -1.36
N THR A 113 5.07 11.75 -2.37
CA THR A 113 5.25 11.45 -3.81
C THR A 113 5.86 12.61 -4.61
N ALA A 114 6.28 13.69 -3.95
CA ALA A 114 6.86 14.89 -4.57
C ALA A 114 8.19 14.62 -5.31
N ASN A 115 8.87 13.52 -4.99
CA ASN A 115 10.23 13.22 -5.47
C ASN A 115 10.27 12.01 -6.43
N LEU A 116 9.20 11.21 -6.52
CA LEU A 116 9.07 10.17 -7.53
C LEU A 116 8.83 10.73 -8.93
N PRO A 117 9.41 10.13 -9.98
CA PRO A 117 9.03 10.42 -11.35
C PRO A 117 7.72 9.72 -11.74
N ALA A 118 7.13 10.19 -12.84
CA ALA A 118 5.79 9.89 -13.36
C ALA A 118 5.59 8.46 -13.93
N ALA A 119 5.90 7.45 -13.12
CA ALA A 119 5.99 6.03 -13.48
C ALA A 119 4.96 5.16 -12.72
N LYS A 120 4.97 3.84 -13.00
CA LYS A 120 4.23 2.82 -12.24
C LYS A 120 5.06 2.26 -11.07
N TYR A 121 4.36 1.89 -10.00
CA TYR A 121 4.85 1.41 -8.71
C TYR A 121 3.93 0.32 -8.15
N LYS A 122 4.34 -0.30 -7.05
CA LYS A 122 3.51 -1.28 -6.30
C LYS A 122 3.69 -1.16 -4.79
N ILE A 123 2.64 -1.51 -4.03
CA ILE A 123 2.69 -1.60 -2.55
C ILE A 123 2.67 -3.07 -2.11
N TYR A 124 3.48 -3.40 -1.10
CA TYR A 124 3.61 -4.73 -0.49
C TYR A 124 3.38 -4.64 1.03
N GLU A 125 2.52 -5.50 1.58
CA GLU A 125 2.16 -5.53 3.01
C GLU A 125 3.07 -6.53 3.75
N ILE A 126 3.85 -6.07 4.73
CA ILE A 126 4.89 -6.89 5.38
C ILE A 126 4.54 -7.07 6.87
N HIS A 127 4.18 -8.29 7.25
CA HIS A 127 3.61 -8.57 8.58
C HIS A 127 4.67 -8.64 9.71
N SER A 128 5.96 -8.78 9.37
CA SER A 128 7.05 -8.91 10.35
C SER A 128 7.31 -7.66 11.20
N LEU A 129 6.79 -6.48 10.85
CA LEU A 129 6.81 -5.27 11.68
C LEU A 129 5.45 -4.96 12.34
N SER A 130 4.41 -5.72 12.00
CA SER A 130 2.99 -5.44 12.31
C SER A 130 2.66 -5.39 13.81
N THR A 131 1.80 -4.45 14.18
CA THR A 131 1.13 -4.38 15.50
C THR A 131 -0.22 -5.10 15.43
N TYR A 132 -0.86 -5.11 14.25
CA TYR A 132 -2.07 -5.87 13.90
C TYR A 132 -1.80 -7.39 13.78
N VAL A 133 -2.85 -8.19 14.02
CA VAL A 133 -2.94 -9.63 13.71
C VAL A 133 -4.42 -9.99 13.51
N GLY A 134 -4.73 -10.87 12.54
CA GLY A 134 -6.11 -11.25 12.21
C GLY A 134 -6.42 -12.74 12.34
N GLU A 135 -5.44 -13.62 12.16
CA GLU A 135 -5.55 -15.07 12.14
C GLU A 135 -5.47 -15.76 13.52
N ASP A 136 -5.08 -15.00 14.55
CA ASP A 136 -4.72 -15.46 15.90
C ASP A 136 -5.90 -15.34 16.89
N GLY A 137 -7.14 -15.54 16.40
CA GLY A 137 -8.37 -15.59 17.20
C GLY A 137 -9.19 -14.30 17.25
N ALA A 138 -8.76 -13.25 16.52
CA ALA A 138 -9.39 -11.93 16.49
C ALA A 138 -10.77 -11.90 15.79
N THR A 139 -11.51 -10.80 15.93
CA THR A 139 -12.75 -10.51 15.16
C THR A 139 -12.39 -9.96 13.77
N LEU A 140 -11.56 -10.72 13.04
CA LEU A 140 -11.03 -10.40 11.72
C LEU A 140 -11.10 -11.67 10.86
N THR A 141 -11.37 -11.56 9.56
CA THR A 141 -11.48 -12.73 8.65
C THR A 141 -10.17 -13.56 8.55
N GLY A 142 -9.02 -12.99 8.95
CA GLY A 142 -7.74 -13.70 9.06
C GLY A 142 -6.99 -13.89 7.74
N SER A 143 -7.58 -13.52 6.61
CA SER A 143 -6.99 -13.56 5.27
C SER A 143 -5.70 -12.75 5.14
N LYS A 144 -4.86 -13.06 4.14
CA LYS A 144 -3.63 -12.32 3.81
C LYS A 144 -3.88 -11.25 2.75
N ALA A 145 -2.96 -10.30 2.58
CA ALA A 145 -3.05 -9.30 1.50
C ALA A 145 -2.28 -9.70 0.23
N VAL A 146 -2.72 -9.10 -0.89
CA VAL A 146 -2.18 -9.28 -2.24
C VAL A 146 -1.68 -7.93 -2.80
N PRO A 147 -0.67 -7.92 -3.68
CA PRO A 147 0.03 -6.70 -4.06
C PRO A 147 -0.78 -5.76 -4.97
N ILE A 148 -0.60 -4.45 -4.78
CA ILE A 148 -1.42 -3.40 -5.40
C ILE A 148 -0.56 -2.60 -6.39
N GLU A 149 -1.01 -2.49 -7.64
CA GLU A 149 -0.39 -1.66 -8.69
C GLU A 149 -0.90 -0.22 -8.64
N ILE A 150 -0.02 0.77 -8.83
CA ILE A 150 -0.35 2.21 -8.82
C ILE A 150 0.52 3.01 -9.79
N GLU A 151 -0.04 4.07 -10.38
CA GLU A 151 0.68 5.10 -11.15
C GLU A 151 0.51 6.47 -10.46
N LEU A 152 1.46 7.40 -10.65
CA LEU A 152 1.44 8.70 -9.96
C LEU A 152 0.20 9.56 -10.27
N PRO A 153 -0.18 10.49 -9.35
CA PRO A 153 -1.41 11.26 -9.47
C PRO A 153 -1.33 12.24 -10.64
N LEU A 154 -2.02 11.87 -11.72
CA LEU A 154 -2.23 12.65 -12.96
C LEU A 154 -3.68 12.45 -13.43
N ASN A 155 -4.60 12.50 -12.46
CA ASN A 155 -6.05 12.26 -12.56
C ASN A 155 -6.86 13.53 -12.19
N ASP A 156 -6.17 14.67 -12.09
CA ASP A 156 -6.67 15.99 -11.64
C ASP A 156 -7.28 16.00 -10.22
N VAL A 157 -6.81 15.10 -9.35
CA VAL A 157 -7.28 15.01 -7.96
C VAL A 157 -6.60 16.03 -7.04
N VAL A 158 -7.34 16.44 -6.00
CA VAL A 158 -6.84 17.33 -4.93
C VAL A 158 -5.89 16.58 -4.00
N ASP A 159 -6.21 15.33 -3.71
CA ASP A 159 -5.49 14.46 -2.77
C ASP A 159 -5.55 13.00 -3.25
N ALA A 160 -4.47 12.23 -3.06
CA ALA A 160 -4.33 10.86 -3.57
C ALA A 160 -4.47 9.82 -2.45
N HIS A 161 -5.12 8.68 -2.73
CA HIS A 161 -5.33 7.63 -1.72
C HIS A 161 -5.15 6.18 -2.24
N VAL A 162 -5.05 5.21 -1.31
CA VAL A 162 -4.94 3.76 -1.59
C VAL A 162 -5.84 2.93 -0.66
N TYR A 163 -6.50 1.90 -1.21
CA TYR A 163 -7.38 0.99 -0.47
C TYR A 163 -7.08 -0.50 -0.77
N PRO A 164 -6.02 -1.08 -0.16
CA PRO A 164 -5.65 -2.49 -0.27
C PRO A 164 -6.67 -3.46 0.35
N LYS A 165 -6.74 -4.66 -0.24
CA LYS A 165 -7.71 -5.74 0.05
C LYS A 165 -7.01 -7.09 0.24
N ASN A 166 -7.76 -8.07 0.76
CA ASN A 166 -7.26 -9.40 1.12
C ASN A 166 -7.89 -10.54 0.30
N THR A 167 -7.22 -11.68 0.31
CA THR A 167 -7.69 -12.98 -0.19
C THR A 167 -6.99 -14.11 0.59
N GLU A 168 -7.44 -15.35 0.40
CA GLU A 168 -6.95 -16.58 1.07
C GLU A 168 -6.86 -16.54 2.61
N ALA A 169 -7.69 -17.34 3.28
CA ALA A 169 -7.81 -17.37 4.74
C ALA A 169 -6.60 -18.00 5.45
N LYS A 170 -5.98 -19.04 4.88
CA LYS A 170 -4.82 -19.77 5.44
C LYS A 170 -3.91 -20.34 4.34
N PRO A 171 -2.61 -20.56 4.60
CA PRO A 171 -1.67 -21.14 3.64
C PRO A 171 -1.86 -22.65 3.49
N LYS A 172 -1.14 -23.29 2.55
CA LYS A 172 -1.30 -24.72 2.26
C LYS A 172 -0.83 -25.68 3.37
N ILE A 173 0.06 -25.22 4.24
CA ILE A 173 0.84 -26.02 5.19
C ILE A 173 0.82 -25.57 6.66
N LEU A 174 -0.17 -24.78 7.09
CA LEU A 174 -0.40 -24.45 8.52
C LEU A 174 -1.90 -24.52 8.86
N GLU A 175 -2.29 -25.44 9.74
CA GLU A 175 -3.69 -25.80 10.03
C GLU A 175 -3.95 -25.90 11.56
N MET A 1 6.45 25.93 -20.44
CA MET A 1 7.88 25.79 -20.78
C MET A 1 8.59 24.80 -19.86
N GLU A 2 8.70 25.06 -18.55
CA GLU A 2 9.47 24.21 -17.63
C GLU A 2 8.90 22.79 -17.48
N THR A 3 9.52 21.84 -18.18
CA THR A 3 9.05 20.46 -18.37
C THR A 3 10.16 19.42 -18.15
N ALA A 4 11.42 19.77 -18.37
CA ALA A 4 12.59 18.91 -18.14
C ALA A 4 13.44 19.40 -16.97
N SER A 5 14.14 18.49 -16.30
CA SER A 5 15.00 18.77 -15.15
C SER A 5 16.49 18.62 -15.49
N ALA A 6 17.38 19.15 -14.64
CA ALA A 6 18.82 19.21 -14.88
C ALA A 6 19.48 17.82 -14.88
N ALA A 7 19.19 16.99 -13.88
CA ALA A 7 19.64 15.60 -13.78
C ALA A 7 18.45 14.63 -13.88
N THR A 8 17.58 14.63 -12.88
CA THR A 8 16.42 13.73 -12.76
C THR A 8 15.23 14.49 -12.18
N VAL A 9 14.06 14.38 -12.80
CA VAL A 9 12.86 15.08 -12.32
C VAL A 9 12.34 14.54 -10.99
N PHE A 10 12.14 15.45 -10.05
CA PHE A 10 11.42 15.24 -8.81
C PHE A 10 9.99 15.80 -9.00
N ALA A 11 8.99 15.20 -8.35
CA ALA A 11 7.57 15.58 -8.36
C ALA A 11 6.81 15.49 -9.71
N ALA A 12 7.49 15.62 -10.85
CA ALA A 12 6.98 15.36 -12.21
C ALA A 12 5.57 15.91 -12.53
N GLY A 13 5.33 17.16 -12.16
CA GLY A 13 4.15 17.95 -12.57
C GLY A 13 2.82 17.47 -11.99
N THR A 14 2.85 16.96 -10.77
CA THR A 14 1.72 16.30 -10.08
C THR A 14 0.80 17.25 -9.33
N THR A 15 -0.47 16.84 -9.13
CA THR A 15 -1.50 17.69 -8.48
C THR A 15 -1.40 17.73 -6.96
N THR A 16 -0.62 16.83 -6.36
CA THR A 16 -0.23 16.83 -4.93
C THR A 16 1.15 16.25 -4.71
N THR A 17 1.76 16.56 -3.58
CA THR A 17 3.10 16.13 -3.12
C THR A 17 3.11 14.89 -2.23
N SER A 18 1.94 14.40 -1.78
CA SER A 18 1.81 13.19 -0.95
C SER A 18 0.55 12.38 -1.29
N VAL A 19 0.60 11.08 -1.01
CA VAL A 19 -0.47 10.07 -1.15
C VAL A 19 -0.82 9.47 0.23
N THR A 20 -2.08 9.10 0.46
CA THR A 20 -2.48 8.39 1.69
C THR A 20 -2.88 6.95 1.39
N VAL A 21 -2.14 5.99 1.93
CA VAL A 21 -2.41 4.55 1.81
C VAL A 21 -3.14 4.07 3.07
N HIS A 22 -4.23 3.33 2.86
CA HIS A 22 -5.16 2.84 3.88
C HIS A 22 -5.09 1.31 4.02
N LYS A 23 -6.00 0.71 4.78
CA LYS A 23 -6.22 -0.76 4.76
C LYS A 23 -7.68 -1.10 4.97
N LEU A 24 -8.28 -1.84 4.02
CA LEU A 24 -9.65 -2.32 4.10
C LEU A 24 -9.70 -3.84 4.29
N LEU A 25 -10.76 -4.31 4.96
CA LEU A 25 -10.94 -5.68 5.40
C LEU A 25 -12.43 -6.09 5.32
N ALA A 26 -12.69 -7.39 5.42
CA ALA A 26 -14.01 -7.96 5.60
C ALA A 26 -14.18 -8.55 7.01
N THR A 27 -15.39 -8.40 7.56
CA THR A 27 -15.80 -8.99 8.84
C THR A 27 -16.31 -10.42 8.67
N ASP A 28 -17.14 -10.63 7.65
CA ASP A 28 -17.90 -11.85 7.34
C ASP A 28 -17.44 -12.51 6.02
N GLY A 29 -16.17 -12.27 5.64
CA GLY A 29 -15.47 -12.89 4.49
C GLY A 29 -15.68 -12.24 3.11
N ASP A 30 -16.36 -11.09 3.06
CA ASP A 30 -16.84 -10.38 1.87
C ASP A 30 -15.77 -9.67 0.99
N MET A 31 -14.51 -10.09 0.99
CA MET A 31 -13.45 -9.36 0.28
C MET A 31 -13.69 -9.24 -1.24
N ASP A 32 -14.42 -10.17 -1.86
CA ASP A 32 -14.61 -10.21 -3.31
C ASP A 32 -15.71 -9.26 -3.81
N LYS A 33 -16.87 -9.14 -3.13
CA LYS A 33 -17.84 -8.08 -3.44
C LYS A 33 -17.27 -6.69 -3.13
N ILE A 34 -16.52 -6.51 -2.03
CA ILE A 34 -15.75 -5.28 -1.77
C ILE A 34 -14.78 -4.99 -2.93
N ALA A 35 -14.00 -5.96 -3.41
CA ALA A 35 -13.10 -5.76 -4.55
C ALA A 35 -13.86 -5.33 -5.83
N ASN A 36 -15.06 -5.87 -6.05
CA ASN A 36 -15.96 -5.45 -7.13
C ASN A 36 -16.55 -4.04 -6.91
N GLU A 37 -16.80 -3.62 -5.66
CA GLU A 37 -17.20 -2.24 -5.35
C GLU A 37 -16.09 -1.23 -5.65
N LEU A 38 -14.82 -1.59 -5.46
CA LEU A 38 -13.69 -0.69 -5.70
C LEU A 38 -13.24 -0.67 -7.16
N GLU A 39 -13.37 -1.78 -7.90
CA GLU A 39 -12.94 -1.83 -9.32
C GLU A 39 -13.81 -0.93 -10.24
N THR A 40 -15.11 -0.74 -9.91
CA THR A 40 -16.01 0.15 -10.68
C THR A 40 -15.84 1.64 -10.31
N GLY A 41 -15.27 1.93 -9.14
CA GLY A 41 -15.00 3.28 -8.65
C GLY A 41 -13.77 3.92 -9.30
N ASN A 42 -13.64 5.24 -9.15
CA ASN A 42 -12.50 6.02 -9.66
C ASN A 42 -11.30 6.00 -8.69
N TYR A 43 -11.25 5.04 -7.76
CA TYR A 43 -10.33 5.02 -6.61
C TYR A 43 -8.85 4.81 -6.94
N ALA A 44 -8.50 4.66 -8.22
CA ALA A 44 -7.12 4.76 -8.70
C ALA A 44 -6.53 6.16 -8.45
N GLY A 45 -7.39 7.19 -8.30
CA GLY A 45 -7.04 8.54 -7.85
C GLY A 45 -7.65 8.90 -6.49
N ASN A 46 -8.92 9.35 -6.49
CA ASN A 46 -9.59 9.94 -5.33
C ASN A 46 -10.11 8.92 -4.29
N LYS A 47 -10.36 9.37 -3.06
CA LYS A 47 -10.73 8.51 -1.91
C LYS A 47 -12.02 7.72 -2.11
N VAL A 48 -12.17 6.61 -1.38
CA VAL A 48 -13.41 5.79 -1.40
C VAL A 48 -14.62 6.64 -0.98
N GLY A 49 -15.69 6.60 -1.79
CA GLY A 49 -16.90 7.40 -1.56
C GLY A 49 -17.72 6.94 -0.35
N VAL A 50 -17.91 5.63 -0.19
CA VAL A 50 -18.66 5.01 0.91
C VAL A 50 -18.28 3.54 1.08
N LEU A 51 -18.21 3.04 2.30
CA LEU A 51 -17.93 1.64 2.60
C LEU A 51 -19.20 0.78 2.63
N PRO A 52 -19.14 -0.50 2.20
CA PRO A 52 -20.27 -1.41 2.33
C PRO A 52 -20.56 -1.76 3.79
N ALA A 53 -21.79 -2.21 4.07
CA ALA A 53 -22.23 -2.67 5.38
C ALA A 53 -21.54 -3.96 5.88
N ASN A 54 -20.65 -4.53 5.07
CA ASN A 54 -19.80 -5.69 5.37
C ASN A 54 -18.28 -5.40 5.30
N ALA A 55 -17.88 -4.12 5.15
CA ALA A 55 -16.47 -3.69 5.23
C ALA A 55 -15.98 -3.22 6.61
N LYS A 56 -14.65 -3.18 6.77
CA LYS A 56 -13.90 -2.77 7.96
C LYS A 56 -12.61 -2.01 7.56
N GLU A 57 -12.15 -1.09 8.40
CA GLU A 57 -10.88 -0.35 8.24
C GLU A 57 -9.99 -0.57 9.47
N ILE A 58 -8.67 -0.74 9.28
CA ILE A 58 -7.72 -1.02 10.37
C ILE A 58 -6.46 -0.15 10.34
N ALA A 59 -5.87 0.06 11.52
CA ALA A 59 -4.55 0.67 11.70
C ALA A 59 -3.53 -0.38 12.19
N GLY A 60 -2.24 -0.06 12.12
CA GLY A 60 -1.15 -0.93 12.56
C GLY A 60 -0.65 -1.94 11.53
N VAL A 61 -1.09 -1.88 10.27
CA VAL A 61 -0.49 -2.67 9.18
C VAL A 61 0.73 -1.94 8.61
N MET A 62 1.76 -2.70 8.23
CA MET A 62 2.97 -2.22 7.59
C MET A 62 2.97 -2.48 6.08
N PHE A 63 3.40 -1.48 5.30
CA PHE A 63 3.63 -1.60 3.86
C PHE A 63 4.85 -0.83 3.38
N VAL A 64 5.40 -1.30 2.26
CA VAL A 64 6.60 -0.78 1.59
C VAL A 64 6.26 -0.40 0.12
N TRP A 65 6.90 0.64 -0.43
CA TRP A 65 6.79 1.00 -1.85
C TRP A 65 7.87 0.33 -2.72
N THR A 66 7.50 0.02 -3.96
CA THR A 66 8.33 -0.67 -4.96
C THR A 66 8.07 -0.13 -6.38
N ASN A 67 8.90 -0.54 -7.35
CA ASN A 67 8.66 -0.34 -8.79
C ASN A 67 8.06 -1.58 -9.47
N THR A 68 7.69 -1.51 -10.77
CA THR A 68 7.03 -2.63 -11.51
C THR A 68 7.91 -3.88 -11.67
N ASN A 69 9.22 -3.71 -11.50
CA ASN A 69 10.21 -4.79 -11.35
C ASN A 69 10.19 -5.44 -9.94
N ASN A 70 9.22 -5.10 -9.08
CA ASN A 70 9.04 -5.58 -7.70
C ASN A 70 10.30 -5.34 -6.84
N GLU A 71 11.01 -4.23 -7.12
CA GLU A 71 12.21 -3.78 -6.42
C GLU A 71 11.85 -2.79 -5.33
N ILE A 72 12.48 -2.89 -4.18
CA ILE A 72 12.25 -1.95 -3.08
C ILE A 72 13.04 -0.66 -3.34
N ILE A 73 12.35 0.47 -3.22
CA ILE A 73 12.91 1.82 -3.45
C ILE A 73 12.74 2.80 -2.27
N ASP A 74 13.61 3.80 -2.21
CA ASP A 74 13.51 5.01 -1.34
C ASP A 74 12.58 6.04 -2.01
N GLU A 75 12.11 7.04 -1.26
CA GLU A 75 11.15 8.06 -1.73
C GLU A 75 11.69 8.96 -2.85
N ASN A 76 13.00 8.92 -3.10
CA ASN A 76 13.68 9.60 -4.21
C ASN A 76 13.94 8.68 -5.42
N GLY A 77 13.45 7.42 -5.40
CA GLY A 77 13.65 6.45 -6.49
C GLY A 77 15.01 5.73 -6.48
N GLN A 78 15.81 5.87 -5.42
CA GLN A 78 17.00 5.03 -5.22
C GLN A 78 16.55 3.59 -4.94
N THR A 79 17.11 2.61 -5.65
CA THR A 79 16.83 1.20 -5.40
C THR A 79 17.80 0.64 -4.34
N LEU A 80 17.30 -0.24 -3.46
CA LEU A 80 18.00 -0.70 -2.26
C LEU A 80 18.77 -2.03 -2.44
N GLY A 81 18.58 -2.75 -3.55
CA GLY A 81 19.12 -4.09 -3.79
C GLY A 81 18.27 -5.23 -3.21
N VAL A 82 16.94 -5.07 -3.12
CA VAL A 82 16.00 -6.11 -2.62
C VAL A 82 14.79 -6.23 -3.56
N ASN A 83 14.24 -7.43 -3.71
CA ASN A 83 13.08 -7.75 -4.54
C ASN A 83 12.06 -8.59 -3.74
N ILE A 84 10.80 -8.62 -4.19
CA ILE A 84 9.67 -9.25 -3.50
C ILE A 84 8.80 -10.07 -4.48
N ASP A 85 8.36 -11.28 -4.11
CA ASP A 85 7.38 -12.09 -4.89
C ASP A 85 5.96 -11.47 -4.80
N PRO A 86 5.11 -11.43 -5.84
CA PRO A 86 3.76 -10.90 -5.71
C PRO A 86 2.82 -11.86 -4.96
N GLN A 87 3.12 -13.15 -4.96
CA GLN A 87 2.36 -14.21 -4.30
C GLN A 87 2.84 -14.45 -2.87
N THR A 88 4.15 -14.70 -2.69
CA THR A 88 4.72 -15.06 -1.38
C THR A 88 4.93 -13.85 -0.48
N PHE A 89 5.13 -12.66 -1.07
CA PHE A 89 5.55 -11.43 -0.37
C PHE A 89 6.86 -11.57 0.42
N LYS A 90 7.71 -12.59 0.13
CA LYS A 90 9.03 -12.75 0.78
C LYS A 90 10.10 -11.92 0.10
N LEU A 91 11.11 -11.51 0.87
CA LEU A 91 12.21 -10.64 0.44
C LEU A 91 13.39 -11.45 -0.11
N SER A 92 14.06 -10.95 -1.16
CA SER A 92 15.28 -11.58 -1.73
C SER A 92 16.50 -11.53 -0.80
N GLY A 93 16.39 -10.89 0.37
CA GLY A 93 17.39 -10.76 1.42
C GLY A 93 16.82 -10.05 2.66
N ALA A 94 17.70 -9.48 3.49
CA ALA A 94 17.31 -8.74 4.70
C ALA A 94 16.56 -7.42 4.40
N MET A 95 15.73 -6.98 5.35
CA MET A 95 14.92 -5.75 5.26
C MET A 95 15.81 -4.50 5.09
N PRO A 96 15.53 -3.62 4.11
CA PRO A 96 16.40 -2.49 3.78
C PRO A 96 16.38 -1.34 4.81
N ALA A 97 17.44 -0.53 4.79
CA ALA A 97 17.67 0.60 5.68
C ALA A 97 16.80 1.84 5.38
N THR A 98 16.84 2.32 4.13
CA THR A 98 16.30 3.62 3.70
C THR A 98 15.11 3.52 2.73
N ALA A 99 14.54 2.32 2.58
CA ALA A 99 13.33 2.09 1.78
C ALA A 99 12.11 2.91 2.26
N MET A 100 11.21 3.22 1.33
CA MET A 100 9.93 3.93 1.54
C MET A 100 8.88 3.00 2.18
N LYS A 101 8.74 3.04 3.51
CA LYS A 101 7.89 2.13 4.32
C LYS A 101 7.44 2.77 5.64
N LYS A 102 6.16 2.63 6.01
CA LYS A 102 5.54 3.27 7.19
C LYS A 102 4.15 2.69 7.49
N LEU A 103 3.79 2.53 8.77
CA LEU A 103 2.55 1.86 9.21
C LEU A 103 1.29 2.76 9.22
N THR A 104 0.09 2.21 9.02
CA THR A 104 -1.19 2.95 9.22
C THR A 104 -1.37 3.39 10.68
N GLU A 105 -1.73 4.67 10.87
CA GLU A 105 -1.85 5.31 12.19
C GLU A 105 -3.26 5.26 12.79
N ALA A 106 -4.25 5.74 12.03
CA ALA A 106 -5.69 5.70 12.32
C ALA A 106 -6.47 6.05 11.05
N GLU A 107 -6.14 7.18 10.42
CA GLU A 107 -6.78 7.74 9.22
C GLU A 107 -6.10 7.32 7.90
N GLY A 108 -5.37 6.19 7.93
CA GLY A 108 -4.45 5.73 6.88
C GLY A 108 -2.98 5.95 7.27
N ALA A 109 -2.11 6.12 6.28
CA ALA A 109 -0.72 6.57 6.39
C ALA A 109 -0.33 7.49 5.23
N LYS A 110 0.27 8.65 5.52
CA LYS A 110 0.80 9.60 4.51
C LYS A 110 2.20 9.18 4.04
N PHE A 111 2.41 9.20 2.72
CA PHE A 111 3.68 8.97 2.03
C PHE A 111 3.99 10.16 1.13
N ASN A 112 5.16 10.79 1.29
CA ASN A 112 5.63 11.90 0.46
C ASN A 112 6.08 11.39 -0.92
N THR A 113 5.43 11.85 -2.00
CA THR A 113 5.78 11.49 -3.39
C THR A 113 6.56 12.59 -4.12
N ALA A 114 6.83 13.72 -3.46
CA ALA A 114 7.50 14.90 -4.03
C ALA A 114 8.88 14.64 -4.65
N ASN A 115 9.53 13.50 -4.37
CA ASN A 115 10.84 13.15 -4.90
C ASN A 115 10.81 12.04 -5.98
N LEU A 116 9.65 11.45 -6.28
CA LEU A 116 9.48 10.50 -7.39
C LEU A 116 9.26 11.19 -8.76
N PRO A 117 9.64 10.51 -9.87
CA PRO A 117 9.26 10.88 -11.23
C PRO A 117 7.91 10.26 -11.65
N ALA A 118 7.42 10.63 -12.82
CA ALA A 118 6.22 10.06 -13.42
C ALA A 118 6.53 8.65 -13.94
N ALA A 119 6.14 7.65 -13.16
CA ALA A 119 6.26 6.24 -13.47
C ALA A 119 5.17 5.42 -12.75
N LYS A 120 5.13 4.10 -12.99
CA LYS A 120 4.32 3.15 -12.21
C LYS A 120 5.11 2.57 -11.03
N TYR A 121 4.38 2.31 -9.96
CA TYR A 121 4.87 1.83 -8.67
C TYR A 121 3.92 0.78 -8.11
N LYS A 122 4.35 0.08 -7.07
CA LYS A 122 3.54 -0.93 -6.37
C LYS A 122 3.72 -0.87 -4.86
N ILE A 123 2.68 -1.21 -4.11
CA ILE A 123 2.70 -1.29 -2.64
C ILE A 123 2.57 -2.75 -2.21
N TYR A 124 3.45 -3.15 -1.27
CA TYR A 124 3.55 -4.50 -0.71
C TYR A 124 3.34 -4.46 0.81
N GLU A 125 2.44 -5.31 1.33
CA GLU A 125 1.93 -5.28 2.70
C GLU A 125 2.56 -6.40 3.54
N ILE A 126 3.49 -6.04 4.43
CA ILE A 126 4.38 -6.98 5.13
C ILE A 126 4.01 -7.13 6.61
N HIS A 127 3.56 -8.31 7.02
CA HIS A 127 3.13 -8.58 8.41
C HIS A 127 4.27 -9.07 9.35
N SER A 128 5.52 -8.76 9.02
CA SER A 128 6.68 -9.04 9.88
C SER A 128 6.70 -8.17 11.14
N LEU A 129 6.33 -6.87 11.05
CA LEU A 129 6.18 -6.02 12.23
C LEU A 129 4.85 -6.29 12.96
N SER A 130 4.86 -7.25 13.89
CA SER A 130 3.74 -7.60 14.78
C SER A 130 3.24 -6.35 15.52
N THR A 131 1.99 -5.96 15.29
CA THR A 131 1.42 -4.67 15.74
C THR A 131 -0.09 -4.74 16.07
N TYR A 132 -0.88 -5.53 15.33
CA TYR A 132 -2.33 -5.78 15.55
C TYR A 132 -2.69 -7.26 15.35
N VAL A 133 -3.84 -7.71 15.88
CA VAL A 133 -4.26 -9.12 15.83
C VAL A 133 -5.62 -9.31 15.13
N GLY A 134 -5.69 -10.31 14.27
CA GLY A 134 -6.93 -10.85 13.65
C GLY A 134 -7.22 -12.31 14.02
N GLU A 135 -6.18 -13.12 14.28
CA GLU A 135 -6.30 -14.57 14.54
C GLU A 135 -7.02 -14.95 15.86
N ASP A 136 -7.22 -14.00 16.77
CA ASP A 136 -7.71 -14.22 18.14
C ASP A 136 -9.25 -14.31 18.23
N GLY A 137 -9.92 -14.70 17.15
CA GLY A 137 -11.39 -14.71 17.02
C GLY A 137 -12.01 -13.35 16.68
N ALA A 138 -11.20 -12.37 16.23
CA ALA A 138 -11.63 -11.03 15.89
C ALA A 138 -12.62 -10.99 14.70
N THR A 139 -13.34 -9.87 14.54
CA THR A 139 -14.18 -9.55 13.36
C THR A 139 -13.32 -9.11 12.15
N LEU A 140 -12.24 -9.85 11.91
CA LEU A 140 -11.16 -9.49 10.99
C LEU A 140 -10.70 -10.74 10.21
N THR A 141 -10.88 -10.73 8.89
CA THR A 141 -10.47 -11.82 7.97
C THR A 141 -8.94 -11.84 7.79
N GLY A 142 -8.21 -12.39 8.76
CA GLY A 142 -6.74 -12.34 8.92
C GLY A 142 -5.88 -13.05 7.86
N SER A 143 -6.47 -13.33 6.70
CA SER A 143 -5.85 -13.91 5.50
C SER A 143 -4.73 -13.06 4.89
N LYS A 144 -3.97 -13.64 3.95
CA LYS A 144 -2.94 -12.93 3.17
C LYS A 144 -3.52 -11.79 2.34
N ALA A 145 -2.73 -10.74 2.15
CA ALA A 145 -3.05 -9.58 1.34
C ALA A 145 -2.40 -9.66 -0.06
N VAL A 146 -3.02 -9.03 -1.06
CA VAL A 146 -2.52 -8.99 -2.45
C VAL A 146 -2.07 -7.56 -2.86
N PRO A 147 -1.01 -7.42 -3.68
CA PRO A 147 -0.33 -6.15 -3.92
C PRO A 147 -1.14 -5.16 -4.76
N ILE A 148 -0.79 -3.88 -4.64
CA ILE A 148 -1.47 -2.76 -5.30
C ILE A 148 -0.57 -2.13 -6.36
N GLU A 149 -1.13 -1.67 -7.49
CA GLU A 149 -0.43 -0.89 -8.52
C GLU A 149 -0.91 0.57 -8.55
N ILE A 150 0.00 1.52 -8.75
CA ILE A 150 -0.27 2.96 -8.72
C ILE A 150 0.62 3.74 -9.72
N GLU A 151 0.10 4.82 -10.29
CA GLU A 151 0.85 5.77 -11.12
C GLU A 151 0.65 7.20 -10.56
N LEU A 152 1.62 8.11 -10.74
CA LEU A 152 1.58 9.43 -10.07
C LEU A 152 0.42 10.34 -10.54
N PRO A 153 -0.08 11.23 -9.65
CA PRO A 153 -1.32 11.98 -9.87
C PRO A 153 -1.19 13.13 -10.89
N LEU A 154 -1.49 12.81 -12.15
CA LEU A 154 -1.74 13.75 -13.24
C LEU A 154 -3.19 13.44 -13.66
N ASN A 155 -4.09 13.81 -12.76
CA ASN A 155 -5.49 13.42 -12.73
C ASN A 155 -6.34 14.59 -12.20
N ASP A 156 -7.65 14.40 -12.11
CA ASP A 156 -8.65 15.42 -11.74
C ASP A 156 -8.75 15.69 -10.21
N VAL A 157 -7.86 15.09 -9.41
CA VAL A 157 -7.93 15.02 -7.93
C VAL A 157 -7.04 16.04 -7.23
N VAL A 158 -7.42 16.43 -6.01
CA VAL A 158 -6.63 17.27 -5.09
C VAL A 158 -5.85 16.41 -4.08
N ASP A 159 -6.40 15.26 -3.68
CA ASP A 159 -5.75 14.27 -2.82
C ASP A 159 -5.85 12.82 -3.36
N ALA A 160 -4.72 12.09 -3.34
CA ALA A 160 -4.61 10.73 -3.88
C ALA A 160 -4.62 9.68 -2.77
N HIS A 161 -5.32 8.57 -2.96
CA HIS A 161 -5.42 7.52 -1.93
C HIS A 161 -5.21 6.09 -2.45
N VAL A 162 -5.05 5.13 -1.53
CA VAL A 162 -4.83 3.70 -1.82
C VAL A 162 -5.56 2.78 -0.85
N TYR A 163 -6.19 1.70 -1.35
CA TYR A 163 -7.05 0.79 -0.58
C TYR A 163 -6.75 -0.70 -0.89
N PRO A 164 -5.76 -1.33 -0.19
CA PRO A 164 -5.45 -2.76 -0.30
C PRO A 164 -6.52 -3.67 0.33
N LYS A 165 -6.61 -4.90 -0.19
CA LYS A 165 -7.55 -5.98 0.18
C LYS A 165 -6.83 -7.33 0.37
N ASN A 166 -7.58 -8.32 0.86
CA ASN A 166 -7.19 -9.73 0.93
C ASN A 166 -7.87 -10.52 -0.22
N THR A 167 -7.76 -11.85 -0.26
CA THR A 167 -8.31 -12.64 -1.39
C THR A 167 -8.72 -14.09 -1.09
N GLU A 168 -8.01 -14.80 -0.22
CA GLU A 168 -8.25 -16.24 0.05
C GLU A 168 -8.88 -16.51 1.43
N ALA A 169 -9.55 -17.66 1.57
CA ALA A 169 -10.14 -18.18 2.81
C ALA A 169 -11.23 -17.31 3.46
N LYS A 170 -11.84 -17.81 4.55
CA LYS A 170 -12.76 -17.10 5.45
C LYS A 170 -12.52 -17.53 6.92
N PRO A 171 -12.87 -16.72 7.93
CA PRO A 171 -12.66 -17.08 9.33
C PRO A 171 -13.41 -18.35 9.75
N LYS A 172 -12.77 -19.19 10.57
CA LYS A 172 -13.39 -20.41 11.15
C LYS A 172 -14.13 -20.19 12.46
N ILE A 173 -13.99 -19.01 13.06
CA ILE A 173 -14.62 -18.63 14.34
C ILE A 173 -15.87 -17.79 14.03
N LEU A 174 -15.67 -16.70 13.27
CA LEU A 174 -16.69 -15.86 12.63
C LEU A 174 -17.59 -15.00 13.54
N GLU A 175 -17.94 -13.83 13.02
CA GLU A 175 -18.96 -12.92 13.53
C GLU A 175 -20.36 -13.55 13.42
N MET A 1 25.27 23.48 -4.89
CA MET A 1 25.03 24.89 -5.27
C MET A 1 23.88 25.45 -4.46
N GLU A 2 24.10 26.55 -3.74
CA GLU A 2 23.19 27.12 -2.72
C GLU A 2 22.97 26.14 -1.55
N THR A 3 21.72 25.77 -1.20
CA THR A 3 21.44 24.87 -0.06
C THR A 3 21.61 23.38 -0.38
N ALA A 4 21.41 22.98 -1.64
CA ALA A 4 21.63 21.62 -2.17
C ALA A 4 20.91 20.46 -1.44
N SER A 5 19.80 20.73 -0.75
CA SER A 5 19.08 19.75 0.09
C SER A 5 18.42 18.59 -0.67
N ALA A 6 18.32 18.69 -2.00
CA ALA A 6 17.95 17.61 -2.91
C ALA A 6 18.79 17.65 -4.19
N ALA A 7 18.81 16.54 -4.95
CA ALA A 7 19.57 16.41 -6.20
C ALA A 7 19.12 17.42 -7.26
N THR A 8 17.81 17.62 -7.35
CA THR A 8 17.13 18.38 -8.39
C THR A 8 15.90 19.08 -7.80
N VAL A 9 15.11 19.73 -8.64
CA VAL A 9 13.78 20.26 -8.31
C VAL A 9 12.64 19.26 -8.49
N PHE A 10 12.99 18.00 -8.75
CA PHE A 10 12.10 16.85 -8.96
C PHE A 10 11.01 17.04 -10.03
N ALA A 11 11.24 17.96 -10.97
CA ALA A 11 10.39 18.27 -12.11
C ALA A 11 8.91 18.60 -11.75
N ALA A 12 8.01 18.55 -12.72
CA ALA A 12 6.57 18.70 -12.57
C ALA A 12 5.83 17.71 -13.49
N GLY A 13 4.61 17.35 -13.09
CA GLY A 13 3.75 16.40 -13.80
C GLY A 13 2.63 15.78 -12.93
N THR A 14 2.20 16.46 -11.87
CA THR A 14 1.29 15.90 -10.83
C THR A 14 0.40 16.97 -10.18
N THR A 15 -0.76 16.59 -9.63
CA THR A 15 -1.69 17.51 -8.92
C THR A 15 -1.56 17.50 -7.39
N THR A 16 -0.77 16.60 -6.82
CA THR A 16 -0.39 16.62 -5.39
C THR A 16 0.97 15.98 -5.12
N THR A 17 1.59 16.35 -4.00
CA THR A 17 2.95 16.02 -3.54
C THR A 17 3.02 14.87 -2.52
N SER A 18 1.86 14.35 -2.08
CA SER A 18 1.73 13.19 -1.18
C SER A 18 0.46 12.36 -1.47
N VAL A 19 0.54 11.06 -1.17
CA VAL A 19 -0.53 10.05 -1.26
C VAL A 19 -0.82 9.43 0.11
N THR A 20 -2.06 9.03 0.39
CA THR A 20 -2.45 8.41 1.68
C THR A 20 -3.04 7.01 1.48
N VAL A 21 -2.51 6.01 2.18
CA VAL A 21 -2.93 4.60 2.12
C VAL A 21 -3.83 4.25 3.32
N HIS A 22 -4.91 3.50 3.04
CA HIS A 22 -6.01 3.17 3.97
C HIS A 22 -6.40 1.69 3.88
N LYS A 23 -6.19 0.86 4.92
CA LYS A 23 -6.31 -0.61 4.82
C LYS A 23 -7.70 -1.15 5.17
N LEU A 24 -8.29 -1.96 4.29
CA LEU A 24 -9.64 -2.53 4.43
C LEU A 24 -9.66 -4.06 4.58
N LEU A 25 -10.69 -4.59 5.25
CA LEU A 25 -11.06 -6.01 5.35
C LEU A 25 -12.60 -6.18 5.27
N ALA A 26 -13.09 -7.42 5.27
CA ALA A 26 -14.52 -7.74 5.22
C ALA A 26 -15.09 -8.26 6.56
N THR A 27 -16.42 -8.25 6.70
CA THR A 27 -17.13 -8.73 7.92
C THR A 27 -17.35 -10.24 7.94
N ASP A 28 -17.66 -10.85 6.79
CA ASP A 28 -17.71 -12.30 6.57
C ASP A 28 -17.29 -12.64 5.13
N GLY A 29 -16.03 -12.34 4.77
CA GLY A 29 -15.45 -12.70 3.47
C GLY A 29 -16.04 -11.96 2.27
N ASP A 30 -16.55 -10.75 2.46
CA ASP A 30 -17.16 -9.87 1.46
C ASP A 30 -16.15 -9.18 0.51
N MET A 31 -14.89 -9.65 0.44
CA MET A 31 -13.85 -8.96 -0.33
C MET A 31 -14.12 -8.96 -1.85
N ASP A 32 -14.82 -9.96 -2.39
CA ASP A 32 -15.17 -10.04 -3.81
C ASP A 32 -16.21 -8.97 -4.22
N LYS A 33 -17.29 -8.80 -3.44
CA LYS A 33 -18.29 -7.77 -3.70
C LYS A 33 -17.74 -6.37 -3.40
N ILE A 34 -16.99 -6.16 -2.31
CA ILE A 34 -16.21 -4.95 -2.08
C ILE A 34 -15.33 -4.63 -3.30
N ALA A 35 -14.55 -5.59 -3.82
CA ALA A 35 -13.72 -5.35 -5.00
C ALA A 35 -14.51 -4.94 -6.25
N ASN A 36 -15.76 -5.43 -6.40
CA ASN A 36 -16.69 -5.00 -7.45
C ASN A 36 -17.30 -3.60 -7.21
N GLU A 37 -17.54 -3.20 -5.95
CA GLU A 37 -17.92 -1.82 -5.58
C GLU A 37 -16.77 -0.82 -5.83
N LEU A 38 -15.52 -1.27 -5.67
CA LEU A 38 -14.33 -0.45 -5.88
C LEU A 38 -13.89 -0.36 -7.35
N GLU A 39 -14.00 -1.44 -8.14
CA GLU A 39 -13.63 -1.39 -9.57
C GLU A 39 -14.54 -0.45 -10.38
N THR A 40 -15.81 -0.27 -9.98
CA THR A 40 -16.76 0.60 -10.67
C THR A 40 -16.57 2.09 -10.34
N GLY A 41 -16.01 2.42 -9.18
CA GLY A 41 -15.68 3.79 -8.77
C GLY A 41 -14.34 4.29 -9.35
N ASN A 42 -14.12 5.61 -9.39
CA ASN A 42 -12.92 6.22 -10.00
C ASN A 42 -11.72 6.25 -9.02
N TYR A 43 -11.68 5.31 -8.07
CA TYR A 43 -10.78 5.30 -6.91
C TYR A 43 -9.30 5.06 -7.20
N ALA A 44 -8.88 4.89 -8.46
CA ALA A 44 -7.47 4.85 -8.82
C ALA A 44 -6.73 6.16 -8.48
N GLY A 45 -7.45 7.30 -8.41
CA GLY A 45 -6.90 8.60 -8.01
C GLY A 45 -7.38 9.05 -6.62
N ASN A 46 -8.59 9.60 -6.56
CA ASN A 46 -9.19 10.16 -5.34
C ASN A 46 -9.77 9.08 -4.40
N LYS A 47 -10.02 9.41 -3.13
CA LYS A 47 -10.40 8.47 -2.06
C LYS A 47 -11.68 7.66 -2.32
N VAL A 48 -11.85 6.55 -1.61
CA VAL A 48 -13.14 5.82 -1.59
C VAL A 48 -14.20 6.70 -0.89
N GLY A 49 -15.16 7.21 -1.66
CA GLY A 49 -16.20 8.12 -1.15
C GLY A 49 -17.30 7.43 -0.33
N VAL A 50 -17.54 6.14 -0.59
CA VAL A 50 -18.53 5.30 0.12
C VAL A 50 -18.00 3.88 0.34
N LEU A 51 -17.86 3.48 1.60
CA LEU A 51 -17.62 2.11 2.03
C LEU A 51 -18.97 1.38 2.23
N PRO A 52 -19.04 0.06 1.96
CA PRO A 52 -20.21 -0.72 2.30
C PRO A 52 -20.27 -1.03 3.80
N ALA A 53 -21.46 -1.33 4.33
CA ALA A 53 -21.63 -1.76 5.73
C ALA A 53 -20.97 -3.13 6.01
N ASN A 54 -20.78 -3.96 4.98
CA ASN A 54 -20.05 -5.23 5.06
C ASN A 54 -18.50 -5.10 5.08
N ALA A 55 -17.96 -3.90 4.84
CA ALA A 55 -16.55 -3.57 4.94
C ALA A 55 -16.17 -3.10 6.37
N LYS A 56 -14.89 -3.26 6.73
CA LYS A 56 -14.29 -2.70 7.95
C LYS A 56 -12.87 -2.19 7.71
N GLU A 57 -12.41 -1.31 8.59
CA GLU A 57 -11.11 -0.63 8.50
C GLU A 57 -10.27 -0.92 9.76
N ILE A 58 -8.94 -1.00 9.61
CA ILE A 58 -8.01 -1.26 10.71
C ILE A 58 -6.73 -0.44 10.57
N ALA A 59 -6.11 -0.12 11.71
CA ALA A 59 -4.81 0.54 11.81
C ALA A 59 -3.75 -0.40 12.43
N GLY A 60 -2.47 -0.02 12.41
CA GLY A 60 -1.38 -0.83 12.96
C GLY A 60 -0.86 -1.93 12.03
N VAL A 61 -1.20 -1.84 10.74
CA VAL A 61 -0.73 -2.70 9.63
C VAL A 61 0.39 -1.99 8.88
N MET A 62 1.43 -2.74 8.48
CA MET A 62 2.65 -2.26 7.78
C MET A 62 2.64 -2.59 6.30
N PHE A 63 3.06 -1.62 5.48
CA PHE A 63 3.24 -1.73 4.03
C PHE A 63 4.49 -0.96 3.55
N VAL A 64 5.05 -1.43 2.44
CA VAL A 64 6.28 -0.92 1.80
C VAL A 64 5.96 -0.53 0.33
N TRP A 65 6.56 0.54 -0.18
CA TRP A 65 6.52 0.89 -1.61
C TRP A 65 7.64 0.19 -2.41
N THR A 66 7.36 -0.10 -3.67
CA THR A 66 8.23 -0.83 -4.61
C THR A 66 8.10 -0.31 -6.05
N ASN A 67 9.03 -0.69 -6.92
CA ASN A 67 8.91 -0.54 -8.38
C ASN A 67 8.24 -1.77 -9.01
N THR A 68 7.82 -1.68 -10.28
CA THR A 68 6.97 -2.70 -10.92
C THR A 68 7.60 -4.10 -11.00
N ASN A 69 8.94 -4.15 -11.03
CA ASN A 69 9.74 -5.39 -10.91
C ASN A 69 9.84 -5.94 -9.46
N ASN A 70 8.96 -5.48 -8.58
CA ASN A 70 8.78 -5.90 -7.19
C ASN A 70 10.01 -5.61 -6.30
N GLU A 71 10.79 -4.58 -6.63
CA GLU A 71 11.98 -4.15 -5.89
C GLU A 71 11.66 -3.09 -4.84
N ILE A 72 12.28 -3.18 -3.65
CA ILE A 72 12.02 -2.23 -2.56
C ILE A 72 12.85 -0.96 -2.75
N ILE A 73 12.16 0.18 -2.77
CA ILE A 73 12.74 1.51 -3.00
C ILE A 73 12.53 2.52 -1.85
N ASP A 74 13.42 3.50 -1.81
CA ASP A 74 13.38 4.73 -0.99
C ASP A 74 12.46 5.80 -1.63
N GLU A 75 12.00 6.76 -0.82
CA GLU A 75 11.09 7.86 -1.19
C GLU A 75 11.56 8.79 -2.34
N ASN A 76 12.80 8.64 -2.82
CA ASN A 76 13.33 9.32 -4.01
C ASN A 76 13.58 8.40 -5.23
N GLY A 77 13.27 7.10 -5.12
CA GLY A 77 13.44 6.09 -6.18
C GLY A 77 14.76 5.32 -6.14
N GLN A 78 15.61 5.54 -5.13
CA GLN A 78 16.80 4.70 -4.89
C GLN A 78 16.36 3.30 -4.46
N THR A 79 17.08 2.28 -4.90
CA THR A 79 16.76 0.87 -4.67
C THR A 79 17.64 0.27 -3.56
N LEU A 80 17.09 -0.69 -2.80
CA LEU A 80 17.71 -1.19 -1.55
C LEU A 80 18.39 -2.57 -1.68
N GLY A 81 18.26 -3.25 -2.83
CA GLY A 81 18.81 -4.60 -3.04
C GLY A 81 17.92 -5.71 -2.48
N VAL A 82 16.61 -5.49 -2.42
CA VAL A 82 15.61 -6.47 -1.96
C VAL A 82 14.42 -6.53 -2.93
N ASN A 83 13.82 -7.71 -3.09
CA ASN A 83 12.72 -8.04 -3.97
C ASN A 83 11.66 -8.87 -3.22
N ILE A 84 10.41 -8.83 -3.67
CA ILE A 84 9.24 -9.45 -3.01
C ILE A 84 8.39 -10.23 -4.04
N ASP A 85 7.97 -11.47 -3.73
CA ASP A 85 7.04 -12.23 -4.59
C ASP A 85 5.63 -11.61 -4.57
N PRO A 86 4.86 -11.57 -5.68
CA PRO A 86 3.48 -11.04 -5.61
C PRO A 86 2.52 -11.99 -4.90
N GLN A 87 2.82 -13.30 -4.88
CA GLN A 87 2.01 -14.37 -4.28
C GLN A 87 2.42 -14.67 -2.84
N THR A 88 3.72 -14.91 -2.59
CA THR A 88 4.24 -15.31 -1.26
C THR A 88 4.42 -14.12 -0.32
N PHE A 89 4.59 -12.92 -0.89
CA PHE A 89 4.96 -11.68 -0.20
C PHE A 89 6.26 -11.79 0.63
N LYS A 90 7.12 -12.79 0.38
CA LYS A 90 8.38 -13.01 1.12
C LYS A 90 9.54 -12.22 0.51
N LEU A 91 10.51 -11.81 1.34
CA LEU A 91 11.66 -10.97 0.98
C LEU A 91 12.86 -11.78 0.45
N SER A 92 13.63 -11.23 -0.49
CA SER A 92 14.88 -11.83 -1.01
C SER A 92 16.10 -11.68 -0.07
N GLY A 93 15.91 -11.07 1.10
CA GLY A 93 16.91 -10.81 2.14
C GLY A 93 16.24 -10.25 3.40
N ALA A 94 16.98 -9.54 4.26
CA ALA A 94 16.42 -8.88 5.44
C ALA A 94 15.78 -7.51 5.11
N MET A 95 14.84 -7.07 5.95
CA MET A 95 14.14 -5.78 5.79
C MET A 95 15.13 -4.59 5.71
N PRO A 96 15.00 -3.70 4.70
CA PRO A 96 15.93 -2.61 4.40
C PRO A 96 15.89 -1.40 5.36
N ALA A 97 16.92 -0.55 5.28
CA ALA A 97 17.03 0.70 6.03
C ALA A 97 16.12 1.82 5.49
N THR A 98 16.51 2.53 4.42
CA THR A 98 15.82 3.77 3.98
C THR A 98 14.64 3.53 3.04
N ALA A 99 14.16 2.28 2.90
CA ALA A 99 12.96 1.98 2.12
C ALA A 99 11.73 2.77 2.57
N MET A 100 10.85 3.06 1.61
CA MET A 100 9.60 3.80 1.76
C MET A 100 8.51 2.92 2.39
N LYS A 101 8.43 2.88 3.73
CA LYS A 101 7.53 2.00 4.51
C LYS A 101 6.97 2.68 5.76
N LYS A 102 5.73 2.34 6.13
CA LYS A 102 5.00 2.94 7.27
C LYS A 102 3.82 2.08 7.72
N LEU A 103 3.37 2.29 8.95
CA LEU A 103 2.13 1.73 9.50
C LEU A 103 0.97 2.74 9.52
N THR A 104 -0.28 2.31 9.31
CA THR A 104 -1.47 3.21 9.44
C THR A 104 -1.74 3.60 10.90
N GLU A 105 -2.10 4.86 11.13
CA GLU A 105 -2.31 5.45 12.47
C GLU A 105 -3.74 5.25 13.04
N ALA A 106 -4.72 5.92 12.45
CA ALA A 106 -6.16 5.76 12.64
C ALA A 106 -6.90 6.24 11.39
N GLU A 107 -6.45 7.36 10.81
CA GLU A 107 -7.00 7.98 9.58
C GLU A 107 -6.32 7.51 8.29
N GLY A 108 -5.19 6.79 8.37
CA GLY A 108 -4.40 6.29 7.23
C GLY A 108 -2.89 6.33 7.50
N ALA A 109 -2.07 6.37 6.45
CA ALA A 109 -0.62 6.67 6.49
C ALA A 109 -0.24 7.55 5.28
N LYS A 110 0.43 8.68 5.52
CA LYS A 110 0.96 9.59 4.49
C LYS A 110 2.24 9.03 3.86
N PHE A 111 2.38 9.18 2.55
CA PHE A 111 3.60 8.92 1.77
C PHE A 111 3.89 10.13 0.87
N ASN A 112 5.01 10.79 1.11
CA ASN A 112 5.50 11.92 0.30
C ASN A 112 6.01 11.44 -1.06
N THR A 113 5.35 11.86 -2.14
CA THR A 113 5.65 11.45 -3.52
C THR A 113 6.38 12.52 -4.35
N ALA A 114 6.56 13.72 -3.80
CA ALA A 114 7.24 14.85 -4.46
C ALA A 114 8.65 14.53 -4.97
N ASN A 115 9.36 13.58 -4.34
CA ASN A 115 10.74 13.22 -4.69
C ASN A 115 10.84 12.09 -5.74
N LEU A 116 9.76 11.35 -6.00
CA LEU A 116 9.75 10.30 -7.03
C LEU A 116 9.72 10.87 -8.45
N PRO A 117 10.34 10.19 -9.43
CA PRO A 117 10.15 10.48 -10.84
C PRO A 117 8.79 9.96 -11.33
N ALA A 118 8.39 10.40 -12.52
CA ALA A 118 7.17 10.00 -13.20
C ALA A 118 7.33 8.57 -13.74
N ALA A 119 6.86 7.60 -12.95
CA ALA A 119 6.89 6.19 -13.28
C ALA A 119 5.73 5.42 -12.59
N LYS A 120 5.60 4.12 -12.88
CA LYS A 120 4.73 3.18 -12.15
C LYS A 120 5.45 2.59 -10.94
N TYR A 121 4.67 2.26 -9.92
CA TYR A 121 5.09 1.76 -8.61
C TYR A 121 4.08 0.69 -8.12
N LYS A 122 4.42 0.02 -7.03
CA LYS A 122 3.55 -0.97 -6.36
C LYS A 122 3.65 -0.90 -4.84
N ILE A 123 2.62 -1.34 -4.12
CA ILE A 123 2.63 -1.46 -2.65
C ILE A 123 2.44 -2.92 -2.22
N TYR A 124 3.26 -3.33 -1.25
CA TYR A 124 3.28 -4.66 -0.63
C TYR A 124 3.04 -4.56 0.89
N GLU A 125 2.30 -5.51 1.46
CA GLU A 125 1.92 -5.50 2.89
C GLU A 125 2.69 -6.58 3.67
N ILE A 126 3.51 -6.19 4.65
CA ILE A 126 4.43 -7.09 5.35
C ILE A 126 3.99 -7.22 6.81
N HIS A 127 3.52 -8.39 7.25
CA HIS A 127 2.99 -8.57 8.61
C HIS A 127 4.08 -8.60 9.69
N SER A 128 5.34 -8.88 9.34
CA SER A 128 6.47 -9.03 10.29
C SER A 128 6.78 -7.81 11.19
N LEU A 129 6.30 -6.59 10.87
CA LEU A 129 6.45 -5.38 11.69
C LEU A 129 5.13 -4.90 12.31
N SER A 130 4.01 -5.58 12.07
CA SER A 130 2.66 -5.11 12.44
C SER A 130 2.44 -5.00 13.95
N THR A 131 1.69 -3.98 14.35
CA THR A 131 1.36 -3.65 15.76
C THR A 131 -0.01 -4.20 16.17
N TYR A 132 -0.94 -4.32 15.22
CA TYR A 132 -2.25 -4.97 15.42
C TYR A 132 -2.16 -6.50 15.49
N VAL A 133 -3.22 -7.17 15.95
CA VAL A 133 -3.35 -8.63 15.97
C VAL A 133 -4.61 -9.07 15.20
N GLY A 134 -4.47 -9.94 14.20
CA GLY A 134 -5.63 -10.46 13.44
C GLY A 134 -5.54 -11.93 13.03
N GLU A 135 -4.34 -12.45 12.80
CA GLU A 135 -4.06 -13.84 12.42
C GLU A 135 -3.71 -14.75 13.61
N ASP A 136 -3.35 -14.19 14.76
CA ASP A 136 -2.76 -14.94 15.89
C ASP A 136 -3.79 -15.50 16.88
N GLY A 137 -4.74 -16.28 16.36
CA GLY A 137 -5.87 -16.81 17.15
C GLY A 137 -7.06 -15.86 17.27
N ALA A 138 -6.92 -14.63 16.76
CA ALA A 138 -7.99 -13.65 16.63
C ALA A 138 -8.86 -13.94 15.38
N THR A 139 -10.04 -13.30 15.33
CA THR A 139 -10.99 -13.38 14.21
C THR A 139 -10.81 -12.23 13.20
N LEU A 140 -10.01 -11.20 13.52
CA LEU A 140 -9.87 -9.97 12.71
C LEU A 140 -9.35 -10.23 11.29
N THR A 141 -8.47 -11.23 11.09
CA THR A 141 -7.85 -11.49 9.78
C THR A 141 -7.60 -12.97 9.51
N GLY A 142 -8.41 -13.57 8.63
CA GLY A 142 -8.20 -14.91 8.07
C GLY A 142 -7.58 -14.90 6.66
N SER A 143 -7.70 -13.77 5.94
CA SER A 143 -7.29 -13.61 4.54
C SER A 143 -5.87 -13.07 4.38
N LYS A 144 -5.23 -13.34 3.23
CA LYS A 144 -3.91 -12.80 2.82
C LYS A 144 -4.03 -11.50 2.01
N ALA A 145 -3.15 -10.54 2.18
CA ALA A 145 -3.11 -9.34 1.32
C ALA A 145 -2.55 -9.67 -0.08
N VAL A 146 -2.93 -8.87 -1.08
CA VAL A 146 -2.43 -8.94 -2.47
C VAL A 146 -1.94 -7.55 -2.94
N PRO A 147 -0.96 -7.47 -3.84
CA PRO A 147 -0.23 -6.23 -4.14
C PRO A 147 -1.02 -5.22 -4.98
N ILE A 148 -0.79 -3.94 -4.71
CA ILE A 148 -1.45 -2.80 -5.36
C ILE A 148 -0.54 -2.23 -6.47
N GLU A 149 -1.10 -1.84 -7.61
CA GLU A 149 -0.37 -1.22 -8.74
C GLU A 149 -0.80 0.24 -8.96
N ILE A 150 0.14 1.17 -8.88
CA ILE A 150 -0.10 2.62 -8.82
C ILE A 150 0.84 3.42 -9.75
N GLU A 151 0.42 4.63 -10.14
CA GLU A 151 1.20 5.61 -10.88
C GLU A 151 0.93 7.01 -10.29
N LEU A 152 1.82 7.98 -10.52
CA LEU A 152 1.72 9.31 -9.91
C LEU A 152 0.49 10.12 -10.43
N PRO A 153 -0.06 11.05 -9.62
CA PRO A 153 -1.35 11.70 -9.87
C PRO A 153 -1.32 12.81 -10.94
N LEU A 154 -1.33 12.43 -12.22
CA LEU A 154 -1.56 13.35 -13.35
C LEU A 154 -3.02 13.13 -13.82
N ASN A 155 -3.95 13.61 -13.00
CA ASN A 155 -5.40 13.34 -13.06
C ASN A 155 -6.19 14.59 -12.59
N ASP A 156 -7.51 14.54 -12.51
CA ASP A 156 -8.36 15.66 -12.07
C ASP A 156 -8.44 15.87 -10.54
N VAL A 157 -7.75 15.04 -9.76
CA VAL A 157 -7.89 14.97 -8.29
C VAL A 157 -7.12 16.06 -7.53
N VAL A 158 -7.54 16.32 -6.30
CA VAL A 158 -6.89 17.27 -5.36
C VAL A 158 -5.99 16.54 -4.35
N ASP A 159 -6.36 15.31 -3.98
CA ASP A 159 -5.71 14.51 -2.94
C ASP A 159 -5.69 13.03 -3.39
N ALA A 160 -4.53 12.36 -3.35
CA ALA A 160 -4.35 11.01 -3.90
C ALA A 160 -4.40 9.94 -2.81
N HIS A 161 -5.02 8.77 -3.09
CA HIS A 161 -5.19 7.72 -2.09
C HIS A 161 -5.03 6.28 -2.60
N VAL A 162 -4.96 5.35 -1.64
CA VAL A 162 -4.80 3.90 -1.83
C VAL A 162 -5.68 3.10 -0.87
N TYR A 163 -6.28 2.01 -1.35
CA TYR A 163 -7.17 1.13 -0.59
C TYR A 163 -6.89 -0.38 -0.88
N PRO A 164 -5.92 -1.01 -0.18
CA PRO A 164 -5.64 -2.45 -0.27
C PRO A 164 -6.75 -3.32 0.35
N LYS A 165 -6.91 -4.52 -0.24
CA LYS A 165 -7.84 -5.59 0.14
C LYS A 165 -7.13 -6.96 0.19
N ASN A 166 -7.75 -7.94 0.86
CA ASN A 166 -7.22 -9.30 1.00
C ASN A 166 -8.03 -10.35 0.20
N THR A 167 -7.48 -11.58 0.11
CA THR A 167 -8.06 -12.75 -0.56
C THR A 167 -7.60 -14.07 0.10
N GLU A 168 -7.74 -15.23 -0.56
CA GLU A 168 -7.40 -16.56 -0.05
C GLU A 168 -6.42 -17.33 -0.97
N ALA A 169 -5.52 -18.12 -0.37
CA ALA A 169 -4.59 -19.03 -1.03
C ALA A 169 -3.99 -20.01 0.01
N LYS A 170 -2.89 -20.70 -0.32
CA LYS A 170 -2.08 -21.45 0.67
C LYS A 170 -1.35 -20.46 1.60
N PRO A 171 -1.06 -20.82 2.87
CA PRO A 171 -0.58 -19.90 3.89
C PRO A 171 0.68 -19.09 3.52
N LYS A 172 0.73 -17.83 3.97
CA LYS A 172 1.86 -16.90 3.81
C LYS A 172 2.47 -16.40 5.13
N ILE A 173 2.07 -17.01 6.27
CA ILE A 173 2.59 -16.74 7.62
C ILE A 173 3.64 -17.78 8.04
N LEU A 174 3.26 -19.07 7.91
CA LEU A 174 3.97 -20.30 8.24
C LEU A 174 4.37 -20.47 9.71
N GLU A 175 4.02 -21.63 10.27
CA GLU A 175 4.28 -22.06 11.66
C GLU A 175 4.43 -23.59 11.75
N MET A 1 17.05 14.14 15.68
CA MET A 1 17.37 14.90 14.45
C MET A 1 16.43 14.49 13.33
N GLU A 2 16.07 15.40 12.42
CA GLU A 2 15.32 15.06 11.20
C GLU A 2 15.83 15.81 9.96
N THR A 3 15.92 15.09 8.83
CA THR A 3 16.53 15.49 7.55
C THR A 3 18.03 15.82 7.63
N ALA A 4 18.75 15.61 6.52
CA ALA A 4 20.20 15.82 6.40
C ALA A 4 20.58 16.44 5.04
N SER A 5 21.88 16.71 4.83
CA SER A 5 22.43 17.12 3.52
C SER A 5 22.03 16.11 2.43
N ALA A 6 21.23 16.56 1.45
CA ALA A 6 20.63 15.71 0.43
C ALA A 6 20.88 16.15 -1.03
N ALA A 7 21.51 17.33 -1.20
CA ALA A 7 21.77 18.05 -2.44
C ALA A 7 20.55 18.44 -3.29
N THR A 8 20.63 19.62 -3.90
CA THR A 8 19.68 20.14 -4.91
C THR A 8 18.20 20.11 -4.46
N VAL A 9 17.26 20.07 -5.42
CA VAL A 9 15.81 20.11 -5.24
C VAL A 9 15.10 19.07 -6.12
N PHE A 10 13.80 18.87 -5.90
CA PHE A 10 12.90 18.11 -6.80
C PHE A 10 12.09 19.06 -7.69
N ALA A 11 11.42 18.51 -8.71
CA ALA A 11 10.68 19.27 -9.71
C ALA A 11 9.21 18.81 -9.85
N ALA A 12 8.33 19.72 -10.27
CA ALA A 12 6.87 19.55 -10.26
C ALA A 12 6.33 18.92 -11.55
N GLY A 13 6.11 17.60 -11.56
CA GLY A 13 5.65 16.83 -12.72
C GLY A 13 4.25 16.22 -12.60
N THR A 14 3.50 16.57 -11.54
CA THR A 14 2.23 15.92 -11.14
C THR A 14 1.12 16.93 -10.80
N THR A 15 -0.09 16.44 -10.46
CA THR A 15 -1.20 17.24 -9.91
C THR A 15 -1.43 17.03 -8.40
N THR A 16 -0.65 16.15 -7.79
CA THR A 16 -0.70 15.77 -6.36
C THR A 16 0.72 15.46 -5.88
N THR A 17 1.00 15.73 -4.60
CA THR A 17 2.31 15.51 -3.96
C THR A 17 2.33 14.38 -2.92
N SER A 18 1.18 13.85 -2.49
CA SER A 18 1.12 12.72 -1.56
C SER A 18 -0.08 11.78 -1.77
N VAL A 19 0.07 10.55 -1.25
CA VAL A 19 -0.91 9.47 -1.28
C VAL A 19 -1.12 8.90 0.13
N THR A 20 -2.36 8.60 0.51
CA THR A 20 -2.71 8.02 1.82
C THR A 20 -3.29 6.61 1.65
N VAL A 21 -2.67 5.59 2.26
CA VAL A 21 -3.07 4.17 2.16
C VAL A 21 -3.93 3.73 3.36
N HIS A 22 -5.01 3.00 3.07
CA HIS A 22 -6.06 2.61 4.04
C HIS A 22 -6.43 1.11 3.91
N LYS A 23 -6.03 0.24 4.86
CA LYS A 23 -6.19 -1.22 4.71
C LYS A 23 -7.59 -1.72 5.11
N LEU A 24 -8.20 -2.57 4.29
CA LEU A 24 -9.57 -3.10 4.46
C LEU A 24 -9.62 -4.65 4.51
N LEU A 25 -10.72 -5.21 5.00
CA LEU A 25 -11.10 -6.64 4.93
C LEU A 25 -12.61 -6.81 4.72
N ALA A 26 -13.05 -8.02 4.39
CA ALA A 26 -14.46 -8.42 4.37
C ALA A 26 -14.96 -9.06 5.69
N THR A 27 -16.27 -9.26 5.84
CA THR A 27 -16.87 -9.95 7.00
C THR A 27 -17.11 -11.45 6.81
N ASP A 28 -17.42 -11.91 5.60
CA ASP A 28 -17.56 -13.34 5.24
C ASP A 28 -16.98 -13.65 3.85
N GLY A 29 -15.78 -13.11 3.57
CA GLY A 29 -15.03 -13.32 2.33
C GLY A 29 -15.47 -12.47 1.12
N ASP A 30 -16.30 -11.45 1.35
CA ASP A 30 -16.99 -10.61 0.34
C ASP A 30 -16.10 -9.64 -0.48
N MET A 31 -14.80 -9.87 -0.56
CA MET A 31 -13.85 -8.93 -1.20
C MET A 31 -14.08 -8.74 -2.71
N ASP A 32 -14.77 -9.65 -3.38
CA ASP A 32 -15.07 -9.57 -4.82
C ASP A 32 -16.20 -8.56 -5.09
N LYS A 33 -17.36 -8.66 -4.42
CA LYS A 33 -18.41 -7.64 -4.54
C LYS A 33 -17.92 -6.28 -4.04
N ILE A 34 -17.17 -6.21 -2.93
CA ILE A 34 -16.46 -4.99 -2.50
C ILE A 34 -15.59 -4.44 -3.63
N ALA A 35 -14.77 -5.25 -4.31
CA ALA A 35 -13.97 -4.79 -5.44
C ALA A 35 -14.81 -4.26 -6.61
N ASN A 36 -16.03 -4.76 -6.82
CA ASN A 36 -16.98 -4.22 -7.79
C ASN A 36 -17.59 -2.87 -7.32
N GLU A 37 -17.89 -2.74 -6.03
CA GLU A 37 -18.33 -1.47 -5.41
C GLU A 37 -17.26 -0.36 -5.51
N LEU A 38 -15.97 -0.73 -5.47
CA LEU A 38 -14.86 0.23 -5.58
C LEU A 38 -14.40 0.51 -7.03
N GLU A 39 -14.40 -0.49 -7.92
CA GLU A 39 -13.92 -0.27 -9.30
C GLU A 39 -14.83 0.65 -10.13
N THR A 40 -16.10 0.80 -9.71
CA THR A 40 -17.09 1.72 -10.31
C THR A 40 -16.95 3.19 -9.86
N GLY A 41 -16.15 3.47 -8.81
CA GLY A 41 -15.85 4.83 -8.33
C GLY A 41 -14.51 5.35 -8.86
N ASN A 42 -14.27 6.65 -8.82
CA ASN A 42 -12.98 7.26 -9.24
C ASN A 42 -11.89 7.13 -8.14
N TYR A 43 -11.87 6.00 -7.44
CA TYR A 43 -11.00 5.75 -6.29
C TYR A 43 -9.54 5.44 -6.65
N ALA A 44 -9.20 5.40 -7.95
CA ALA A 44 -7.81 5.40 -8.40
C ALA A 44 -7.08 6.67 -7.92
N GLY A 45 -7.82 7.78 -7.71
CA GLY A 45 -7.33 8.99 -7.05
C GLY A 45 -8.03 9.28 -5.72
N ASN A 46 -9.36 9.36 -5.73
CA ASN A 46 -10.18 9.85 -4.62
C ASN A 46 -10.32 8.84 -3.47
N LYS A 47 -10.69 9.30 -2.25
CA LYS A 47 -11.01 8.41 -1.13
C LYS A 47 -12.33 7.65 -1.38
N VAL A 48 -12.49 6.49 -0.75
CA VAL A 48 -13.75 5.73 -0.82
C VAL A 48 -14.87 6.48 -0.10
N GLY A 49 -15.94 6.84 -0.82
CA GLY A 49 -17.05 7.62 -0.27
C GLY A 49 -17.88 6.87 0.78
N VAL A 50 -18.18 5.59 0.52
CA VAL A 50 -18.98 4.70 1.39
C VAL A 50 -18.42 3.27 1.37
N LEU A 51 -18.21 2.66 2.53
CA LEU A 51 -17.90 1.24 2.68
C LEU A 51 -19.19 0.41 2.82
N PRO A 52 -19.27 -0.81 2.25
CA PRO A 52 -20.44 -1.67 2.40
C PRO A 52 -20.56 -2.24 3.82
N ALA A 53 -21.74 -2.74 4.21
CA ALA A 53 -21.95 -3.37 5.51
C ALA A 53 -21.12 -4.68 5.68
N ASN A 54 -20.85 -5.36 4.56
CA ASN A 54 -19.97 -6.54 4.49
C ASN A 54 -18.46 -6.21 4.43
N ALA A 55 -18.06 -4.94 4.51
CA ALA A 55 -16.66 -4.50 4.70
C ALA A 55 -16.36 -4.10 6.17
N LYS A 56 -15.07 -4.16 6.56
CA LYS A 56 -14.55 -3.64 7.84
C LYS A 56 -13.12 -3.11 7.69
N GLU A 57 -12.64 -2.40 8.72
CA GLU A 57 -11.38 -1.64 8.69
C GLU A 57 -10.44 -2.01 9.85
N ILE A 58 -9.14 -2.00 9.59
CA ILE A 58 -8.06 -2.32 10.55
C ILE A 58 -6.84 -1.42 10.33
N ALA A 59 -6.13 -1.06 11.40
CA ALA A 59 -4.86 -0.31 11.33
C ALA A 59 -3.80 -0.89 12.29
N GLY A 60 -2.51 -0.60 12.02
CA GLY A 60 -1.36 -1.19 12.71
C GLY A 60 -0.61 -2.27 11.90
N VAL A 61 -0.86 -2.34 10.59
CA VAL A 61 -0.21 -3.21 9.58
C VAL A 61 0.84 -2.42 8.78
N MET A 62 1.93 -3.07 8.41
CA MET A 62 3.06 -2.52 7.64
C MET A 62 2.98 -2.83 6.14
N PHE A 63 3.32 -1.84 5.32
CA PHE A 63 3.49 -1.97 3.88
C PHE A 63 4.68 -1.14 3.37
N VAL A 64 5.24 -1.56 2.24
CA VAL A 64 6.46 -1.01 1.61
C VAL A 64 6.15 -0.63 0.15
N TRP A 65 6.76 0.43 -0.38
CA TRP A 65 6.75 0.77 -1.81
C TRP A 65 7.84 0.03 -2.61
N THR A 66 7.52 -0.29 -3.86
CA THR A 66 8.37 -0.99 -4.84
C THR A 66 8.21 -0.43 -6.26
N ASN A 67 9.06 -0.88 -7.19
CA ASN A 67 9.02 -0.51 -8.60
C ASN A 67 8.29 -1.50 -9.53
N THR A 68 8.41 -1.33 -10.84
CA THR A 68 7.87 -2.29 -11.81
C THR A 68 8.53 -3.66 -11.70
N ASN A 69 9.81 -3.72 -11.34
CA ASN A 69 10.58 -4.99 -11.21
C ASN A 69 10.33 -5.71 -9.86
N ASN A 70 9.30 -5.31 -9.10
CA ASN A 70 9.02 -5.78 -7.74
C ASN A 70 10.20 -5.51 -6.78
N GLU A 71 11.00 -4.48 -7.08
CA GLU A 71 12.18 -4.08 -6.30
C GLU A 71 11.84 -3.01 -5.27
N ILE A 72 12.48 -3.08 -4.11
CA ILE A 72 12.24 -2.15 -3.01
C ILE A 72 12.97 -0.82 -3.26
N ILE A 73 12.21 0.27 -3.24
CA ILE A 73 12.69 1.66 -3.41
C ILE A 73 12.54 2.55 -2.16
N ASP A 74 13.39 3.56 -2.08
CA ASP A 74 13.36 4.72 -1.19
C ASP A 74 12.55 5.84 -1.86
N GLU A 75 12.01 6.77 -1.07
CA GLU A 75 11.11 7.85 -1.54
C GLU A 75 11.66 8.72 -2.68
N ASN A 76 12.98 8.82 -2.85
CA ASN A 76 13.58 9.58 -3.96
C ASN A 76 13.73 8.72 -5.24
N GLY A 77 13.20 7.49 -5.25
CA GLY A 77 13.24 6.54 -6.36
C GLY A 77 14.58 5.83 -6.50
N GLN A 78 15.39 5.84 -5.44
CA GLN A 78 16.59 5.03 -5.35
C GLN A 78 16.24 3.59 -4.96
N THR A 79 16.86 2.60 -5.58
CA THR A 79 16.59 1.17 -5.34
C THR A 79 17.58 0.59 -4.34
N LEU A 80 17.13 -0.37 -3.52
CA LEU A 80 17.86 -0.87 -2.35
C LEU A 80 18.62 -2.19 -2.58
N GLY A 81 18.46 -2.83 -3.74
CA GLY A 81 19.08 -4.13 -4.06
C GLY A 81 18.32 -5.32 -3.49
N VAL A 82 17.00 -5.20 -3.31
CA VAL A 82 16.10 -6.27 -2.84
C VAL A 82 14.82 -6.30 -3.70
N ASN A 83 14.26 -7.50 -3.89
CA ASN A 83 13.06 -7.83 -4.63
C ASN A 83 12.11 -8.70 -3.79
N ILE A 84 10.83 -8.71 -4.17
CA ILE A 84 9.72 -9.37 -3.44
C ILE A 84 8.83 -10.19 -4.40
N ASP A 85 8.39 -11.40 -4.01
CA ASP A 85 7.39 -12.17 -4.77
C ASP A 85 5.97 -11.60 -4.61
N PRO A 86 5.10 -11.51 -5.63
CA PRO A 86 3.72 -11.03 -5.43
C PRO A 86 2.82 -12.03 -4.70
N GLN A 87 3.19 -13.31 -4.71
CA GLN A 87 2.43 -14.42 -4.12
C GLN A 87 2.96 -14.79 -2.73
N THR A 88 4.28 -14.87 -2.57
CA THR A 88 4.93 -15.27 -1.30
C THR A 88 5.23 -14.10 -0.38
N PHE A 89 5.30 -12.88 -0.94
CA PHE A 89 5.74 -11.65 -0.27
C PHE A 89 7.14 -11.76 0.41
N LYS A 90 7.98 -12.75 0.02
CA LYS A 90 9.30 -12.99 0.62
C LYS A 90 10.43 -12.25 -0.12
N LEU A 91 11.47 -11.87 0.64
CA LEU A 91 12.56 -10.99 0.21
C LEU A 91 13.72 -11.74 -0.45
N SER A 92 14.33 -11.15 -1.48
CA SER A 92 15.58 -11.65 -2.11
C SER A 92 16.83 -11.48 -1.24
N GLY A 93 16.73 -10.79 -0.10
CA GLY A 93 17.83 -10.49 0.81
C GLY A 93 17.37 -9.99 2.18
N ALA A 94 18.27 -9.33 2.92
CA ALA A 94 17.97 -8.72 4.22
C ALA A 94 17.12 -7.44 4.13
N MET A 95 16.52 -7.03 5.24
CA MET A 95 15.75 -5.78 5.37
C MET A 95 16.54 -4.55 4.88
N PRO A 96 15.91 -3.62 4.13
CA PRO A 96 16.58 -2.45 3.53
C PRO A 96 16.83 -1.30 4.52
N ALA A 97 17.84 -0.47 4.24
CA ALA A 97 18.20 0.69 5.06
C ALA A 97 17.16 1.82 5.04
N THR A 98 16.87 2.42 3.88
CA THR A 98 16.06 3.65 3.75
C THR A 98 14.78 3.49 2.92
N ALA A 99 14.36 2.25 2.67
CA ALA A 99 13.15 1.95 1.88
C ALA A 99 11.89 2.68 2.37
N MET A 100 11.02 3.03 1.42
CA MET A 100 9.74 3.73 1.62
C MET A 100 8.70 2.78 2.22
N LYS A 101 8.44 2.90 3.52
CA LYS A 101 7.56 2.02 4.33
C LYS A 101 7.02 2.72 5.58
N LYS A 102 5.80 2.38 5.98
CA LYS A 102 5.11 2.90 7.18
C LYS A 102 3.92 2.02 7.56
N LEU A 103 3.50 2.05 8.82
CA LEU A 103 2.29 1.37 9.29
C LEU A 103 1.06 2.29 9.25
N THR A 104 -0.14 1.77 8.98
CA THR A 104 -1.39 2.56 9.16
C THR A 104 -1.59 2.90 10.64
N GLU A 105 -2.04 4.12 10.94
CA GLU A 105 -2.33 4.54 12.32
C GLU A 105 -3.81 4.44 12.70
N ALA A 106 -4.67 5.21 12.02
CA ALA A 106 -6.11 5.31 12.21
C ALA A 106 -6.75 6.11 11.07
N GLU A 107 -6.01 7.08 10.51
CA GLU A 107 -6.34 7.87 9.31
C GLU A 107 -5.58 7.38 8.07
N GLY A 108 -5.16 6.10 8.05
CA GLY A 108 -4.26 5.53 7.05
C GLY A 108 -2.79 5.79 7.35
N ALA A 109 -1.97 5.84 6.31
CA ALA A 109 -0.57 6.28 6.31
C ALA A 109 -0.23 7.13 5.07
N LYS A 110 0.38 8.31 5.24
CA LYS A 110 0.83 9.21 4.16
C LYS A 110 2.22 8.84 3.61
N PHE A 111 2.34 8.85 2.28
CA PHE A 111 3.56 8.67 1.50
C PHE A 111 3.69 9.85 0.53
N ASN A 112 4.87 10.49 0.47
CA ASN A 112 5.09 11.72 -0.31
C ASN A 112 5.62 11.40 -1.72
N THR A 113 4.76 11.50 -2.73
CA THR A 113 5.08 11.18 -4.13
C THR A 113 5.70 12.35 -4.90
N ALA A 114 5.86 13.52 -4.26
CA ALA A 114 6.64 14.65 -4.81
C ALA A 114 8.10 14.28 -5.16
N ASN A 115 8.64 13.26 -4.49
CA ASN A 115 10.03 12.82 -4.57
C ASN A 115 10.27 11.80 -5.70
N LEU A 116 9.22 11.19 -6.25
CA LEU A 116 9.31 10.25 -7.36
C LEU A 116 9.20 10.90 -8.75
N PRO A 117 9.85 10.29 -9.77
CA PRO A 117 9.63 10.63 -11.18
C PRO A 117 8.44 9.83 -11.75
N ALA A 118 8.06 10.17 -12.98
CA ALA A 118 6.91 9.68 -13.71
C ALA A 118 7.14 8.24 -14.21
N ALA A 119 6.87 7.27 -13.33
CA ALA A 119 6.96 5.85 -13.61
C ALA A 119 5.80 5.08 -12.92
N LYS A 120 5.72 3.77 -13.16
CA LYS A 120 4.84 2.84 -12.42
C LYS A 120 5.54 2.22 -11.21
N TYR A 121 4.77 1.99 -10.15
CA TYR A 121 5.19 1.56 -8.83
C TYR A 121 4.27 0.46 -8.31
N LYS A 122 4.58 -0.10 -7.14
CA LYS A 122 3.76 -1.13 -6.45
C LYS A 122 3.84 -1.05 -4.93
N ILE A 123 2.84 -1.58 -4.21
CA ILE A 123 2.83 -1.72 -2.74
C ILE A 123 2.72 -3.20 -2.32
N TYR A 124 3.43 -3.58 -1.25
CA TYR A 124 3.50 -4.94 -0.69
C TYR A 124 3.29 -4.94 0.85
N GLU A 125 2.58 -5.95 1.41
CA GLU A 125 2.21 -6.03 2.86
C GLU A 125 3.08 -7.03 3.64
N ILE A 126 3.68 -6.58 4.75
CA ILE A 126 4.72 -7.29 5.52
C ILE A 126 4.32 -7.36 7.00
N HIS A 127 4.62 -8.46 7.72
CA HIS A 127 4.25 -8.64 9.14
C HIS A 127 5.44 -8.72 10.13
N SER A 128 6.69 -8.66 9.65
CA SER A 128 7.88 -8.55 10.53
C SER A 128 7.91 -7.23 11.33
N LEU A 129 7.13 -6.22 10.90
CA LEU A 129 6.79 -5.03 11.66
C LEU A 129 5.26 -5.06 11.83
N SER A 130 4.75 -5.03 13.05
CA SER A 130 3.30 -5.11 13.33
C SER A 130 2.98 -4.54 14.71
N THR A 131 1.84 -3.85 14.81
CA THR A 131 1.32 -3.31 16.08
C THR A 131 -0.20 -3.55 16.22
N TYR A 132 -0.68 -4.64 15.63
CA TYR A 132 -2.07 -5.13 15.78
C TYR A 132 -2.12 -6.61 16.18
N VAL A 133 -3.32 -7.13 16.43
CA VAL A 133 -3.57 -8.54 16.79
C VAL A 133 -4.92 -9.01 16.22
N GLY A 134 -5.04 -10.29 15.88
CA GLY A 134 -6.33 -10.91 15.51
C GLY A 134 -6.84 -11.92 16.54
N GLU A 135 -5.93 -12.61 17.21
CA GLU A 135 -6.19 -13.72 18.16
C GLU A 135 -6.61 -13.28 19.59
N ASP A 136 -6.81 -11.98 19.81
CA ASP A 136 -7.26 -11.38 21.08
C ASP A 136 -8.78 -11.09 21.10
N GLY A 137 -9.56 -11.78 20.27
CA GLY A 137 -11.01 -11.58 20.11
C GLY A 137 -11.39 -10.45 19.15
N ALA A 138 -10.40 -9.78 18.55
CA ALA A 138 -10.57 -8.69 17.60
C ALA A 138 -11.38 -9.13 16.35
N THR A 139 -11.98 -8.18 15.63
CA THR A 139 -12.87 -8.47 14.48
C THR A 139 -12.08 -8.75 13.20
N LEU A 140 -11.19 -9.74 13.25
CA LEU A 140 -10.20 -10.07 12.22
C LEU A 140 -10.52 -11.34 11.42
N THR A 141 -9.82 -11.48 10.31
CA THR A 141 -9.89 -12.65 9.40
C THR A 141 -8.47 -12.89 8.88
N GLY A 142 -7.94 -14.11 9.04
CA GLY A 142 -6.52 -14.42 8.76
C GLY A 142 -6.10 -14.37 7.29
N SER A 143 -7.06 -14.28 6.36
CA SER A 143 -6.86 -14.29 4.91
C SER A 143 -5.86 -13.25 4.39
N LYS A 144 -5.08 -13.63 3.36
CA LYS A 144 -3.89 -12.89 2.87
C LYS A 144 -4.19 -11.79 1.85
N ALA A 145 -3.35 -10.75 1.85
CA ALA A 145 -3.43 -9.61 0.93
C ALA A 145 -2.67 -9.84 -0.38
N VAL A 146 -3.05 -9.08 -1.40
CA VAL A 146 -2.43 -9.12 -2.73
C VAL A 146 -1.92 -7.74 -3.14
N PRO A 147 -0.79 -7.67 -3.88
CA PRO A 147 -0.09 -6.41 -4.15
C PRO A 147 -0.86 -5.52 -5.14
N ILE A 148 -0.50 -4.24 -5.15
CA ILE A 148 -1.24 -3.16 -5.82
C ILE A 148 -0.32 -2.36 -6.75
N GLU A 149 -0.62 -2.33 -8.06
CA GLU A 149 0.03 -1.41 -9.02
C GLU A 149 -0.49 0.03 -8.83
N ILE A 150 0.39 1.03 -8.93
CA ILE A 150 0.05 2.46 -8.92
C ILE A 150 0.97 3.27 -9.85
N GLU A 151 0.45 4.31 -10.49
CA GLU A 151 1.23 5.32 -11.24
C GLU A 151 1.08 6.71 -10.59
N LEU A 152 2.04 7.59 -10.84
CA LEU A 152 2.07 8.98 -10.37
C LEU A 152 0.88 9.82 -10.88
N PRO A 153 0.44 10.85 -10.12
CA PRO A 153 -0.79 11.56 -10.39
C PRO A 153 -0.67 12.65 -11.45
N LEU A 154 -1.39 12.46 -12.53
CA LEU A 154 -1.70 13.45 -13.58
C LEU A 154 -3.23 13.36 -13.76
N ASN A 155 -3.93 13.58 -12.64
CA ASN A 155 -5.36 13.32 -12.43
C ASN A 155 -6.06 14.58 -11.87
N ASP A 156 -7.39 14.58 -11.79
CA ASP A 156 -8.18 15.72 -11.28
C ASP A 156 -8.08 15.92 -9.75
N VAL A 157 -7.52 14.95 -9.00
CA VAL A 157 -7.53 14.95 -7.52
C VAL A 157 -6.52 15.90 -6.87
N VAL A 158 -6.89 16.42 -5.69
CA VAL A 158 -6.05 17.32 -4.88
C VAL A 158 -5.02 16.55 -4.06
N ASP A 159 -5.40 15.37 -3.54
CA ASP A 159 -4.51 14.40 -2.90
C ASP A 159 -5.03 12.97 -3.09
N ALA A 160 -4.15 11.98 -3.20
CA ALA A 160 -4.50 10.61 -3.63
C ALA A 160 -4.72 9.62 -2.47
N HIS A 161 -5.39 8.49 -2.74
CA HIS A 161 -5.56 7.39 -1.77
C HIS A 161 -5.30 5.98 -2.32
N VAL A 162 -5.25 4.99 -1.41
CA VAL A 162 -5.16 3.54 -1.69
C VAL A 162 -6.06 2.74 -0.75
N TYR A 163 -6.65 1.66 -1.24
CA TYR A 163 -7.48 0.70 -0.50
C TYR A 163 -7.14 -0.75 -0.86
N PRO A 164 -6.10 -1.35 -0.26
CA PRO A 164 -5.74 -2.75 -0.46
C PRO A 164 -6.76 -3.73 0.15
N LYS A 165 -6.86 -4.91 -0.45
CA LYS A 165 -7.87 -5.96 -0.20
C LYS A 165 -7.22 -7.34 -0.03
N ASN A 166 -7.94 -8.24 0.67
CA ASN A 166 -7.55 -9.63 0.82
C ASN A 166 -8.11 -10.54 -0.29
N THR A 167 -7.72 -11.82 -0.20
CA THR A 167 -8.11 -12.91 -1.10
C THR A 167 -8.72 -14.08 -0.35
N GLU A 168 -9.12 -15.08 -1.13
CA GLU A 168 -9.75 -16.33 -0.70
C GLU A 168 -8.80 -17.32 0.01
N ALA A 169 -7.49 -17.05 0.09
CA ALA A 169 -6.48 -17.93 0.69
C ALA A 169 -6.05 -17.50 2.11
N LYS A 170 -5.66 -18.47 2.95
CA LYS A 170 -5.25 -18.28 4.35
C LYS A 170 -3.92 -18.98 4.73
N PRO A 171 -3.16 -18.46 5.70
CA PRO A 171 -1.82 -18.94 6.05
C PRO A 171 -1.81 -20.13 7.03
N LYS A 172 -0.66 -20.81 7.10
CA LYS A 172 -0.41 -22.00 7.94
C LYS A 172 0.53 -21.77 9.15
N ILE A 173 1.27 -20.66 9.16
CA ILE A 173 2.41 -20.42 10.07
C ILE A 173 2.29 -19.22 11.05
N LEU A 174 1.15 -18.52 11.06
CA LEU A 174 0.89 -17.36 11.95
C LEU A 174 0.28 -17.80 13.29
N GLU A 175 1.05 -18.60 14.01
CA GLU A 175 0.62 -19.32 15.20
C GLU A 175 1.77 -19.67 16.17
N MET A 1 34.04 15.21 5.99
CA MET A 1 33.11 14.08 6.00
C MET A 1 31.96 14.31 5.02
N GLU A 2 31.36 13.22 4.52
CA GLU A 2 30.40 13.26 3.42
C GLU A 2 28.97 13.57 3.91
N THR A 3 28.57 14.82 3.72
CA THR A 3 27.21 15.34 3.90
C THR A 3 26.94 16.52 2.95
N ALA A 4 25.70 16.73 2.54
CA ALA A 4 25.30 17.73 1.55
C ALA A 4 24.71 19.02 2.17
N SER A 5 24.81 20.14 1.45
CA SER A 5 24.20 21.43 1.83
C SER A 5 22.81 21.65 1.21
N ALA A 6 22.56 21.06 0.04
CA ALA A 6 21.31 21.12 -0.72
C ALA A 6 20.95 19.74 -1.31
N ALA A 7 19.67 19.37 -1.23
CA ALA A 7 19.18 18.02 -1.54
C ALA A 7 18.83 17.79 -3.01
N THR A 8 18.65 16.51 -3.36
CA THR A 8 18.08 16.05 -4.65
C THR A 8 16.63 16.49 -4.80
N VAL A 9 16.21 16.87 -6.01
CA VAL A 9 14.86 17.30 -6.34
C VAL A 9 14.37 16.65 -7.64
N PHE A 10 13.07 16.42 -7.75
CA PHE A 10 12.42 15.88 -8.94
C PHE A 10 11.27 16.76 -9.42
N ALA A 11 10.95 16.64 -10.71
CA ALA A 11 9.92 17.40 -11.38
C ALA A 11 8.96 16.46 -12.13
N ALA A 12 7.66 16.71 -11.97
CA ALA A 12 6.56 15.95 -12.56
C ALA A 12 5.28 16.80 -12.60
N GLY A 13 4.40 16.51 -13.56
CA GLY A 13 3.10 17.17 -13.75
C GLY A 13 2.02 16.89 -12.69
N THR A 14 2.41 16.68 -11.43
CA THR A 14 1.54 16.16 -10.38
C THR A 14 0.62 17.19 -9.70
N THR A 15 -0.58 16.75 -9.31
CA THR A 15 -1.62 17.63 -8.72
C THR A 15 -1.56 17.76 -7.20
N THR A 16 -0.80 16.87 -6.53
CA THR A 16 -0.45 16.92 -5.10
C THR A 16 0.96 16.36 -4.84
N THR A 17 1.50 16.61 -3.65
CA THR A 17 2.85 16.24 -3.17
C THR A 17 2.87 15.06 -2.18
N SER A 18 1.72 14.47 -1.83
CA SER A 18 1.61 13.29 -0.97
C SER A 18 0.40 12.39 -1.31
N VAL A 19 0.41 11.17 -0.77
CA VAL A 19 -0.62 10.13 -0.92
C VAL A 19 -0.96 9.54 0.47
N THR A 20 -2.24 9.34 0.78
CA THR A 20 -2.66 8.68 2.03
C THR A 20 -3.12 7.24 1.76
N VAL A 21 -2.39 6.27 2.29
CA VAL A 21 -2.67 4.83 2.17
C VAL A 21 -3.46 4.33 3.39
N HIS A 22 -4.50 3.54 3.10
CA HIS A 22 -5.42 2.93 4.07
C HIS A 22 -5.32 1.39 3.99
N LYS A 23 -6.06 0.61 4.81
CA LYS A 23 -6.16 -0.85 4.68
C LYS A 23 -7.56 -1.40 5.00
N LEU A 24 -8.13 -2.23 4.12
CA LEU A 24 -9.49 -2.77 4.23
C LEU A 24 -9.54 -4.30 4.41
N LEU A 25 -10.55 -4.77 5.13
CA LEU A 25 -10.95 -6.17 5.28
C LEU A 25 -12.49 -6.30 5.18
N ALA A 26 -13.02 -7.52 5.23
CA ALA A 26 -14.45 -7.82 5.18
C ALA A 26 -14.98 -8.37 6.52
N THR A 27 -16.31 -8.44 6.70
CA THR A 27 -16.93 -8.98 7.94
C THR A 27 -17.10 -10.51 7.91
N ASP A 28 -17.35 -11.11 6.75
CA ASP A 28 -17.57 -12.57 6.58
C ASP A 28 -16.77 -13.18 5.40
N GLY A 29 -15.76 -12.46 4.88
CA GLY A 29 -15.02 -12.83 3.68
C GLY A 29 -15.64 -12.30 2.39
N ASP A 30 -16.23 -11.11 2.44
CA ASP A 30 -16.92 -10.38 1.36
C ASP A 30 -15.97 -9.65 0.38
N MET A 31 -14.65 -9.92 0.42
CA MET A 31 -13.67 -9.15 -0.37
C MET A 31 -13.92 -9.21 -1.88
N ASP A 32 -14.67 -10.22 -2.35
CA ASP A 32 -15.14 -10.37 -3.73
C ASP A 32 -16.10 -9.24 -4.17
N LYS A 33 -17.20 -9.02 -3.43
CA LYS A 33 -18.19 -7.99 -3.78
C LYS A 33 -17.65 -6.59 -3.54
N ILE A 34 -16.91 -6.39 -2.45
CA ILE A 34 -16.13 -5.17 -2.17
C ILE A 34 -15.21 -4.83 -3.36
N ALA A 35 -14.41 -5.77 -3.87
CA ALA A 35 -13.55 -5.51 -5.03
C ALA A 35 -14.34 -5.11 -6.29
N ASN A 36 -15.56 -5.65 -6.48
CA ASN A 36 -16.44 -5.26 -7.59
C ASN A 36 -17.01 -3.83 -7.42
N GLU A 37 -17.29 -3.39 -6.19
CA GLU A 37 -17.67 -2.01 -5.90
C GLU A 37 -16.53 -1.01 -6.13
N LEU A 38 -15.27 -1.44 -5.99
CA LEU A 38 -14.10 -0.59 -6.22
C LEU A 38 -13.65 -0.54 -7.68
N GLU A 39 -13.74 -1.65 -8.43
CA GLU A 39 -13.33 -1.67 -9.85
C GLU A 39 -14.22 -0.78 -10.75
N THR A 40 -15.47 -0.53 -10.35
CA THR A 40 -16.36 0.40 -11.05
C THR A 40 -16.03 1.88 -10.76
N GLY A 41 -15.57 2.22 -9.54
CA GLY A 41 -15.13 3.58 -9.18
C GLY A 41 -13.70 3.92 -9.61
N ASN A 42 -13.30 5.19 -9.53
CA ASN A 42 -12.01 5.68 -10.04
C ASN A 42 -10.91 5.71 -8.96
N TYR A 43 -10.95 4.78 -8.01
CA TYR A 43 -10.13 4.85 -6.79
C TYR A 43 -8.62 4.61 -6.98
N ALA A 44 -8.15 4.42 -8.22
CA ALA A 44 -6.72 4.44 -8.54
C ALA A 44 -6.09 5.83 -8.28
N GLY A 45 -6.91 6.90 -8.28
CA GLY A 45 -6.53 8.26 -7.87
C GLY A 45 -7.22 8.69 -6.57
N ASN A 46 -8.50 9.04 -6.68
CA ASN A 46 -9.29 9.67 -5.62
C ASN A 46 -9.75 8.71 -4.49
N LYS A 47 -10.06 9.27 -3.31
CA LYS A 47 -10.55 8.52 -2.14
C LYS A 47 -11.91 7.84 -2.43
N VAL A 48 -12.15 6.68 -1.82
CA VAL A 48 -13.39 5.89 -2.01
C VAL A 48 -14.64 6.72 -1.67
N GLY A 49 -15.71 6.55 -2.47
CA GLY A 49 -16.96 7.29 -2.33
C GLY A 49 -17.68 7.01 -1.01
N VAL A 50 -18.15 5.76 -0.84
CA VAL A 50 -18.76 5.20 0.39
C VAL A 50 -18.46 3.70 0.48
N LEU A 51 -17.87 3.23 1.58
CA LEU A 51 -17.60 1.80 1.82
C LEU A 51 -18.89 1.01 2.18
N PRO A 52 -19.00 -0.26 1.75
CA PRO A 52 -20.18 -1.07 1.97
C PRO A 52 -20.33 -1.51 3.43
N ALA A 53 -21.53 -1.92 3.83
CA ALA A 53 -21.82 -2.30 5.21
C ALA A 53 -21.11 -3.59 5.68
N ASN A 54 -20.58 -4.39 4.75
CA ASN A 54 -19.74 -5.56 5.01
C ASN A 54 -18.22 -5.30 4.92
N ALA A 55 -17.80 -4.07 4.61
CA ALA A 55 -16.40 -3.64 4.71
C ALA A 55 -16.03 -3.16 6.14
N LYS A 56 -14.76 -3.32 6.53
CA LYS A 56 -14.16 -2.74 7.74
C LYS A 56 -12.73 -2.26 7.48
N GLU A 57 -12.25 -1.25 8.21
CA GLU A 57 -10.98 -0.57 7.95
C GLU A 57 -10.10 -0.57 9.20
N ILE A 58 -8.79 -0.80 9.07
CA ILE A 58 -7.90 -1.03 10.23
C ILE A 58 -6.61 -0.22 10.25
N ALA A 59 -6.12 0.01 11.47
CA ALA A 59 -4.84 0.61 11.78
C ALA A 59 -3.88 -0.40 12.48
N GLY A 60 -2.57 -0.14 12.37
CA GLY A 60 -1.51 -0.98 12.94
C GLY A 60 -0.99 -2.07 11.99
N VAL A 61 -1.33 -1.98 10.70
CA VAL A 61 -0.82 -2.83 9.61
C VAL A 61 0.30 -2.11 8.85
N MET A 62 1.33 -2.87 8.43
CA MET A 62 2.54 -2.37 7.78
C MET A 62 2.56 -2.62 6.26
N PHE A 63 2.99 -1.61 5.49
CA PHE A 63 3.16 -1.68 4.04
C PHE A 63 4.41 -0.90 3.58
N VAL A 64 4.98 -1.34 2.45
CA VAL A 64 6.21 -0.86 1.82
C VAL A 64 5.91 -0.46 0.36
N TRP A 65 6.59 0.55 -0.18
CA TRP A 65 6.55 0.88 -1.61
C TRP A 65 7.64 0.13 -2.41
N THR A 66 7.32 -0.18 -3.67
CA THR A 66 8.20 -0.84 -4.64
C THR A 66 8.10 -0.20 -6.03
N ASN A 67 9.07 -0.50 -6.90
CA ASN A 67 9.03 -0.23 -8.33
C ASN A 67 8.34 -1.36 -9.09
N THR A 68 8.02 -1.14 -10.38
CA THR A 68 7.15 -2.06 -11.12
C THR A 68 7.75 -3.47 -11.38
N ASN A 69 9.07 -3.62 -11.19
CA ASN A 69 9.77 -4.91 -11.14
C ASN A 69 9.73 -5.58 -9.74
N ASN A 70 8.79 -5.16 -8.90
CA ASN A 70 8.61 -5.60 -7.50
C ASN A 70 9.83 -5.29 -6.61
N GLU A 71 10.66 -4.31 -7.00
CA GLU A 71 11.89 -3.89 -6.28
C GLU A 71 11.60 -2.91 -5.16
N ILE A 72 12.24 -3.07 -4.00
CA ILE A 72 12.04 -2.15 -2.87
C ILE A 72 12.85 -0.87 -3.08
N ILE A 73 12.17 0.28 -2.94
CA ILE A 73 12.73 1.65 -3.09
C ILE A 73 12.47 2.58 -1.88
N ASP A 74 13.37 3.54 -1.64
CA ASP A 74 13.25 4.68 -0.73
C ASP A 74 12.36 5.79 -1.35
N GLU A 75 11.85 6.71 -0.52
CA GLU A 75 10.96 7.81 -0.93
C GLU A 75 11.51 8.75 -2.02
N ASN A 76 12.83 8.86 -2.24
CA ASN A 76 13.39 9.59 -3.39
C ASN A 76 13.52 8.74 -4.67
N GLY A 77 13.16 7.46 -4.63
CA GLY A 77 13.32 6.50 -5.74
C GLY A 77 14.71 5.86 -5.81
N GLN A 78 15.50 5.92 -4.73
CA GLN A 78 16.73 5.14 -4.59
C GLN A 78 16.37 3.68 -4.28
N THR A 79 17.15 2.72 -4.77
CA THR A 79 16.83 1.30 -4.72
C THR A 79 17.67 0.55 -3.68
N LEU A 80 17.08 -0.46 -3.04
CA LEU A 80 17.66 -1.16 -1.89
C LEU A 80 18.27 -2.55 -2.22
N GLY A 81 18.14 -3.04 -3.47
CA GLY A 81 18.73 -4.32 -3.89
C GLY A 81 17.94 -5.55 -3.42
N VAL A 82 16.61 -5.42 -3.26
CA VAL A 82 15.69 -6.48 -2.80
C VAL A 82 14.40 -6.45 -3.62
N ASN A 83 13.80 -7.61 -3.87
CA ASN A 83 12.60 -7.88 -4.62
C ASN A 83 11.59 -8.71 -3.79
N ILE A 84 10.31 -8.65 -4.16
CA ILE A 84 9.18 -9.28 -3.45
C ILE A 84 8.24 -9.97 -4.45
N ASP A 85 7.80 -11.20 -4.17
CA ASP A 85 6.83 -11.89 -5.04
C ASP A 85 5.40 -11.34 -4.85
N PRO A 86 4.56 -11.16 -5.90
CA PRO A 86 3.18 -10.70 -5.69
C PRO A 86 2.27 -11.78 -5.07
N GLN A 87 2.61 -13.06 -5.24
CA GLN A 87 1.88 -14.21 -4.73
C GLN A 87 2.32 -14.59 -3.32
N THR A 88 3.64 -14.75 -3.13
CA THR A 88 4.24 -15.25 -1.87
C THR A 88 4.42 -14.16 -0.82
N PHE A 89 4.52 -12.89 -1.26
CA PHE A 89 4.84 -11.71 -0.45
C PHE A 89 6.14 -11.87 0.38
N LYS A 90 7.06 -12.76 -0.02
CA LYS A 90 8.38 -12.94 0.63
C LYS A 90 9.53 -12.33 -0.16
N LEU A 91 10.66 -12.14 0.52
CA LEU A 91 11.80 -11.33 0.07
C LEU A 91 12.91 -12.11 -0.65
N SER A 92 13.59 -11.46 -1.58
CA SER A 92 14.83 -11.96 -2.22
C SER A 92 16.07 -11.87 -1.32
N GLY A 93 15.94 -11.38 -0.08
CA GLY A 93 17.04 -11.14 0.86
C GLY A 93 16.53 -10.66 2.22
N ALA A 94 17.36 -9.89 2.93
CA ALA A 94 17.04 -9.36 4.26
C ALA A 94 16.34 -7.99 4.23
N MET A 95 15.58 -7.68 5.28
CA MET A 95 14.83 -6.43 5.46
C MET A 95 15.72 -5.19 5.25
N PRO A 96 15.29 -4.20 4.43
CA PRO A 96 16.08 -3.02 4.08
C PRO A 96 16.18 -1.99 5.22
N ALA A 97 17.08 -1.02 5.07
CA ALA A 97 17.17 0.17 5.89
C ALA A 97 16.18 1.25 5.41
N THR A 98 16.59 2.14 4.52
CA THR A 98 15.88 3.38 4.13
C THR A 98 14.66 3.22 3.23
N ALA A 99 14.16 1.99 3.02
CA ALA A 99 12.97 1.74 2.19
C ALA A 99 11.74 2.55 2.63
N MET A 100 10.89 2.92 1.67
CA MET A 100 9.65 3.67 1.87
C MET A 100 8.57 2.76 2.49
N LYS A 101 8.34 2.89 3.79
CA LYS A 101 7.44 2.04 4.59
C LYS A 101 6.96 2.76 5.86
N LYS A 102 5.72 2.50 6.28
CA LYS A 102 5.10 2.96 7.53
C LYS A 102 3.78 2.22 7.77
N LEU A 103 3.36 2.16 9.04
CA LEU A 103 2.08 1.57 9.47
C LEU A 103 0.91 2.58 9.45
N THR A 104 -0.33 2.10 9.23
CA THR A 104 -1.54 2.95 9.42
C THR A 104 -1.69 3.34 10.90
N GLU A 105 -1.89 4.63 11.20
CA GLU A 105 -1.94 5.11 12.61
C GLU A 105 -3.27 4.87 13.30
N ALA A 106 -4.34 5.42 12.71
CA ALA A 106 -5.71 5.34 13.18
C ALA A 106 -6.67 5.47 11.99
N GLU A 107 -6.40 6.39 11.07
CA GLU A 107 -7.21 6.61 9.86
C GLU A 107 -6.55 6.06 8.58
N GLY A 108 -5.22 6.10 8.54
CA GLY A 108 -4.38 5.86 7.37
C GLY A 108 -2.91 6.19 7.66
N ALA A 109 -2.04 6.19 6.65
CA ALA A 109 -0.64 6.66 6.71
C ALA A 109 -0.31 7.54 5.50
N LYS A 110 0.39 8.67 5.70
CA LYS A 110 0.77 9.61 4.62
C LYS A 110 2.20 9.36 4.13
N PHE A 111 2.36 9.23 2.81
CA PHE A 111 3.62 8.99 2.10
C PHE A 111 3.87 10.19 1.16
N ASN A 112 5.09 10.73 1.09
CA ASN A 112 5.36 11.99 0.41
C ASN A 112 5.87 11.78 -1.03
N THR A 113 5.01 12.00 -2.03
CA THR A 113 5.29 11.73 -3.46
C THR A 113 5.98 12.89 -4.16
N ALA A 114 6.29 13.99 -3.46
CA ALA A 114 7.15 15.07 -3.96
C ALA A 114 8.56 14.56 -4.32
N ASN A 115 9.03 13.51 -3.63
CA ASN A 115 10.37 12.94 -3.74
C ASN A 115 10.48 11.89 -4.86
N LEU A 116 9.37 11.27 -5.31
CA LEU A 116 9.41 10.33 -6.41
C LEU A 116 9.48 11.02 -7.79
N PRO A 117 10.22 10.42 -8.75
CA PRO A 117 10.13 10.80 -10.15
C PRO A 117 8.87 10.20 -10.80
N ALA A 118 8.56 10.65 -12.01
CA ALA A 118 7.39 10.31 -12.79
C ALA A 118 7.52 8.87 -13.35
N ALA A 119 7.05 7.89 -12.59
CA ALA A 119 7.06 6.49 -12.98
C ALA A 119 5.88 5.71 -12.36
N LYS A 120 5.76 4.41 -12.69
CA LYS A 120 4.88 3.46 -11.99
C LYS A 120 5.56 2.83 -10.78
N TYR A 121 4.76 2.56 -9.75
CA TYR A 121 5.15 1.97 -8.48
C TYR A 121 4.13 0.90 -8.08
N LYS A 122 4.44 0.13 -7.03
CA LYS A 122 3.50 -0.84 -6.41
C LYS A 122 3.60 -0.84 -4.90
N ILE A 123 2.51 -1.13 -4.18
CA ILE A 123 2.52 -1.30 -2.71
C ILE A 123 2.43 -2.79 -2.36
N TYR A 124 3.19 -3.19 -1.34
CA TYR A 124 3.20 -4.51 -0.73
C TYR A 124 2.92 -4.41 0.77
N GLU A 125 2.07 -5.27 1.31
CA GLU A 125 1.74 -5.32 2.74
C GLU A 125 2.58 -6.41 3.42
N ILE A 126 3.34 -6.07 4.47
CA ILE A 126 4.31 -6.97 5.10
C ILE A 126 3.96 -7.11 6.59
N HIS A 127 3.24 -8.17 6.96
CA HIS A 127 2.67 -8.28 8.31
C HIS A 127 3.70 -8.62 9.41
N SER A 128 4.92 -9.02 9.03
CA SER A 128 6.02 -9.32 9.95
C SER A 128 6.50 -8.12 10.78
N LEU A 129 6.21 -6.88 10.35
CA LEU A 129 6.46 -5.64 11.10
C LEU A 129 5.16 -4.97 11.63
N SER A 130 3.96 -5.49 11.31
CA SER A 130 2.68 -4.95 11.81
C SER A 130 2.61 -4.98 13.34
N THR A 131 2.14 -3.90 13.97
CA THR A 131 1.99 -3.80 15.44
C THR A 131 0.69 -4.44 15.94
N TYR A 132 -0.41 -4.33 15.17
CA TYR A 132 -1.72 -4.87 15.56
C TYR A 132 -1.88 -6.31 15.04
N VAL A 133 -1.96 -7.28 15.96
CA VAL A 133 -2.21 -8.68 15.61
C VAL A 133 -3.70 -8.94 15.41
N GLY A 134 -4.07 -9.62 14.32
CA GLY A 134 -5.46 -9.95 14.00
C GLY A 134 -5.80 -11.44 14.12
N GLU A 135 -4.83 -12.33 13.93
CA GLU A 135 -5.00 -13.79 13.99
C GLU A 135 -5.09 -14.38 15.42
N ASP A 136 -4.85 -13.55 16.44
CA ASP A 136 -4.71 -13.93 17.85
C ASP A 136 -6.05 -14.15 18.59
N GLY A 137 -7.18 -13.72 18.01
CA GLY A 137 -8.51 -13.73 18.64
C GLY A 137 -9.32 -12.44 18.46
N ALA A 138 -8.70 -11.37 17.94
CA ALA A 138 -9.36 -10.12 17.55
C ALA A 138 -10.45 -10.32 16.46
N THR A 139 -11.29 -9.32 16.17
CA THR A 139 -12.37 -9.41 15.15
C THR A 139 -11.87 -9.46 13.69
N LEU A 140 -10.56 -9.61 13.48
CA LEU A 140 -9.91 -9.82 12.18
C LEU A 140 -9.82 -11.32 11.83
N THR A 141 -9.19 -11.64 10.71
CA THR A 141 -8.84 -13.00 10.27
C THR A 141 -7.39 -13.07 9.80
N GLY A 142 -6.73 -14.23 9.88
CA GLY A 142 -5.33 -14.45 9.45
C GLY A 142 -5.13 -14.57 7.93
N SER A 143 -5.99 -13.92 7.14
CA SER A 143 -6.03 -14.03 5.67
C SER A 143 -4.92 -13.22 4.98
N LYS A 144 -4.90 -13.19 3.63
CA LYS A 144 -3.79 -12.61 2.83
C LYS A 144 -4.19 -11.40 1.97
N ALA A 145 -3.38 -10.33 2.03
CA ALA A 145 -3.47 -9.19 1.10
C ALA A 145 -2.79 -9.51 -0.24
N VAL A 146 -3.24 -8.84 -1.31
CA VAL A 146 -2.67 -8.89 -2.67
C VAL A 146 -2.27 -7.49 -3.15
N PRO A 147 -1.23 -7.36 -4.00
CA PRO A 147 -0.56 -6.09 -4.29
C PRO A 147 -1.30 -5.17 -5.28
N ILE A 148 -0.90 -3.90 -5.27
CA ILE A 148 -1.57 -2.77 -5.92
C ILE A 148 -0.60 -2.01 -6.83
N GLU A 149 -1.00 -1.68 -8.06
CA GLU A 149 -0.23 -0.85 -9.01
C GLU A 149 -0.69 0.62 -8.99
N ILE A 150 0.25 1.56 -8.88
CA ILE A 150 -0.01 3.00 -8.72
C ILE A 150 0.92 3.83 -9.62
N GLU A 151 0.43 4.97 -10.09
CA GLU A 151 1.20 5.94 -10.88
C GLU A 151 1.06 7.34 -10.25
N LEU A 152 2.04 8.23 -10.42
CA LEU A 152 1.99 9.54 -9.75
C LEU A 152 0.82 10.40 -10.27
N PRO A 153 0.17 11.20 -9.41
CA PRO A 153 -1.13 11.83 -9.67
C PRO A 153 -1.13 12.90 -10.77
N LEU A 154 -1.43 12.47 -12.01
CA LEU A 154 -1.73 13.31 -13.17
C LEU A 154 -3.12 12.86 -13.66
N ASN A 155 -4.12 13.33 -12.92
CA ASN A 155 -5.52 12.90 -12.94
C ASN A 155 -6.40 14.04 -12.37
N ASP A 156 -7.71 13.90 -12.35
CA ASP A 156 -8.65 14.95 -11.93
C ASP A 156 -8.87 15.01 -10.40
N VAL A 157 -7.84 14.72 -9.61
CA VAL A 157 -7.90 14.62 -8.15
C VAL A 157 -7.09 15.72 -7.46
N VAL A 158 -7.47 16.02 -6.22
CA VAL A 158 -6.83 17.02 -5.34
C VAL A 158 -6.04 16.36 -4.20
N ASP A 159 -6.52 15.21 -3.70
CA ASP A 159 -5.82 14.36 -2.72
C ASP A 159 -5.80 12.90 -3.24
N ALA A 160 -4.67 12.21 -3.18
CA ALA A 160 -4.50 10.85 -3.67
C ALA A 160 -4.61 9.83 -2.53
N HIS A 161 -5.30 8.71 -2.76
CA HIS A 161 -5.47 7.66 -1.73
C HIS A 161 -5.22 6.24 -2.25
N VAL A 162 -5.09 5.28 -1.32
CA VAL A 162 -4.89 3.84 -1.61
C VAL A 162 -5.77 2.97 -0.73
N TYR A 163 -6.39 1.94 -1.32
CA TYR A 163 -7.30 1.00 -0.65
C TYR A 163 -6.97 -0.46 -1.04
N PRO A 164 -5.98 -1.10 -0.40
CA PRO A 164 -5.64 -2.51 -0.60
C PRO A 164 -6.70 -3.46 -0.02
N LYS A 165 -6.82 -4.64 -0.64
CA LYS A 165 -7.79 -5.70 -0.30
C LYS A 165 -7.10 -7.07 -0.17
N ASN A 166 -7.77 -7.97 0.53
CA ASN A 166 -7.42 -9.39 0.57
C ASN A 166 -8.13 -10.17 -0.56
N THR A 167 -7.83 -11.47 -0.70
CA THR A 167 -8.59 -12.37 -1.61
C THR A 167 -8.66 -13.81 -1.09
N GLU A 168 -7.51 -14.45 -0.86
CA GLU A 168 -7.35 -15.87 -0.46
C GLU A 168 -7.80 -16.90 -1.52
N ALA A 169 -6.95 -17.88 -1.82
CA ALA A 169 -7.23 -19.00 -2.73
C ALA A 169 -7.68 -20.27 -1.99
N LYS A 170 -7.02 -20.57 -0.86
CA LYS A 170 -7.30 -21.69 0.03
C LYS A 170 -6.94 -21.34 1.50
N PRO A 171 -7.60 -21.94 2.49
CA PRO A 171 -7.47 -21.54 3.90
C PRO A 171 -6.07 -21.81 4.48
N LYS A 172 -5.70 -20.96 5.45
CA LYS A 172 -4.42 -20.97 6.19
C LYS A 172 -4.55 -20.47 7.64
N ILE A 173 -5.76 -20.62 8.22
CA ILE A 173 -6.19 -20.00 9.49
C ILE A 173 -6.99 -20.91 10.44
N LEU A 174 -7.41 -22.10 10.00
CA LEU A 174 -8.33 -22.97 10.72
C LEU A 174 -7.66 -23.70 11.90
N GLU A 175 -8.49 -24.32 12.75
CA GLU A 175 -8.13 -25.06 13.97
C GLU A 175 -7.44 -26.42 13.72
N MET A 1 30.13 5.31 0.69
CA MET A 1 29.09 5.75 -0.29
C MET A 1 27.72 5.28 0.19
N GLU A 2 26.78 6.20 0.33
CA GLU A 2 25.46 5.98 0.94
C GLU A 2 24.28 6.28 -0.02
N THR A 3 23.04 5.97 0.38
CA THR A 3 21.82 6.18 -0.45
C THR A 3 21.39 7.64 -0.62
N ALA A 4 22.21 8.62 -0.22
CA ALA A 4 21.85 10.03 -0.13
C ALA A 4 21.47 10.67 -1.49
N SER A 5 20.36 11.40 -1.52
CA SER A 5 19.92 12.20 -2.68
C SER A 5 20.49 13.61 -2.61
N ALA A 6 21.26 13.99 -3.64
CA ALA A 6 21.99 15.26 -3.72
C ALA A 6 21.50 16.17 -4.87
N ALA A 7 22.04 17.38 -4.91
CA ALA A 7 21.73 18.48 -5.83
C ALA A 7 20.32 19.06 -5.71
N THR A 8 19.30 18.30 -6.15
CA THR A 8 17.93 18.79 -6.36
C THR A 8 16.88 18.22 -5.40
N VAL A 9 15.91 19.06 -5.06
CA VAL A 9 14.79 18.79 -4.14
C VAL A 9 13.46 18.41 -4.80
N PHE A 10 13.48 18.31 -6.12
CA PHE A 10 12.32 18.17 -7.01
C PHE A 10 11.28 19.30 -6.84
N ALA A 11 10.31 19.39 -7.75
CA ALA A 11 9.39 20.54 -7.79
C ALA A 11 8.01 20.29 -8.41
N ALA A 12 7.93 19.48 -9.47
CA ALA A 12 6.76 19.35 -10.33
C ALA A 12 6.66 17.94 -10.95
N GLY A 13 5.86 17.80 -12.01
CA GLY A 13 5.66 16.59 -12.82
C GLY A 13 4.34 15.85 -12.55
N THR A 14 3.51 16.38 -11.65
CA THR A 14 2.33 15.74 -11.06
C THR A 14 1.25 16.73 -10.61
N THR A 15 0.04 16.24 -10.36
CA THR A 15 -1.12 17.04 -9.88
C THR A 15 -1.36 16.95 -8.37
N THR A 16 -0.64 16.07 -7.66
CA THR A 16 -0.69 15.85 -6.21
C THR A 16 0.68 15.42 -5.69
N THR A 17 1.07 15.82 -4.46
CA THR A 17 2.44 15.63 -3.91
C THR A 17 2.60 14.59 -2.79
N SER A 18 1.52 14.12 -2.17
CA SER A 18 1.51 13.00 -1.21
C SER A 18 0.31 12.08 -1.43
N VAL A 19 0.49 10.79 -1.12
CA VAL A 19 -0.52 9.72 -1.17
C VAL A 19 -0.77 9.17 0.23
N THR A 20 -2.02 8.82 0.55
CA THR A 20 -2.38 8.13 1.80
C THR A 20 -2.83 6.71 1.48
N VAL A 21 -2.16 5.73 2.06
CA VAL A 21 -2.54 4.31 1.95
C VAL A 21 -3.35 3.90 3.18
N HIS A 22 -4.52 3.33 2.91
CA HIS A 22 -5.48 2.83 3.90
C HIS A 22 -5.39 1.29 3.96
N LYS A 23 -6.28 0.59 4.68
CA LYS A 23 -6.38 -0.88 4.57
C LYS A 23 -7.77 -1.40 4.93
N LEU A 24 -8.31 -2.31 4.11
CA LEU A 24 -9.69 -2.81 4.21
C LEU A 24 -9.76 -4.33 4.40
N LEU A 25 -10.82 -4.79 5.08
CA LEU A 25 -11.24 -6.20 5.18
C LEU A 25 -12.78 -6.28 5.13
N ALA A 26 -13.32 -7.49 4.99
CA ALA A 26 -14.75 -7.77 5.06
C ALA A 26 -15.16 -8.30 6.46
N THR A 27 -16.48 -8.45 6.69
CA THR A 27 -17.05 -8.99 7.95
C THR A 27 -17.53 -10.44 7.85
N ASP A 28 -17.88 -10.92 6.65
CA ASP A 28 -18.16 -12.32 6.30
C ASP A 28 -17.47 -12.68 4.96
N GLY A 29 -16.20 -12.30 4.79
CA GLY A 29 -15.39 -12.65 3.61
C GLY A 29 -15.81 -12.01 2.29
N ASP A 30 -16.66 -10.98 2.34
CA ASP A 30 -17.34 -10.31 1.21
C ASP A 30 -16.44 -9.46 0.27
N MET A 31 -15.15 -9.78 0.15
CA MET A 31 -14.18 -8.92 -0.56
C MET A 31 -14.45 -8.79 -2.07
N ASP A 32 -15.22 -9.69 -2.68
CA ASP A 32 -15.52 -9.72 -4.13
C ASP A 32 -16.70 -8.81 -4.51
N LYS A 33 -17.79 -8.81 -3.73
CA LYS A 33 -18.89 -7.88 -3.92
C LYS A 33 -18.47 -6.45 -3.55
N ILE A 34 -17.69 -6.27 -2.47
CA ILE A 34 -16.99 -5.01 -2.15
C ILE A 34 -16.20 -4.53 -3.36
N ALA A 35 -15.37 -5.37 -3.98
CA ALA A 35 -14.57 -4.97 -5.14
C ALA A 35 -15.41 -4.48 -6.34
N ASN A 36 -16.66 -4.93 -6.48
CA ASN A 36 -17.57 -4.42 -7.50
C ASN A 36 -18.23 -3.09 -7.11
N GLU A 37 -18.48 -2.86 -5.82
CA GLU A 37 -18.88 -1.55 -5.28
C GLU A 37 -17.75 -0.49 -5.37
N LEU A 38 -16.50 -0.92 -5.60
CA LEU A 38 -15.33 -0.05 -5.79
C LEU A 38 -14.96 0.20 -7.26
N GLU A 39 -15.08 -0.78 -8.16
CA GLU A 39 -14.75 -0.59 -9.59
C GLU A 39 -15.74 0.31 -10.36
N THR A 40 -16.92 0.54 -9.79
CA THR A 40 -17.90 1.53 -10.28
C THR A 40 -17.46 2.99 -10.05
N GLY A 41 -16.71 3.25 -8.97
CA GLY A 41 -16.20 4.58 -8.58
C GLY A 41 -14.81 4.87 -9.14
N ASN A 42 -14.39 6.14 -9.12
CA ASN A 42 -13.07 6.58 -9.61
C ASN A 42 -12.00 6.48 -8.50
N TYR A 43 -11.86 5.31 -7.87
CA TYR A 43 -11.02 5.16 -6.67
C TYR A 43 -9.55 4.83 -6.95
N ALA A 44 -9.12 4.85 -8.22
CA ALA A 44 -7.70 4.80 -8.58
C ALA A 44 -6.96 6.09 -8.19
N GLY A 45 -7.69 7.22 -8.11
CA GLY A 45 -7.12 8.53 -7.76
C GLY A 45 -7.61 9.01 -6.40
N ASN A 46 -8.81 9.60 -6.40
CA ASN A 46 -9.47 10.15 -5.20
C ASN A 46 -9.94 9.04 -4.23
N LYS A 47 -10.21 9.39 -2.97
CA LYS A 47 -10.60 8.46 -1.89
C LYS A 47 -11.91 7.69 -2.17
N VAL A 48 -12.10 6.54 -1.51
CA VAL A 48 -13.34 5.74 -1.62
C VAL A 48 -14.55 6.57 -1.18
N GLY A 49 -15.55 6.63 -2.05
CA GLY A 49 -16.77 7.44 -1.89
C GLY A 49 -17.61 7.01 -0.69
N VAL A 50 -17.89 5.72 -0.55
CA VAL A 50 -18.57 5.12 0.61
C VAL A 50 -18.29 3.63 0.72
N LEU A 51 -17.87 3.17 1.90
CA LEU A 51 -17.67 1.75 2.22
C LEU A 51 -19.00 1.05 2.54
N PRO A 52 -19.18 -0.22 2.16
CA PRO A 52 -20.40 -0.98 2.47
C PRO A 52 -20.48 -1.40 3.95
N ALA A 53 -21.66 -1.85 4.39
CA ALA A 53 -21.85 -2.38 5.76
C ALA A 53 -21.12 -3.72 6.01
N ASN A 54 -20.82 -4.49 4.95
CA ASN A 54 -20.01 -5.71 5.01
C ASN A 54 -18.48 -5.45 4.96
N ALA A 55 -18.04 -4.20 4.84
CA ALA A 55 -16.64 -3.79 4.93
C ALA A 55 -16.26 -3.12 6.27
N LYS A 56 -14.95 -3.12 6.60
CA LYS A 56 -14.35 -2.31 7.67
C LYS A 56 -12.90 -1.94 7.39
N GLU A 57 -12.42 -0.88 8.05
CA GLU A 57 -11.05 -0.37 7.98
C GLU A 57 -10.25 -0.74 9.25
N ILE A 58 -8.92 -0.91 9.18
CA ILE A 58 -8.06 -1.21 10.36
C ILE A 58 -6.72 -0.45 10.39
N ALA A 59 -6.34 0.02 11.57
CA ALA A 59 -5.03 0.64 11.85
C ALA A 59 -4.04 -0.33 12.51
N GLY A 60 -2.75 -0.18 12.21
CA GLY A 60 -1.64 -1.00 12.75
C GLY A 60 -1.09 -2.08 11.79
N VAL A 61 -1.41 -2.01 10.49
CA VAL A 61 -0.80 -2.82 9.42
C VAL A 61 0.43 -2.10 8.86
N MET A 62 1.46 -2.86 8.48
CA MET A 62 2.69 -2.38 7.86
C MET A 62 2.75 -2.70 6.36
N PHE A 63 3.26 -1.75 5.57
CA PHE A 63 3.55 -1.93 4.14
C PHE A 63 4.79 -1.14 3.69
N VAL A 64 5.41 -1.60 2.60
CA VAL A 64 6.60 -1.04 1.94
C VAL A 64 6.26 -0.66 0.49
N TRP A 65 6.90 0.37 -0.08
CA TRP A 65 6.83 0.69 -1.51
C TRP A 65 7.93 -0.03 -2.32
N THR A 66 7.60 -0.36 -3.57
CA THR A 66 8.48 -0.98 -4.57
C THR A 66 8.24 -0.38 -5.95
N ASN A 67 9.15 -0.65 -6.90
CA ASN A 67 8.92 -0.34 -8.31
C ASN A 67 8.12 -1.43 -9.03
N THR A 68 7.71 -1.21 -10.29
CA THR A 68 6.92 -2.20 -11.04
C THR A 68 7.63 -3.55 -11.25
N ASN A 69 8.97 -3.57 -11.22
CA ASN A 69 9.82 -4.78 -11.23
C ASN A 69 10.09 -5.34 -9.81
N ASN A 70 9.24 -4.98 -8.85
CA ASN A 70 9.20 -5.44 -7.45
C ASN A 70 10.50 -5.20 -6.66
N GLU A 71 11.30 -4.20 -7.03
CA GLU A 71 12.48 -3.76 -6.27
C GLU A 71 12.08 -2.83 -5.13
N ILE A 72 12.70 -2.95 -3.97
CA ILE A 72 12.44 -2.06 -2.82
C ILE A 72 13.13 -0.71 -3.08
N ILE A 73 12.36 0.37 -3.00
CA ILE A 73 12.83 1.75 -3.27
C ILE A 73 12.63 2.72 -2.09
N ASP A 74 13.45 3.78 -2.09
CA ASP A 74 13.35 4.99 -1.25
C ASP A 74 12.48 6.06 -1.97
N GLU A 75 12.01 7.08 -1.24
CA GLU A 75 10.99 8.05 -1.70
C GLU A 75 11.42 9.03 -2.81
N ASN A 76 12.64 8.90 -3.33
CA ASN A 76 13.12 9.57 -4.55
C ASN A 76 13.36 8.62 -5.74
N GLY A 77 13.11 7.31 -5.58
CA GLY A 77 13.24 6.29 -6.62
C GLY A 77 14.57 5.51 -6.61
N GLN A 78 15.47 5.76 -5.65
CA GLN A 78 16.68 4.96 -5.44
C GLN A 78 16.27 3.55 -5.01
N THR A 79 16.83 2.51 -5.62
CA THR A 79 16.56 1.12 -5.25
C THR A 79 17.63 0.59 -4.28
N LEU A 80 17.21 -0.22 -3.31
CA LEU A 80 18.02 -0.65 -2.17
C LEU A 80 18.88 -1.90 -2.43
N GLY A 81 18.64 -2.64 -3.51
CA GLY A 81 19.31 -3.90 -3.85
C GLY A 81 18.56 -5.17 -3.40
N VAL A 82 17.25 -5.06 -3.19
CA VAL A 82 16.36 -6.16 -2.75
C VAL A 82 15.08 -6.18 -3.59
N ASN A 83 14.51 -7.36 -3.79
CA ASN A 83 13.29 -7.67 -4.52
C ASN A 83 12.32 -8.51 -3.66
N ILE A 84 11.04 -8.47 -4.01
CA ILE A 84 9.94 -9.17 -3.32
C ILE A 84 9.02 -9.86 -4.35
N ASP A 85 8.76 -11.17 -4.19
CA ASP A 85 7.84 -11.90 -5.08
C ASP A 85 6.38 -11.43 -4.88
N PRO A 86 5.54 -11.22 -5.92
CA PRO A 86 4.14 -10.85 -5.70
C PRO A 86 3.27 -12.00 -5.17
N GLN A 87 3.74 -13.24 -5.25
CA GLN A 87 3.05 -14.45 -4.80
C GLN A 87 3.50 -14.87 -3.40
N THR A 88 4.82 -14.91 -3.16
CA THR A 88 5.44 -15.40 -1.91
C THR A 88 5.63 -14.31 -0.86
N PHE A 89 5.68 -13.05 -1.30
CA PHE A 89 6.01 -11.87 -0.49
C PHE A 89 7.41 -11.96 0.19
N LYS A 90 8.29 -12.88 -0.23
CA LYS A 90 9.61 -13.11 0.39
C LYS A 90 10.73 -12.28 -0.23
N LEU A 91 11.69 -11.88 0.60
CA LEU A 91 12.81 -11.00 0.24
C LEU A 91 13.96 -11.76 -0.45
N SER A 92 14.60 -11.13 -1.43
CA SER A 92 15.82 -11.62 -2.11
C SER A 92 17.12 -11.42 -1.30
N GLY A 93 17.01 -10.92 -0.07
CA GLY A 93 18.12 -10.58 0.82
C GLY A 93 17.64 -9.99 2.16
N ALA A 94 18.52 -9.33 2.89
CA ALA A 94 18.21 -8.75 4.21
C ALA A 94 17.34 -7.49 4.14
N MET A 95 16.60 -7.23 5.23
CA MET A 95 15.80 -6.01 5.42
C MET A 95 16.62 -4.72 5.17
N PRO A 96 16.04 -3.70 4.48
CA PRO A 96 16.74 -2.49 4.05
C PRO A 96 16.83 -1.40 5.14
N ALA A 97 17.62 -0.37 4.84
CA ALA A 97 17.68 0.89 5.57
C ALA A 97 16.61 1.88 5.05
N THR A 98 16.98 2.79 4.15
CA THR A 98 16.18 3.97 3.73
C THR A 98 14.96 3.68 2.85
N ALA A 99 14.53 2.41 2.73
CA ALA A 99 13.31 2.03 2.03
C ALA A 99 12.06 2.78 2.54
N MET A 100 11.14 3.08 1.63
CA MET A 100 9.84 3.71 1.83
C MET A 100 8.86 2.70 2.45
N LYS A 101 8.52 2.89 3.73
CA LYS A 101 7.69 2.01 4.59
C LYS A 101 7.08 2.76 5.79
N LYS A 102 5.85 2.42 6.18
CA LYS A 102 5.10 3.04 7.30
C LYS A 102 3.89 2.19 7.72
N LEU A 103 3.41 2.38 8.96
CA LEU A 103 2.21 1.73 9.51
C LEU A 103 0.97 2.65 9.54
N THR A 104 -0.24 2.10 9.32
CA THR A 104 -1.51 2.85 9.46
C THR A 104 -1.78 3.31 10.91
N GLU A 105 -2.22 4.56 11.08
CA GLU A 105 -2.39 5.22 12.39
C GLU A 105 -3.81 5.19 12.95
N ALA A 106 -4.78 5.74 12.23
CA ALA A 106 -6.20 5.77 12.63
C ALA A 106 -7.13 5.78 11.41
N GLU A 107 -6.75 6.51 10.36
CA GLU A 107 -7.47 6.53 9.08
C GLU A 107 -6.62 5.97 7.92
N GLY A 108 -5.29 6.05 8.01
CA GLY A 108 -4.38 5.60 6.96
C GLY A 108 -2.91 5.82 7.33
N ALA A 109 -2.02 5.91 6.34
CA ALA A 109 -0.60 6.29 6.47
C ALA A 109 -0.15 7.17 5.28
N LYS A 110 0.52 8.31 5.54
CA LYS A 110 1.03 9.25 4.51
C LYS A 110 2.39 8.85 3.93
N PHE A 111 2.53 9.05 2.62
CA PHE A 111 3.73 8.84 1.82
C PHE A 111 3.93 10.05 0.89
N ASN A 112 5.04 10.77 1.03
CA ASN A 112 5.40 11.92 0.20
C ASN A 112 5.90 11.42 -1.18
N THR A 113 5.15 11.71 -2.24
CA THR A 113 5.45 11.28 -3.63
C THR A 113 6.01 12.41 -4.49
N ALA A 114 6.17 13.61 -3.93
CA ALA A 114 6.66 14.85 -4.56
C ALA A 114 8.01 14.73 -5.29
N ASN A 115 8.78 13.68 -4.99
CA ASN A 115 10.14 13.43 -5.47
C ASN A 115 10.20 12.31 -6.53
N LEU A 116 9.23 11.38 -6.57
CA LEU A 116 9.27 10.26 -7.51
C LEU A 116 9.13 10.71 -8.96
N PRO A 117 9.88 10.09 -9.90
CA PRO A 117 9.67 10.29 -11.32
C PRO A 117 8.43 9.53 -11.82
N ALA A 118 8.04 9.83 -13.05
CA ALA A 118 6.88 9.28 -13.71
C ALA A 118 7.15 7.83 -14.13
N ALA A 119 6.79 6.89 -13.26
CA ALA A 119 6.86 5.46 -13.51
C ALA A 119 5.68 4.72 -12.84
N LYS A 120 5.60 3.40 -13.02
CA LYS A 120 4.69 2.50 -12.28
C LYS A 120 5.38 1.89 -11.05
N TYR A 121 4.62 1.77 -9.97
CA TYR A 121 5.07 1.37 -8.63
C TYR A 121 4.10 0.36 -8.04
N LYS A 122 4.53 -0.30 -6.95
CA LYS A 122 3.70 -1.27 -6.21
C LYS A 122 3.88 -1.20 -4.69
N ILE A 123 2.83 -1.51 -3.94
CA ILE A 123 2.86 -1.63 -2.47
C ILE A 123 2.81 -3.10 -2.05
N TYR A 124 3.56 -3.44 -1.00
CA TYR A 124 3.70 -4.78 -0.43
C TYR A 124 3.45 -4.78 1.09
N GLU A 125 2.55 -5.64 1.58
CA GLU A 125 2.10 -5.64 2.98
C GLU A 125 2.93 -6.58 3.87
N ILE A 126 4.14 -6.14 4.21
CA ILE A 126 5.09 -6.91 5.03
C ILE A 126 4.69 -6.83 6.51
N HIS A 127 4.17 -7.92 7.06
CA HIS A 127 3.64 -7.98 8.43
C HIS A 127 4.65 -8.46 9.49
N SER A 128 5.93 -8.60 9.10
CA SER A 128 7.00 -9.12 9.97
C SER A 128 7.40 -8.16 11.10
N LEU A 129 7.09 -6.86 10.99
CA LEU A 129 7.32 -5.86 12.04
C LEU A 129 6.14 -5.81 13.05
N SER A 130 6.34 -5.16 14.20
CA SER A 130 5.31 -5.02 15.25
C SER A 130 4.05 -4.33 14.71
N THR A 131 2.96 -5.11 14.65
CA THR A 131 1.69 -4.82 13.95
C THR A 131 0.44 -5.30 14.73
N TYR A 132 -0.76 -4.92 14.26
CA TYR A 132 -2.06 -5.27 14.85
C TYR A 132 -2.29 -6.79 14.98
N VAL A 133 -3.17 -7.17 15.92
CA VAL A 133 -3.54 -8.57 16.20
C VAL A 133 -4.98 -8.87 15.80
N GLY A 134 -5.15 -10.01 15.11
CA GLY A 134 -6.46 -10.62 14.78
C GLY A 134 -6.66 -12.05 15.30
N GLU A 135 -5.61 -12.89 15.32
CA GLU A 135 -5.74 -14.34 15.60
C GLU A 135 -6.01 -14.71 17.09
N ASP A 136 -5.96 -13.72 17.98
CA ASP A 136 -6.20 -13.84 19.43
C ASP A 136 -7.68 -14.15 19.80
N GLY A 137 -8.62 -13.96 18.87
CA GLY A 137 -10.08 -14.11 19.09
C GLY A 137 -10.91 -12.88 18.66
N ALA A 138 -10.26 -11.82 18.19
CA ALA A 138 -10.87 -10.60 17.66
C ALA A 138 -11.77 -10.84 16.41
N THR A 139 -12.56 -9.84 16.01
CA THR A 139 -13.41 -9.85 14.80
C THR A 139 -12.62 -9.59 13.50
N LEU A 140 -11.45 -10.24 13.40
CA LEU A 140 -10.49 -10.20 12.29
C LEU A 140 -10.31 -11.64 11.77
N THR A 141 -10.40 -11.85 10.46
CA THR A 141 -10.17 -13.18 9.85
C THR A 141 -8.77 -13.33 9.24
N GLY A 142 -8.28 -14.56 9.08
CA GLY A 142 -6.92 -14.90 8.62
C GLY A 142 -6.70 -14.79 7.10
N SER A 143 -7.23 -13.74 6.47
CA SER A 143 -7.21 -13.53 5.01
C SER A 143 -5.84 -13.07 4.49
N LYS A 144 -5.50 -13.34 3.22
CA LYS A 144 -4.14 -13.14 2.66
C LYS A 144 -4.08 -11.91 1.75
N ALA A 145 -3.26 -10.91 2.08
CA ALA A 145 -3.13 -9.69 1.29
C ALA A 145 -2.36 -9.94 -0.03
N VAL A 146 -2.94 -9.51 -1.14
CA VAL A 146 -2.29 -9.51 -2.47
C VAL A 146 -1.77 -8.10 -2.82
N PRO A 147 -0.68 -7.96 -3.60
CA PRO A 147 -0.01 -6.67 -3.80
C PRO A 147 -0.84 -5.69 -4.66
N ILE A 148 -0.50 -4.40 -4.58
CA ILE A 148 -1.30 -3.30 -5.15
C ILE A 148 -0.47 -2.49 -6.15
N GLU A 149 -0.97 -2.28 -7.36
CA GLU A 149 -0.33 -1.49 -8.42
C GLU A 149 -0.81 -0.02 -8.42
N ILE A 150 0.12 0.91 -8.64
CA ILE A 150 -0.14 2.37 -8.64
C ILE A 150 0.79 3.11 -9.64
N GLU A 151 0.29 4.18 -10.25
CA GLU A 151 1.07 5.13 -11.05
C GLU A 151 0.96 6.55 -10.47
N LEU A 152 1.95 7.40 -10.74
CA LEU A 152 2.02 8.77 -10.22
C LEU A 152 0.92 9.68 -10.80
N PRO A 153 0.44 10.68 -10.03
CA PRO A 153 -0.77 11.43 -10.34
C PRO A 153 -0.55 12.53 -11.41
N LEU A 154 -1.15 12.33 -12.57
CA LEU A 154 -1.35 13.37 -13.61
C LEU A 154 -2.85 13.60 -13.89
N ASN A 155 -3.69 12.86 -13.16
CA ASN A 155 -5.15 12.82 -13.16
C ASN A 155 -5.75 14.04 -12.42
N ASP A 156 -7.06 14.27 -12.54
CA ASP A 156 -7.76 15.48 -12.05
C ASP A 156 -7.95 15.57 -10.52
N VAL A 157 -7.18 14.83 -9.72
CA VAL A 157 -7.41 14.68 -8.27
C VAL A 157 -6.60 15.65 -7.41
N VAL A 158 -7.18 16.06 -6.29
CA VAL A 158 -6.57 16.99 -5.31
C VAL A 158 -5.72 16.25 -4.26
N ASP A 159 -6.13 15.03 -3.91
CA ASP A 159 -5.53 14.20 -2.85
C ASP A 159 -5.63 12.73 -3.26
N ALA A 160 -4.51 11.99 -3.23
CA ALA A 160 -4.39 10.63 -3.79
C ALA A 160 -4.45 9.55 -2.70
N HIS A 161 -5.08 8.41 -2.99
CA HIS A 161 -5.23 7.34 -2.00
C HIS A 161 -5.02 5.90 -2.54
N VAL A 162 -4.96 4.93 -1.63
CA VAL A 162 -4.79 3.48 -1.87
C VAL A 162 -5.68 2.65 -0.92
N TYR A 163 -6.30 1.57 -1.43
CA TYR A 163 -7.17 0.67 -0.65
C TYR A 163 -6.86 -0.83 -0.88
N PRO A 164 -5.85 -1.38 -0.18
CA PRO A 164 -5.53 -2.82 -0.15
C PRO A 164 -6.62 -3.67 0.50
N LYS A 165 -6.80 -4.87 -0.06
CA LYS A 165 -7.78 -5.93 0.27
C LYS A 165 -7.14 -7.33 0.16
N ASN A 166 -7.82 -8.35 0.69
CA ASN A 166 -7.27 -9.71 0.84
C ASN A 166 -8.04 -10.77 0.04
N THR A 167 -7.49 -11.99 -0.06
CA THR A 167 -8.02 -13.14 -0.79
C THR A 167 -7.71 -14.47 -0.07
N GLU A 168 -8.30 -15.55 -0.58
CA GLU A 168 -8.20 -16.97 -0.20
C GLU A 168 -8.43 -17.36 1.28
N ALA A 169 -7.61 -16.87 2.21
CA ALA A 169 -7.53 -17.27 3.62
C ALA A 169 -7.15 -18.76 3.88
N LYS A 170 -6.94 -19.12 5.15
CA LYS A 170 -6.53 -20.46 5.61
C LYS A 170 -7.13 -20.80 6.99
N PRO A 171 -7.30 -22.08 7.37
CA PRO A 171 -7.81 -22.46 8.69
C PRO A 171 -6.81 -22.17 9.82
N LYS A 172 -7.30 -22.08 11.06
CA LYS A 172 -6.48 -21.76 12.24
C LYS A 172 -5.75 -22.94 12.91
N ILE A 173 -6.26 -24.17 12.76
CA ILE A 173 -5.77 -25.33 13.54
C ILE A 173 -4.53 -25.97 12.88
N LEU A 174 -4.70 -26.59 11.71
CA LEU A 174 -3.63 -27.20 10.89
C LEU A 174 -2.78 -28.28 11.62
N GLU A 175 -1.83 -28.89 10.90
CA GLU A 175 -0.99 -29.98 11.41
C GLU A 175 -0.11 -29.54 12.59
N MET A 1 3.08 18.17 15.77
CA MET A 1 3.21 18.99 14.55
C MET A 1 4.20 18.36 13.56
N GLU A 2 4.19 18.84 12.31
CA GLU A 2 5.10 18.41 11.24
C GLU A 2 5.92 19.59 10.68
N THR A 3 7.22 19.37 10.47
CA THR A 3 8.10 20.24 9.68
C THR A 3 8.22 19.68 8.26
N ALA A 4 8.91 20.37 7.34
CA ALA A 4 9.20 19.85 5.99
C ALA A 4 9.91 18.47 6.00
N SER A 5 10.63 18.15 7.09
CA SER A 5 11.20 16.83 7.41
C SER A 5 12.03 16.15 6.30
N ALA A 6 12.67 16.95 5.44
CA ALA A 6 13.44 16.50 4.28
C ALA A 6 14.47 17.54 3.82
N ALA A 7 15.53 17.10 3.14
CA ALA A 7 16.60 17.96 2.62
C ALA A 7 16.13 18.88 1.49
N THR A 8 16.11 18.39 0.25
CA THR A 8 15.90 19.17 -0.98
C THR A 8 14.48 19.07 -1.51
N VAL A 9 13.96 20.17 -2.06
CA VAL A 9 12.59 20.28 -2.59
C VAL A 9 12.50 19.85 -4.07
N PHE A 10 11.38 19.21 -4.43
CA PHE A 10 11.01 18.75 -5.78
C PHE A 10 9.66 19.33 -6.23
N ALA A 11 9.42 19.42 -7.54
CA ALA A 11 8.31 20.20 -8.11
C ALA A 11 7.66 19.67 -9.40
N ALA A 12 6.41 20.11 -9.62
CA ALA A 12 5.54 20.05 -10.81
C ALA A 12 5.48 18.78 -11.69
N GLY A 13 5.87 17.63 -11.17
CA GLY A 13 5.75 16.32 -11.84
C GLY A 13 4.37 15.67 -11.73
N THR A 14 3.54 16.16 -10.80
CA THR A 14 2.23 15.57 -10.41
C THR A 14 1.20 16.63 -10.02
N THR A 15 -0.05 16.22 -9.80
CA THR A 15 -1.15 17.10 -9.31
C THR A 15 -1.31 17.07 -7.78
N THR A 16 -0.72 16.09 -7.08
CA THR A 16 -0.63 16.01 -5.63
C THR A 16 0.67 15.29 -5.24
N THR A 17 1.54 15.91 -4.42
CA THR A 17 2.85 15.36 -4.01
C THR A 17 2.84 14.53 -2.73
N SER A 18 1.70 13.95 -2.37
CA SER A 18 1.56 12.93 -1.32
C SER A 18 0.41 11.98 -1.63
N VAL A 19 0.35 10.86 -0.93
CA VAL A 19 -0.66 9.80 -1.07
C VAL A 19 -0.96 9.20 0.30
N THR A 20 -2.23 8.86 0.57
CA THR A 20 -2.65 8.25 1.84
C THR A 20 -3.19 6.84 1.60
N VAL A 21 -2.64 5.84 2.29
CA VAL A 21 -3.02 4.42 2.18
C VAL A 21 -3.90 4.01 3.36
N HIS A 22 -5.02 3.36 3.05
CA HIS A 22 -6.09 2.99 3.99
C HIS A 22 -6.43 1.49 3.89
N LYS A 23 -6.00 0.65 4.85
CA LYS A 23 -6.14 -0.80 4.74
C LYS A 23 -7.57 -1.26 5.10
N LEU A 24 -8.27 -1.84 4.13
CA LEU A 24 -9.64 -2.31 4.25
C LEU A 24 -9.72 -3.83 4.31
N LEU A 25 -10.75 -4.36 4.97
CA LEU A 25 -11.13 -5.78 4.98
C LEU A 25 -12.65 -5.94 4.87
N ALA A 26 -13.09 -7.19 4.69
CA ALA A 26 -14.50 -7.58 4.77
C ALA A 26 -14.89 -8.10 6.17
N THR A 27 -16.19 -8.16 6.48
CA THR A 27 -16.71 -8.68 7.76
C THR A 27 -17.04 -10.18 7.76
N ASP A 28 -17.33 -10.78 6.60
CA ASP A 28 -17.63 -12.21 6.41
C ASP A 28 -16.94 -12.77 5.14
N GLY A 29 -15.71 -12.33 4.88
CA GLY A 29 -14.92 -12.72 3.70
C GLY A 29 -15.37 -12.11 2.36
N ASP A 30 -16.21 -11.07 2.39
CA ASP A 30 -16.85 -10.36 1.27
C ASP A 30 -15.89 -9.57 0.33
N MET A 31 -14.62 -9.96 0.24
CA MET A 31 -13.62 -9.20 -0.51
C MET A 31 -13.90 -9.15 -2.01
N ASP A 32 -14.63 -10.10 -2.59
CA ASP A 32 -14.96 -10.13 -4.03
C ASP A 32 -16.05 -9.11 -4.43
N LYS A 33 -17.09 -8.92 -3.60
CA LYS A 33 -18.06 -7.83 -3.80
C LYS A 33 -17.44 -6.47 -3.48
N ILE A 34 -16.64 -6.33 -2.42
CA ILE A 34 -15.83 -5.12 -2.16
C ILE A 34 -14.92 -4.78 -3.36
N ALA A 35 -14.11 -5.72 -3.84
CA ALA A 35 -13.18 -5.50 -4.95
C ALA A 35 -13.89 -5.04 -6.24
N ASN A 36 -15.10 -5.53 -6.49
CA ASN A 36 -15.93 -5.10 -7.63
C ASN A 36 -16.60 -3.73 -7.42
N GLU A 37 -16.95 -3.36 -6.19
CA GLU A 37 -17.39 -2.00 -5.84
C GLU A 37 -16.25 -0.96 -6.02
N LEU A 38 -14.98 -1.35 -5.82
CA LEU A 38 -13.83 -0.46 -5.98
C LEU A 38 -13.29 -0.37 -7.41
N GLU A 39 -13.26 -1.47 -8.16
CA GLU A 39 -12.70 -1.46 -9.53
C GLU A 39 -13.60 -0.72 -10.53
N THR A 40 -14.91 -0.62 -10.26
CA THR A 40 -15.84 0.14 -11.10
C THR A 40 -15.74 1.65 -10.88
N GLY A 41 -15.34 2.08 -9.68
CA GLY A 41 -15.03 3.47 -9.33
C GLY A 41 -13.60 3.88 -9.73
N ASN A 42 -13.38 5.18 -9.92
CA ASN A 42 -12.12 5.75 -10.44
C ASN A 42 -11.05 5.93 -9.35
N TYR A 43 -11.04 5.06 -8.32
CA TYR A 43 -10.23 5.22 -7.10
C TYR A 43 -8.72 5.02 -7.30
N ALA A 44 -8.26 4.83 -8.53
CA ALA A 44 -6.84 4.90 -8.88
C ALA A 44 -6.22 6.28 -8.55
N GLY A 45 -7.04 7.34 -8.46
CA GLY A 45 -6.65 8.67 -7.95
C GLY A 45 -7.33 9.04 -6.63
N ASN A 46 -8.57 9.53 -6.74
CA ASN A 46 -9.38 10.09 -5.65
C ASN A 46 -9.90 9.07 -4.62
N LYS A 47 -10.22 9.54 -3.41
CA LYS A 47 -10.71 8.71 -2.29
C LYS A 47 -12.05 8.02 -2.58
N VAL A 48 -12.32 6.94 -1.85
CA VAL A 48 -13.55 6.14 -2.00
C VAL A 48 -14.79 6.96 -1.63
N GLY A 49 -15.81 6.95 -2.48
CA GLY A 49 -17.04 7.74 -2.27
C GLY A 49 -17.88 7.24 -1.10
N VAL A 50 -18.20 5.93 -1.08
CA VAL A 50 -19.03 5.27 -0.05
C VAL A 50 -18.54 3.84 0.17
N LEU A 51 -18.42 3.37 1.42
CA LEU A 51 -18.13 1.97 1.75
C LEU A 51 -19.39 1.08 1.78
N PRO A 52 -19.27 -0.23 1.47
CA PRO A 52 -20.37 -1.19 1.64
C PRO A 52 -20.62 -1.50 3.12
N ALA A 53 -21.81 -1.99 3.46
CA ALA A 53 -22.13 -2.43 4.83
C ALA A 53 -21.19 -3.54 5.33
N ASN A 54 -20.67 -4.38 4.43
CA ASN A 54 -19.75 -5.48 4.69
C ASN A 54 -18.25 -5.12 4.71
N ALA A 55 -17.87 -3.85 4.51
CA ALA A 55 -16.48 -3.39 4.67
C ALA A 55 -16.12 -2.93 6.11
N LYS A 56 -14.83 -3.00 6.46
CA LYS A 56 -14.22 -2.46 7.70
C LYS A 56 -12.78 -1.97 7.47
N GLU A 57 -12.21 -1.28 8.45
CA GLU A 57 -10.89 -0.62 8.38
C GLU A 57 -9.99 -1.02 9.55
N ILE A 58 -8.69 -1.28 9.35
CA ILE A 58 -7.75 -1.66 10.42
C ILE A 58 -6.48 -0.79 10.48
N ALA A 59 -6.03 -0.49 11.71
CA ALA A 59 -4.79 0.25 11.99
C ALA A 59 -3.71 -0.61 12.67
N GLY A 60 -2.46 -0.18 12.56
CA GLY A 60 -1.28 -0.89 13.06
C GLY A 60 -0.70 -1.92 12.08
N VAL A 61 -1.22 -2.02 10.85
CA VAL A 61 -0.71 -2.89 9.78
C VAL A 61 0.39 -2.19 8.99
N MET A 62 1.43 -2.93 8.60
CA MET A 62 2.65 -2.45 7.96
C MET A 62 2.71 -2.74 6.45
N PHE A 63 3.09 -1.74 5.66
CA PHE A 63 3.25 -1.85 4.20
C PHE A 63 4.47 -1.06 3.70
N VAL A 64 4.98 -1.51 2.55
CA VAL A 64 6.19 -1.02 1.88
C VAL A 64 5.88 -0.68 0.43
N TRP A 65 6.49 0.37 -0.12
CA TRP A 65 6.44 0.70 -1.55
C TRP A 65 7.54 -0.02 -2.35
N THR A 66 7.22 -0.34 -3.60
CA THR A 66 8.07 -1.02 -4.58
C THR A 66 7.88 -0.42 -5.97
N ASN A 67 8.77 -0.76 -6.90
CA ASN A 67 8.58 -0.46 -8.32
C ASN A 67 7.76 -1.54 -9.05
N THR A 68 7.38 -1.29 -10.31
CA THR A 68 6.55 -2.25 -11.06
C THR A 68 7.21 -3.61 -11.32
N ASN A 69 8.54 -3.69 -11.30
CA ASN A 69 9.31 -4.96 -11.31
C ASN A 69 9.56 -5.53 -9.89
N ASN A 70 8.71 -5.16 -8.93
CA ASN A 70 8.62 -5.66 -7.56
C ASN A 70 9.90 -5.46 -6.71
N GLU A 71 10.71 -4.44 -7.01
CA GLU A 71 11.90 -4.05 -6.23
C GLU A 71 11.56 -3.03 -5.14
N ILE A 72 12.21 -3.13 -3.98
CA ILE A 72 12.00 -2.20 -2.87
C ILE A 72 12.78 -0.90 -3.11
N ILE A 73 12.08 0.24 -3.02
CA ILE A 73 12.60 1.60 -3.25
C ILE A 73 12.44 2.57 -2.04
N ASP A 74 13.32 3.57 -1.96
CA ASP A 74 13.25 4.75 -1.07
C ASP A 74 12.37 5.85 -1.71
N GLU A 75 11.95 6.87 -0.94
CA GLU A 75 10.96 7.88 -1.37
C GLU A 75 11.40 8.79 -2.53
N ASN A 76 12.69 8.78 -2.89
CA ASN A 76 13.25 9.46 -4.05
C ASN A 76 13.42 8.55 -5.29
N GLY A 77 12.95 7.29 -5.24
CA GLY A 77 12.99 6.33 -6.35
C GLY A 77 14.28 5.52 -6.46
N GLN A 78 15.20 5.66 -5.48
CA GLN A 78 16.40 4.86 -5.37
C GLN A 78 16.06 3.44 -4.88
N THR A 79 16.76 2.43 -5.40
CA THR A 79 16.44 1.03 -5.17
C THR A 79 17.42 0.35 -4.19
N LEU A 80 16.92 -0.61 -3.40
CA LEU A 80 17.62 -1.19 -2.24
C LEU A 80 18.27 -2.57 -2.48
N GLY A 81 18.21 -3.13 -3.70
CA GLY A 81 18.79 -4.44 -4.01
C GLY A 81 18.00 -5.64 -3.48
N VAL A 82 16.69 -5.48 -3.23
CA VAL A 82 15.79 -6.55 -2.77
C VAL A 82 14.46 -6.45 -3.52
N ASN A 83 13.87 -7.60 -3.83
CA ASN A 83 12.63 -7.80 -4.56
C ASN A 83 11.63 -8.62 -3.73
N ILE A 84 10.36 -8.62 -4.11
CA ILE A 84 9.26 -9.30 -3.41
C ILE A 84 8.36 -10.05 -4.41
N ASP A 85 8.04 -11.32 -4.15
CA ASP A 85 7.10 -12.08 -5.02
C ASP A 85 5.67 -11.54 -4.87
N PRO A 86 4.85 -11.38 -5.94
CA PRO A 86 3.48 -10.90 -5.77
C PRO A 86 2.54 -11.94 -5.17
N GLN A 87 2.90 -13.23 -5.22
CA GLN A 87 2.14 -14.36 -4.71
C GLN A 87 2.62 -14.77 -3.31
N THR A 88 3.93 -14.99 -3.15
CA THR A 88 4.53 -15.45 -1.89
C THR A 88 4.73 -14.33 -0.87
N PHE A 89 4.87 -13.09 -1.36
CA PHE A 89 5.25 -11.91 -0.56
C PHE A 89 6.63 -12.05 0.16
N LYS A 90 7.45 -13.06 -0.19
CA LYS A 90 8.77 -13.30 0.42
C LYS A 90 9.86 -12.43 -0.22
N LEU A 91 10.89 -12.08 0.56
CA LEU A 91 11.95 -11.16 0.16
C LEU A 91 13.10 -11.86 -0.61
N SER A 92 13.62 -11.18 -1.63
CA SER A 92 14.85 -11.53 -2.35
C SER A 92 16.09 -10.89 -1.69
N GLY A 93 16.07 -10.80 -0.36
CA GLY A 93 17.18 -10.39 0.50
C GLY A 93 16.72 -10.18 1.94
N ALA A 94 17.57 -9.58 2.78
CA ALA A 94 17.21 -9.14 4.13
C ALA A 94 16.40 -7.83 4.09
N MET A 95 15.72 -7.51 5.19
CA MET A 95 14.92 -6.28 5.33
C MET A 95 15.79 -5.02 5.14
N PRO A 96 15.42 -4.09 4.25
CA PRO A 96 16.23 -2.92 3.86
C PRO A 96 16.38 -1.87 4.97
N ALA A 97 17.25 -0.89 4.74
CA ALA A 97 17.35 0.31 5.56
C ALA A 97 16.31 1.36 5.14
N THR A 98 16.67 2.26 4.23
CA THR A 98 15.95 3.49 3.86
C THR A 98 14.68 3.30 3.01
N ALA A 99 14.24 2.07 2.78
CA ALA A 99 13.03 1.76 2.00
C ALA A 99 11.77 2.51 2.47
N MET A 100 10.88 2.84 1.54
CA MET A 100 9.64 3.60 1.72
C MET A 100 8.54 2.75 2.40
N LYS A 101 8.43 2.80 3.73
CA LYS A 101 7.49 1.98 4.54
C LYS A 101 6.91 2.71 5.75
N LYS A 102 5.67 2.40 6.13
CA LYS A 102 5.00 2.88 7.37
C LYS A 102 3.79 2.02 7.72
N LEU A 103 3.29 2.18 8.94
CA LEU A 103 2.06 1.57 9.47
C LEU A 103 0.85 2.53 9.41
N THR A 104 -0.38 2.02 9.26
CA THR A 104 -1.61 2.85 9.44
C THR A 104 -1.77 3.26 10.92
N GLU A 105 -2.12 4.53 11.17
CA GLU A 105 -2.21 5.09 12.54
C GLU A 105 -3.58 4.96 13.22
N ALA A 106 -4.63 5.40 12.53
CA ALA A 106 -6.01 5.41 13.02
C ALA A 106 -7.00 5.43 11.85
N GLU A 107 -6.76 6.27 10.84
CA GLU A 107 -7.58 6.31 9.62
C GLU A 107 -6.83 5.94 8.34
N GLY A 108 -5.50 5.99 8.37
CA GLY A 108 -4.63 5.74 7.22
C GLY A 108 -3.14 5.93 7.55
N ALA A 109 -2.30 6.06 6.53
CA ALA A 109 -0.87 6.45 6.59
C ALA A 109 -0.50 7.33 5.39
N LYS A 110 0.17 8.46 5.62
CA LYS A 110 0.69 9.37 4.57
C LYS A 110 2.06 8.92 4.04
N PHE A 111 2.29 9.12 2.74
CA PHE A 111 3.55 8.92 2.03
C PHE A 111 3.78 10.12 1.09
N ASN A 112 4.92 10.81 1.22
CA ASN A 112 5.31 11.88 0.29
C ASN A 112 5.75 11.31 -1.08
N THR A 113 5.28 11.91 -2.16
CA THR A 113 5.54 11.50 -3.55
C THR A 113 6.20 12.59 -4.40
N ALA A 114 6.58 13.74 -3.82
CA ALA A 114 7.25 14.83 -4.56
C ALA A 114 8.54 14.38 -5.26
N ASN A 115 9.28 13.47 -4.63
CA ASN A 115 10.62 13.08 -5.01
C ASN A 115 10.60 11.87 -5.97
N LEU A 116 9.52 11.07 -6.00
CA LEU A 116 9.35 10.05 -7.03
C LEU A 116 9.29 10.66 -8.46
N PRO A 117 9.93 9.99 -9.43
CA PRO A 117 9.74 10.29 -10.85
C PRO A 117 8.42 9.69 -11.37
N ALA A 118 8.05 10.08 -12.58
CA ALA A 118 6.81 9.71 -13.25
C ALA A 118 6.88 8.28 -13.80
N ALA A 119 6.49 7.31 -12.98
CA ALA A 119 6.57 5.88 -13.30
C ALA A 119 5.42 5.07 -12.67
N LYS A 120 5.42 3.75 -12.89
CA LYS A 120 4.49 2.80 -12.26
C LYS A 120 5.12 2.08 -11.07
N TYR A 121 4.32 1.94 -10.01
CA TYR A 121 4.76 1.49 -8.68
C TYR A 121 3.77 0.47 -8.09
N LYS A 122 4.18 -0.20 -7.02
CA LYS A 122 3.32 -1.14 -6.27
C LYS A 122 3.50 -1.04 -4.76
N ILE A 123 2.48 -1.40 -3.98
CA ILE A 123 2.55 -1.54 -2.51
C ILE A 123 2.43 -3.01 -2.12
N TYR A 124 3.16 -3.39 -1.07
CA TYR A 124 3.23 -4.74 -0.48
C TYR A 124 3.01 -4.68 1.04
N GLU A 125 2.34 -5.68 1.63
CA GLU A 125 1.98 -5.71 3.06
C GLU A 125 2.92 -6.67 3.81
N ILE A 126 3.77 -6.12 4.70
CA ILE A 126 4.89 -6.84 5.33
C ILE A 126 4.78 -6.76 6.86
N HIS A 127 4.01 -7.67 7.45
CA HIS A 127 3.80 -7.72 8.90
C HIS A 127 5.02 -8.27 9.68
N SER A 128 5.97 -8.91 8.98
CA SER A 128 7.28 -9.31 9.51
C SER A 128 8.12 -8.13 10.03
N LEU A 129 7.95 -6.89 9.52
CA LEU A 129 8.66 -5.72 10.02
C LEU A 129 7.92 -5.07 11.20
N SER A 130 6.59 -5.08 11.20
CA SER A 130 5.75 -4.69 12.34
C SER A 130 4.35 -5.30 12.19
N THR A 131 3.81 -5.93 13.24
CA THR A 131 2.60 -6.76 13.20
C THR A 131 1.40 -6.07 13.86
N TYR A 132 0.21 -6.27 13.29
CA TYR A 132 -1.07 -5.92 13.90
C TYR A 132 -1.71 -7.19 14.48
N VAL A 133 -2.33 -7.10 15.65
CA VAL A 133 -2.94 -8.26 16.30
C VAL A 133 -4.18 -8.73 15.55
N GLY A 134 -4.47 -10.03 15.60
CA GLY A 134 -5.74 -10.60 15.15
C GLY A 134 -6.32 -11.63 16.13
N GLU A 135 -5.50 -12.50 16.73
CA GLU A 135 -5.96 -13.57 17.64
C GLU A 135 -6.31 -13.15 19.09
N ASP A 136 -6.20 -11.87 19.42
CA ASP A 136 -6.40 -11.29 20.77
C ASP A 136 -7.86 -10.83 21.03
N GLY A 137 -8.84 -11.35 20.28
CA GLY A 137 -10.27 -11.04 20.41
C GLY A 137 -10.84 -10.10 19.34
N ALA A 138 -9.98 -9.51 18.51
CA ALA A 138 -10.37 -8.77 17.31
C ALA A 138 -11.11 -9.68 16.32
N THR A 139 -12.03 -9.13 15.51
CA THR A 139 -12.90 -9.90 14.59
C THR A 139 -12.19 -10.25 13.28
N LEU A 140 -10.91 -10.62 13.35
CA LEU A 140 -9.97 -10.78 12.23
C LEU A 140 -9.83 -12.23 11.73
N THR A 141 -9.23 -12.38 10.55
CA THR A 141 -9.14 -13.62 9.75
C THR A 141 -7.74 -13.90 9.22
N GLY A 142 -7.42 -15.17 8.93
CA GLY A 142 -6.09 -15.61 8.46
C GLY A 142 -5.79 -15.38 6.96
N SER A 143 -6.74 -14.81 6.21
CA SER A 143 -6.63 -14.45 4.79
C SER A 143 -5.47 -13.49 4.50
N LYS A 144 -4.86 -13.61 3.32
CA LYS A 144 -3.62 -12.93 2.92
C LYS A 144 -3.83 -11.70 2.04
N ALA A 145 -3.02 -10.64 2.22
CA ALA A 145 -3.07 -9.44 1.38
C ALA A 145 -2.53 -9.70 -0.05
N VAL A 146 -3.03 -8.96 -1.03
CA VAL A 146 -2.57 -8.98 -2.43
C VAL A 146 -2.00 -7.60 -2.85
N PRO A 147 -0.99 -7.57 -3.73
CA PRO A 147 -0.21 -6.36 -4.02
C PRO A 147 -0.99 -5.35 -4.88
N ILE A 148 -0.86 -4.07 -4.54
CA ILE A 148 -1.65 -2.96 -5.10
C ILE A 148 -0.82 -2.22 -6.16
N GLU A 149 -1.27 -2.17 -7.41
CA GLU A 149 -0.63 -1.41 -8.48
C GLU A 149 -1.13 0.04 -8.57
N ILE A 150 -0.22 1.00 -8.80
CA ILE A 150 -0.48 2.45 -8.79
C ILE A 150 0.43 3.19 -9.79
N GLU A 151 0.03 4.38 -10.24
CA GLU A 151 0.83 5.32 -11.03
C GLU A 151 0.82 6.72 -10.38
N LEU A 152 1.87 7.53 -10.57
CA LEU A 152 1.95 8.88 -10.01
C LEU A 152 0.87 9.80 -10.60
N PRO A 153 0.21 10.66 -9.80
CA PRO A 153 -0.99 11.39 -10.22
C PRO A 153 -0.73 12.52 -11.22
N LEU A 154 -1.21 12.30 -12.44
CA LEU A 154 -1.38 13.30 -13.51
C LEU A 154 -2.87 13.22 -13.87
N ASN A 155 -3.69 13.48 -12.85
CA ASN A 155 -5.13 13.24 -12.75
C ASN A 155 -5.75 14.38 -11.92
N ASP A 156 -6.97 14.82 -12.25
CA ASP A 156 -7.60 16.01 -11.67
C ASP A 156 -8.15 15.82 -10.24
N VAL A 157 -7.28 15.42 -9.33
CA VAL A 157 -7.58 15.19 -7.93
C VAL A 157 -6.87 16.22 -7.04
N VAL A 158 -7.47 16.53 -5.89
CA VAL A 158 -6.91 17.43 -4.87
C VAL A 158 -6.03 16.64 -3.88
N ASP A 159 -6.35 15.37 -3.64
CA ASP A 159 -5.57 14.47 -2.79
C ASP A 159 -5.63 13.01 -3.30
N ALA A 160 -4.52 12.26 -3.23
CA ALA A 160 -4.43 10.89 -3.76
C ALA A 160 -4.52 9.82 -2.68
N HIS A 161 -5.15 8.67 -2.97
CA HIS A 161 -5.33 7.61 -1.97
C HIS A 161 -5.15 6.16 -2.49
N VAL A 162 -5.12 5.20 -1.55
CA VAL A 162 -4.97 3.74 -1.78
C VAL A 162 -5.87 2.94 -0.84
N TYR A 163 -6.45 1.83 -1.32
CA TYR A 163 -7.32 0.94 -0.54
C TYR A 163 -6.97 -0.55 -0.66
N PRO A 164 -5.90 -1.03 0.01
CA PRO A 164 -5.53 -2.45 0.03
C PRO A 164 -6.58 -3.36 0.67
N LYS A 165 -6.67 -4.59 0.14
CA LYS A 165 -7.64 -5.66 0.44
C LYS A 165 -6.93 -6.93 0.93
N ASN A 166 -7.67 -8.04 1.02
CA ASN A 166 -7.15 -9.40 1.22
C ASN A 166 -7.89 -10.40 0.30
N THR A 167 -7.42 -11.65 0.27
CA THR A 167 -8.06 -12.78 -0.41
C THR A 167 -7.67 -14.10 0.29
N GLU A 168 -8.13 -15.23 -0.21
CA GLU A 168 -8.06 -16.52 0.49
C GLU A 168 -6.89 -17.43 0.10
N ALA A 169 -6.25 -18.01 1.12
CA ALA A 169 -5.26 -19.08 1.09
C ALA A 169 -5.09 -19.63 2.53
N LYS A 170 -4.33 -20.72 2.70
CA LYS A 170 -4.00 -21.25 4.04
C LYS A 170 -3.24 -20.20 4.90
N PRO A 171 -3.53 -20.12 6.21
CA PRO A 171 -3.06 -19.04 7.07
C PRO A 171 -1.58 -19.13 7.43
N LYS A 172 -0.84 -18.05 7.21
CA LYS A 172 0.60 -17.95 7.51
C LYS A 172 0.92 -17.63 8.99
N ILE A 173 0.20 -18.32 9.88
CA ILE A 173 0.36 -18.31 11.36
C ILE A 173 0.02 -19.65 12.04
N LEU A 174 -0.72 -20.56 11.38
CA LEU A 174 -1.18 -21.85 11.94
C LEU A 174 -0.56 -23.01 11.15
N GLU A 175 0.51 -23.60 11.66
CA GLU A 175 1.22 -24.73 11.01
C GLU A 175 1.82 -25.77 11.97
N MET A 1 20.32 15.97 6.47
CA MET A 1 21.03 16.48 5.28
C MET A 1 20.05 17.13 4.31
N GLU A 2 20.53 17.96 3.38
CA GLU A 2 19.76 18.53 2.28
C GLU A 2 20.52 18.44 0.95
N THR A 3 19.86 17.90 -0.08
CA THR A 3 20.45 17.50 -1.38
C THR A 3 19.60 17.91 -2.59
N ALA A 4 20.23 18.04 -3.76
CA ALA A 4 19.58 18.43 -5.02
C ALA A 4 20.27 17.82 -6.27
N SER A 5 19.57 17.81 -7.40
CA SER A 5 20.07 17.23 -8.68
C SER A 5 20.93 18.20 -9.51
N ALA A 6 20.86 19.50 -9.21
CA ALA A 6 21.47 20.62 -9.94
C ALA A 6 20.99 20.83 -11.40
N ALA A 7 20.15 19.92 -11.93
CA ALA A 7 19.41 20.04 -13.19
C ALA A 7 18.23 19.02 -13.25
N THR A 8 17.19 19.38 -13.99
CA THR A 8 15.97 18.60 -14.29
C THR A 8 15.30 17.95 -13.06
N VAL A 9 14.97 18.78 -12.07
CA VAL A 9 14.21 18.40 -10.86
C VAL A 9 12.74 18.09 -11.17
N PHE A 10 12.07 17.34 -10.30
CA PHE A 10 10.75 16.70 -10.45
C PHE A 10 9.52 17.65 -10.36
N ALA A 11 9.74 18.91 -10.68
CA ALA A 11 8.83 20.02 -10.47
C ALA A 11 7.67 20.04 -11.48
N ALA A 12 6.45 20.26 -10.97
CA ALA A 12 5.17 20.16 -11.71
C ALA A 12 5.00 18.85 -12.52
N GLY A 13 5.65 17.77 -12.08
CA GLY A 13 5.62 16.45 -12.71
C GLY A 13 4.38 15.61 -12.37
N THR A 14 3.59 16.05 -11.38
CA THR A 14 2.39 15.39 -10.85
C THR A 14 1.32 16.42 -10.44
N THR A 15 0.07 15.98 -10.23
CA THR A 15 -1.03 16.87 -9.80
C THR A 15 -1.15 16.98 -8.28
N THR A 16 -0.54 16.06 -7.53
CA THR A 16 -0.61 15.96 -6.08
C THR A 16 0.72 15.44 -5.52
N THR A 17 1.31 16.13 -4.53
CA THR A 17 2.66 15.83 -4.00
C THR A 17 2.72 14.80 -2.86
N SER A 18 1.62 14.15 -2.51
CA SER A 18 1.55 13.02 -1.57
C SER A 18 0.40 12.06 -1.90
N VAL A 19 0.43 10.87 -1.31
CA VAL A 19 -0.56 9.79 -1.48
C VAL A 19 -0.89 9.13 -0.14
N THR A 20 -2.15 8.72 0.03
CA THR A 20 -2.72 8.26 1.31
C THR A 20 -3.22 6.81 1.18
N VAL A 21 -2.58 5.85 1.85
CA VAL A 21 -2.92 4.42 1.76
C VAL A 21 -3.79 3.99 2.96
N HIS A 22 -4.87 3.26 2.70
CA HIS A 22 -5.92 2.90 3.66
C HIS A 22 -6.31 1.41 3.55
N LYS A 23 -5.89 0.55 4.49
CA LYS A 23 -6.07 -0.91 4.40
C LYS A 23 -7.49 -1.32 4.82
N LEU A 24 -8.20 -2.05 3.97
CA LEU A 24 -9.60 -2.49 4.19
C LEU A 24 -9.71 -4.02 4.35
N LEU A 25 -10.78 -4.46 5.02
CA LEU A 25 -11.13 -5.88 5.22
C LEU A 25 -12.64 -6.10 5.04
N ALA A 26 -13.04 -7.37 4.95
CA ALA A 26 -14.43 -7.81 4.91
C ALA A 26 -14.88 -8.45 6.24
N THR A 27 -16.18 -8.69 6.41
CA THR A 27 -16.76 -9.34 7.60
C THR A 27 -17.00 -10.84 7.42
N ASP A 28 -17.25 -11.32 6.20
CA ASP A 28 -17.35 -12.76 5.87
C ASP A 28 -16.79 -13.09 4.47
N GLY A 29 -15.69 -12.44 4.07
CA GLY A 29 -15.00 -12.66 2.79
C GLY A 29 -15.50 -11.83 1.61
N ASP A 30 -16.27 -10.78 1.87
CA ASP A 30 -16.96 -9.88 0.91
C ASP A 30 -16.05 -9.01 0.02
N MET A 31 -14.75 -9.27 -0.07
CA MET A 31 -13.79 -8.39 -0.75
C MET A 31 -14.06 -8.24 -2.26
N ASP A 32 -14.79 -9.14 -2.89
CA ASP A 32 -15.10 -9.12 -4.33
C ASP A 32 -16.32 -8.25 -4.66
N LYS A 33 -17.38 -8.27 -3.84
CA LYS A 33 -18.48 -7.31 -3.95
C LYS A 33 -18.00 -5.91 -3.58
N ILE A 34 -17.16 -5.76 -2.55
CA ILE A 34 -16.45 -4.52 -2.24
C ILE A 34 -15.63 -4.06 -3.47
N ALA A 35 -14.87 -4.94 -4.14
CA ALA A 35 -14.14 -4.56 -5.36
C ALA A 35 -15.05 -4.07 -6.51
N ASN A 36 -16.30 -4.56 -6.58
CA ASN A 36 -17.33 -4.05 -7.48
C ASN A 36 -17.98 -2.73 -7.01
N GLU A 37 -18.05 -2.50 -5.70
CA GLU A 37 -18.39 -1.19 -5.12
C GLU A 37 -17.31 -0.14 -5.47
N LEU A 38 -16.04 -0.55 -5.67
CA LEU A 38 -14.95 0.36 -6.04
C LEU A 38 -14.79 0.59 -7.55
N GLU A 39 -14.97 -0.44 -8.39
CA GLU A 39 -14.76 -0.31 -9.86
C GLU A 39 -15.72 0.69 -10.53
N THR A 40 -16.88 0.92 -9.94
CA THR A 40 -17.85 1.93 -10.40
C THR A 40 -17.42 3.37 -10.06
N GLY A 41 -16.60 3.56 -9.02
CA GLY A 41 -16.04 4.85 -8.61
C GLY A 41 -14.73 5.19 -9.34
N ASN A 42 -14.28 6.45 -9.25
CA ASN A 42 -12.97 6.88 -9.78
C ASN A 42 -11.83 6.77 -8.76
N TYR A 43 -11.90 5.80 -7.84
CA TYR A 43 -11.01 5.71 -6.67
C TYR A 43 -9.54 5.35 -6.98
N ALA A 44 -9.18 5.27 -8.26
CA ALA A 44 -7.78 5.24 -8.71
C ALA A 44 -7.04 6.55 -8.36
N GLY A 45 -7.79 7.65 -8.16
CA GLY A 45 -7.30 8.94 -7.63
C GLY A 45 -7.84 9.27 -6.23
N ASN A 46 -9.07 9.81 -6.18
CA ASN A 46 -9.73 10.28 -4.95
C ASN A 46 -10.25 9.15 -4.02
N LYS A 47 -10.70 9.53 -2.82
CA LYS A 47 -11.03 8.59 -1.73
C LYS A 47 -12.34 7.82 -1.89
N VAL A 48 -12.48 6.72 -1.14
CA VAL A 48 -13.73 5.92 -1.03
C VAL A 48 -14.90 6.82 -0.60
N GLY A 49 -16.03 6.74 -1.32
CA GLY A 49 -17.21 7.59 -1.05
C GLY A 49 -17.98 7.18 0.22
N VAL A 50 -18.24 5.89 0.38
CA VAL A 50 -18.92 5.26 1.51
C VAL A 50 -18.61 3.75 1.55
N LEU A 51 -18.42 3.17 2.74
CA LEU A 51 -18.20 1.73 2.92
C LEU A 51 -19.52 0.94 2.99
N PRO A 52 -19.53 -0.31 2.49
CA PRO A 52 -20.65 -1.23 2.72
C PRO A 52 -20.68 -1.74 4.17
N ALA A 53 -21.84 -2.19 4.66
CA ALA A 53 -21.98 -2.74 6.01
C ALA A 53 -21.18 -4.05 6.22
N ASN A 54 -20.83 -4.73 5.13
CA ASN A 54 -19.96 -5.90 5.06
C ASN A 54 -18.45 -5.59 4.89
N ALA A 55 -18.06 -4.31 4.82
CA ALA A 55 -16.66 -3.87 4.91
C ALA A 55 -16.29 -3.38 6.32
N LYS A 56 -14.99 -3.30 6.61
CA LYS A 56 -14.43 -2.65 7.81
C LYS A 56 -12.98 -2.21 7.58
N GLU A 57 -12.45 -1.45 8.54
CA GLU A 57 -11.11 -0.86 8.48
C GLU A 57 -10.27 -1.30 9.68
N ILE A 58 -8.95 -1.40 9.49
CA ILE A 58 -7.98 -1.73 10.55
C ILE A 58 -6.73 -0.83 10.43
N ALA A 59 -6.23 -0.32 11.56
CA ALA A 59 -4.96 0.39 11.64
C ALA A 59 -3.87 -0.48 12.29
N GLY A 60 -2.60 -0.13 12.11
CA GLY A 60 -1.46 -0.88 12.66
C GLY A 60 -0.96 -2.03 11.79
N VAL A 61 -1.35 -2.06 10.51
CA VAL A 61 -0.80 -2.94 9.46
C VAL A 61 0.29 -2.20 8.70
N MET A 62 1.37 -2.90 8.34
CA MET A 62 2.58 -2.33 7.73
C MET A 62 2.70 -2.63 6.23
N PHE A 63 3.11 -1.63 5.45
CA PHE A 63 3.33 -1.73 4.00
C PHE A 63 4.55 -0.92 3.53
N VAL A 64 5.16 -1.41 2.45
CA VAL A 64 6.38 -0.88 1.82
C VAL A 64 6.11 -0.53 0.34
N TRP A 65 6.74 0.51 -0.20
CA TRP A 65 6.73 0.82 -1.63
C TRP A 65 7.86 0.08 -2.40
N THR A 66 7.55 -0.30 -3.64
CA THR A 66 8.44 -1.04 -4.57
C THR A 66 8.31 -0.53 -6.01
N ASN A 67 9.20 -0.97 -6.91
CA ASN A 67 9.12 -0.65 -8.34
C ASN A 67 8.32 -1.63 -9.20
N THR A 68 8.39 -1.49 -10.54
CA THR A 68 7.85 -2.44 -11.51
C THR A 68 8.38 -3.86 -11.29
N ASN A 69 9.68 -3.97 -11.00
CA ASN A 69 10.41 -5.24 -10.83
C ASN A 69 10.38 -5.75 -9.37
N ASN A 70 9.42 -5.25 -8.57
CA ASN A 70 9.16 -5.68 -7.20
C ASN A 70 10.41 -5.50 -6.31
N GLU A 71 11.25 -4.52 -6.64
CA GLU A 71 12.42 -4.09 -5.88
C GLU A 71 12.00 -3.10 -4.81
N ILE A 72 12.61 -3.18 -3.62
CA ILE A 72 12.34 -2.25 -2.52
C ILE A 72 13.08 -0.93 -2.77
N ILE A 73 12.35 0.18 -2.77
CA ILE A 73 12.89 1.54 -3.02
C ILE A 73 12.70 2.53 -1.86
N ASP A 74 13.55 3.54 -1.81
CA ASP A 74 13.44 4.74 -0.95
C ASP A 74 12.60 5.82 -1.66
N GLU A 75 12.16 6.85 -0.94
CA GLU A 75 11.26 7.91 -1.43
C GLU A 75 11.78 8.72 -2.62
N ASN A 76 13.09 8.73 -2.86
CA ASN A 76 13.72 9.37 -4.03
C ASN A 76 13.90 8.38 -5.22
N GLY A 77 13.39 7.14 -5.12
CA GLY A 77 13.49 6.11 -6.15
C GLY A 77 14.83 5.37 -6.20
N GLN A 78 15.70 5.57 -5.19
CA GLN A 78 16.91 4.75 -4.99
C GLN A 78 16.48 3.34 -4.54
N THR A 79 17.21 2.33 -4.98
CA THR A 79 16.88 0.91 -4.78
C THR A 79 17.77 0.26 -3.72
N LEU A 80 17.19 -0.59 -2.87
CA LEU A 80 17.86 -1.14 -1.68
C LEU A 80 18.51 -2.51 -1.92
N GLY A 81 18.47 -3.05 -3.14
CA GLY A 81 19.11 -4.33 -3.48
C GLY A 81 18.35 -5.55 -2.95
N VAL A 82 17.04 -5.42 -2.73
CA VAL A 82 16.13 -6.46 -2.22
C VAL A 82 14.87 -6.51 -3.10
N ASN A 83 14.27 -7.69 -3.24
CA ASN A 83 13.09 -8.01 -4.02
C ASN A 83 12.06 -8.79 -3.20
N ILE A 84 10.79 -8.74 -3.65
CA ILE A 84 9.64 -9.38 -3.01
C ILE A 84 8.77 -10.06 -4.08
N ASP A 85 8.43 -11.34 -3.90
CA ASP A 85 7.51 -12.08 -4.78
C ASP A 85 6.07 -11.55 -4.63
N PRO A 86 5.22 -11.43 -5.68
CA PRO A 86 3.85 -10.96 -5.50
C PRO A 86 2.93 -12.01 -4.86
N GLN A 87 3.27 -13.29 -4.95
CA GLN A 87 2.56 -14.44 -4.40
C GLN A 87 3.06 -14.83 -3.01
N THR A 88 4.37 -15.05 -2.88
CA THR A 88 4.99 -15.50 -1.63
C THR A 88 5.16 -14.37 -0.62
N PHE A 89 5.23 -13.12 -1.11
CA PHE A 89 5.57 -11.93 -0.32
C PHE A 89 6.91 -12.08 0.44
N LYS A 90 7.76 -13.05 0.05
CA LYS A 90 9.01 -13.38 0.74
C LYS A 90 10.17 -12.53 0.23
N LEU A 91 11.00 -12.05 1.16
CA LEU A 91 12.14 -11.18 0.86
C LEU A 91 13.32 -11.97 0.29
N SER A 92 14.06 -11.37 -0.64
CA SER A 92 15.34 -11.90 -1.13
C SER A 92 16.50 -11.76 -0.12
N GLY A 93 16.24 -11.27 1.10
CA GLY A 93 17.24 -11.06 2.15
C GLY A 93 16.67 -10.46 3.44
N ALA A 94 17.53 -9.77 4.19
CA ALA A 94 17.18 -9.05 5.42
C ALA A 94 16.61 -7.63 5.15
N MET A 95 15.89 -7.08 6.13
CA MET A 95 15.21 -5.78 6.05
C MET A 95 16.13 -4.62 5.57
N PRO A 96 15.61 -3.68 4.75
CA PRO A 96 16.38 -2.59 4.13
C PRO A 96 16.80 -1.48 5.13
N ALA A 97 17.71 -0.61 4.69
CA ALA A 97 18.27 0.47 5.50
C ALA A 97 17.40 1.73 5.61
N THR A 98 16.89 2.25 4.48
CA THR A 98 16.22 3.56 4.39
C THR A 98 14.90 3.54 3.61
N ALA A 99 14.39 2.35 3.29
CA ALA A 99 13.24 2.10 2.39
C ALA A 99 11.93 2.85 2.75
N MET A 100 11.11 3.12 1.72
CA MET A 100 9.82 3.82 1.78
C MET A 100 8.70 2.94 2.36
N LYS A 101 8.40 3.06 3.66
CA LYS A 101 7.44 2.21 4.40
C LYS A 101 6.76 2.94 5.57
N LYS A 102 5.52 2.55 5.89
CA LYS A 102 4.78 3.03 7.09
C LYS A 102 3.63 2.10 7.45
N LEU A 103 3.15 2.23 8.69
CA LEU A 103 1.90 1.62 9.14
C LEU A 103 0.71 2.58 9.01
N THR A 104 -0.51 2.07 8.83
CA THR A 104 -1.74 2.91 8.96
C THR A 104 -1.88 3.33 10.42
N GLU A 105 -2.05 4.63 10.69
CA GLU A 105 -2.08 5.14 12.08
C GLU A 105 -3.42 4.94 12.79
N ALA A 106 -4.47 5.53 12.23
CA ALA A 106 -5.83 5.45 12.76
C ALA A 106 -6.87 5.54 11.62
N GLU A 107 -6.61 6.37 10.60
CA GLU A 107 -7.47 6.50 9.42
C GLU A 107 -6.76 6.19 8.08
N GLY A 108 -5.44 6.04 8.07
CA GLY A 108 -4.62 5.87 6.87
C GLY A 108 -3.12 6.08 7.15
N ALA A 109 -2.32 6.18 6.09
CA ALA A 109 -0.90 6.59 6.12
C ALA A 109 -0.52 7.48 4.93
N LYS A 110 0.20 8.60 5.15
CA LYS A 110 0.72 9.54 4.14
C LYS A 110 2.12 9.16 3.65
N PHE A 111 2.34 9.18 2.34
CA PHE A 111 3.62 8.98 1.66
C PHE A 111 3.86 10.17 0.72
N ASN A 112 5.00 10.83 0.81
CA ASN A 112 5.33 11.99 -0.02
C ASN A 112 5.86 11.56 -1.40
N THR A 113 5.20 12.00 -2.48
CA THR A 113 5.53 11.61 -3.87
C THR A 113 6.28 12.69 -4.64
N ALA A 114 6.51 13.86 -4.03
CA ALA A 114 7.28 14.98 -4.63
C ALA A 114 8.71 14.59 -5.07
N ASN A 115 9.19 13.46 -4.55
CA ASN A 115 10.55 12.93 -4.75
C ASN A 115 10.65 11.90 -5.90
N LEU A 116 9.54 11.32 -6.36
CA LEU A 116 9.53 10.30 -7.41
C LEU A 116 9.40 10.86 -8.84
N PRO A 117 10.02 10.20 -9.84
CA PRO A 117 9.78 10.45 -11.26
C PRO A 117 8.55 9.66 -11.78
N ALA A 118 8.15 9.98 -13.00
CA ALA A 118 6.94 9.51 -13.67
C ALA A 118 7.06 8.06 -14.17
N ALA A 119 6.89 7.12 -13.23
CA ALA A 119 7.02 5.69 -13.45
C ALA A 119 5.87 4.93 -12.75
N LYS A 120 5.85 3.60 -12.92
CA LYS A 120 4.95 2.70 -12.19
C LYS A 120 5.63 2.05 -11.00
N TYR A 121 4.87 1.94 -9.93
CA TYR A 121 5.30 1.49 -8.61
C TYR A 121 4.36 0.38 -8.10
N LYS A 122 4.66 -0.17 -6.93
CA LYS A 122 3.82 -1.17 -6.25
C LYS A 122 3.86 -1.04 -4.73
N ILE A 123 2.80 -1.45 -4.03
CA ILE A 123 2.75 -1.52 -2.57
C ILE A 123 2.60 -2.97 -2.11
N TYR A 124 3.40 -3.36 -1.12
CA TYR A 124 3.46 -4.70 -0.51
C TYR A 124 3.18 -4.61 0.99
N GLU A 125 2.45 -5.57 1.55
CA GLU A 125 2.00 -5.59 2.96
C GLU A 125 2.79 -6.65 3.75
N ILE A 126 3.61 -6.22 4.71
CA ILE A 126 4.61 -7.06 5.39
C ILE A 126 4.27 -7.15 6.89
N HIS A 127 3.92 -8.34 7.37
CA HIS A 127 3.41 -8.52 8.73
C HIS A 127 4.49 -8.58 9.82
N SER A 128 5.78 -8.74 9.46
CA SER A 128 6.87 -8.75 10.45
C SER A 128 6.99 -7.45 11.26
N LEU A 129 6.63 -6.30 10.66
CA LEU A 129 6.63 -4.99 11.32
C LEU A 129 5.21 -4.49 11.70
N SER A 130 4.15 -5.26 11.44
CA SER A 130 2.78 -4.91 11.83
C SER A 130 2.61 -4.86 13.36
N THR A 131 1.89 -3.85 13.86
CA THR A 131 1.52 -3.71 15.28
C THR A 131 0.25 -4.50 15.62
N TYR A 132 -0.74 -4.51 14.72
CA TYR A 132 -2.00 -5.24 14.88
C TYR A 132 -1.80 -6.77 14.78
N VAL A 133 -2.83 -7.53 15.19
CA VAL A 133 -2.90 -8.99 15.04
C VAL A 133 -4.35 -9.45 14.82
N GLY A 134 -4.54 -10.64 14.23
CA GLY A 134 -5.85 -11.30 14.12
C GLY A 134 -5.95 -12.64 14.88
N GLU A 135 -4.87 -13.43 14.88
CA GLU A 135 -4.82 -14.78 15.50
C GLU A 135 -4.86 -14.79 17.05
N ASP A 136 -4.80 -13.62 17.69
CA ASP A 136 -4.92 -13.43 19.14
C ASP A 136 -6.39 -13.53 19.65
N GLY A 137 -7.28 -14.14 18.85
CA GLY A 137 -8.72 -14.28 19.13
C GLY A 137 -9.59 -13.16 18.58
N ALA A 138 -9.03 -12.24 17.80
CA ALA A 138 -9.75 -11.09 17.23
C ALA A 138 -10.65 -11.48 16.05
N THR A 139 -11.67 -10.66 15.78
CA THR A 139 -12.60 -10.77 14.65
C THR A 139 -11.93 -10.33 13.34
N LEU A 140 -10.98 -11.14 12.84
CA LEU A 140 -10.16 -10.91 11.64
C LEU A 140 -9.91 -12.26 10.93
N THR A 141 -10.23 -12.38 9.63
CA THR A 141 -10.24 -13.69 8.93
C THR A 141 -8.86 -14.31 8.65
N GLY A 142 -7.78 -13.54 8.67
CA GLY A 142 -6.40 -14.05 8.65
C GLY A 142 -5.86 -14.51 7.29
N SER A 143 -6.63 -14.36 6.21
CA SER A 143 -6.15 -14.59 4.84
C SER A 143 -5.02 -13.63 4.44
N LYS A 144 -4.21 -14.03 3.44
CA LYS A 144 -3.07 -13.23 2.96
C LYS A 144 -3.47 -12.01 2.14
N ALA A 145 -2.74 -10.91 2.30
CA ALA A 145 -2.86 -9.73 1.46
C ALA A 145 -2.14 -9.93 0.11
N VAL A 146 -2.57 -9.14 -0.88
CA VAL A 146 -2.07 -9.11 -2.26
C VAL A 146 -1.55 -7.71 -2.62
N PRO A 147 -0.57 -7.60 -3.54
CA PRO A 147 0.10 -6.33 -3.82
C PRO A 147 -0.76 -5.44 -4.73
N ILE A 148 -0.54 -4.12 -4.66
CA ILE A 148 -1.25 -3.11 -5.47
C ILE A 148 -0.28 -2.52 -6.51
N GLU A 149 -0.69 -2.41 -7.77
CA GLU A 149 0.05 -1.64 -8.80
C GLU A 149 -0.50 -0.19 -8.91
N ILE A 150 0.41 0.78 -9.01
CA ILE A 150 0.11 2.22 -9.01
C ILE A 150 1.01 2.99 -9.99
N GLU A 151 0.50 4.10 -10.53
CA GLU A 151 1.23 5.09 -11.33
C GLU A 151 1.10 6.45 -10.61
N LEU A 152 2.01 7.41 -10.83
CA LEU A 152 1.96 8.70 -10.13
C LEU A 152 0.72 9.55 -10.47
N PRO A 153 0.28 10.48 -9.58
CA PRO A 153 -0.93 11.25 -9.80
C PRO A 153 -0.76 12.26 -10.94
N LEU A 154 -1.53 12.04 -12.01
CA LEU A 154 -1.73 12.97 -13.13
C LEU A 154 -3.25 13.28 -13.30
N ASN A 155 -4.01 13.10 -12.21
CA ASN A 155 -5.48 13.12 -12.14
C ASN A 155 -5.97 14.43 -11.49
N ASP A 156 -7.15 14.91 -11.90
CA ASP A 156 -7.74 16.18 -11.43
C ASP A 156 -8.34 16.04 -10.00
N VAL A 157 -7.51 15.71 -9.01
CA VAL A 157 -7.83 15.50 -7.58
C VAL A 157 -7.05 16.44 -6.66
N VAL A 158 -7.56 16.67 -5.45
CA VAL A 158 -6.87 17.46 -4.40
C VAL A 158 -5.86 16.60 -3.64
N ASP A 159 -6.20 15.34 -3.40
CA ASP A 159 -5.35 14.38 -2.68
C ASP A 159 -5.46 12.98 -3.31
N ALA A 160 -4.38 12.19 -3.27
CA ALA A 160 -4.35 10.84 -3.84
C ALA A 160 -4.56 9.78 -2.75
N HIS A 161 -5.26 8.69 -3.08
CA HIS A 161 -5.51 7.59 -2.14
C HIS A 161 -5.25 6.19 -2.71
N VAL A 162 -5.18 5.19 -1.82
CA VAL A 162 -5.00 3.75 -2.11
C VAL A 162 -5.79 2.87 -1.15
N TYR A 163 -6.29 1.73 -1.60
CA TYR A 163 -7.12 0.82 -0.78
C TYR A 163 -6.73 -0.68 -0.92
N PRO A 164 -5.68 -1.18 -0.21
CA PRO A 164 -5.33 -2.59 -0.18
C PRO A 164 -6.39 -3.48 0.48
N LYS A 165 -6.52 -4.71 -0.04
CA LYS A 165 -7.54 -5.72 0.28
C LYS A 165 -6.88 -7.04 0.73
N ASN A 166 -7.63 -8.13 0.76
CA ASN A 166 -7.14 -9.50 0.92
C ASN A 166 -7.81 -10.44 -0.09
N THR A 167 -7.30 -11.67 -0.20
CA THR A 167 -7.76 -12.68 -1.17
C THR A 167 -7.93 -14.05 -0.50
N GLU A 168 -8.17 -15.09 -1.28
CA GLU A 168 -8.28 -16.49 -0.85
C GLU A 168 -6.95 -17.07 -0.30
N ALA A 169 -7.05 -18.15 0.47
CA ALA A 169 -6.01 -18.85 1.23
C ALA A 169 -5.64 -18.22 2.59
N LYS A 170 -5.88 -18.99 3.65
CA LYS A 170 -5.53 -18.73 5.06
C LYS A 170 -4.98 -20.00 5.73
N PRO A 171 -4.23 -19.87 6.83
CA PRO A 171 -3.73 -21.01 7.61
C PRO A 171 -4.87 -21.87 8.19
N LYS A 172 -4.58 -23.14 8.50
CA LYS A 172 -5.51 -24.05 9.19
C LYS A 172 -5.47 -24.00 10.73
N ILE A 173 -4.61 -23.16 11.29
CA ILE A 173 -4.25 -23.09 12.72
C ILE A 173 -4.08 -21.64 13.20
N LEU A 174 -5.02 -20.77 12.81
CA LEU A 174 -5.11 -19.37 13.25
C LEU A 174 -5.53 -19.24 14.72
N GLU A 175 -4.58 -19.48 15.61
CA GLU A 175 -4.70 -19.40 17.07
C GLU A 175 -3.37 -19.18 17.79
N MET A 1 24.23 6.27 5.50
CA MET A 1 24.90 5.16 4.78
C MET A 1 24.35 5.07 3.36
N GLU A 2 25.13 4.50 2.43
CA GLU A 2 24.80 4.34 1.00
C GLU A 2 24.52 5.67 0.22
N THR A 3 24.23 5.55 -1.07
CA THR A 3 23.91 6.64 -2.02
C THR A 3 22.39 6.74 -2.25
N ALA A 4 21.86 7.96 -2.44
CA ALA A 4 20.44 8.25 -2.65
C ALA A 4 20.05 8.64 -4.10
N SER A 5 21.04 8.92 -4.96
CA SER A 5 20.87 9.29 -6.38
C SER A 5 19.95 10.50 -6.66
N ALA A 6 19.73 11.37 -5.67
CA ALA A 6 18.84 12.53 -5.74
C ALA A 6 19.60 13.87 -5.96
N ALA A 7 18.90 14.89 -6.47
CA ALA A 7 19.47 16.18 -6.87
C ALA A 7 18.69 17.38 -6.31
N THR A 8 19.16 18.60 -6.63
CA THR A 8 18.55 19.91 -6.30
C THR A 8 17.26 20.23 -7.10
N VAL A 9 16.58 19.22 -7.62
CA VAL A 9 15.34 19.29 -8.40
C VAL A 9 14.57 17.96 -8.20
N PHE A 10 13.24 18.00 -8.20
CA PHE A 10 12.38 16.79 -8.13
C PHE A 10 11.27 16.76 -9.20
N ALA A 11 11.47 17.50 -10.29
CA ALA A 11 10.63 17.63 -11.49
C ALA A 11 9.21 18.21 -11.31
N ALA A 12 8.52 17.99 -10.18
CA ALA A 12 7.16 18.45 -9.92
C ALA A 12 6.13 18.07 -11.01
N GLY A 13 6.29 16.87 -11.59
CA GLY A 13 5.54 16.33 -12.73
C GLY A 13 4.18 15.72 -12.41
N THR A 14 3.54 16.14 -11.31
CA THR A 14 2.26 15.64 -10.80
C THR A 14 1.26 16.78 -10.55
N THR A 15 0.01 16.45 -10.19
CA THR A 15 -1.02 17.45 -9.80
C THR A 15 -1.17 17.62 -8.29
N THR A 16 -0.65 16.66 -7.52
CA THR A 16 -0.50 16.73 -6.06
C THR A 16 0.78 16.00 -5.63
N THR A 17 1.20 16.20 -4.38
CA THR A 17 2.50 15.78 -3.82
C THR A 17 2.41 14.68 -2.76
N SER A 18 1.23 14.11 -2.52
CA SER A 18 1.00 13.02 -1.56
C SER A 18 0.05 11.93 -2.07
N VAL A 19 0.12 10.78 -1.39
CA VAL A 19 -0.80 9.65 -1.50
C VAL A 19 -1.09 9.08 -0.11
N THR A 20 -2.30 8.59 0.11
CA THR A 20 -2.82 8.17 1.42
C THR A 20 -3.32 6.73 1.36
N VAL A 21 -2.68 5.80 2.07
CA VAL A 21 -3.01 4.37 2.01
C VAL A 21 -3.86 3.95 3.21
N HIS A 22 -4.97 3.26 2.93
CA HIS A 22 -6.01 2.89 3.90
C HIS A 22 -6.34 1.39 3.83
N LYS A 23 -5.83 0.58 4.77
CA LYS A 23 -5.97 -0.88 4.69
C LYS A 23 -7.39 -1.32 5.03
N LEU A 24 -8.04 -2.06 4.10
CA LEU A 24 -9.41 -2.55 4.22
C LEU A 24 -9.46 -4.06 4.49
N LEU A 25 -10.57 -4.50 5.08
CA LEU A 25 -10.92 -5.89 5.36
C LEU A 25 -12.43 -6.10 5.17
N ALA A 26 -12.86 -7.36 5.03
CA ALA A 26 -14.27 -7.75 5.06
C ALA A 26 -14.68 -8.31 6.43
N THR A 27 -15.99 -8.34 6.70
CA THR A 27 -16.54 -8.91 7.94
C THR A 27 -16.78 -10.43 7.86
N ASP A 28 -17.03 -10.99 6.67
CA ASP A 28 -17.16 -12.44 6.44
C ASP A 28 -16.63 -12.88 5.05
N GLY A 29 -15.44 -12.41 4.68
CA GLY A 29 -14.72 -12.77 3.45
C GLY A 29 -15.16 -12.04 2.16
N ASP A 30 -16.04 -11.05 2.30
CA ASP A 30 -16.70 -10.27 1.22
C ASP A 30 -15.78 -9.37 0.38
N MET A 31 -14.46 -9.61 0.37
CA MET A 31 -13.49 -8.78 -0.35
C MET A 31 -13.77 -8.75 -1.87
N ASP A 32 -14.31 -9.83 -2.43
CA ASP A 32 -14.69 -9.95 -3.84
C ASP A 32 -15.74 -8.92 -4.27
N LYS A 33 -16.88 -8.84 -3.53
CA LYS A 33 -17.95 -7.89 -3.83
C LYS A 33 -17.54 -6.46 -3.49
N ILE A 34 -16.83 -6.22 -2.38
CA ILE A 34 -16.17 -4.95 -2.08
C ILE A 34 -15.29 -4.51 -3.26
N ALA A 35 -14.35 -5.33 -3.74
CA ALA A 35 -13.46 -4.99 -4.85
C ALA A 35 -14.20 -4.70 -6.16
N ASN A 36 -15.35 -5.35 -6.40
CA ASN A 36 -16.25 -5.06 -7.52
C ASN A 36 -16.98 -3.71 -7.38
N GLU A 37 -17.21 -3.21 -6.16
CA GLU A 37 -17.68 -1.84 -5.93
C GLU A 37 -16.56 -0.81 -6.17
N LEU A 38 -15.29 -1.19 -5.97
CA LEU A 38 -14.16 -0.27 -6.14
C LEU A 38 -13.66 -0.18 -7.59
N GLU A 39 -13.71 -1.29 -8.35
CA GLU A 39 -13.26 -1.30 -9.75
C GLU A 39 -14.21 -0.55 -10.71
N THR A 40 -15.49 -0.43 -10.34
CA THR A 40 -16.51 0.31 -11.11
C THR A 40 -16.53 1.83 -10.82
N GLY A 41 -16.05 2.26 -9.64
CA GLY A 41 -15.91 3.68 -9.27
C GLY A 41 -14.67 4.35 -9.88
N ASN A 42 -14.53 5.67 -9.76
CA ASN A 42 -13.31 6.41 -10.15
C ASN A 42 -12.24 6.44 -9.04
N TYR A 43 -12.11 5.37 -8.25
CA TYR A 43 -11.25 5.39 -7.05
C TYR A 43 -9.75 5.24 -7.37
N ALA A 44 -9.37 5.22 -8.66
CA ALA A 44 -7.99 5.33 -9.10
C ALA A 44 -7.38 6.74 -8.90
N GLY A 45 -8.20 7.76 -8.56
CA GLY A 45 -7.69 9.07 -8.12
C GLY A 45 -8.23 9.49 -6.75
N ASN A 46 -9.50 9.89 -6.73
CA ASN A 46 -10.24 10.33 -5.53
C ASN A 46 -10.49 9.18 -4.53
N LYS A 47 -10.76 9.51 -3.25
CA LYS A 47 -11.04 8.55 -2.17
C LYS A 47 -12.30 7.70 -2.44
N VAL A 48 -12.40 6.52 -1.82
CA VAL A 48 -13.62 5.69 -1.86
C VAL A 48 -14.79 6.51 -1.32
N GLY A 49 -15.80 6.75 -2.16
CA GLY A 49 -16.97 7.58 -1.80
C GLY A 49 -17.87 6.90 -0.77
N VAL A 50 -18.12 5.59 -0.92
CA VAL A 50 -19.01 4.80 -0.07
C VAL A 50 -18.40 3.44 0.25
N LEU A 51 -18.26 3.11 1.53
CA LEU A 51 -17.95 1.77 2.04
C LEU A 51 -19.23 1.00 2.36
N PRO A 52 -19.27 -0.33 2.13
CA PRO A 52 -20.39 -1.18 2.53
C PRO A 52 -20.37 -1.49 4.03
N ALA A 53 -21.51 -1.88 4.60
CA ALA A 53 -21.59 -2.35 5.99
C ALA A 53 -20.76 -3.64 6.24
N ASN A 54 -20.55 -4.46 5.20
CA ASN A 54 -19.66 -5.62 5.23
C ASN A 54 -18.15 -5.31 5.05
N ALA A 55 -17.76 -4.04 4.96
CA ALA A 55 -16.37 -3.58 5.00
C ALA A 55 -15.95 -2.96 6.35
N LYS A 56 -14.65 -3.02 6.66
CA LYS A 56 -14.00 -2.31 7.78
C LYS A 56 -12.59 -1.85 7.40
N GLU A 57 -12.06 -0.89 8.14
CA GLU A 57 -10.76 -0.24 7.86
C GLU A 57 -9.89 -0.20 9.12
N ILE A 58 -8.58 -0.46 9.00
CA ILE A 58 -7.72 -0.68 10.19
C ILE A 58 -6.38 0.08 10.21
N ALA A 59 -5.99 0.43 11.43
CA ALA A 59 -4.66 0.92 11.80
C ALA A 59 -3.76 -0.25 12.20
N GLY A 60 -2.45 -0.03 12.33
CA GLY A 60 -1.54 -1.01 12.94
C GLY A 60 -0.99 -2.09 12.02
N VAL A 61 -1.07 -1.91 10.70
CA VAL A 61 -0.53 -2.83 9.68
C VAL A 61 0.55 -2.14 8.84
N MET A 62 1.65 -2.84 8.53
CA MET A 62 2.80 -2.33 7.79
C MET A 62 2.78 -2.66 6.30
N PHE A 63 3.08 -1.66 5.48
CA PHE A 63 3.23 -1.77 4.04
C PHE A 63 4.45 -0.98 3.52
N VAL A 64 5.05 -1.50 2.44
CA VAL A 64 6.27 -1.01 1.80
C VAL A 64 5.98 -0.65 0.33
N TRP A 65 6.61 0.39 -0.22
CA TRP A 65 6.56 0.71 -1.65
C TRP A 65 7.65 0.00 -2.46
N THR A 66 7.32 -0.29 -3.72
CA THR A 66 8.14 -1.03 -4.70
C THR A 66 7.96 -0.49 -6.12
N ASN A 67 8.76 -0.99 -7.06
CA ASN A 67 8.60 -0.79 -8.51
C ASN A 67 7.84 -1.96 -9.17
N THR A 68 7.44 -1.80 -10.44
CA THR A 68 6.71 -2.84 -11.20
C THR A 68 7.52 -4.12 -11.39
N ASN A 69 8.86 -4.01 -11.35
CA ASN A 69 9.80 -5.13 -11.29
C ASN A 69 9.88 -5.81 -9.90
N ASN A 70 9.00 -5.43 -8.96
CA ASN A 70 8.87 -5.95 -7.59
C ASN A 70 10.11 -5.70 -6.70
N GLU A 71 10.88 -4.63 -6.99
CA GLU A 71 12.04 -4.17 -6.20
C GLU A 71 11.62 -3.17 -5.12
N ILE A 72 12.28 -3.20 -3.96
CA ILE A 72 12.03 -2.25 -2.87
C ILE A 72 12.76 -0.92 -3.12
N ILE A 73 12.02 0.18 -3.03
CA ILE A 73 12.52 1.56 -3.26
C ILE A 73 12.35 2.52 -2.06
N ASP A 74 13.27 3.48 -1.94
CA ASP A 74 13.25 4.67 -1.05
C ASP A 74 12.36 5.77 -1.64
N GLU A 75 11.92 6.74 -0.82
CA GLU A 75 11.03 7.83 -1.25
C GLU A 75 11.60 8.69 -2.40
N ASN A 76 12.92 8.72 -2.59
CA ASN A 76 13.57 9.44 -3.69
C ASN A 76 13.75 8.55 -4.94
N GLY A 77 13.23 7.31 -4.92
CA GLY A 77 13.29 6.31 -5.99
C GLY A 77 14.64 5.58 -6.15
N GLN A 78 15.47 5.59 -5.10
CA GLN A 78 16.66 4.73 -5.02
C GLN A 78 16.20 3.30 -4.71
N THR A 79 16.79 2.30 -5.36
CA THR A 79 16.47 0.88 -5.12
C THR A 79 17.42 0.26 -4.10
N LEU A 80 16.88 -0.52 -3.16
CA LEU A 80 17.61 -1.00 -1.97
C LEU A 80 18.40 -2.31 -2.21
N GLY A 81 18.28 -2.93 -3.40
CA GLY A 81 18.91 -4.20 -3.74
C GLY A 81 18.14 -5.43 -3.20
N VAL A 82 16.83 -5.29 -2.99
CA VAL A 82 15.93 -6.35 -2.52
C VAL A 82 14.69 -6.40 -3.44
N ASN A 83 14.14 -7.60 -3.63
CA ASN A 83 12.91 -7.88 -4.35
C ASN A 83 11.92 -8.67 -3.47
N ILE A 84 10.66 -8.72 -3.90
CA ILE A 84 9.55 -9.38 -3.18
C ILE A 84 8.72 -10.23 -4.17
N ASP A 85 8.25 -11.43 -3.78
CA ASP A 85 7.35 -12.21 -4.63
C ASP A 85 5.90 -11.66 -4.61
N PRO A 86 5.17 -11.57 -5.74
CA PRO A 86 3.76 -11.17 -5.72
C PRO A 86 2.81 -12.25 -5.21
N GLN A 87 3.26 -13.49 -5.07
CA GLN A 87 2.51 -14.64 -4.56
C GLN A 87 2.84 -14.90 -3.09
N THR A 88 4.13 -15.05 -2.78
CA THR A 88 4.62 -15.43 -1.43
C THR A 88 4.66 -14.26 -0.46
N PHE A 89 4.80 -13.03 -0.98
CA PHE A 89 5.01 -11.78 -0.23
C PHE A 89 6.30 -11.80 0.62
N LYS A 90 7.23 -12.73 0.36
CA LYS A 90 8.48 -12.88 1.12
C LYS A 90 9.65 -12.20 0.41
N LEU A 91 10.66 -11.77 1.17
CA LEU A 91 11.81 -11.00 0.71
C LEU A 91 12.88 -11.88 0.05
N SER A 92 13.55 -11.35 -0.98
CA SER A 92 14.68 -12.00 -1.64
C SER A 92 15.97 -12.02 -0.80
N GLY A 93 15.97 -11.32 0.35
CA GLY A 93 17.13 -11.05 1.19
C GLY A 93 16.73 -10.39 2.52
N ALA A 94 17.62 -9.60 3.12
CA ALA A 94 17.42 -8.99 4.43
C ALA A 94 16.64 -7.65 4.36
N MET A 95 15.87 -7.36 5.41
CA MET A 95 15.05 -6.15 5.56
C MET A 95 15.88 -4.86 5.34
N PRO A 96 15.44 -3.92 4.48
CA PRO A 96 16.21 -2.72 4.10
C PRO A 96 16.18 -1.60 5.16
N ALA A 97 17.15 -0.69 5.05
CA ALA A 97 17.33 0.48 5.91
C ALA A 97 16.39 1.65 5.58
N THR A 98 16.49 2.21 4.37
CA THR A 98 15.84 3.47 3.95
C THR A 98 14.63 3.29 3.02
N ALA A 99 14.14 2.05 2.86
CA ALA A 99 12.95 1.74 2.07
C ALA A 99 11.71 2.54 2.52
N MET A 100 10.85 2.90 1.57
CA MET A 100 9.61 3.67 1.73
C MET A 100 8.52 2.82 2.38
N LYS A 101 8.37 2.87 3.70
CA LYS A 101 7.52 1.96 4.50
C LYS A 101 6.91 2.61 5.74
N LYS A 102 5.65 2.31 6.05
CA LYS A 102 4.88 2.93 7.15
C LYS A 102 3.69 2.07 7.56
N LEU A 103 3.18 2.32 8.77
CA LEU A 103 1.96 1.72 9.31
C LEU A 103 0.77 2.68 9.26
N THR A 104 -0.46 2.17 9.12
CA THR A 104 -1.68 3.00 9.24
C THR A 104 -1.84 3.50 10.68
N GLU A 105 -2.10 4.80 10.86
CA GLU A 105 -2.09 5.48 12.17
C GLU A 105 -3.40 5.32 12.95
N ALA A 106 -4.51 5.80 12.39
CA ALA A 106 -5.85 5.70 12.95
C ALA A 106 -6.91 5.56 11.84
N GLU A 107 -6.70 6.23 10.70
CA GLU A 107 -7.56 6.16 9.52
C GLU A 107 -6.84 5.79 8.22
N GLY A 108 -5.51 5.93 8.18
CA GLY A 108 -4.70 5.77 6.96
C GLY A 108 -3.20 6.00 7.24
N ALA A 109 -2.38 6.17 6.21
CA ALA A 109 -0.98 6.61 6.29
C ALA A 109 -0.59 7.49 5.08
N LYS A 110 0.11 8.62 5.32
CA LYS A 110 0.62 9.54 4.28
C LYS A 110 2.01 9.13 3.76
N PHE A 111 2.21 9.23 2.44
CA PHE A 111 3.47 9.08 1.72
C PHE A 111 3.63 10.31 0.80
N ASN A 112 4.77 11.00 0.82
CA ASN A 112 5.00 12.23 0.03
C ASN A 112 5.61 11.88 -1.34
N THR A 113 4.79 11.89 -2.39
CA THR A 113 5.14 11.43 -3.74
C THR A 113 5.87 12.48 -4.56
N ALA A 114 6.12 13.67 -4.02
CA ALA A 114 6.95 14.70 -4.63
C ALA A 114 8.36 14.21 -4.99
N ASN A 115 8.90 13.28 -4.18
CA ASN A 115 10.27 12.80 -4.28
C ASN A 115 10.45 11.69 -5.34
N LEU A 116 9.35 11.01 -5.71
CA LEU A 116 9.34 10.01 -6.76
C LEU A 116 9.41 10.62 -8.18
N PRO A 117 10.08 9.95 -9.13
CA PRO A 117 9.98 10.29 -10.54
C PRO A 117 8.64 9.82 -11.13
N ALA A 118 8.34 10.29 -12.34
CA ALA A 118 7.13 9.96 -13.08
C ALA A 118 7.19 8.51 -13.58
N ALA A 119 6.66 7.59 -12.77
CA ALA A 119 6.71 6.16 -13.03
C ALA A 119 5.49 5.39 -12.48
N LYS A 120 5.45 4.09 -12.77
CA LYS A 120 4.52 3.10 -12.19
C LYS A 120 5.19 2.40 -11.00
N TYR A 121 4.41 2.02 -10.00
CA TYR A 121 4.87 1.54 -8.68
C TYR A 121 3.95 0.43 -8.16
N LYS A 122 4.35 -0.24 -7.07
CA LYS A 122 3.51 -1.20 -6.34
C LYS A 122 3.63 -1.06 -4.82
N ILE A 123 2.65 -1.56 -4.08
CA ILE A 123 2.67 -1.66 -2.61
C ILE A 123 2.57 -3.14 -2.18
N TYR A 124 3.30 -3.51 -1.12
CA TYR A 124 3.35 -4.85 -0.52
C TYR A 124 3.12 -4.77 1.00
N GLU A 125 2.49 -5.77 1.61
CA GLU A 125 2.12 -5.79 3.04
C GLU A 125 2.99 -6.79 3.83
N ILE A 126 3.66 -6.33 4.88
CA ILE A 126 4.70 -7.10 5.60
C ILE A 126 4.38 -7.10 7.11
N HIS A 127 3.77 -8.17 7.62
CA HIS A 127 3.27 -8.25 9.01
C HIS A 127 4.38 -8.39 10.10
N SER A 128 5.66 -8.34 9.72
CA SER A 128 6.80 -8.29 10.65
C SER A 128 6.74 -7.09 11.59
N LEU A 129 6.16 -5.97 11.13
CA LEU A 129 5.79 -4.81 11.96
C LEU A 129 4.26 -4.76 12.07
N SER A 130 3.74 -4.84 13.30
CA SER A 130 2.29 -4.82 13.55
C SER A 130 1.92 -4.30 14.94
N THR A 131 0.78 -3.60 15.01
CA THR A 131 0.08 -3.13 16.22
C THR A 131 -1.40 -3.58 16.22
N TYR A 132 -1.81 -4.39 15.23
CA TYR A 132 -3.12 -5.05 15.14
C TYR A 132 -2.92 -6.48 14.64
N VAL A 133 -2.65 -7.43 15.55
CA VAL A 133 -2.60 -8.85 15.18
C VAL A 133 -4.01 -9.34 14.85
N GLY A 134 -4.14 -10.00 13.70
CA GLY A 134 -5.39 -10.48 13.13
C GLY A 134 -5.42 -11.98 12.87
N GLU A 135 -4.31 -12.69 13.12
CA GLU A 135 -4.14 -14.13 12.95
C GLU A 135 -3.96 -14.90 14.28
N ASP A 136 -4.62 -14.47 15.36
CA ASP A 136 -4.46 -15.06 16.71
C ASP A 136 -5.77 -15.23 17.52
N GLY A 137 -6.94 -14.92 16.95
CA GLY A 137 -8.25 -14.97 17.62
C GLY A 137 -8.90 -13.60 17.88
N ALA A 138 -8.39 -12.56 17.20
CA ALA A 138 -8.86 -11.17 17.25
C ALA A 138 -10.21 -10.96 16.51
N THR A 139 -10.65 -9.70 16.49
CA THR A 139 -11.76 -9.22 15.65
C THR A 139 -11.44 -9.26 14.15
N LEU A 140 -10.16 -9.26 13.76
CA LEU A 140 -9.71 -9.53 12.39
C LEU A 140 -9.55 -11.04 12.09
N THR A 141 -9.38 -11.38 10.80
CA THR A 141 -8.97 -12.72 10.33
C THR A 141 -7.63 -12.69 9.58
N GLY A 142 -6.91 -13.83 9.57
CA GLY A 142 -5.53 -13.98 9.08
C GLY A 142 -5.34 -14.15 7.56
N SER A 143 -6.31 -13.74 6.72
CA SER A 143 -6.22 -13.89 5.26
C SER A 143 -5.09 -13.07 4.60
N LYS A 144 -4.67 -13.47 3.38
CA LYS A 144 -3.46 -12.99 2.69
C LYS A 144 -3.73 -11.82 1.72
N ALA A 145 -3.11 -10.66 1.95
CA ALA A 145 -3.16 -9.49 1.06
C ALA A 145 -2.41 -9.70 -0.27
N VAL A 146 -2.86 -9.04 -1.33
CA VAL A 146 -2.28 -9.14 -2.69
C VAL A 146 -1.74 -7.80 -3.18
N PRO A 147 -0.74 -7.77 -4.09
CA PRO A 147 0.03 -6.57 -4.41
C PRO A 147 -0.73 -5.55 -5.27
N ILE A 148 -0.70 -4.30 -4.80
CA ILE A 148 -1.47 -3.17 -5.36
C ILE A 148 -0.59 -2.41 -6.35
N GLU A 149 -1.11 -2.14 -7.55
CA GLU A 149 -0.40 -1.42 -8.61
C GLU A 149 -0.95 0.01 -8.81
N ILE A 150 -0.05 0.99 -8.83
CA ILE A 150 -0.35 2.42 -8.79
C ILE A 150 0.53 3.21 -9.78
N GLU A 151 0.06 4.38 -10.21
CA GLU A 151 0.83 5.34 -10.99
C GLU A 151 0.52 6.78 -10.50
N LEU A 152 1.50 7.68 -10.59
CA LEU A 152 1.45 8.99 -9.96
C LEU A 152 0.33 9.94 -10.45
N PRO A 153 -0.09 10.89 -9.58
CA PRO A 153 -1.27 11.70 -9.82
C PRO A 153 -1.07 12.75 -10.92
N LEU A 154 -1.84 12.58 -11.99
CA LEU A 154 -2.07 13.56 -13.05
C LEU A 154 -3.58 13.89 -13.21
N ASN A 155 -4.29 13.86 -12.08
CA ASN A 155 -5.74 14.05 -11.91
C ASN A 155 -6.07 15.31 -11.10
N ASP A 156 -7.27 15.85 -11.23
CA ASP A 156 -7.73 17.13 -10.64
C ASP A 156 -8.12 17.02 -9.14
N VAL A 157 -7.47 16.13 -8.38
CA VAL A 157 -7.68 15.94 -6.94
C VAL A 157 -6.69 16.75 -6.10
N VAL A 158 -7.08 17.05 -4.86
CA VAL A 158 -6.22 17.70 -3.85
C VAL A 158 -5.20 16.69 -3.31
N ASP A 159 -5.60 15.43 -3.17
CA ASP A 159 -4.83 14.35 -2.55
C ASP A 159 -5.24 12.99 -3.14
N ALA A 160 -4.30 12.05 -3.26
CA ALA A 160 -4.55 10.69 -3.79
C ALA A 160 -4.73 9.65 -2.68
N HIS A 161 -5.42 8.53 -2.98
CA HIS A 161 -5.64 7.46 -1.99
C HIS A 161 -5.44 6.03 -2.53
N VAL A 162 -5.27 5.06 -1.61
CA VAL A 162 -5.09 3.61 -1.86
C VAL A 162 -5.95 2.78 -0.91
N TYR A 163 -6.50 1.65 -1.35
CA TYR A 163 -7.34 0.76 -0.54
C TYR A 163 -6.98 -0.74 -0.67
N PRO A 164 -5.89 -1.22 -0.05
CA PRO A 164 -5.46 -2.63 -0.08
C PRO A 164 -6.44 -3.60 0.61
N LYS A 165 -6.51 -4.81 0.06
CA LYS A 165 -7.48 -5.90 0.34
C LYS A 165 -6.80 -7.29 0.34
N ASN A 166 -7.50 -8.32 0.84
CA ASN A 166 -7.04 -9.73 0.84
C ASN A 166 -7.91 -10.69 0.01
N THR A 167 -7.40 -11.91 -0.23
CA THR A 167 -8.13 -12.94 -1.01
C THR A 167 -7.81 -14.40 -0.64
N GLU A 168 -6.57 -14.71 -0.22
CA GLU A 168 -6.10 -16.06 0.17
C GLU A 168 -6.48 -17.21 -0.80
N ALA A 169 -6.65 -16.90 -2.08
CA ALA A 169 -7.25 -17.79 -3.08
C ALA A 169 -6.38 -19.01 -3.46
N LYS A 170 -7.03 -20.10 -3.88
CA LYS A 170 -6.36 -21.37 -4.26
C LYS A 170 -5.58 -21.26 -5.58
N PRO A 171 -4.53 -22.09 -5.81
CA PRO A 171 -3.78 -22.10 -7.06
C PRO A 171 -4.59 -22.61 -8.28
N LYS A 172 -3.99 -22.46 -9.46
CA LYS A 172 -4.51 -22.97 -10.75
C LYS A 172 -3.47 -23.73 -11.59
N ILE A 173 -2.19 -23.69 -11.19
CA ILE A 173 -1.05 -24.40 -11.81
C ILE A 173 -0.10 -25.04 -10.78
N LEU A 174 0.05 -24.43 -9.59
CA LEU A 174 0.94 -24.80 -8.49
C LEU A 174 2.39 -25.09 -8.92
N GLU A 175 3.13 -24.01 -9.07
CA GLU A 175 4.46 -23.88 -9.66
C GLU A 175 5.56 -24.68 -8.91
N MET A 1 29.95 2.77 -0.52
CA MET A 1 28.79 3.57 -0.96
C MET A 1 29.25 4.88 -1.60
N GLU A 2 28.46 5.46 -2.51
CA GLU A 2 28.88 6.60 -3.34
C GLU A 2 27.78 7.66 -3.60
N THR A 3 28.18 8.93 -3.83
CA THR A 3 27.29 10.04 -4.22
C THR A 3 28.01 11.15 -5.03
N ALA A 4 27.24 11.93 -5.81
CA ALA A 4 27.76 12.89 -6.80
C ALA A 4 27.99 14.32 -6.25
N SER A 5 28.59 15.18 -7.08
CA SER A 5 28.97 16.59 -6.80
C SER A 5 27.82 17.60 -6.72
N ALA A 6 26.59 17.19 -7.03
CA ALA A 6 25.40 18.03 -7.13
C ALA A 6 24.77 18.39 -5.76
N ALA A 7 23.80 19.31 -5.76
CA ALA A 7 22.96 19.66 -4.61
C ALA A 7 21.72 18.75 -4.54
N THR A 8 20.50 19.29 -4.71
CA THR A 8 19.26 18.52 -4.64
C THR A 8 18.16 19.06 -5.57
N VAL A 9 17.65 18.21 -6.46
CA VAL A 9 16.47 18.45 -7.29
C VAL A 9 15.55 17.23 -7.31
N PHE A 10 14.26 17.51 -7.20
CA PHE A 10 13.14 16.59 -7.40
C PHE A 10 12.01 17.31 -8.16
N ALA A 11 10.92 16.60 -8.46
CA ALA A 11 9.83 17.08 -9.31
C ALA A 11 8.44 16.76 -8.73
N ALA A 12 7.47 17.63 -9.01
CA ALA A 12 6.08 17.57 -8.56
C ALA A 12 5.12 18.01 -9.68
N GLY A 13 5.20 17.33 -10.82
CA GLY A 13 4.26 17.40 -11.94
C GLY A 13 2.94 16.67 -11.67
N THR A 14 2.40 16.84 -10.46
CA THR A 14 1.25 16.12 -9.89
C THR A 14 0.22 17.09 -9.31
N THR A 15 -0.99 16.62 -8.96
CA THR A 15 -2.02 17.49 -8.32
C THR A 15 -1.84 17.66 -6.80
N THR A 16 -0.95 16.87 -6.21
CA THR A 16 -0.52 16.93 -4.80
C THR A 16 0.92 16.41 -4.66
N THR A 17 1.59 16.70 -3.55
CA THR A 17 2.94 16.22 -3.19
C THR A 17 2.96 14.93 -2.35
N SER A 18 1.81 14.31 -2.12
CA SER A 18 1.66 13.12 -1.26
C SER A 18 0.50 12.20 -1.65
N VAL A 19 0.53 10.97 -1.12
CA VAL A 19 -0.51 9.94 -1.25
C VAL A 19 -0.84 9.36 0.14
N THR A 20 -2.11 9.03 0.39
CA THR A 20 -2.56 8.40 1.64
C THR A 20 -3.01 6.96 1.41
N VAL A 21 -2.27 5.99 1.94
CA VAL A 21 -2.62 4.55 1.88
C VAL A 21 -3.42 4.14 3.12
N HIS A 22 -4.52 3.43 2.88
CA HIS A 22 -5.48 2.97 3.89
C HIS A 22 -5.50 1.43 3.96
N LYS A 23 -6.41 0.82 4.75
CA LYS A 23 -6.70 -0.63 4.70
C LYS A 23 -8.20 -0.90 4.84
N LEU A 24 -8.73 -1.72 3.94
CA LEU A 24 -10.12 -2.20 3.97
C LEU A 24 -10.17 -3.72 4.25
N LEU A 25 -11.20 -4.15 4.97
CA LEU A 25 -11.50 -5.55 5.30
C LEU A 25 -13.00 -5.85 5.12
N ALA A 26 -13.36 -7.14 5.15
CA ALA A 26 -14.75 -7.62 5.07
C ALA A 26 -15.22 -8.26 6.39
N THR A 27 -16.50 -8.11 6.75
CA THR A 27 -17.01 -8.57 8.06
C THR A 27 -17.33 -10.07 8.11
N ASP A 28 -17.77 -10.71 7.01
CA ASP A 28 -18.02 -12.16 6.94
C ASP A 28 -17.07 -12.89 5.97
N GLY A 29 -16.39 -12.14 5.10
CA GLY A 29 -15.48 -12.66 4.05
C GLY A 29 -15.67 -12.06 2.65
N ASP A 30 -16.46 -10.98 2.58
CA ASP A 30 -17.01 -10.29 1.41
C ASP A 30 -16.00 -9.53 0.51
N MET A 31 -14.70 -9.90 0.49
CA MET A 31 -13.68 -9.14 -0.24
C MET A 31 -13.89 -9.11 -1.76
N ASP A 32 -14.46 -10.16 -2.35
CA ASP A 32 -14.63 -10.27 -3.82
C ASP A 32 -15.69 -9.29 -4.35
N LYS A 33 -16.84 -9.19 -3.66
CA LYS A 33 -17.90 -8.24 -4.01
C LYS A 33 -17.51 -6.80 -3.67
N ILE A 34 -16.83 -6.55 -2.54
CA ILE A 34 -16.18 -5.25 -2.26
C ILE A 34 -15.26 -4.86 -3.44
N ALA A 35 -14.40 -5.77 -3.91
CA ALA A 35 -13.51 -5.49 -5.04
C ALA A 35 -14.26 -5.14 -6.35
N ASN A 36 -15.43 -5.75 -6.61
CA ASN A 36 -16.32 -5.40 -7.72
C ASN A 36 -16.90 -3.97 -7.55
N GLU A 37 -17.26 -3.57 -6.34
CA GLU A 37 -17.78 -2.21 -6.05
C GLU A 37 -16.70 -1.12 -6.22
N LEU A 38 -15.41 -1.48 -6.10
CA LEU A 38 -14.31 -0.54 -6.29
C LEU A 38 -13.77 -0.47 -7.71
N GLU A 39 -13.80 -1.57 -8.47
CA GLU A 39 -13.32 -1.58 -9.87
C GLU A 39 -14.23 -0.80 -10.85
N THR A 40 -15.50 -0.58 -10.49
CA THR A 40 -16.42 0.33 -11.22
C THR A 40 -16.18 1.83 -10.90
N GLY A 41 -15.55 2.13 -9.76
CA GLY A 41 -15.17 3.48 -9.34
C GLY A 41 -13.86 3.96 -9.99
N ASN A 42 -13.52 5.23 -9.81
CA ASN A 42 -12.25 5.81 -10.26
C ASN A 42 -11.17 5.80 -9.14
N TYR A 43 -11.33 4.93 -8.15
CA TYR A 43 -10.53 4.91 -6.91
C TYR A 43 -9.07 4.44 -7.08
N ALA A 44 -8.54 4.46 -8.31
CA ALA A 44 -7.10 4.32 -8.54
C ALA A 44 -6.37 5.64 -8.19
N GLY A 45 -7.09 6.78 -8.22
CA GLY A 45 -6.58 8.08 -7.76
C GLY A 45 -7.32 8.62 -6.53
N ASN A 46 -8.65 8.78 -6.63
CA ASN A 46 -9.50 9.43 -5.62
C ASN A 46 -9.88 8.50 -4.45
N LYS A 47 -10.35 9.09 -3.34
CA LYS A 47 -10.88 8.34 -2.19
C LYS A 47 -12.15 7.54 -2.53
N VAL A 48 -12.39 6.44 -1.82
CA VAL A 48 -13.64 5.67 -1.93
C VAL A 48 -14.82 6.50 -1.40
N GLY A 49 -15.81 6.76 -2.26
CA GLY A 49 -16.97 7.60 -1.92
C GLY A 49 -18.02 6.94 -1.02
N VAL A 50 -18.30 5.64 -1.23
CA VAL A 50 -19.28 4.86 -0.45
C VAL A 50 -18.79 3.43 -0.22
N LEU A 51 -18.58 3.06 1.05
CA LEU A 51 -18.31 1.69 1.50
C LEU A 51 -19.60 0.89 1.68
N PRO A 52 -19.59 -0.43 1.35
CA PRO A 52 -20.75 -1.31 1.56
C PRO A 52 -20.94 -1.67 3.05
N ALA A 53 -22.13 -2.14 3.40
CA ALA A 53 -22.47 -2.55 4.77
C ALA A 53 -21.75 -3.84 5.23
N ASN A 54 -21.04 -4.53 4.34
CA ASN A 54 -20.16 -5.67 4.63
C ASN A 54 -18.66 -5.31 4.71
N ALA A 55 -18.27 -4.05 4.43
CA ALA A 55 -16.90 -3.55 4.59
C ALA A 55 -16.62 -2.96 5.99
N LYS A 56 -15.33 -2.89 6.36
CA LYS A 56 -14.81 -2.14 7.52
C LYS A 56 -13.37 -1.66 7.29
N GLU A 57 -12.87 -0.79 8.16
CA GLU A 57 -11.57 -0.14 8.05
C GLU A 57 -10.70 -0.36 9.30
N ILE A 58 -9.44 -0.78 9.13
CA ILE A 58 -8.48 -1.02 10.23
C ILE A 58 -7.20 -0.19 10.13
N ALA A 59 -6.60 0.11 11.29
CA ALA A 59 -5.29 0.73 11.42
C ALA A 59 -4.28 -0.18 12.15
N GLY A 60 -2.98 0.03 11.91
CA GLY A 60 -1.88 -0.75 12.48
C GLY A 60 -1.30 -1.84 11.57
N VAL A 61 -1.63 -1.86 10.27
CA VAL A 61 -0.98 -2.72 9.25
C VAL A 61 0.29 -2.04 8.70
N MET A 62 1.30 -2.83 8.32
CA MET A 62 2.54 -2.38 7.70
C MET A 62 2.61 -2.69 6.20
N PHE A 63 3.09 -1.74 5.40
CA PHE A 63 3.34 -1.88 3.97
C PHE A 63 4.62 -1.14 3.52
N VAL A 64 5.18 -1.57 2.38
CA VAL A 64 6.40 -1.06 1.75
C VAL A 64 6.11 -0.66 0.28
N TRP A 65 6.79 0.36 -0.25
CA TRP A 65 6.74 0.74 -1.67
C TRP A 65 7.81 0.03 -2.52
N THR A 66 7.47 -0.21 -3.79
CA THR A 66 8.31 -0.87 -4.81
C THR A 66 8.11 -0.28 -6.21
N ASN A 67 8.98 -0.62 -7.16
CA ASN A 67 8.79 -0.37 -8.60
C ASN A 67 8.10 -1.56 -9.30
N THR A 68 7.70 -1.40 -10.56
CA THR A 68 6.97 -2.44 -11.34
C THR A 68 7.76 -3.74 -11.51
N ASN A 69 9.09 -3.65 -11.42
CA ASN A 69 10.03 -4.79 -11.33
C ASN A 69 9.96 -5.56 -9.98
N ASN A 70 9.04 -5.20 -9.10
CA ASN A 70 8.92 -5.68 -7.71
C ASN A 70 10.19 -5.43 -6.87
N GLU A 71 10.96 -4.38 -7.21
CA GLU A 71 12.17 -3.95 -6.50
C GLU A 71 11.81 -3.01 -5.36
N ILE A 72 12.45 -3.16 -4.21
CA ILE A 72 12.23 -2.29 -3.06
C ILE A 72 13.03 -0.99 -3.22
N ILE A 73 12.34 0.14 -3.05
CA ILE A 73 12.89 1.49 -3.15
C ILE A 73 12.69 2.37 -1.90
N ASP A 74 13.59 3.34 -1.74
CA ASP A 74 13.49 4.48 -0.83
C ASP A 74 12.69 5.60 -1.51
N GLU A 75 12.13 6.53 -0.73
CA GLU A 75 11.21 7.56 -1.20
C GLU A 75 11.77 8.56 -2.22
N ASN A 76 13.08 8.53 -2.48
CA ASN A 76 13.73 9.31 -3.55
C ASN A 76 13.82 8.53 -4.89
N GLY A 77 13.35 7.28 -4.93
CA GLY A 77 13.46 6.37 -6.07
C GLY A 77 14.76 5.55 -6.12
N GLN A 78 15.61 5.70 -5.10
CA GLN A 78 16.82 4.91 -4.92
C GLN A 78 16.43 3.47 -4.59
N THR A 79 17.17 2.50 -5.13
CA THR A 79 16.84 1.09 -5.02
C THR A 79 17.74 0.37 -4.01
N LEU A 80 17.18 -0.62 -3.32
CA LEU A 80 17.81 -1.26 -2.17
C LEU A 80 18.54 -2.57 -2.53
N GLY A 81 18.34 -3.09 -3.75
CA GLY A 81 18.97 -4.32 -4.24
C GLY A 81 18.22 -5.61 -3.89
N VAL A 82 16.92 -5.52 -3.60
CA VAL A 82 16.07 -6.61 -3.12
C VAL A 82 14.70 -6.57 -3.81
N ASN A 83 14.11 -7.74 -4.05
CA ASN A 83 12.91 -8.00 -4.81
C ASN A 83 11.91 -8.85 -4.00
N ILE A 84 10.63 -8.74 -4.33
CA ILE A 84 9.51 -9.37 -3.62
C ILE A 84 8.62 -10.18 -4.59
N ASP A 85 8.09 -11.34 -4.18
CA ASP A 85 7.07 -12.08 -4.94
C ASP A 85 5.69 -11.41 -4.79
N PRO A 86 4.91 -11.17 -5.86
CA PRO A 86 3.55 -10.65 -5.73
C PRO A 86 2.53 -11.64 -5.13
N GLN A 87 2.92 -12.91 -4.95
CA GLN A 87 2.08 -13.96 -4.40
C GLN A 87 2.50 -14.35 -2.97
N THR A 88 3.81 -14.56 -2.75
CA THR A 88 4.37 -15.04 -1.46
C THR A 88 4.69 -13.91 -0.48
N PHE A 89 4.91 -12.70 -1.02
CA PHE A 89 5.44 -11.53 -0.33
C PHE A 89 6.82 -11.77 0.36
N LYS A 90 7.55 -12.83 -0.01
CA LYS A 90 8.88 -13.15 0.55
C LYS A 90 9.99 -12.41 -0.21
N LEU A 91 11.13 -12.21 0.44
CA LEU A 91 12.22 -11.33 -0.01
C LEU A 91 13.34 -12.12 -0.71
N SER A 92 13.99 -11.53 -1.72
CA SER A 92 15.21 -12.06 -2.36
C SER A 92 16.47 -11.95 -1.49
N GLY A 93 16.33 -11.45 -0.26
CA GLY A 93 17.40 -11.11 0.68
C GLY A 93 16.83 -10.72 2.05
N ALA A 94 17.60 -9.97 2.85
CA ALA A 94 17.15 -9.42 4.12
C ALA A 94 16.30 -8.14 3.94
N MET A 95 15.42 -7.83 4.90
CA MET A 95 14.62 -6.59 4.91
C MET A 95 15.53 -5.35 4.90
N PRO A 96 15.27 -4.36 4.02
CA PRO A 96 16.11 -3.18 3.79
C PRO A 96 16.08 -2.11 4.88
N ALA A 97 17.16 -1.33 4.93
CA ALA A 97 17.37 -0.21 5.85
C ALA A 97 16.47 1.01 5.59
N THR A 98 16.62 1.62 4.41
CA THR A 98 16.04 2.93 4.05
C THR A 98 14.80 2.86 3.17
N ALA A 99 14.27 1.67 2.89
CA ALA A 99 13.07 1.47 2.08
C ALA A 99 11.84 2.26 2.57
N MET A 100 10.97 2.64 1.63
CA MET A 100 9.77 3.44 1.84
C MET A 100 8.64 2.63 2.46
N LYS A 101 8.57 2.61 3.79
CA LYS A 101 7.64 1.78 4.60
C LYS A 101 7.11 2.54 5.83
N LYS A 102 5.85 2.30 6.20
CA LYS A 102 5.13 2.94 7.32
C LYS A 102 3.84 2.18 7.66
N LEU A 103 3.33 2.33 8.89
CA LEU A 103 2.05 1.77 9.34
C LEU A 103 0.87 2.76 9.30
N THR A 104 -0.36 2.28 9.06
CA THR A 104 -1.59 3.09 9.19
C THR A 104 -1.81 3.52 10.65
N GLU A 105 -1.96 4.82 10.92
CA GLU A 105 -2.20 5.34 12.29
C GLU A 105 -3.68 5.22 12.70
N ALA A 106 -4.55 5.83 11.90
CA ALA A 106 -6.00 5.93 12.03
C ALA A 106 -6.55 6.60 10.76
N GLU A 107 -5.97 7.75 10.39
CA GLU A 107 -6.20 8.50 9.16
C GLU A 107 -5.55 7.87 7.91
N GLY A 108 -5.26 6.57 7.93
CA GLY A 108 -4.38 5.89 6.96
C GLY A 108 -2.90 6.10 7.31
N ALA A 109 -2.02 6.08 6.32
CA ALA A 109 -0.60 6.46 6.39
C ALA A 109 -0.23 7.33 5.18
N LYS A 110 0.41 8.48 5.39
CA LYS A 110 0.84 9.37 4.30
C LYS A 110 2.28 9.12 3.85
N PHE A 111 2.49 9.18 2.54
CA PHE A 111 3.74 8.96 1.81
C PHE A 111 4.00 10.20 0.93
N ASN A 112 5.16 10.86 1.06
CA ASN A 112 5.46 12.12 0.37
C ASN A 112 6.01 11.82 -1.05
N THR A 113 5.18 11.92 -2.08
CA THR A 113 5.53 11.58 -3.47
C THR A 113 6.36 12.65 -4.18
N ALA A 114 6.55 13.82 -3.55
CA ALA A 114 7.40 14.91 -4.08
C ALA A 114 8.82 14.44 -4.49
N ASN A 115 9.31 13.37 -3.86
CA ASN A 115 10.63 12.80 -4.07
C ASN A 115 10.66 11.67 -5.12
N LEU A 116 9.51 11.15 -5.60
CA LEU A 116 9.42 10.23 -6.72
C LEU A 116 9.27 10.91 -8.10
N PRO A 117 9.81 10.32 -9.17
CA PRO A 117 9.52 10.72 -10.55
C PRO A 117 8.21 10.13 -11.08
N ALA A 118 7.78 10.60 -12.25
CA ALA A 118 6.48 10.36 -12.88
C ALA A 118 6.33 8.97 -13.53
N ALA A 119 6.39 7.93 -12.70
CA ALA A 119 6.37 6.52 -13.08
C ALA A 119 5.26 5.72 -12.38
N LYS A 120 5.17 4.43 -12.71
CA LYS A 120 4.35 3.42 -12.02
C LYS A 120 5.14 2.79 -10.85
N TYR A 121 4.41 2.36 -9.83
CA TYR A 121 4.93 1.80 -8.58
C TYR A 121 3.97 0.70 -8.08
N LYS A 122 4.38 -0.03 -7.05
CA LYS A 122 3.52 -1.00 -6.34
C LYS A 122 3.69 -0.93 -4.83
N ILE A 123 2.63 -1.20 -4.08
CA ILE A 123 2.66 -1.37 -2.62
C ILE A 123 2.53 -2.86 -2.25
N TYR A 124 3.32 -3.28 -1.27
CA TYR A 124 3.41 -4.64 -0.75
C TYR A 124 3.14 -4.65 0.76
N GLU A 125 2.26 -5.54 1.24
CA GLU A 125 1.81 -5.56 2.64
C GLU A 125 2.64 -6.55 3.47
N ILE A 126 3.56 -6.04 4.30
CA ILE A 126 4.58 -6.83 4.99
C ILE A 126 4.31 -6.81 6.50
N HIS A 127 3.61 -7.83 7.00
CA HIS A 127 3.22 -7.93 8.43
C HIS A 127 4.33 -8.55 9.31
N SER A 128 5.56 -8.69 8.79
CA SER A 128 6.74 -9.19 9.53
C SER A 128 7.23 -8.24 10.64
N LEU A 129 6.92 -6.94 10.57
CA LEU A 129 7.22 -5.97 11.63
C LEU A 129 6.04 -5.84 12.62
N SER A 130 6.32 -5.27 13.80
CA SER A 130 5.36 -5.07 14.90
C SER A 130 4.08 -4.35 14.43
N THR A 131 2.94 -5.04 14.54
CA THR A 131 1.64 -4.67 13.92
C THR A 131 0.45 -4.95 14.87
N TYR A 132 -0.75 -4.48 14.50
CA TYR A 132 -2.01 -4.83 15.16
C TYR A 132 -2.31 -6.32 14.92
N VAL A 133 -2.28 -7.15 15.98
CA VAL A 133 -2.50 -8.58 15.84
C VAL A 133 -3.99 -8.90 15.65
N GLY A 134 -4.32 -9.70 14.65
CA GLY A 134 -5.68 -10.09 14.30
C GLY A 134 -5.96 -11.59 14.47
N GLU A 135 -4.92 -12.43 14.48
CA GLU A 135 -5.02 -13.89 14.66
C GLU A 135 -5.13 -14.37 16.12
N ASP A 136 -4.80 -13.51 17.08
CA ASP A 136 -4.54 -13.84 18.48
C ASP A 136 -5.71 -13.65 19.47
N GLY A 137 -6.96 -13.69 18.98
CA GLY A 137 -8.18 -13.49 19.77
C GLY A 137 -8.91 -12.17 19.50
N ALA A 138 -8.51 -11.41 18.47
CA ALA A 138 -9.17 -10.19 18.00
C ALA A 138 -10.18 -10.45 16.87
N THR A 139 -11.00 -9.45 16.52
CA THR A 139 -12.13 -9.55 15.56
C THR A 139 -11.69 -9.49 14.09
N LEU A 140 -10.63 -10.22 13.73
CA LEU A 140 -9.93 -10.15 12.44
C LEU A 140 -9.71 -11.53 11.79
N THR A 141 -9.39 -11.50 10.50
CA THR A 141 -9.09 -12.68 9.68
C THR A 141 -7.59 -13.00 9.58
N GLY A 142 -6.72 -11.98 9.55
CA GLY A 142 -5.26 -12.08 9.35
C GLY A 142 -4.83 -12.48 7.93
N SER A 143 -5.76 -13.03 7.14
CA SER A 143 -5.58 -13.70 5.86
C SER A 143 -4.89 -12.88 4.76
N LYS A 144 -4.36 -13.61 3.77
CA LYS A 144 -3.45 -13.13 2.70
C LYS A 144 -4.00 -11.92 1.92
N ALA A 145 -3.30 -10.78 2.04
CA ALA A 145 -3.49 -9.57 1.24
C ALA A 145 -2.86 -9.71 -0.17
N VAL A 146 -3.16 -8.81 -1.11
CA VAL A 146 -2.56 -8.82 -2.46
C VAL A 146 -2.10 -7.42 -2.90
N PRO A 147 -0.98 -7.31 -3.65
CA PRO A 147 -0.26 -6.07 -3.93
C PRO A 147 -1.00 -5.11 -4.86
N ILE A 148 -0.75 -3.81 -4.71
CA ILE A 148 -1.52 -2.73 -5.34
C ILE A 148 -0.65 -1.96 -6.34
N GLU A 149 -1.10 -1.83 -7.59
CA GLU A 149 -0.49 -1.01 -8.64
C GLU A 149 -0.99 0.44 -8.58
N ILE A 150 -0.06 1.40 -8.72
CA ILE A 150 -0.33 2.85 -8.64
C ILE A 150 0.57 3.64 -9.62
N GLU A 151 0.08 4.79 -10.10
CA GLU A 151 0.87 5.78 -10.87
C GLU A 151 0.71 7.17 -10.23
N LEU A 152 1.72 8.04 -10.32
CA LEU A 152 1.65 9.36 -9.65
C LEU A 152 0.49 10.24 -10.17
N PRO A 153 -0.18 11.01 -9.28
CA PRO A 153 -1.45 11.68 -9.58
C PRO A 153 -1.32 12.86 -10.55
N LEU A 154 -1.64 12.60 -11.81
CA LEU A 154 -1.86 13.60 -12.87
C LEU A 154 -3.33 13.50 -13.34
N ASN A 155 -4.20 13.30 -12.35
CA ASN A 155 -5.61 12.94 -12.47
C ASN A 155 -6.52 14.14 -12.17
N ASP A 156 -7.82 13.98 -12.39
CA ASP A 156 -8.86 14.94 -11.95
C ASP A 156 -9.18 14.88 -10.44
N VAL A 157 -8.16 14.70 -9.59
CA VAL A 157 -8.29 14.55 -8.13
C VAL A 157 -7.53 15.63 -7.35
N VAL A 158 -8.12 16.03 -6.23
CA VAL A 158 -7.59 16.98 -5.25
C VAL A 158 -6.34 16.48 -4.53
N ASP A 159 -6.43 15.24 -4.13
CA ASP A 159 -5.41 14.47 -3.39
C ASP A 159 -5.59 12.96 -3.61
N ALA A 160 -4.52 12.17 -3.42
CA ALA A 160 -4.47 10.75 -3.82
C ALA A 160 -4.61 9.76 -2.66
N HIS A 161 -5.23 8.61 -2.93
CA HIS A 161 -5.42 7.52 -1.95
C HIS A 161 -5.11 6.11 -2.48
N VAL A 162 -5.04 5.13 -1.57
CA VAL A 162 -4.86 3.69 -1.87
C VAL A 162 -5.75 2.80 -0.99
N TYR A 163 -6.33 1.75 -1.57
CA TYR A 163 -7.26 0.82 -0.91
C TYR A 163 -6.90 -0.66 -1.17
N PRO A 164 -6.00 -1.26 -0.37
CA PRO A 164 -5.69 -2.70 -0.39
C PRO A 164 -6.82 -3.58 0.15
N LYS A 165 -6.92 -4.79 -0.41
CA LYS A 165 -7.87 -5.87 -0.09
C LYS A 165 -7.15 -7.22 0.07
N ASN A 166 -7.91 -8.26 0.45
CA ASN A 166 -7.44 -9.64 0.59
C ASN A 166 -8.07 -10.57 -0.47
N THR A 167 -7.62 -11.82 -0.49
CA THR A 167 -8.20 -12.89 -1.34
C THR A 167 -8.37 -14.23 -0.61
N GLU A 168 -7.44 -14.59 0.28
CA GLU A 168 -7.56 -15.76 1.16
C GLU A 168 -8.71 -15.57 2.17
N ALA A 169 -9.54 -16.61 2.36
CA ALA A 169 -10.73 -16.59 3.20
C ALA A 169 -10.41 -16.79 4.70
N LYS A 170 -11.36 -16.46 5.58
CA LYS A 170 -11.19 -16.45 7.04
C LYS A 170 -10.89 -17.83 7.67
N PRO A 171 -10.14 -17.87 8.79
CA PRO A 171 -9.60 -19.11 9.35
C PRO A 171 -10.60 -20.06 10.01
N LYS A 172 -10.21 -21.33 10.13
CA LYS A 172 -10.93 -22.33 10.95
C LYS A 172 -10.77 -22.11 12.46
N ILE A 173 -9.67 -21.48 12.88
CA ILE A 173 -9.32 -21.23 14.29
C ILE A 173 -10.22 -20.12 14.85
N LEU A 174 -9.94 -18.86 14.49
CA LEU A 174 -10.78 -17.67 14.74
C LEU A 174 -11.38 -17.62 16.15
N GLU A 175 -10.48 -17.71 17.12
CA GLU A 175 -10.76 -17.91 18.55
C GLU A 175 -11.43 -16.75 19.31
N MET A 1 23.80 9.64 -2.99
CA MET A 1 24.62 9.52 -1.77
C MET A 1 25.67 10.63 -1.70
N GLU A 2 26.56 10.73 -2.70
CA GLU A 2 27.75 11.61 -2.63
C GLU A 2 27.44 13.11 -2.52
N THR A 3 26.26 13.56 -2.97
CA THR A 3 25.82 14.97 -2.90
C THR A 3 25.12 15.37 -1.59
N ALA A 4 24.87 14.42 -0.67
CA ALA A 4 24.41 14.62 0.71
C ALA A 4 23.26 15.64 0.87
N SER A 5 23.55 16.89 1.29
CA SER A 5 22.53 17.96 1.47
C SER A 5 21.79 18.39 0.19
N ALA A 6 22.25 17.97 -0.99
CA ALA A 6 21.60 18.15 -2.29
C ALA A 6 21.31 16.81 -2.98
N ALA A 7 20.26 16.79 -3.81
CA ALA A 7 19.86 15.64 -4.63
C ALA A 7 19.36 16.09 -6.01
N THR A 8 19.25 15.14 -6.93
CA THR A 8 18.69 15.35 -8.27
C THR A 8 17.26 15.91 -8.26
N VAL A 9 16.82 16.53 -9.36
CA VAL A 9 15.49 17.13 -9.49
C VAL A 9 14.44 16.09 -9.92
N PHE A 10 13.24 16.16 -9.34
CA PHE A 10 12.14 15.21 -9.58
C PHE A 10 10.95 15.80 -10.39
N ALA A 11 11.24 16.83 -11.17
CA ALA A 11 10.42 17.50 -12.20
C ALA A 11 9.06 18.12 -11.79
N ALA A 12 8.41 17.62 -10.74
CA ALA A 12 7.16 18.10 -10.16
C ALA A 12 5.95 18.21 -11.13
N GLY A 13 5.90 17.35 -12.14
CA GLY A 13 4.82 17.26 -13.14
C GLY A 13 3.56 16.57 -12.61
N THR A 14 3.02 17.05 -11.48
CA THR A 14 1.95 16.42 -10.69
C THR A 14 0.88 17.42 -10.21
N THR A 15 -0.20 16.89 -9.62
CA THR A 15 -1.31 17.63 -9.00
C THR A 15 -1.34 17.50 -7.47
N THR A 16 -0.41 16.75 -6.88
CA THR A 16 -0.31 16.48 -5.43
C THR A 16 1.08 15.92 -5.07
N THR A 17 1.49 16.05 -3.80
CA THR A 17 2.85 15.76 -3.28
C THR A 17 2.94 14.57 -2.31
N SER A 18 1.82 13.97 -1.91
CA SER A 18 1.70 12.79 -1.04
C SER A 18 0.49 11.93 -1.38
N VAL A 19 0.46 10.71 -0.84
CA VAL A 19 -0.61 9.72 -0.99
C VAL A 19 -0.96 9.12 0.39
N THR A 20 -2.26 8.96 0.70
CA THR A 20 -2.69 8.31 1.96
C THR A 20 -3.20 6.90 1.69
N VAL A 21 -2.47 5.89 2.17
CA VAL A 21 -2.84 4.47 2.07
C VAL A 21 -3.61 4.04 3.32
N HIS A 22 -4.79 3.47 3.10
CA HIS A 22 -5.75 3.00 4.12
C HIS A 22 -5.72 1.45 4.22
N LYS A 23 -6.66 0.81 4.95
CA LYS A 23 -6.81 -0.67 4.93
C LYS A 23 -8.26 -1.13 5.16
N LEU A 24 -8.78 -1.98 4.26
CA LEU A 24 -10.10 -2.61 4.35
C LEU A 24 -10.04 -4.15 4.41
N LEU A 25 -11.12 -4.76 4.90
CA LEU A 25 -11.44 -6.20 4.85
C LEU A 25 -12.97 -6.37 4.69
N ALA A 26 -13.42 -7.58 4.34
CA ALA A 26 -14.84 -7.93 4.36
C ALA A 26 -15.29 -8.44 5.75
N THR A 27 -16.59 -8.51 6.00
CA THR A 27 -17.14 -9.06 7.27
C THR A 27 -17.38 -10.57 7.23
N ASP A 28 -17.80 -11.14 6.10
CA ASP A 28 -17.94 -12.60 5.89
C ASP A 28 -17.51 -13.02 4.47
N GLY A 29 -16.31 -12.58 4.06
CA GLY A 29 -15.67 -12.98 2.80
C GLY A 29 -16.11 -12.24 1.54
N ASP A 30 -16.80 -11.11 1.69
CA ASP A 30 -17.37 -10.27 0.62
C ASP A 30 -16.34 -9.48 -0.22
N MET A 31 -15.03 -9.82 -0.18
CA MET A 31 -14.02 -9.04 -0.94
C MET A 31 -14.26 -9.06 -2.45
N ASP A 32 -14.90 -10.10 -3.00
CA ASP A 32 -15.19 -10.20 -4.44
C ASP A 32 -16.22 -9.16 -4.93
N LYS A 33 -17.26 -8.84 -4.14
CA LYS A 33 -18.21 -7.77 -4.46
C LYS A 33 -17.67 -6.38 -4.08
N ILE A 34 -16.98 -6.22 -2.94
CA ILE A 34 -16.23 -4.99 -2.62
C ILE A 34 -15.22 -4.65 -3.74
N ALA A 35 -14.43 -5.60 -4.24
CA ALA A 35 -13.49 -5.37 -5.35
C ALA A 35 -14.18 -4.88 -6.63
N ASN A 36 -15.40 -5.37 -6.90
CA ASN A 36 -16.26 -4.91 -7.99
C ASN A 36 -16.85 -3.50 -7.72
N GLU A 37 -17.16 -3.15 -6.46
CA GLU A 37 -17.54 -1.78 -6.07
C GLU A 37 -16.41 -0.77 -6.30
N LEU A 38 -15.15 -1.18 -6.08
CA LEU A 38 -14.00 -0.31 -6.25
C LEU A 38 -13.54 -0.19 -7.71
N GLU A 39 -13.51 -1.29 -8.48
CA GLU A 39 -12.99 -1.28 -9.86
C GLU A 39 -13.85 -0.48 -10.85
N THR A 40 -15.15 -0.34 -10.56
CA THR A 40 -16.09 0.50 -11.34
C THR A 40 -15.96 2.01 -11.02
N GLY A 41 -15.32 2.35 -9.89
CA GLY A 41 -15.02 3.70 -9.42
C GLY A 41 -13.69 4.27 -9.94
N ASN A 42 -13.49 5.59 -9.84
CA ASN A 42 -12.22 6.29 -10.15
C ASN A 42 -11.30 6.38 -8.92
N TYR A 43 -11.32 5.35 -8.05
CA TYR A 43 -10.53 5.31 -6.82
C TYR A 43 -9.03 5.04 -7.07
N ALA A 44 -8.62 4.88 -8.33
CA ALA A 44 -7.21 4.90 -8.71
C ALA A 44 -6.53 6.21 -8.27
N GLY A 45 -7.29 7.33 -8.20
CA GLY A 45 -6.85 8.58 -7.58
C GLY A 45 -7.62 8.93 -6.30
N ASN A 46 -8.95 8.86 -6.38
CA ASN A 46 -9.87 9.35 -5.33
C ASN A 46 -9.97 8.45 -4.11
N LYS A 47 -10.41 9.01 -2.97
CA LYS A 47 -10.85 8.20 -1.82
C LYS A 47 -12.17 7.49 -2.14
N VAL A 48 -12.47 6.42 -1.39
CA VAL A 48 -13.71 5.65 -1.57
C VAL A 48 -14.93 6.50 -1.19
N GLY A 49 -15.93 6.63 -2.08
CA GLY A 49 -17.10 7.47 -1.84
C GLY A 49 -18.06 6.90 -0.79
N VAL A 50 -18.40 5.61 -0.93
CA VAL A 50 -19.32 4.88 -0.05
C VAL A 50 -18.76 3.48 0.25
N LEU A 51 -18.67 3.11 1.52
CA LEU A 51 -18.37 1.75 1.96
C LEU A 51 -19.67 0.92 2.03
N PRO A 52 -19.61 -0.38 1.68
CA PRO A 52 -20.75 -1.29 1.87
C PRO A 52 -20.92 -1.69 3.34
N ALA A 53 -22.10 -2.20 3.70
CA ALA A 53 -22.36 -2.77 5.02
C ALA A 53 -21.54 -4.06 5.30
N ASN A 54 -21.05 -4.70 4.24
CA ASN A 54 -20.15 -5.87 4.29
C ASN A 54 -18.65 -5.53 4.39
N ALA A 55 -18.27 -4.25 4.42
CA ALA A 55 -16.88 -3.79 4.60
C ALA A 55 -16.52 -3.36 6.04
N LYS A 56 -15.26 -3.60 6.45
CA LYS A 56 -14.66 -3.32 7.76
C LYS A 56 -13.31 -2.59 7.61
N GLU A 57 -12.96 -1.74 8.59
CA GLU A 57 -11.77 -0.87 8.59
C GLU A 57 -10.87 -1.10 9.82
N ILE A 58 -9.53 -1.14 9.62
CA ILE A 58 -8.52 -1.41 10.68
C ILE A 58 -7.26 -0.54 10.50
N ALA A 59 -6.58 -0.17 11.59
CA ALA A 59 -5.25 0.46 11.60
C ALA A 59 -4.16 -0.51 12.10
N GLY A 60 -2.88 -0.14 11.96
CA GLY A 60 -1.73 -0.90 12.45
C GLY A 60 -1.22 -2.01 11.53
N VAL A 61 -1.51 -1.95 10.23
CA VAL A 61 -0.90 -2.80 9.19
C VAL A 61 0.39 -2.13 8.67
N MET A 62 1.36 -2.94 8.25
CA MET A 62 2.62 -2.49 7.64
C MET A 62 2.66 -2.77 6.13
N PHE A 63 3.15 -1.81 5.36
CA PHE A 63 3.42 -1.93 3.93
C PHE A 63 4.71 -1.23 3.50
N VAL A 64 5.27 -1.68 2.37
CA VAL A 64 6.48 -1.15 1.70
C VAL A 64 6.15 -0.73 0.26
N TRP A 65 6.79 0.31 -0.29
CA TRP A 65 6.70 0.66 -1.71
C TRP A 65 7.77 -0.05 -2.58
N THR A 66 7.40 -0.33 -3.83
CA THR A 66 8.22 -0.97 -4.86
C THR A 66 7.95 -0.37 -6.26
N ASN A 67 8.79 -0.70 -7.24
CA ASN A 67 8.53 -0.42 -8.67
C ASN A 67 7.76 -1.56 -9.36
N THR A 68 7.35 -1.34 -10.62
CA THR A 68 6.56 -2.30 -11.42
C THR A 68 7.25 -3.65 -11.59
N ASN A 69 8.57 -3.68 -11.56
CA ASN A 69 9.39 -4.91 -11.55
C ASN A 69 9.70 -5.45 -10.13
N ASN A 70 8.87 -5.11 -9.14
CA ASN A 70 8.87 -5.61 -7.76
C ASN A 70 10.17 -5.35 -6.96
N GLU A 71 10.95 -4.31 -7.33
CA GLU A 71 12.16 -3.90 -6.61
C GLU A 71 11.77 -3.01 -5.43
N ILE A 72 12.41 -3.17 -4.27
CA ILE A 72 12.20 -2.29 -3.13
C ILE A 72 12.90 -0.96 -3.36
N ILE A 73 12.14 0.12 -3.19
CA ILE A 73 12.61 1.50 -3.37
C ILE A 73 12.46 2.39 -2.13
N ASP A 74 13.31 3.41 -2.10
CA ASP A 74 13.23 4.56 -1.22
C ASP A 74 12.33 5.66 -1.84
N GLU A 75 11.90 6.63 -1.03
CA GLU A 75 10.99 7.73 -1.39
C GLU A 75 11.55 8.74 -2.42
N ASN A 76 12.78 8.52 -2.91
CA ASN A 76 13.43 9.20 -4.04
C ASN A 76 13.52 8.34 -5.32
N GLY A 77 12.92 7.14 -5.32
CA GLY A 77 12.99 6.19 -6.44
C GLY A 77 14.33 5.45 -6.55
N GLN A 78 15.23 5.64 -5.59
CA GLN A 78 16.44 4.84 -5.47
C GLN A 78 16.07 3.42 -5.05
N THR A 79 16.73 2.44 -5.64
CA THR A 79 16.47 1.02 -5.41
C THR A 79 17.49 0.42 -4.46
N LEU A 80 17.03 -0.44 -3.55
CA LEU A 80 17.82 -0.93 -2.40
C LEU A 80 18.70 -2.16 -2.71
N GLY A 81 18.50 -2.78 -3.87
CA GLY A 81 19.14 -4.04 -4.26
C GLY A 81 18.36 -5.28 -3.82
N VAL A 82 17.06 -5.15 -3.55
CA VAL A 82 16.16 -6.21 -3.05
C VAL A 82 14.90 -6.25 -3.92
N ASN A 83 14.32 -7.44 -4.08
CA ASN A 83 13.05 -7.70 -4.75
C ASN A 83 12.10 -8.54 -3.87
N ILE A 84 10.80 -8.47 -4.19
CA ILE A 84 9.72 -9.16 -3.45
C ILE A 84 8.79 -9.90 -4.43
N ASP A 85 8.55 -11.21 -4.20
CA ASP A 85 7.59 -11.98 -5.00
C ASP A 85 6.14 -11.48 -4.79
N PRO A 86 5.28 -11.32 -5.82
CA PRO A 86 3.90 -10.86 -5.59
C PRO A 86 3.04 -11.91 -4.88
N GLN A 87 3.44 -13.18 -4.93
CA GLN A 87 2.70 -14.33 -4.38
C GLN A 87 3.18 -14.72 -2.98
N THR A 88 4.50 -14.76 -2.79
CA THR A 88 5.15 -15.16 -1.53
C THR A 88 5.28 -14.01 -0.54
N PHE A 89 5.33 -12.77 -1.05
CA PHE A 89 5.65 -11.54 -0.29
C PHE A 89 6.97 -11.64 0.52
N LYS A 90 7.91 -12.51 0.09
CA LYS A 90 9.19 -12.74 0.78
C LYS A 90 10.35 -12.04 0.06
N LEU A 91 11.43 -11.78 0.78
CA LEU A 91 12.55 -10.93 0.36
C LEU A 91 13.70 -11.72 -0.29
N SER A 92 14.39 -11.11 -1.26
CA SER A 92 15.60 -11.69 -1.88
C SER A 92 16.84 -11.68 -0.97
N GLY A 93 16.77 -11.03 0.20
CA GLY A 93 17.79 -10.90 1.24
C GLY A 93 17.17 -10.42 2.56
N ALA A 94 17.95 -9.84 3.48
CA ALA A 94 17.39 -9.22 4.70
C ALA A 94 16.83 -7.80 4.42
N MET A 95 16.07 -7.24 5.38
CA MET A 95 15.41 -5.93 5.27
C MET A 95 16.37 -4.79 4.85
N PRO A 96 15.89 -3.81 4.05
CA PRO A 96 16.64 -2.62 3.65
C PRO A 96 16.72 -1.53 4.74
N ALA A 97 17.62 -0.58 4.55
CA ALA A 97 17.92 0.54 5.45
C ALA A 97 16.98 1.76 5.30
N THR A 98 16.82 2.27 4.08
CA THR A 98 16.15 3.57 3.78
C THR A 98 14.80 3.43 3.09
N ALA A 99 14.38 2.20 2.78
CA ALA A 99 13.18 1.89 1.99
C ALA A 99 11.91 2.59 2.49
N MET A 100 10.98 2.84 1.57
CA MET A 100 9.69 3.49 1.84
C MET A 100 8.71 2.51 2.51
N LYS A 101 8.71 2.43 3.85
CA LYS A 101 7.91 1.49 4.67
C LYS A 101 7.45 2.08 6.01
N LYS A 102 6.14 2.09 6.26
CA LYS A 102 5.49 2.80 7.38
C LYS A 102 4.04 2.32 7.60
N LEU A 103 3.58 2.27 8.85
CA LEU A 103 2.29 1.65 9.25
C LEU A 103 1.08 2.61 9.26
N THR A 104 -0.15 2.09 9.15
CA THR A 104 -1.38 2.90 9.38
C THR A 104 -1.61 3.22 10.87
N GLU A 105 -2.03 4.46 11.16
CA GLU A 105 -2.10 5.04 12.52
C GLU A 105 -3.45 4.97 13.22
N ALA A 106 -4.49 5.49 12.57
CA ALA A 106 -5.85 5.55 13.08
C ALA A 106 -6.87 5.48 11.93
N GLU A 107 -6.57 6.17 10.82
CA GLU A 107 -7.37 6.13 9.59
C GLU A 107 -6.61 5.55 8.39
N GLY A 108 -5.28 5.64 8.39
CA GLY A 108 -4.43 5.34 7.24
C GLY A 108 -2.97 5.72 7.53
N ALA A 109 -2.14 5.82 6.50
CA ALA A 109 -0.75 6.30 6.55
C ALA A 109 -0.47 7.24 5.38
N LYS A 110 0.11 8.42 5.64
CA LYS A 110 0.62 9.31 4.58
C LYS A 110 2.01 8.87 4.10
N PHE A 111 2.23 8.84 2.80
CA PHE A 111 3.51 8.58 2.11
C PHE A 111 3.83 9.78 1.21
N ASN A 112 5.04 10.32 1.28
CA ASN A 112 5.46 11.51 0.53
C ASN A 112 5.94 11.12 -0.88
N THR A 113 5.32 11.68 -1.93
CA THR A 113 5.59 11.34 -3.33
C THR A 113 6.30 12.43 -4.12
N ALA A 114 6.54 13.61 -3.53
CA ALA A 114 7.21 14.76 -4.15
C ALA A 114 8.62 14.48 -4.70
N ASN A 115 9.26 13.40 -4.23
CA ASN A 115 10.62 12.98 -4.64
C ASN A 115 10.63 11.76 -5.56
N LEU A 116 9.48 11.15 -5.84
CA LEU A 116 9.38 10.16 -6.90
C LEU A 116 9.26 10.83 -8.27
N PRO A 117 9.90 10.26 -9.31
CA PRO A 117 9.67 10.66 -10.69
C PRO A 117 8.33 10.10 -11.20
N ALA A 118 7.90 10.61 -12.35
CA ALA A 118 6.68 10.22 -13.05
C ALA A 118 6.85 8.80 -13.61
N ALA A 119 6.42 7.82 -12.82
CA ALA A 119 6.38 6.42 -13.20
C ALA A 119 5.19 5.69 -12.51
N LYS A 120 5.05 4.39 -12.77
CA LYS A 120 4.16 3.48 -12.03
C LYS A 120 4.93 2.72 -10.94
N TYR A 121 4.21 2.30 -9.91
CA TYR A 121 4.73 1.75 -8.65
C TYR A 121 3.79 0.67 -8.11
N LYS A 122 4.23 -0.06 -7.08
CA LYS A 122 3.40 -1.04 -6.36
C LYS A 122 3.59 -1.02 -4.85
N ILE A 123 2.53 -1.28 -4.09
CA ILE A 123 2.57 -1.44 -2.63
C ILE A 123 2.47 -2.92 -2.24
N TYR A 124 3.31 -3.34 -1.29
CA TYR A 124 3.39 -4.70 -0.76
C TYR A 124 3.10 -4.69 0.75
N GLU A 125 2.17 -5.53 1.23
CA GLU A 125 1.79 -5.61 2.64
C GLU A 125 2.70 -6.61 3.38
N ILE A 126 3.57 -6.11 4.26
CA ILE A 126 4.59 -6.90 4.95
C ILE A 126 4.31 -6.88 6.45
N HIS A 127 3.48 -7.80 6.95
CA HIS A 127 3.08 -7.86 8.37
C HIS A 127 3.96 -8.84 9.18
N SER A 128 5.28 -8.76 8.95
CA SER A 128 6.33 -9.42 9.75
C SER A 128 6.89 -8.52 10.87
N LEU A 129 6.73 -7.19 10.74
CA LEU A 129 7.03 -6.23 11.80
C LEU A 129 5.97 -6.26 12.93
N SER A 130 6.27 -5.61 14.07
CA SER A 130 5.29 -5.33 15.13
C SER A 130 4.13 -4.52 14.55
N THR A 131 2.91 -5.05 14.70
CA THR A 131 1.67 -4.62 14.03
C THR A 131 0.43 -4.87 14.91
N TYR A 132 -0.76 -4.43 14.49
CA TYR A 132 -2.02 -4.74 15.18
C TYR A 132 -2.27 -6.26 15.23
N VAL A 133 -2.53 -6.79 16.42
CA VAL A 133 -2.73 -8.23 16.66
C VAL A 133 -4.15 -8.67 16.31
N GLY A 134 -4.27 -9.67 15.43
CA GLY A 134 -5.56 -10.21 14.97
C GLY A 134 -5.88 -11.63 15.44
N GLU A 135 -4.89 -12.33 15.99
CA GLU A 135 -4.96 -13.72 16.47
C GLU A 135 -5.13 -13.87 18.00
N ASP A 136 -5.56 -12.82 18.69
CA ASP A 136 -5.61 -12.74 20.16
C ASP A 136 -6.97 -12.29 20.74
N GLY A 137 -8.01 -12.18 19.92
CA GLY A 137 -9.41 -11.86 20.32
C GLY A 137 -10.10 -10.77 19.49
N ALA A 138 -9.37 -10.10 18.59
CA ALA A 138 -9.87 -9.06 17.69
C ALA A 138 -10.81 -9.59 16.58
N THR A 139 -11.47 -8.67 15.86
CA THR A 139 -12.39 -8.95 14.72
C THR A 139 -11.62 -9.27 13.41
N LEU A 140 -10.66 -10.20 13.49
CA LEU A 140 -9.71 -10.53 12.43
C LEU A 140 -9.54 -12.05 12.25
N THR A 141 -8.99 -12.43 11.10
CA THR A 141 -8.81 -13.83 10.65
C THR A 141 -7.45 -14.02 9.97
N GLY A 142 -7.12 -15.23 9.50
CA GLY A 142 -5.86 -15.54 8.80
C GLY A 142 -5.82 -15.06 7.34
N SER A 143 -6.20 -13.81 7.09
CA SER A 143 -6.29 -13.16 5.77
C SER A 143 -4.92 -12.81 5.16
N LYS A 144 -4.86 -12.64 3.82
CA LYS A 144 -3.69 -12.12 3.11
C LYS A 144 -4.06 -11.14 2.00
N ALA A 145 -3.32 -10.04 1.91
CA ALA A 145 -3.47 -9.03 0.87
C ALA A 145 -2.67 -9.36 -0.39
N VAL A 146 -3.08 -8.74 -1.50
CA VAL A 146 -2.44 -8.86 -2.81
C VAL A 146 -1.89 -7.49 -3.24
N PRO A 147 -0.74 -7.44 -3.95
CA PRO A 147 -0.02 -6.18 -4.18
C PRO A 147 -0.77 -5.23 -5.11
N ILE A 148 -0.74 -3.94 -4.77
CA ILE A 148 -1.58 -2.89 -5.40
C ILE A 148 -0.76 -2.03 -6.36
N GLU A 149 -1.25 -1.84 -7.59
CA GLU A 149 -0.64 -0.99 -8.62
C GLU A 149 -1.15 0.47 -8.56
N ILE A 150 -0.21 1.41 -8.65
CA ILE A 150 -0.43 2.86 -8.51
C ILE A 150 0.44 3.65 -9.49
N GLU A 151 0.03 4.87 -9.82
CA GLU A 151 0.78 5.83 -10.64
C GLU A 151 0.77 7.22 -9.96
N LEU A 152 1.80 8.05 -10.19
CA LEU A 152 1.88 9.38 -9.54
C LEU A 152 0.69 10.29 -9.92
N PRO A 153 0.37 11.29 -9.08
CA PRO A 153 -0.85 12.07 -9.24
C PRO A 153 -0.74 13.08 -10.38
N LEU A 154 -1.24 12.69 -11.55
CA LEU A 154 -1.52 13.53 -12.71
C LEU A 154 -3.01 13.28 -13.01
N ASN A 155 -3.79 13.60 -11.98
CA ASN A 155 -5.19 13.25 -11.76
C ASN A 155 -5.94 14.46 -11.17
N ASP A 156 -7.24 14.60 -11.42
CA ASP A 156 -8.06 15.74 -10.98
C ASP A 156 -8.54 15.62 -9.52
N VAL A 157 -7.65 15.15 -8.64
CA VAL A 157 -7.92 14.87 -7.23
C VAL A 157 -7.21 15.86 -6.31
N VAL A 158 -7.91 16.30 -5.28
CA VAL A 158 -7.43 17.19 -4.21
C VAL A 158 -6.18 16.65 -3.52
N ASP A 159 -6.27 15.36 -3.20
CA ASP A 159 -5.23 14.52 -2.64
C ASP A 159 -5.47 13.05 -3.02
N ALA A 160 -4.40 12.24 -3.09
CA ALA A 160 -4.43 10.85 -3.57
C ALA A 160 -4.64 9.84 -2.43
N HIS A 161 -5.29 8.71 -2.70
CA HIS A 161 -5.46 7.62 -1.72
C HIS A 161 -5.29 6.20 -2.27
N VAL A 162 -5.18 5.24 -1.35
CA VAL A 162 -5.16 3.79 -1.61
C VAL A 162 -6.07 3.05 -0.64
N TYR A 163 -6.81 2.06 -1.13
CA TYR A 163 -7.73 1.20 -0.36
C TYR A 163 -7.44 -0.28 -0.70
N PRO A 164 -6.41 -0.88 -0.09
CA PRO A 164 -6.03 -2.29 -0.25
C PRO A 164 -7.04 -3.26 0.39
N LYS A 165 -6.99 -4.51 -0.07
CA LYS A 165 -7.99 -5.56 0.17
C LYS A 165 -7.36 -6.85 0.75
N ASN A 166 -8.07 -7.97 0.57
CA ASN A 166 -7.73 -9.36 0.89
C ASN A 166 -8.31 -10.25 -0.23
N THR A 167 -7.90 -11.52 -0.29
CA THR A 167 -8.47 -12.52 -1.23
C THR A 167 -8.57 -13.92 -0.62
N GLU A 168 -7.64 -14.32 0.25
CA GLU A 168 -7.47 -15.69 0.74
C GLU A 168 -7.37 -15.72 2.28
N ALA A 169 -8.04 -16.68 2.93
CA ALA A 169 -7.92 -16.96 4.36
C ALA A 169 -7.38 -18.39 4.60
N LYS A 170 -6.54 -18.57 5.63
CA LYS A 170 -5.95 -19.88 6.01
C LYS A 170 -5.76 -20.00 7.54
N PRO A 171 -5.67 -21.21 8.13
CA PRO A 171 -5.64 -21.38 9.59
C PRO A 171 -4.37 -20.87 10.27
N LYS A 172 -4.47 -20.58 11.58
CA LYS A 172 -3.31 -20.22 12.43
C LYS A 172 -2.31 -21.37 12.63
N ILE A 173 -2.76 -22.60 12.49
CA ILE A 173 -1.98 -23.83 12.75
C ILE A 173 -0.85 -23.98 11.72
N LEU A 174 -1.05 -23.49 10.49
CA LEU A 174 -0.09 -23.61 9.38
C LEU A 174 0.89 -22.43 9.35
N GLU A 175 1.88 -22.49 10.23
CA GLU A 175 3.03 -21.56 10.28
C GLU A 175 4.27 -22.26 10.86
N MET A 1 -2.57 33.35 1.55
CA MET A 1 -1.42 32.86 2.33
C MET A 1 -0.37 33.95 2.43
N GLU A 2 0.23 34.12 3.61
CA GLU A 2 1.23 35.15 3.86
C GLU A 2 2.65 34.73 3.42
N THR A 3 2.93 33.42 3.41
CA THR A 3 4.14 32.80 2.83
C THR A 3 3.83 31.43 2.21
N ALA A 4 4.72 30.95 1.34
CA ALA A 4 4.63 29.65 0.66
C ALA A 4 5.80 28.71 1.00
N SER A 5 6.23 28.70 2.27
CA SER A 5 7.41 27.98 2.75
C SER A 5 7.12 26.50 2.96
N ALA A 6 7.93 25.62 2.36
CA ALA A 6 7.66 24.18 2.25
C ALA A 6 8.95 23.33 2.20
N ALA A 7 8.80 22.03 1.93
CA ALA A 7 9.87 21.08 1.65
C ALA A 7 10.37 21.10 0.19
N THR A 8 11.40 20.31 -0.10
CA THR A 8 11.97 20.05 -1.43
C THR A 8 11.04 19.22 -2.34
N VAL A 9 11.22 19.31 -3.65
CA VAL A 9 10.40 18.70 -4.71
C VAL A 9 11.28 18.38 -5.93
N PHE A 10 10.86 17.40 -6.75
CA PHE A 10 11.41 17.11 -8.08
C PHE A 10 10.34 17.41 -9.15
N ALA A 11 10.10 18.71 -9.34
CA ALA A 11 9.20 19.34 -10.32
C ALA A 11 7.69 18.99 -10.26
N ALA A 12 6.87 19.90 -10.79
CA ALA A 12 5.40 19.88 -10.78
C ALA A 12 4.78 18.94 -11.84
N GLY A 13 5.26 17.70 -11.91
CA GLY A 13 4.72 16.64 -12.77
C GLY A 13 3.48 15.91 -12.23
N THR A 14 3.04 16.24 -11.02
CA THR A 14 1.93 15.60 -10.30
C THR A 14 0.99 16.62 -9.66
N THR A 15 -0.25 16.23 -9.32
CA THR A 15 -1.30 17.15 -8.81
C THR A 15 -1.38 17.22 -7.28
N THR A 16 -0.62 16.37 -6.60
CA THR A 16 -0.31 16.42 -5.17
C THR A 16 1.04 15.76 -4.92
N THR A 17 1.72 16.15 -3.84
CA THR A 17 3.03 15.67 -3.38
C THR A 17 2.99 14.55 -2.34
N SER A 18 1.82 14.02 -1.98
CA SER A 18 1.67 12.90 -1.03
C SER A 18 0.41 12.07 -1.26
N VAL A 19 0.46 10.81 -0.84
CA VAL A 19 -0.56 9.75 -1.01
C VAL A 19 -0.87 9.07 0.33
N THR A 20 -2.12 8.64 0.55
CA THR A 20 -2.53 7.92 1.76
C THR A 20 -2.93 6.48 1.44
N VAL A 21 -2.22 5.50 1.98
CA VAL A 21 -2.59 4.07 1.89
C VAL A 21 -3.39 3.67 3.13
N HIS A 22 -4.47 2.92 2.90
CA HIS A 22 -5.44 2.47 3.90
C HIS A 22 -5.40 0.93 4.05
N LYS A 23 -6.24 0.31 4.91
CA LYS A 23 -6.46 -1.15 4.87
C LYS A 23 -7.94 -1.51 5.07
N LEU A 24 -8.51 -2.15 4.05
CA LEU A 24 -9.89 -2.63 4.02
C LEU A 24 -9.94 -4.16 4.13
N LEU A 25 -11.06 -4.68 4.67
CA LEU A 25 -11.42 -6.10 4.69
C LEU A 25 -12.94 -6.27 4.53
N ALA A 26 -13.40 -7.52 4.37
CA ALA A 26 -14.81 -7.88 4.40
C ALA A 26 -15.25 -8.46 5.76
N THR A 27 -16.55 -8.55 6.06
CA THR A 27 -17.05 -9.21 7.28
C THR A 27 -17.36 -10.70 7.13
N ASP A 28 -17.62 -11.20 5.92
CA ASP A 28 -17.83 -12.64 5.65
C ASP A 28 -17.15 -13.08 4.33
N GLY A 29 -15.93 -12.60 4.08
CA GLY A 29 -15.14 -12.93 2.89
C GLY A 29 -15.59 -12.25 1.59
N ASP A 30 -16.43 -11.21 1.70
CA ASP A 30 -17.08 -10.45 0.60
C ASP A 30 -16.13 -9.61 -0.29
N MET A 31 -14.82 -9.88 -0.31
CA MET A 31 -13.85 -9.01 -0.99
C MET A 31 -14.06 -8.88 -2.51
N ASP A 32 -14.63 -9.88 -3.19
CA ASP A 32 -14.89 -9.83 -4.63
C ASP A 32 -16.05 -8.88 -5.00
N LYS A 33 -17.18 -8.92 -4.30
CA LYS A 33 -18.27 -7.96 -4.50
C LYS A 33 -17.86 -6.56 -4.06
N ILE A 34 -17.08 -6.41 -2.99
CA ILE A 34 -16.40 -5.14 -2.62
C ILE A 34 -15.50 -4.67 -3.77
N ALA A 35 -14.69 -5.53 -4.39
CA ALA A 35 -13.84 -5.14 -5.52
C ALA A 35 -14.65 -4.60 -6.72
N ASN A 36 -15.83 -5.18 -6.97
CA ASN A 36 -16.80 -4.65 -7.93
C ASN A 36 -17.42 -3.31 -7.47
N GLU A 37 -17.67 -3.11 -6.17
CA GLU A 37 -18.07 -1.82 -5.60
C GLU A 37 -16.99 -0.72 -5.77
N LEU A 38 -15.71 -1.08 -6.01
CA LEU A 38 -14.62 -0.12 -6.23
C LEU A 38 -14.19 0.08 -7.70
N GLU A 39 -14.21 -0.95 -8.54
CA GLU A 39 -13.82 -0.82 -9.96
C GLU A 39 -14.77 0.11 -10.75
N THR A 40 -16.01 0.24 -10.25
CA THR A 40 -17.08 1.12 -10.74
C THR A 40 -16.89 2.61 -10.40
N GLY A 41 -16.05 2.95 -9.40
CA GLY A 41 -15.81 4.33 -8.96
C GLY A 41 -14.53 4.96 -9.56
N ASN A 42 -14.31 6.26 -9.33
CA ASN A 42 -13.08 6.98 -9.73
C ASN A 42 -11.94 6.84 -8.71
N TYR A 43 -11.89 5.73 -7.95
CA TYR A 43 -11.01 5.58 -6.79
C TYR A 43 -9.52 5.34 -7.12
N ALA A 44 -9.13 5.37 -8.40
CA ALA A 44 -7.73 5.41 -8.80
C ALA A 44 -7.03 6.70 -8.32
N GLY A 45 -7.80 7.79 -8.13
CA GLY A 45 -7.32 9.06 -7.57
C GLY A 45 -7.84 9.33 -6.16
N ASN A 46 -9.07 9.85 -6.07
CA ASN A 46 -9.67 10.33 -4.82
C ASN A 46 -10.13 9.21 -3.87
N LYS A 47 -10.36 9.55 -2.59
CA LYS A 47 -10.73 8.61 -1.52
C LYS A 47 -11.99 7.79 -1.86
N VAL A 48 -12.11 6.58 -1.29
CA VAL A 48 -13.36 5.82 -1.36
C VAL A 48 -14.39 6.52 -0.48
N GLY A 49 -15.27 7.33 -1.09
CA GLY A 49 -16.23 8.17 -0.36
C GLY A 49 -17.35 7.40 0.35
N VAL A 50 -17.68 6.21 -0.16
CA VAL A 50 -18.70 5.31 0.41
C VAL A 50 -18.20 3.87 0.29
N LEU A 51 -18.17 3.14 1.40
CA LEU A 51 -17.95 1.70 1.49
C LEU A 51 -19.28 0.93 1.49
N PRO A 52 -19.29 -0.37 1.17
CA PRO A 52 -20.46 -1.21 1.39
C PRO A 52 -20.65 -1.51 2.89
N ALA A 53 -21.81 -2.03 3.29
CA ALA A 53 -22.06 -2.41 4.69
C ALA A 53 -21.35 -3.74 5.10
N ASN A 54 -20.98 -4.58 4.13
CA ASN A 54 -20.14 -5.76 4.31
C ASN A 54 -18.62 -5.46 4.39
N ALA A 55 -18.19 -4.20 4.19
CA ALA A 55 -16.81 -3.76 4.36
C ALA A 55 -16.45 -3.30 5.80
N LYS A 56 -15.17 -3.40 6.17
CA LYS A 56 -14.58 -2.95 7.46
C LYS A 56 -13.15 -2.42 7.29
N GLU A 57 -12.64 -1.67 8.27
CA GLU A 57 -11.38 -0.90 8.17
C GLU A 57 -10.47 -1.08 9.40
N ILE A 58 -9.23 -1.53 9.22
CA ILE A 58 -8.28 -1.80 10.33
C ILE A 58 -7.00 -0.96 10.22
N ALA A 59 -6.45 -0.52 11.36
CA ALA A 59 -5.16 0.18 11.44
C ALA A 59 -4.09 -0.64 12.21
N GLY A 60 -2.82 -0.28 12.08
CA GLY A 60 -1.66 -0.92 12.70
C GLY A 60 -0.87 -1.90 11.81
N VAL A 61 -1.22 -2.04 10.52
CA VAL A 61 -0.53 -2.91 9.52
C VAL A 61 0.68 -2.21 8.90
N MET A 62 1.74 -2.98 8.59
CA MET A 62 2.96 -2.51 7.91
C MET A 62 3.01 -2.86 6.41
N PHE A 63 3.41 -1.91 5.58
CA PHE A 63 3.66 -2.07 4.14
C PHE A 63 4.89 -1.28 3.66
N VAL A 64 5.43 -1.70 2.52
CA VAL A 64 6.63 -1.15 1.86
C VAL A 64 6.28 -0.75 0.41
N TRP A 65 6.89 0.31 -0.14
CA TRP A 65 6.79 0.67 -1.56
C TRP A 65 7.86 -0.04 -2.42
N THR A 66 7.50 -0.33 -3.67
CA THR A 66 8.33 -1.02 -4.68
C THR A 66 8.13 -0.47 -6.10
N ASN A 67 8.95 -0.90 -7.05
CA ASN A 67 8.83 -0.55 -8.48
C ASN A 67 8.14 -1.62 -9.35
N THR A 68 8.05 -1.40 -10.67
CA THR A 68 7.49 -2.38 -11.63
C THR A 68 8.21 -3.72 -11.60
N ASN A 69 9.50 -3.72 -11.29
CA ASN A 69 10.34 -4.92 -11.16
C ASN A 69 10.31 -5.53 -9.75
N ASN A 70 9.29 -5.19 -8.94
CA ASN A 70 9.11 -5.61 -7.54
C ASN A 70 10.33 -5.29 -6.64
N GLU A 71 11.16 -4.31 -7.04
CA GLU A 71 12.34 -3.85 -6.29
C GLU A 71 11.92 -2.95 -5.15
N ILE A 72 12.56 -3.08 -3.99
CA ILE A 72 12.28 -2.23 -2.82
C ILE A 72 12.99 -0.88 -3.00
N ILE A 73 12.24 0.22 -2.93
CA ILE A 73 12.75 1.58 -3.19
C ILE A 73 12.52 2.56 -2.03
N ASP A 74 13.34 3.62 -1.99
CA ASP A 74 13.15 4.81 -1.15
C ASP A 74 12.30 5.87 -1.90
N GLU A 75 11.80 6.89 -1.20
CA GLU A 75 10.82 7.89 -1.71
C GLU A 75 11.37 8.88 -2.76
N ASN A 76 12.62 8.67 -3.20
CA ASN A 76 13.33 9.35 -4.29
C ASN A 76 13.62 8.41 -5.49
N GLY A 77 13.14 7.16 -5.45
CA GLY A 77 13.29 6.18 -6.52
C GLY A 77 14.65 5.47 -6.55
N GLN A 78 15.48 5.62 -5.52
CA GLN A 78 16.68 4.79 -5.35
C GLN A 78 16.30 3.40 -4.87
N THR A 79 16.95 2.36 -5.40
CA THR A 79 16.61 0.94 -5.14
C THR A 79 17.61 0.27 -4.20
N LEU A 80 17.10 -0.57 -3.28
CA LEU A 80 17.85 -1.09 -2.13
C LEU A 80 18.50 -2.47 -2.33
N GLY A 81 18.47 -3.02 -3.55
CA GLY A 81 19.09 -4.31 -3.88
C GLY A 81 18.31 -5.53 -3.36
N VAL A 82 16.99 -5.40 -3.21
CA VAL A 82 16.08 -6.48 -2.81
C VAL A 82 14.80 -6.44 -3.65
N ASN A 83 14.20 -7.60 -3.89
CA ASN A 83 13.02 -7.88 -4.68
C ASN A 83 12.03 -8.78 -3.92
N ILE A 84 10.74 -8.69 -4.25
CA ILE A 84 9.63 -9.37 -3.53
C ILE A 84 8.68 -10.08 -4.51
N ASP A 85 8.38 -11.37 -4.28
CA ASP A 85 7.35 -12.10 -5.06
C ASP A 85 5.92 -11.61 -4.73
N PRO A 86 4.97 -11.47 -5.67
CA PRO A 86 3.61 -11.08 -5.31
C PRO A 86 2.82 -12.22 -4.64
N GLN A 87 3.19 -13.48 -4.90
CA GLN A 87 2.52 -14.68 -4.40
C GLN A 87 3.08 -15.19 -3.08
N THR A 88 4.41 -15.09 -2.90
CA THR A 88 5.12 -15.54 -1.69
C THR A 88 5.33 -14.42 -0.66
N PHE A 89 5.39 -13.17 -1.13
CA PHE A 89 5.81 -11.99 -0.33
C PHE A 89 7.20 -12.17 0.33
N LYS A 90 8.04 -13.09 -0.16
CA LYS A 90 9.39 -13.39 0.36
C LYS A 90 10.44 -12.49 -0.27
N LEU A 91 11.48 -12.14 0.49
CA LEU A 91 12.56 -11.24 0.10
C LEU A 91 13.73 -11.98 -0.58
N SER A 92 14.32 -11.35 -1.60
CA SER A 92 15.55 -11.82 -2.28
C SER A 92 16.84 -11.58 -1.46
N GLY A 93 16.69 -11.19 -0.18
CA GLY A 93 17.78 -10.88 0.76
C GLY A 93 17.23 -10.50 2.13
N ALA A 94 18.01 -9.74 2.90
CA ALA A 94 17.63 -9.19 4.21
C ALA A 94 17.09 -7.75 4.13
N MET A 95 16.43 -7.30 5.20
CA MET A 95 15.77 -5.98 5.29
C MET A 95 16.68 -4.79 4.89
N PRO A 96 16.14 -3.80 4.15
CA PRO A 96 16.86 -2.60 3.72
C PRO A 96 17.00 -1.54 4.83
N ALA A 97 17.90 -0.58 4.62
CA ALA A 97 18.12 0.57 5.50
C ALA A 97 17.05 1.69 5.35
N THR A 98 17.00 2.36 4.19
CA THR A 98 16.23 3.61 3.98
C THR A 98 14.91 3.45 3.22
N ALA A 99 14.50 2.23 2.90
CA ALA A 99 13.30 1.92 2.09
C ALA A 99 12.00 2.58 2.60
N MET A 100 11.11 2.92 1.67
CA MET A 100 9.83 3.60 1.89
C MET A 100 8.79 2.65 2.53
N LYS A 101 8.67 2.69 3.86
CA LYS A 101 7.83 1.77 4.68
C LYS A 101 7.27 2.48 5.92
N LYS A 102 6.00 2.26 6.25
CA LYS A 102 5.28 2.87 7.40
C LYS A 102 4.03 2.06 7.74
N LEU A 103 3.53 2.19 8.97
CA LEU A 103 2.28 1.55 9.44
C LEU A 103 1.04 2.48 9.38
N THR A 104 -0.17 1.91 9.18
CA THR A 104 -1.45 2.65 9.32
C THR A 104 -1.71 3.09 10.77
N GLU A 105 -2.12 4.34 10.98
CA GLU A 105 -2.36 4.93 12.31
C GLU A 105 -3.82 4.83 12.81
N ALA A 106 -4.75 5.52 12.13
CA ALA A 106 -6.17 5.53 12.49
C ALA A 106 -7.06 5.78 11.27
N GLU A 107 -6.70 6.77 10.44
CA GLU A 107 -7.36 7.03 9.17
C GLU A 107 -6.67 6.31 8.01
N GLY A 108 -5.33 6.21 8.05
CA GLY A 108 -4.51 5.56 7.03
C GLY A 108 -3.02 5.69 7.36
N ALA A 109 -2.15 5.72 6.34
CA ALA A 109 -0.73 6.08 6.45
C ALA A 109 -0.32 7.00 5.28
N LYS A 110 0.32 8.14 5.58
CA LYS A 110 0.79 9.11 4.59
C LYS A 110 2.21 8.82 4.10
N PHE A 111 2.41 8.96 2.79
CA PHE A 111 3.64 8.75 2.01
C PHE A 111 3.89 9.98 1.13
N ASN A 112 5.11 10.52 1.15
CA ASN A 112 5.52 11.68 0.37
C ASN A 112 6.04 11.22 -1.00
N THR A 113 5.46 11.74 -2.08
CA THR A 113 5.78 11.39 -3.47
C THR A 113 6.50 12.50 -4.24
N ALA A 114 6.80 13.62 -3.57
CA ALA A 114 7.42 14.82 -4.15
C ALA A 114 8.74 14.58 -4.91
N ASN A 115 9.44 13.47 -4.62
CA ASN A 115 10.75 13.16 -5.20
C ASN A 115 10.72 12.01 -6.23
N LEU A 116 9.61 11.26 -6.38
CA LEU A 116 9.51 10.22 -7.41
C LEU A 116 9.36 10.80 -8.84
N PRO A 117 9.88 10.09 -9.87
CA PRO A 117 9.59 10.36 -11.26
C PRO A 117 8.28 9.69 -11.71
N ALA A 118 7.82 10.06 -12.89
CA ALA A 118 6.57 9.64 -13.51
C ALA A 118 6.68 8.21 -14.02
N ALA A 119 6.33 7.24 -13.17
CA ALA A 119 6.37 5.81 -13.48
C ALA A 119 5.24 5.04 -12.75
N LYS A 120 5.17 3.73 -12.98
CA LYS A 120 4.34 2.80 -12.18
C LYS A 120 5.15 2.25 -10.99
N TYR A 121 4.43 1.90 -9.93
CA TYR A 121 4.96 1.49 -8.63
C TYR A 121 4.08 0.38 -8.05
N LYS A 122 4.46 -0.17 -6.90
CA LYS A 122 3.67 -1.18 -6.17
C LYS A 122 3.79 -1.06 -4.65
N ILE A 123 2.80 -1.54 -3.89
CA ILE A 123 2.85 -1.63 -2.42
C ILE A 123 2.66 -3.09 -1.95
N TYR A 124 3.50 -3.52 -1.01
CA TYR A 124 3.55 -4.89 -0.46
C TYR A 124 3.34 -4.89 1.07
N GLU A 125 2.51 -5.79 1.60
CA GLU A 125 2.24 -5.90 3.05
C GLU A 125 3.29 -6.81 3.73
N ILE A 126 4.18 -6.22 4.53
CA ILE A 126 5.26 -6.94 5.22
C ILE A 126 5.03 -6.84 6.73
N HIS A 127 4.35 -7.83 7.28
CA HIS A 127 3.92 -7.86 8.69
C HIS A 127 5.01 -8.37 9.67
N SER A 128 6.21 -8.67 9.17
CA SER A 128 7.32 -9.25 9.93
C SER A 128 7.99 -8.32 10.95
N LEU A 129 7.86 -7.00 10.84
CA LEU A 129 8.26 -6.06 11.90
C LEU A 129 7.14 -6.01 12.96
N SER A 130 5.96 -5.56 12.54
CA SER A 130 4.72 -5.51 13.31
C SER A 130 3.52 -5.47 12.35
N THR A 131 2.34 -5.82 12.85
CA THR A 131 1.06 -5.60 12.16
C THR A 131 -0.05 -5.33 13.19
N TYR A 132 -1.29 -5.21 12.74
CA TYR A 132 -2.47 -4.91 13.55
C TYR A 132 -2.81 -6.03 14.55
N VAL A 133 -3.70 -5.73 15.51
CA VAL A 133 -4.20 -6.72 16.48
C VAL A 133 -5.46 -7.43 15.97
N GLY A 134 -5.43 -8.77 15.92
CA GLY A 134 -6.57 -9.61 15.55
C GLY A 134 -6.80 -10.86 16.43
N GLU A 135 -5.78 -11.47 17.05
CA GLU A 135 -5.97 -12.66 17.92
C GLU A 135 -6.28 -12.36 19.39
N ASP A 136 -6.32 -11.09 19.78
CA ASP A 136 -6.68 -10.62 21.13
C ASP A 136 -8.21 -10.60 21.39
N GLY A 137 -8.98 -11.42 20.67
CA GLY A 137 -10.43 -11.56 20.79
C GLY A 137 -11.27 -10.87 19.71
N ALA A 138 -10.66 -10.35 18.65
CA ALA A 138 -11.34 -9.64 17.57
C ALA A 138 -11.84 -10.57 16.45
N THR A 139 -12.80 -10.08 15.64
CA THR A 139 -13.33 -10.75 14.45
C THR A 139 -12.41 -10.56 13.22
N LEU A 140 -11.14 -10.95 13.38
CA LEU A 140 -10.06 -10.76 12.41
C LEU A 140 -9.31 -12.08 12.19
N THR A 141 -8.75 -12.27 10.98
CA THR A 141 -7.88 -13.43 10.65
C THR A 141 -6.63 -13.00 9.88
N GLY A 142 -5.53 -13.74 10.05
CA GLY A 142 -4.25 -13.53 9.38
C GLY A 142 -4.22 -13.94 7.91
N SER A 143 -5.23 -13.54 7.14
CA SER A 143 -5.39 -13.84 5.71
C SER A 143 -4.56 -12.90 4.82
N LYS A 144 -4.30 -13.31 3.58
CA LYS A 144 -3.32 -12.69 2.67
C LYS A 144 -3.87 -11.52 1.83
N ALA A 145 -3.32 -10.34 2.08
CA ALA A 145 -3.47 -9.13 1.27
C ALA A 145 -2.70 -9.28 -0.04
N VAL A 146 -3.26 -8.87 -1.19
CA VAL A 146 -2.53 -8.87 -2.47
C VAL A 146 -1.84 -7.52 -2.75
N PRO A 147 -0.69 -7.51 -3.45
CA PRO A 147 0.11 -6.31 -3.64
C PRO A 147 -0.56 -5.35 -4.62
N ILE A 148 -0.49 -4.05 -4.32
CA ILE A 148 -1.24 -3.01 -5.05
C ILE A 148 -0.43 -2.51 -6.24
N GLU A 149 -1.01 -2.51 -7.44
CA GLU A 149 -0.48 -1.85 -8.64
C GLU A 149 -0.93 -0.37 -8.67
N ILE A 150 0.00 0.59 -8.83
CA ILE A 150 -0.30 2.03 -8.74
C ILE A 150 0.52 2.88 -9.73
N GLU A 151 -0.08 3.97 -10.20
CA GLU A 151 0.57 5.04 -10.98
C GLU A 151 0.33 6.40 -10.28
N LEU A 152 1.28 7.34 -10.41
CA LEU A 152 1.29 8.61 -9.68
C LEU A 152 0.11 9.56 -10.02
N PRO A 153 -0.18 10.57 -9.17
CA PRO A 153 -1.35 11.43 -9.32
C PRO A 153 -1.15 12.47 -10.43
N LEU A 154 -1.69 12.16 -11.60
CA LEU A 154 -1.86 13.06 -12.73
C LEU A 154 -3.37 13.03 -13.04
N ASN A 155 -4.14 13.47 -12.05
CA ASN A 155 -5.59 13.35 -11.93
C ASN A 155 -6.15 14.66 -11.34
N ASP A 156 -7.43 14.97 -11.57
CA ASP A 156 -8.10 16.18 -11.10
C ASP A 156 -8.38 16.25 -9.57
N VAL A 157 -7.68 15.42 -8.79
CA VAL A 157 -7.98 15.20 -7.38
C VAL A 157 -7.13 16.06 -6.44
N VAL A 158 -7.71 16.51 -5.33
CA VAL A 158 -7.00 17.31 -4.33
C VAL A 158 -6.03 16.43 -3.52
N ASP A 159 -6.42 15.20 -3.24
CA ASP A 159 -5.73 14.27 -2.33
C ASP A 159 -5.74 12.84 -2.90
N ALA A 160 -4.59 12.14 -2.94
CA ALA A 160 -4.46 10.80 -3.53
C ALA A 160 -4.55 9.68 -2.48
N HIS A 161 -5.21 8.56 -2.79
CA HIS A 161 -5.35 7.43 -1.85
C HIS A 161 -5.15 6.04 -2.47
N VAL A 162 -4.99 5.03 -1.59
CA VAL A 162 -4.84 3.60 -1.92
C VAL A 162 -5.65 2.69 -0.99
N TYR A 163 -6.30 1.67 -1.56
CA TYR A 163 -7.18 0.71 -0.85
C TYR A 163 -6.83 -0.75 -1.21
N PRO A 164 -5.91 -1.41 -0.48
CA PRO A 164 -5.58 -2.83 -0.67
C PRO A 164 -6.71 -3.78 -0.26
N LYS A 165 -6.74 -4.97 -0.86
CA LYS A 165 -7.74 -6.03 -0.61
C LYS A 165 -7.10 -7.42 -0.41
N ASN A 166 -7.89 -8.32 0.15
CA ASN A 166 -7.55 -9.71 0.50
C ASN A 166 -8.11 -10.68 -0.57
N THR A 167 -7.42 -11.80 -0.86
CA THR A 167 -7.97 -12.87 -1.73
C THR A 167 -7.74 -14.29 -1.20
N GLU A 168 -6.50 -14.59 -0.78
CA GLU A 168 -5.94 -15.84 -0.23
C GLU A 168 -6.32 -17.19 -0.89
N ALA A 169 -5.29 -17.92 -1.33
CA ALA A 169 -5.35 -19.32 -1.76
C ALA A 169 -4.06 -20.06 -1.35
N LYS A 170 -4.19 -21.17 -0.62
CA LYS A 170 -3.10 -21.90 0.04
C LYS A 170 -3.07 -23.40 -0.32
N PRO A 171 -1.92 -24.09 -0.24
CA PRO A 171 -1.83 -25.53 -0.49
C PRO A 171 -2.66 -26.34 0.51
N LYS A 172 -3.19 -27.49 0.07
CA LYS A 172 -3.92 -28.43 0.92
C LYS A 172 -3.02 -29.36 1.72
N ILE A 173 -1.92 -29.83 1.12
CA ILE A 173 -1.02 -30.84 1.69
C ILE A 173 0.40 -30.32 1.98
N LEU A 174 0.86 -29.32 1.22
CA LEU A 174 2.19 -28.70 1.26
C LEU A 174 3.33 -29.70 0.99
N GLU A 175 3.91 -29.60 -0.21
CA GLU A 175 4.90 -30.51 -0.78
C GLU A 175 6.04 -29.78 -1.51
#